data_3BG5
#
_entry.id   3BG5
#
_cell.length_a   96.428
_cell.length_b   256.083
_cell.length_c   126.010
_cell.angle_alpha   90.00
_cell.angle_beta   109.47
_cell.angle_gamma   90.00
#
_symmetry.space_group_name_H-M   'P 1 21 1'
#
loop_
_entity.id
_entity.type
_entity.pdbx_description
1 polymer 'Pyruvate carboxylase'
2 non-polymer 'MANGANESE (II) ION'
3 non-polymer 5-(HEXAHYDRO-2-OXO-1H-THIENO[3,4-D]IMIDAZOL-6-YL)PENTANAL
4 non-polymer 'PYRUVIC ACID'
5 non-polymer "ADENOSINE-5'-TRIPHOSPHATE"
#
_entity_poly.entity_id   1
_entity_poly.type   'polypeptide(L)'
_entity_poly.pdbx_seq_one_letter_code
;MGSSHHHHHHSSGLVPRGSHMASMKQIKKLLVANRGEIAIRIFRAAAELDISTVAIYSNEDKSSLHRYKADESYLVGSDL
GPAESYLNIERIIDVAKQANVDAIHPGYGFLSENEQFARRCAEEGIKFIGPHLEHLDMFGDKVKARTTAIKADLPVIPGT
DGPIKSYELAKEFAEEAGFPLMIKATSGGGGKGMRIVREESELEDAFHRAKSEAEKSFGNSEVYIERYIDNPKHIEVQVI
GDEHGNIVHLFERDCSVQRRHQKVVEVAPSVGLSPTLRQRICDAAIQLMENIKYVNAGTVEFLVSGDEFFFIEVNPRVQV
EHTITEMVTGIDIVKTQILVAAGADLFGEEINMPQQKDITTLGYAIQCRITTEDPLNDFMPDTGTIIAYRSSGGFGVRLD
AGDGFQGAEISPYYDSLLVKLSTHAISFKQAEEKMVRSLREMRIRGVKTNIPFLINVMKNKKFTSGDYTTKFIEETPELF
DIQPSLDRGTKTLEYIGNVTINGFPNVEKRPKPDYELASIPTVSSSKIASFSGTKQLLDEVGPKGVAEWVKKQDDVLLTD
TTFRDAHQSLLATRVRTKDMINIASKTADVFKDGFSLEMWGGATFDVAYNFLKENPWERLERLRKAIPNVLFQMLLRASN
AVGYKNYPDNVIHKFVQESAKAGIDVFRIFDSLNWVDQMKVANEAVQEAGKISEGTICYTGDILNPERSNIYTLEYYVKL
AKELEREGFHILAIKDMAGLLKPKAAYELIGELKSAVDLPIHLHTHDTSGNGLLTYKQAIDAGVDIIDTAVASMSGLTSQ
PSANSLYYALNGFPRHLRTDIEGMESLSHYWSTVRTYYSDFESDIKSPNTEIYQHEMPGGQYSNLSQQAKSLGLGERFDE
VKDMYRRVNFLFGDIVKVTPSSKVVGDMALYMVQNDLDEQSVITDGYKLDFPESVVSFFKGEIGQPVNGFNKDLQAVILK
GQEALTARPGEYLEPVDFEKVRELLEEEQQGPVTEQDIISYVLYPKVYEQYIQTRNQYGNLSLLDTPTFFFGMRNGETVE
IEIDKGKRLIIKLETISEPDENGNRTIYYAMNGQARRIYIKDENVHTNANVKPKADKSNPSHIGAQMPGSVTEVKVSVGE
TVKANQPLLITEAMKMETTIQAPFDGVIKQVTVNNGDTIATGDLLIEIEKATD
;
_entity_poly.pdbx_strand_id   A,B,C,D
#
loop_
_chem_comp.id
_chem_comp.type
_chem_comp.name
_chem_comp.formula
ATP non-polymer ADENOSINE-5'-TRIPHOSPHATE 'C10 H16 N5 O13 P3'
BTI non-polymer 5-(HEXAHYDRO-2-OXO-1H-THIENO[3,4-D]IMIDAZOL-6-YL)PENTANAL 'C10 H16 N2 O2 S'
MN non-polymer 'MANGANESE (II) ION' 'Mn 2'
PYR non-polymer 'PYRUVIC ACID' 'C3 H4 O3'
#
# COMPACT_ATOMS: atom_id res chain seq x y z
N GLN A 26 40.72 46.15 23.39
CA GLN A 26 39.63 47.05 22.89
C GLN A 26 38.86 46.47 21.69
N ILE A 27 39.01 45.16 21.47
CA ILE A 27 38.25 44.45 20.44
C ILE A 27 37.18 43.58 21.11
N LYS A 28 35.95 44.06 21.15
CA LYS A 28 34.85 43.32 21.76
C LYS A 28 34.31 42.26 20.79
N LYS A 29 34.06 42.69 19.54
CA LYS A 29 33.46 41.83 18.51
C LYS A 29 34.30 41.84 17.24
N LEU A 30 34.36 40.69 16.56
CA LEU A 30 35.32 40.48 15.45
C LEU A 30 34.71 39.78 14.24
N LEU A 31 35.01 40.30 13.06
CA LEU A 31 34.49 39.71 11.81
C LEU A 31 35.61 39.09 10.99
N VAL A 32 35.31 37.95 10.37
CA VAL A 32 36.28 37.30 9.48
C VAL A 32 35.81 37.41 8.04
N ALA A 33 36.52 38.24 7.29
CA ALA A 33 36.29 38.42 5.86
C ALA A 33 36.97 37.28 5.08
N ASN A 34 36.56 36.05 5.38
CA ASN A 34 37.12 34.85 4.76
C ASN A 34 36.19 33.66 4.97
N ARG A 35 36.69 32.46 4.69
CA ARG A 35 35.91 31.22 4.71
C ARG A 35 36.78 30.03 5.10
N GLY A 36 36.18 28.86 5.27
CA GLY A 36 36.93 27.61 5.41
C GLY A 36 37.75 27.49 6.68
N GLU A 37 38.81 26.69 6.62
CA GLU A 37 39.62 26.39 7.82
C GLU A 37 40.12 27.62 8.55
N ILE A 38 40.56 28.64 7.81
CA ILE A 38 41.13 29.84 8.43
C ILE A 38 40.09 30.64 9.21
N ALA A 39 38.86 30.71 8.70
CA ALA A 39 37.79 31.37 9.40
C ALA A 39 37.52 30.61 10.70
N ILE A 40 37.50 29.29 10.61
CA ILE A 40 37.29 28.46 11.79
C ILE A 40 38.39 28.68 12.83
N ARG A 41 39.65 28.62 12.39
CA ARG A 41 40.79 28.81 13.25
C ARG A 41 40.72 30.16 13.97
N ILE A 42 40.44 31.22 13.21
CA ILE A 42 40.36 32.56 13.77
C ILE A 42 39.25 32.62 14.80
N PHE A 43 38.08 32.10 14.46
CA PHE A 43 36.95 32.10 15.38
C PHE A 43 37.36 31.49 16.72
N ARG A 44 38.10 30.39 16.68
CA ARG A 44 38.60 29.70 17.87
C ARG A 44 39.56 30.57 18.67
N ALA A 45 40.45 31.25 17.96
CA ALA A 45 41.40 32.12 18.63
C ALA A 45 40.63 33.20 19.37
N ALA A 46 39.71 33.85 18.67
CA ALA A 46 38.89 34.90 19.22
C ALA A 46 38.02 34.42 20.39
N ALA A 47 37.44 33.24 20.25
CA ALA A 47 36.59 32.67 21.31
C ALA A 47 37.37 32.56 22.64
N GLU A 48 38.55 31.98 22.56
CA GLU A 48 39.51 31.88 23.66
C GLU A 48 39.89 33.22 24.29
N LEU A 49 39.72 34.32 23.56
CA LEU A 49 39.98 35.63 24.13
C LEU A 49 38.68 36.29 24.62
N ASP A 50 37.61 35.50 24.72
CA ASP A 50 36.25 36.00 25.02
C ASP A 50 35.86 37.16 24.11
N ILE A 51 36.17 37.00 22.83
CA ILE A 51 35.85 37.98 21.80
C ILE A 51 34.74 37.38 20.96
N SER A 52 33.67 38.17 20.83
CA SER A 52 32.51 37.79 20.04
C SER A 52 32.84 37.76 18.54
N THR A 53 32.27 36.80 17.81
CA THR A 53 32.62 36.58 16.40
C THR A 53 31.47 36.70 15.39
N VAL A 54 31.83 37.07 14.16
CA VAL A 54 30.90 37.19 13.05
C VAL A 54 31.48 36.55 11.80
N ALA A 55 30.73 35.67 11.15
CA ALA A 55 31.14 35.11 9.85
C ALA A 55 30.40 35.77 8.69
N ILE A 56 30.97 35.65 7.51
CA ILE A 56 30.24 35.97 6.29
C ILE A 56 30.20 34.75 5.39
N TYR A 57 29.11 34.60 4.65
CA TYR A 57 29.00 33.53 3.69
C TYR A 57 28.35 34.01 2.41
N SER A 58 28.71 33.33 1.32
CA SER A 58 28.13 33.53 0.01
C SER A 58 26.95 32.58 -0.17
N ASN A 59 26.23 32.74 -1.29
CA ASN A 59 25.15 31.84 -1.67
C ASN A 59 25.59 30.37 -1.80
N GLU A 60 26.69 30.14 -2.50
CA GLU A 60 27.26 28.81 -2.64
C GLU A 60 27.76 28.26 -1.30
N ASP A 61 27.94 29.15 -0.33
CA ASP A 61 28.43 28.76 0.97
C ASP A 61 27.32 28.55 2.02
N LYS A 62 26.06 28.62 1.60
CA LYS A 62 24.92 28.45 2.51
C LYS A 62 25.14 27.37 3.57
N SER A 63 25.86 26.31 3.18
CA SER A 63 26.11 25.18 4.06
C SER A 63 27.60 24.87 4.25
N SER A 64 28.43 25.91 4.24
CA SER A 64 29.84 25.75 4.62
C SER A 64 29.95 25.78 6.13
N LEU A 65 30.80 24.93 6.70
CA LEU A 65 30.83 24.75 8.15
C LEU A 65 31.19 26.01 8.96
N HIS A 66 32.14 26.80 8.46
CA HIS A 66 32.59 28.01 9.14
C HIS A 66 31.44 28.95 9.52
N ARG A 67 30.36 28.89 8.76
CA ARG A 67 29.15 29.68 8.99
C ARG A 67 28.52 29.40 10.36
N TYR A 68 28.68 28.17 10.83
CA TYR A 68 28.04 27.74 12.06
C TYR A 68 28.95 27.83 13.28
N LYS A 69 30.21 28.21 13.06
CA LYS A 69 31.22 28.28 14.12
C LYS A 69 31.38 29.66 14.79
N ALA A 70 30.87 30.70 14.15
CA ALA A 70 30.91 32.04 14.75
C ALA A 70 29.65 32.25 15.58
N ASP A 71 29.61 33.32 16.35
CA ASP A 71 28.42 33.65 17.15
C ASP A 71 27.31 34.19 16.26
N GLU A 72 27.69 34.91 15.21
CA GLU A 72 26.75 35.48 14.26
C GLU A 72 27.24 35.18 12.86
N SER A 73 26.32 35.15 11.91
CA SER A 73 26.70 35.06 10.50
C SER A 73 25.75 35.85 9.62
N TYR A 74 26.27 36.37 8.52
CA TYR A 74 25.48 37.15 7.59
C TYR A 74 25.81 36.79 6.16
N LEU A 75 24.76 36.64 5.35
CA LEU A 75 24.89 36.52 3.92
C LEU A 75 25.44 37.84 3.40
N VAL A 76 26.47 37.78 2.55
CA VAL A 76 27.03 39.00 1.98
C VAL A 76 25.95 39.70 1.14
N GLY A 77 25.13 38.91 0.49
CA GLY A 77 23.93 39.41 -0.16
C GLY A 77 23.58 38.74 -1.47
N SER A 78 22.30 38.83 -1.84
CA SER A 78 21.85 38.43 -3.16
C SER A 78 21.97 39.62 -4.09
N ASP A 79 23.18 39.80 -4.63
CA ASP A 79 23.48 40.86 -5.59
C ASP A 79 24.78 40.52 -6.34
N LEU A 80 25.67 39.81 -5.64
CA LEU A 80 26.91 39.32 -6.24
C LEU A 80 27.07 37.81 -6.02
N GLY A 81 27.66 37.15 -7.02
CA GLY A 81 27.85 35.70 -7.00
C GLY A 81 29.01 35.27 -6.13
N PRO A 82 29.21 33.95 -6.01
CA PRO A 82 30.28 33.38 -5.18
C PRO A 82 31.65 33.97 -5.47
N ALA A 83 31.91 34.30 -6.74
CA ALA A 83 33.15 34.92 -7.17
C ALA A 83 33.50 36.17 -6.33
N GLU A 84 32.69 37.21 -6.46
CA GLU A 84 32.92 38.51 -5.85
C GLU A 84 32.31 38.67 -4.45
N SER A 85 31.88 37.58 -3.83
CA SER A 85 31.18 37.64 -2.54
C SER A 85 32.12 37.95 -1.37
N TYR A 86 33.33 37.40 -1.42
CA TYR A 86 34.34 37.65 -0.39
C TYR A 86 35.33 38.73 -0.82
N LEU A 87 35.09 39.35 -1.97
CA LEU A 87 35.99 40.36 -2.50
C LEU A 87 35.31 41.72 -2.57
N ASN A 88 34.04 41.74 -2.22
CA ASN A 88 33.22 42.96 -2.25
C ASN A 88 33.45 43.83 -1.02
N ILE A 89 34.45 44.71 -1.12
CA ILE A 89 34.89 45.57 -0.02
C ILE A 89 33.73 46.26 0.71
N GLU A 90 32.88 46.95 -0.05
CA GLU A 90 31.90 47.85 0.56
C GLU A 90 30.77 47.15 1.29
N ARG A 91 30.33 46.00 0.79
CA ARG A 91 29.24 45.27 1.45
C ARG A 91 29.71 44.45 2.66
N ILE A 92 31.00 44.15 2.73
CA ILE A 92 31.58 43.52 3.93
C ILE A 92 31.69 44.55 5.07
N ILE A 93 32.09 45.76 4.74
CA ILE A 93 32.10 46.88 5.69
C ILE A 93 30.68 47.15 6.21
N ASP A 94 29.69 47.10 5.31
CA ASP A 94 28.29 47.31 5.66
C ASP A 94 27.81 46.32 6.73
N VAL A 95 28.13 45.04 6.51
CA VAL A 95 27.80 43.97 7.44
C VAL A 95 28.50 44.22 8.78
N ALA A 96 29.75 44.65 8.71
CA ALA A 96 30.56 44.95 9.89
C ALA A 96 30.00 46.12 10.70
N LYS A 97 29.56 47.17 10.01
CA LYS A 97 28.94 48.32 10.69
C LYS A 97 27.64 47.93 11.37
N GLN A 98 26.80 47.19 10.66
CA GLN A 98 25.52 46.73 11.18
C GLN A 98 25.69 45.82 12.40
N ALA A 99 26.75 45.02 12.41
CA ALA A 99 27.01 44.10 13.54
C ALA A 99 27.80 44.72 14.71
N ASN A 100 28.14 46.01 14.61
CA ASN A 100 29.00 46.69 15.57
C ASN A 100 30.35 45.97 15.76
N VAL A 101 31.09 45.85 14.67
CA VAL A 101 32.35 45.12 14.66
C VAL A 101 33.52 46.06 14.94
N ASP A 102 34.42 45.63 15.83
CA ASP A 102 35.59 46.42 16.18
C ASP A 102 36.75 46.17 15.24
N ALA A 103 36.86 44.94 14.78
CA ALA A 103 38.02 44.55 13.98
C ALA A 103 37.68 43.48 12.95
N ILE A 104 38.36 43.51 11.81
CA ILE A 104 38.22 42.46 10.82
C ILE A 104 39.55 41.74 10.62
N HIS A 105 39.50 40.41 10.71
CA HIS A 105 40.63 39.56 10.36
C HIS A 105 40.42 39.06 8.91
N PRO A 106 41.32 39.39 8.00
CA PRO A 106 41.16 38.99 6.61
C PRO A 106 41.73 37.62 6.29
N GLY A 107 42.20 36.87 7.29
CA GLY A 107 42.83 35.57 7.06
C GLY A 107 43.92 35.64 5.99
N TYR A 108 43.77 34.83 4.95
CA TYR A 108 44.71 34.83 3.83
C TYR A 108 43.99 34.68 2.49
N GLY A 109 44.54 35.31 1.46
CA GLY A 109 44.16 35.03 0.10
C GLY A 109 42.80 35.50 -0.37
N PHE A 110 42.34 36.64 0.13
CA PHE A 110 41.17 37.30 -0.47
C PHE A 110 41.42 38.79 -0.44
N LEU A 111 40.96 39.47 0.59
CA LEU A 111 41.28 40.87 0.78
C LEU A 111 42.48 41.02 1.73
N SER A 112 43.10 39.89 2.10
CA SER A 112 44.16 39.89 3.09
C SER A 112 45.41 40.72 2.75
N GLU A 113 45.58 41.09 1.48
CA GLU A 113 46.72 41.91 1.06
C GLU A 113 46.26 43.20 0.38
N ASN A 114 44.96 43.47 0.44
CA ASN A 114 44.31 44.59 -0.25
C ASN A 114 44.38 45.91 0.53
N GLU A 115 45.25 46.81 0.07
CA GLU A 115 45.36 48.15 0.66
C GLU A 115 44.01 48.85 0.82
N GLN A 116 43.18 48.80 -0.24
CA GLN A 116 41.88 49.46 -0.26
C GLN A 116 40.97 49.09 0.91
N PHE A 117 40.85 47.78 1.16
CA PHE A 117 40.01 47.25 2.23
C PHE A 117 40.51 47.69 3.62
N ALA A 118 41.82 47.63 3.84
CA ALA A 118 42.43 48.05 5.10
C ALA A 118 42.24 49.55 5.34
N ARG A 119 42.23 50.32 4.26
CA ARG A 119 41.98 51.76 4.31
C ARG A 119 40.53 52.03 4.69
N ARG A 120 39.60 51.36 4.01
CA ARG A 120 38.19 51.55 4.28
C ARG A 120 37.82 51.19 5.71
N CYS A 121 38.41 50.11 6.22
CA CYS A 121 38.24 49.70 7.63
C CYS A 121 38.61 50.82 8.61
N ALA A 122 39.83 51.34 8.47
CA ALA A 122 40.28 52.45 9.30
C ALA A 122 39.35 53.66 9.17
N GLU A 123 38.92 53.96 7.95
CA GLU A 123 37.96 55.02 7.66
C GLU A 123 36.58 54.84 8.35
N GLU A 124 36.34 53.67 8.92
CA GLU A 124 35.05 53.38 9.55
C GLU A 124 35.18 53.04 11.02
N GLY A 125 36.37 53.23 11.58
CA GLY A 125 36.64 52.95 13.00
C GLY A 125 36.81 51.47 13.27
N ILE A 126 37.24 50.73 12.25
CA ILE A 126 37.43 49.29 12.35
C ILE A 126 38.91 48.93 12.23
N LYS A 127 39.39 48.12 13.16
CA LYS A 127 40.78 47.70 13.12
C LYS A 127 41.01 46.59 12.10
N PHE A 128 41.87 46.86 11.11
CA PHE A 128 42.34 45.83 10.19
C PHE A 128 43.42 45.02 10.90
N ILE A 129 43.14 43.75 11.13
CA ILE A 129 44.10 42.86 11.78
C ILE A 129 45.22 42.46 10.81
N GLY A 130 46.29 43.24 10.86
CA GLY A 130 47.41 43.12 9.95
C GLY A 130 48.31 44.35 10.01
N PRO A 131 49.29 44.41 9.12
CA PRO A 131 50.25 45.51 9.12
C PRO A 131 49.60 46.81 8.69
N HIS A 132 50.35 47.90 8.73
CA HIS A 132 49.86 49.22 8.31
C HIS A 132 49.63 49.33 6.80
N LEU A 133 48.77 50.28 6.41
CA LEU A 133 48.58 50.71 5.02
C LEU A 133 49.91 50.81 4.24
N GLU A 134 50.90 51.47 4.85
CA GLU A 134 52.22 51.62 4.25
C GLU A 134 52.92 50.28 3.97
N HIS A 135 52.77 49.30 4.87
CA HIS A 135 53.34 47.97 4.64
C HIS A 135 52.65 47.24 3.49
N LEU A 136 51.33 47.38 3.39
CA LEU A 136 50.56 46.72 2.34
C LEU A 136 50.86 47.29 0.96
N ASP A 137 51.16 48.58 0.90
CA ASP A 137 51.53 49.26 -0.34
C ASP A 137 52.96 48.91 -0.70
N MET A 138 53.84 49.11 0.26
CA MET A 138 55.22 48.65 0.24
C MET A 138 55.42 47.26 -0.38
N PHE A 139 54.74 46.25 0.17
CA PHE A 139 54.98 44.87 -0.24
C PHE A 139 53.91 44.30 -1.17
N GLY A 140 52.88 45.09 -1.46
CA GLY A 140 51.79 44.66 -2.34
C GLY A 140 52.20 44.66 -3.79
N ASP A 141 53.36 45.25 -4.04
CA ASP A 141 53.92 45.36 -5.38
C ASP A 141 55.30 44.70 -5.36
N LYS A 142 55.53 43.79 -6.30
CA LYS A 142 56.79 43.04 -6.36
C LYS A 142 57.99 43.82 -6.93
N VAL A 143 57.79 45.10 -7.24
CA VAL A 143 58.90 45.99 -7.58
C VAL A 143 59.20 46.88 -6.38
N LYS A 144 58.15 47.42 -5.76
CA LYS A 144 58.27 48.18 -4.53
C LYS A 144 58.95 47.34 -3.44
N ALA A 145 58.51 46.09 -3.33
CA ALA A 145 59.09 45.14 -2.37
C ALA A 145 60.57 44.91 -2.58
N ARG A 146 60.97 44.83 -3.84
CA ARG A 146 62.37 44.65 -4.20
C ARG A 146 63.18 45.91 -3.89
N THR A 147 62.59 47.07 -4.19
CA THR A 147 63.19 48.35 -3.84
C THR A 147 63.41 48.43 -2.33
N THR A 148 62.40 47.99 -1.57
CA THR A 148 62.45 47.94 -0.12
C THR A 148 63.55 47.03 0.42
N ALA A 149 63.68 45.86 -0.17
CA ALA A 149 64.70 44.89 0.24
C ALA A 149 66.11 45.40 -0.02
N ILE A 150 66.32 46.02 -1.18
CA ILE A 150 67.60 46.64 -1.51
C ILE A 150 67.89 47.77 -0.52
N LYS A 151 66.89 48.63 -0.30
CA LYS A 151 67.00 49.75 0.64
C LYS A 151 67.34 49.26 2.04
N ALA A 152 67.01 48.00 2.32
CA ALA A 152 67.28 47.37 3.60
C ALA A 152 68.53 46.48 3.51
N ASP A 153 69.19 46.51 2.36
CA ASP A 153 70.45 45.80 2.12
C ASP A 153 70.33 44.27 2.26
N LEU A 154 69.42 43.69 1.48
CA LEU A 154 69.33 42.23 1.37
C LEU A 154 69.60 41.83 -0.07
N PRO A 155 70.30 40.73 -0.28
CA PRO A 155 70.53 40.18 -1.62
C PRO A 155 69.21 39.91 -2.35
N VAL A 156 69.00 40.59 -3.48
CA VAL A 156 67.80 40.43 -4.29
C VAL A 156 68.15 39.71 -5.59
N ILE A 157 67.15 39.13 -6.25
CA ILE A 157 67.35 38.50 -7.56
C ILE A 157 67.64 39.57 -8.61
N PRO A 158 68.80 39.47 -9.26
CA PRO A 158 69.19 40.41 -10.32
C PRO A 158 68.11 40.49 -11.40
N GLY A 159 67.63 41.71 -11.64
CA GLY A 159 66.58 41.97 -12.61
C GLY A 159 66.41 43.44 -12.91
N THR A 160 65.25 43.80 -13.47
CA THR A 160 64.96 45.17 -13.86
C THR A 160 64.70 46.08 -12.67
N ASP A 161 65.48 47.15 -12.55
CA ASP A 161 65.33 48.16 -11.48
C ASP A 161 63.93 48.79 -11.42
N GLY A 162 63.10 48.45 -12.41
CA GLY A 162 61.71 48.88 -12.49
C GLY A 162 60.92 47.95 -13.40
N PRO A 163 59.80 48.43 -13.93
CA PRO A 163 58.94 47.61 -14.79
C PRO A 163 59.32 47.67 -16.28
N ILE A 164 58.60 46.91 -17.11
CA ILE A 164 58.72 47.00 -18.58
C ILE A 164 57.34 46.92 -19.24
N LYS A 165 56.96 47.98 -19.94
CA LYS A 165 55.63 48.06 -20.56
C LYS A 165 55.63 48.10 -22.09
N SER A 166 56.57 48.82 -22.68
CA SER A 166 56.67 48.92 -24.15
C SER A 166 57.29 47.67 -24.78
N TYR A 167 57.14 47.54 -26.10
CA TYR A 167 57.48 46.32 -26.85
C TYR A 167 58.99 46.01 -26.96
N GLU A 168 59.32 44.94 -27.70
CA GLU A 168 60.69 44.39 -27.77
C GLU A 168 61.29 44.20 -26.37
N LEU A 169 60.40 44.11 -25.39
CA LEU A 169 60.76 44.13 -23.97
C LEU A 169 61.75 43.03 -23.56
N ALA A 170 61.61 41.86 -24.18
CA ALA A 170 62.52 40.74 -23.95
C ALA A 170 63.89 40.97 -24.60
N LYS A 171 63.86 41.49 -25.83
CA LYS A 171 65.07 41.72 -26.62
C LYS A 171 65.83 42.97 -26.15
N GLU A 172 65.82 43.21 -24.84
CA GLU A 172 66.49 44.35 -24.24
C GLU A 172 66.90 44.11 -22.77
N PHE A 173 66.99 42.84 -22.39
CA PHE A 173 67.55 42.46 -21.07
C PHE A 173 68.27 41.13 -21.16
N ALA A 174 67.77 40.25 -22.03
CA ALA A 174 68.30 38.89 -22.18
C ALA A 174 69.76 38.88 -22.57
N GLU A 175 70.09 39.63 -23.61
CA GLU A 175 71.42 39.64 -24.21
C GLU A 175 72.44 40.47 -23.41
N GLU A 176 72.11 40.75 -22.14
CA GLU A 176 72.98 41.50 -21.23
C GLU A 176 72.87 41.08 -19.76
N ALA A 177 72.39 39.86 -19.53
CA ALA A 177 72.19 39.36 -18.16
C ALA A 177 72.83 37.98 -17.92
N GLY A 178 72.02 36.93 -18.07
CA GLY A 178 72.47 35.55 -17.88
C GLY A 178 71.80 34.59 -18.84
N PHE A 179 71.89 33.29 -18.55
CA PHE A 179 71.33 32.26 -19.44
C PHE A 179 69.82 32.04 -19.24
N PRO A 180 69.40 31.32 -18.19
CA PRO A 180 67.97 31.10 -17.95
C PRO A 180 67.32 32.34 -17.32
N LEU A 181 66.15 32.71 -17.84
CA LEU A 181 65.41 33.87 -17.33
C LEU A 181 63.98 33.51 -16.94
N MET A 182 63.27 34.48 -16.37
CA MET A 182 61.89 34.28 -15.94
C MET A 182 61.15 35.61 -15.86
N ILE A 183 59.99 35.66 -16.53
CA ILE A 183 59.14 36.84 -16.52
C ILE A 183 57.94 36.66 -15.58
N LYS A 184 57.87 37.53 -14.57
CA LYS A 184 56.78 37.51 -13.58
C LYS A 184 56.04 38.83 -13.57
N ALA A 185 54.72 38.76 -13.38
CA ALA A 185 53.91 39.95 -13.22
C ALA A 185 54.08 40.51 -11.81
N THR A 186 53.79 41.79 -11.62
CA THR A 186 53.71 42.36 -10.27
C THR A 186 52.48 41.82 -9.54
N SER A 187 52.67 40.64 -8.95
CA SER A 187 51.59 39.84 -8.36
C SER A 187 51.17 40.38 -7.00
N ARG A 195 56.38 32.10 -15.79
CA ARG A 195 56.64 31.82 -17.20
C ARG A 195 58.15 31.75 -17.45
N ILE A 196 58.71 30.54 -17.39
CA ILE A 196 60.15 30.31 -17.56
C ILE A 196 60.56 30.43 -19.03
N VAL A 197 61.65 31.16 -19.27
CA VAL A 197 62.17 31.39 -20.62
C VAL A 197 63.63 30.96 -20.72
N ARG A 198 63.96 30.14 -21.72
CA ARG A 198 65.33 29.69 -21.95
C ARG A 198 65.93 30.22 -23.26
N GLU A 199 65.36 31.33 -23.75
CA GLU A 199 65.90 32.14 -24.86
C GLU A 199 65.63 31.61 -26.27
N GLU A 200 66.14 32.34 -27.26
CA GLU A 200 66.05 32.00 -28.69
C GLU A 200 64.62 32.04 -29.25
N SER A 201 64.22 33.23 -29.74
CA SER A 201 62.91 33.49 -30.35
C SER A 201 61.68 33.04 -29.55
N GLU A 202 61.90 32.13 -28.60
CA GLU A 202 60.88 31.75 -27.62
C GLU A 202 60.86 32.78 -26.48
N LEU A 203 61.71 33.79 -26.61
CA LEU A 203 61.75 34.93 -25.69
C LEU A 203 60.47 35.76 -25.76
N GLU A 204 59.70 35.56 -26.83
CA GLU A 204 58.48 36.32 -27.06
C GLU A 204 57.28 35.40 -27.35
N ASP A 205 57.53 34.33 -28.12
CA ASP A 205 56.47 33.39 -28.52
C ASP A 205 55.98 32.50 -27.38
N ALA A 206 56.83 32.27 -26.39
CA ALA A 206 56.45 31.57 -25.16
C ALA A 206 56.15 32.59 -24.04
N PHE A 207 56.27 33.87 -24.38
CA PHE A 207 55.96 34.98 -23.48
C PHE A 207 54.62 35.64 -23.85
N HIS A 208 54.20 35.46 -25.09
CA HIS A 208 52.96 36.05 -25.64
C HIS A 208 51.81 36.18 -24.63
N ARG A 209 51.60 35.16 -23.81
CA ARG A 209 50.44 35.10 -22.92
C ARG A 209 50.72 35.57 -21.48
N ALA A 210 51.92 36.08 -21.23
CA ALA A 210 52.26 36.66 -19.93
C ALA A 210 51.71 38.09 -19.77
N LYS A 211 51.05 38.59 -20.81
CA LYS A 211 50.39 39.90 -20.80
C LYS A 211 48.90 39.74 -20.46
N SER A 212 48.35 38.58 -20.80
CA SER A 212 46.91 38.32 -20.67
C SER A 212 46.54 37.30 -19.57
N GLU A 213 47.48 36.43 -19.21
CA GLU A 213 47.28 35.52 -18.07
C GLU A 213 47.45 36.24 -16.75
N ALA A 214 48.09 37.41 -16.82
CA ALA A 214 48.16 38.35 -15.70
C ALA A 214 47.01 39.36 -15.79
N GLU A 215 45.93 38.96 -16.44
CA GLU A 215 44.73 39.80 -16.58
C GLU A 215 43.45 39.10 -16.12
N LYS A 216 43.43 37.77 -16.17
CA LYS A 216 42.29 37.00 -15.70
C LYS A 216 42.28 36.83 -14.17
N SER A 217 43.46 36.53 -13.61
CA SER A 217 43.62 36.31 -12.17
C SER A 217 43.97 37.60 -11.42
N PHE A 218 44.93 38.36 -11.96
CA PHE A 218 45.37 39.61 -11.35
C PHE A 218 45.04 40.81 -12.25
N GLY A 219 45.03 42.02 -11.66
CA GLY A 219 44.72 43.23 -12.42
C GLY A 219 45.94 44.01 -12.90
N ASN A 220 47.08 43.34 -12.99
CA ASN A 220 48.34 43.96 -13.43
C ASN A 220 48.97 43.35 -14.69
N SER A 221 48.93 44.11 -15.79
CA SER A 221 49.62 43.73 -17.03
C SER A 221 51.08 44.18 -17.00
N GLU A 222 51.42 45.04 -16.05
CA GLU A 222 52.79 45.48 -15.82
C GLU A 222 53.65 44.30 -15.35
N VAL A 223 54.84 44.16 -15.92
CA VAL A 223 55.70 42.99 -15.70
C VAL A 223 57.17 43.36 -15.44
N TYR A 224 57.89 42.40 -14.85
CA TYR A 224 59.33 42.52 -14.64
C TYR A 224 60.00 41.15 -14.84
N ILE A 225 61.32 41.16 -15.08
CA ILE A 225 62.04 39.92 -15.38
C ILE A 225 63.21 39.69 -14.42
N GLU A 226 63.38 38.43 -14.03
CA GLU A 226 64.43 38.03 -13.10
C GLU A 226 65.25 36.89 -13.65
N ARG A 227 66.50 36.82 -13.23
CA ARG A 227 67.40 35.74 -13.62
C ARG A 227 66.93 34.45 -12.95
N TYR A 228 66.34 33.56 -13.74
CA TYR A 228 65.79 32.29 -13.22
C TYR A 228 66.84 31.39 -12.57
N ILE A 229 66.89 31.39 -11.25
CA ILE A 229 67.79 30.48 -10.54
C ILE A 229 67.28 29.05 -10.62
N ASP A 230 68.08 28.19 -11.21
CA ASP A 230 67.75 26.77 -11.34
C ASP A 230 68.10 26.05 -10.04
N ASN A 231 67.29 25.03 -9.71
CA ASN A 231 67.52 24.17 -8.54
C ASN A 231 67.60 24.89 -7.17
N PRO A 232 66.72 25.88 -6.93
CA PRO A 232 66.73 26.58 -5.65
C PRO A 232 65.96 25.83 -4.56
N LYS A 233 66.19 26.22 -3.31
CA LYS A 233 65.44 25.70 -2.19
C LYS A 233 64.64 26.89 -1.65
N HIS A 234 63.32 26.71 -1.53
CA HIS A 234 62.46 27.79 -1.07
C HIS A 234 62.44 27.83 0.46
N ILE A 235 62.90 28.93 1.03
CA ILE A 235 62.91 29.07 2.49
C ILE A 235 62.22 30.35 2.90
N GLU A 236 61.23 30.24 3.77
CA GLU A 236 60.52 31.42 4.27
C GLU A 236 60.68 31.60 5.78
N VAL A 237 60.73 32.85 6.24
CA VAL A 237 60.89 33.14 7.66
C VAL A 237 59.63 33.77 8.24
N GLN A 238 59.13 33.18 9.32
CA GLN A 238 58.00 33.71 10.04
C GLN A 238 58.47 34.81 10.97
N VAL A 239 57.78 35.94 10.89
CA VAL A 239 58.12 37.15 11.62
C VAL A 239 56.84 37.68 12.26
N ILE A 240 56.93 38.17 13.49
CA ILE A 240 55.80 38.80 14.16
C ILE A 240 56.26 40.07 14.85
N GLY A 241 55.56 41.18 14.61
CA GLY A 241 55.87 42.44 15.29
C GLY A 241 54.66 42.98 16.02
N ASP A 242 54.86 43.67 17.14
CA ASP A 242 53.75 44.35 17.79
C ASP A 242 53.72 45.81 17.33
N GLU A 243 52.87 46.64 17.93
CA GLU A 243 52.79 48.05 17.56
C GLU A 243 53.71 48.93 18.42
N HIS A 244 54.63 48.31 19.15
CA HIS A 244 55.53 49.06 20.03
C HIS A 244 56.99 48.99 19.60
N GLY A 245 57.25 48.46 18.41
CA GLY A 245 58.61 48.32 17.92
C GLY A 245 59.24 46.96 18.19
N ASN A 246 58.53 46.07 18.88
CA ASN A 246 59.04 44.72 19.15
C ASN A 246 58.79 43.79 17.97
N ILE A 247 59.84 43.09 17.54
CA ILE A 247 59.77 42.16 16.40
C ILE A 247 60.57 40.91 16.75
N VAL A 248 60.05 39.73 16.34
CA VAL A 248 60.75 38.46 16.50
C VAL A 248 60.53 37.57 15.27
N HIS A 249 61.45 36.64 15.03
CA HIS A 249 61.17 35.60 14.05
C HIS A 249 60.80 34.31 14.76
N LEU A 250 59.92 33.53 14.15
CA LEU A 250 59.63 32.19 14.66
C LEU A 250 60.22 31.15 13.71
N PHE A 251 61.51 31.32 13.41
CA PHE A 251 62.28 30.44 12.52
C PHE A 251 61.75 30.26 11.09
N GLU A 252 62.23 29.24 10.40
CA GLU A 252 61.99 29.13 8.97
C GLU A 252 61.07 27.97 8.61
N ARG A 253 60.49 28.04 7.42
CA ARG A 253 59.72 26.94 6.87
C ARG A 253 60.26 26.61 5.50
N ASP A 254 60.65 25.34 5.31
CA ASP A 254 61.06 24.82 4.02
C ASP A 254 59.83 24.54 3.17
N CYS A 255 59.66 25.32 2.10
CA CYS A 255 58.54 25.14 1.19
C CYS A 255 58.98 24.59 -0.18
N SER A 256 60.02 23.75 -0.19
CA SER A 256 60.62 23.30 -1.45
C SER A 256 59.84 22.24 -2.25
N VAL A 257 59.02 21.44 -1.55
CA VAL A 257 58.18 20.48 -2.26
C VAL A 257 57.03 21.20 -2.98
N GLN A 258 57.25 21.54 -4.25
CA GLN A 258 56.22 22.16 -5.09
C GLN A 258 56.24 21.65 -6.53
N ARG A 259 55.07 21.64 -7.17
CA ARG A 259 54.88 20.98 -8.45
C ARG A 259 55.14 21.86 -9.67
N ARG A 260 54.52 23.04 -9.70
CA ARG A 260 54.75 23.99 -10.78
C ARG A 260 54.89 25.40 -10.23
N HIS A 261 53.76 26.02 -9.96
CA HIS A 261 53.72 27.32 -9.28
C HIS A 261 53.24 27.08 -7.84
N GLN A 262 52.33 26.11 -7.70
CA GLN A 262 51.69 25.71 -6.44
C GLN A 262 52.64 25.08 -5.41
N LYS A 263 52.54 25.51 -4.14
CA LYS A 263 53.16 24.82 -3.01
C LYS A 263 52.43 23.51 -2.69
N VAL A 264 53.16 22.49 -2.25
CA VAL A 264 52.55 21.20 -1.92
C VAL A 264 52.79 20.78 -0.46
N VAL A 265 54.06 20.55 -0.10
CA VAL A 265 54.43 20.18 1.27
C VAL A 265 55.37 21.21 1.88
N GLU A 266 55.17 21.49 3.17
CA GLU A 266 56.07 22.39 3.92
C GLU A 266 56.64 21.67 5.12
N VAL A 267 57.87 22.02 5.49
CA VAL A 267 58.52 21.43 6.66
C VAL A 267 59.11 22.53 7.54
N ALA A 268 59.10 22.34 8.86
CA ALA A 268 59.74 23.27 9.78
C ALA A 268 60.26 22.55 11.02
N PRO A 269 61.48 22.87 11.44
CA PRO A 269 62.39 23.71 10.67
C PRO A 269 62.93 22.94 9.48
N SER A 270 63.60 23.64 8.56
CA SER A 270 64.19 22.98 7.40
C SER A 270 65.20 21.92 7.83
N VAL A 271 65.13 20.75 7.20
CA VAL A 271 66.11 19.70 7.43
C VAL A 271 67.02 19.69 6.23
N GLY A 272 68.26 20.09 6.42
CA GLY A 272 69.19 20.20 5.30
C GLY A 272 70.06 21.45 5.35
N LEU A 273 69.48 22.57 5.79
CA LEU A 273 70.25 23.80 5.92
C LEU A 273 71.18 23.73 7.12
N SER A 274 72.36 24.34 6.96
CA SER A 274 73.32 24.44 8.05
C SER A 274 72.86 25.53 9.02
N PRO A 275 73.27 25.42 10.29
CA PRO A 275 73.00 26.48 11.28
C PRO A 275 73.42 27.86 10.78
N THR A 276 74.55 27.92 10.09
CA THR A 276 75.10 29.17 9.58
C THR A 276 74.31 29.75 8.40
N LEU A 277 73.57 28.89 7.70
CA LEU A 277 72.72 29.36 6.61
C LEU A 277 71.36 29.80 7.14
N ARG A 278 70.87 29.11 8.16
CA ARG A 278 69.64 29.48 8.86
C ARG A 278 69.75 30.86 9.51
N GLN A 279 70.86 31.12 10.19
CA GLN A 279 71.08 32.40 10.85
C GLN A 279 71.00 33.56 9.87
N ARG A 280 71.76 33.46 8.78
CA ARG A 280 71.86 34.54 7.80
C ARG A 280 70.53 34.90 7.16
N ILE A 281 69.68 33.88 6.97
CA ILE A 281 68.35 34.08 6.42
C ILE A 281 67.44 34.75 7.45
N CYS A 282 67.40 34.18 8.66
CA CYS A 282 66.64 34.75 9.76
C CYS A 282 67.09 36.18 10.09
N ASP A 283 68.39 36.44 9.93
CA ASP A 283 68.94 37.77 10.14
C ASP A 283 68.51 38.75 9.06
N ALA A 284 68.47 38.28 7.82
CA ALA A 284 67.99 39.10 6.70
C ALA A 284 66.53 39.47 6.91
N ALA A 285 65.73 38.46 7.25
CA ALA A 285 64.31 38.67 7.51
C ALA A 285 64.09 39.75 8.58
N ILE A 286 64.70 39.56 9.75
CA ILE A 286 64.57 40.51 10.85
C ILE A 286 65.10 41.89 10.46
N GLN A 287 66.21 41.92 9.72
CA GLN A 287 66.75 43.17 9.23
C GLN A 287 65.74 43.97 8.39
N LEU A 288 65.02 43.27 7.50
CA LEU A 288 64.07 43.92 6.59
C LEU A 288 62.86 44.48 7.32
N MET A 289 62.25 43.66 8.17
CA MET A 289 61.03 44.04 8.87
C MET A 289 61.32 45.07 9.96
N GLU A 290 62.52 44.99 10.53
CA GLU A 290 62.99 45.99 11.49
C GLU A 290 63.18 47.34 10.80
N ASN A 291 63.73 47.31 9.61
CA ASN A 291 63.99 48.51 8.81
C ASN A 291 62.73 49.29 8.41
N ILE A 292 61.61 48.59 8.23
CA ILE A 292 60.36 49.26 7.83
C ILE A 292 59.29 49.23 8.92
N LYS A 293 59.74 48.91 10.14
CA LYS A 293 58.92 48.92 11.35
C LYS A 293 57.63 48.13 11.15
N TYR A 294 57.78 46.87 10.77
CA TYR A 294 56.67 45.98 10.44
C TYR A 294 55.82 45.60 11.65
N VAL A 295 54.52 45.45 11.43
CA VAL A 295 53.55 45.17 12.48
C VAL A 295 52.68 43.94 12.17
N ASN A 296 52.40 43.14 13.21
CA ASN A 296 51.58 41.93 13.12
C ASN A 296 52.30 40.81 12.37
N ALA A 297 51.58 39.78 11.96
CA ALA A 297 52.20 38.63 11.31
C ALA A 297 52.66 38.95 9.89
N GLY A 298 53.79 38.37 9.50
CA GLY A 298 54.32 38.52 8.15
C GLY A 298 55.40 37.53 7.82
N THR A 299 55.52 37.20 6.54
CA THR A 299 56.52 36.24 6.09
C THR A 299 57.49 36.87 5.10
N VAL A 300 58.77 36.59 5.29
CA VAL A 300 59.79 36.99 4.33
C VAL A 300 60.22 35.73 3.57
N GLU A 301 60.17 35.79 2.24
CA GLU A 301 60.41 34.60 1.41
C GLU A 301 61.74 34.67 0.68
N PHE A 302 62.52 33.60 0.80
CA PHE A 302 63.84 33.52 0.20
C PHE A 302 64.00 32.31 -0.72
N LEU A 303 64.87 32.46 -1.72
CA LEU A 303 65.36 31.33 -2.50
C LEU A 303 66.83 31.11 -2.13
N VAL A 304 67.19 29.85 -1.89
CA VAL A 304 68.51 29.50 -1.38
C VAL A 304 69.29 28.58 -2.32
N SER A 305 70.57 28.89 -2.51
CA SER A 305 71.44 28.13 -3.41
C SER A 305 72.87 28.01 -2.88
N GLY A 306 73.21 26.81 -2.40
CA GLY A 306 74.52 26.57 -1.79
C GLY A 306 74.66 27.31 -0.48
N ASP A 307 75.37 28.43 -0.51
CA ASP A 307 75.50 29.30 0.65
C ASP A 307 74.86 30.68 0.45
N GLU A 308 74.36 30.94 -0.76
CA GLU A 308 73.75 32.24 -1.06
C GLU A 308 72.22 32.18 -1.02
N PHE A 309 71.62 33.17 -0.37
CA PHE A 309 70.16 33.32 -0.31
C PHE A 309 69.73 34.60 -1.00
N PHE A 310 68.49 34.63 -1.47
CA PHE A 310 67.95 35.79 -2.19
C PHE A 310 66.50 36.08 -1.81
N PHE A 311 66.23 37.34 -1.48
CA PHE A 311 64.88 37.79 -1.15
C PHE A 311 63.98 37.67 -2.37
N ILE A 312 62.78 37.15 -2.16
CA ILE A 312 61.80 36.94 -3.23
C ILE A 312 60.64 37.91 -3.09
N GLU A 313 59.93 37.81 -1.96
CA GLU A 313 58.75 38.61 -1.67
C GLU A 313 58.39 38.56 -0.18
N VAL A 314 57.46 39.44 0.21
CA VAL A 314 56.90 39.42 1.55
C VAL A 314 55.39 39.23 1.50
N ASN A 315 54.89 38.32 2.30
CA ASN A 315 53.46 38.16 2.51
C ASN A 315 53.02 38.83 3.80
N PRO A 316 52.38 40.00 3.67
CA PRO A 316 51.95 40.80 4.82
C PRO A 316 50.67 40.30 5.47
N ARG A 317 50.69 39.04 5.91
CA ARG A 317 49.54 38.36 6.50
C ARG A 317 49.93 36.94 6.90
N VAL A 318 49.02 36.25 7.59
CA VAL A 318 49.15 34.81 7.83
C VAL A 318 49.20 34.03 6.53
N GLN A 319 49.92 32.92 6.55
CA GLN A 319 49.94 32.02 5.42
C GLN A 319 49.23 30.73 5.77
N VAL A 320 48.84 29.98 4.76
CA VAL A 320 48.16 28.70 4.94
C VAL A 320 48.95 27.79 5.87
N GLU A 321 50.27 27.81 5.71
CA GLU A 321 51.14 26.81 6.31
C GLU A 321 51.68 27.26 7.66
N HIS A 322 51.02 28.24 8.26
CA HIS A 322 51.44 28.80 9.54
C HIS A 322 51.43 27.77 10.68
N THR A 323 50.58 26.74 10.54
CA THR A 323 50.37 25.74 11.58
C THR A 323 51.68 25.08 11.99
N ILE A 324 52.53 24.90 11.00
CA ILE A 324 53.73 24.11 11.13
C ILE A 324 54.73 24.82 12.06
N THR A 325 54.83 26.14 11.89
CA THR A 325 55.60 27.01 12.78
C THR A 325 55.07 26.95 14.22
N GLU A 326 53.75 27.07 14.35
CA GLU A 326 53.11 27.07 15.67
C GLU A 326 53.46 25.80 16.47
N MET A 327 53.57 24.67 15.78
CA MET A 327 53.83 23.42 16.46
C MET A 327 55.25 23.30 16.99
N VAL A 328 56.21 23.85 16.25
CA VAL A 328 57.61 23.79 16.69
C VAL A 328 58.02 24.88 17.67
N THR A 329 57.38 26.05 17.57
CA THR A 329 57.71 27.19 18.41
C THR A 329 56.81 27.29 19.64
N GLY A 330 55.64 26.67 19.58
CA GLY A 330 54.67 26.71 20.68
C GLY A 330 53.86 28.00 20.77
N ILE A 331 53.85 28.76 19.68
CA ILE A 331 53.27 30.11 19.67
C ILE A 331 52.04 30.18 18.78
N ASP A 332 50.94 30.69 19.33
CA ASP A 332 49.70 30.83 18.59
C ASP A 332 49.78 32.10 17.75
N ILE A 333 50.14 31.94 16.47
CA ILE A 333 50.28 33.08 15.56
C ILE A 333 48.98 33.87 15.46
N VAL A 334 47.87 33.17 15.23
CA VAL A 334 46.57 33.80 15.00
C VAL A 334 46.08 34.55 16.25
N LYS A 335 46.14 33.90 17.40
CA LYS A 335 45.79 34.59 18.65
C LYS A 335 46.68 35.83 18.82
N THR A 336 47.98 35.69 18.55
CA THR A 336 48.90 36.81 18.66
C THR A 336 48.54 37.94 17.69
N GLN A 337 48.16 37.58 16.47
CA GLN A 337 47.69 38.57 15.49
C GLN A 337 46.63 39.48 16.09
N ILE A 338 45.61 38.87 16.69
CA ILE A 338 44.50 39.60 17.29
C ILE A 338 44.97 40.45 18.45
N LEU A 339 45.85 39.90 19.27
CA LEU A 339 46.35 40.60 20.45
C LEU A 339 47.18 41.84 20.05
N VAL A 340 47.99 41.70 19.02
CA VAL A 340 48.75 42.81 18.43
C VAL A 340 47.79 43.89 17.89
N ALA A 341 46.72 43.45 17.23
CA ALA A 341 45.72 44.36 16.69
C ALA A 341 45.04 45.13 17.81
N ALA A 342 45.00 44.55 19.00
CA ALA A 342 44.39 45.20 20.17
C ALA A 342 45.39 46.07 20.95
N GLY A 343 46.60 46.25 20.38
CA GLY A 343 47.66 47.03 21.01
C GLY A 343 48.50 46.32 22.05
N ALA A 344 48.44 44.99 22.10
CA ALA A 344 49.17 44.22 23.13
C ALA A 344 50.66 44.16 22.85
N ASP A 345 51.46 44.35 23.89
CA ASP A 345 52.91 44.27 23.77
C ASP A 345 53.33 42.79 23.66
N LEU A 346 54.30 42.48 22.81
CA LEU A 346 54.76 41.09 22.66
C LEU A 346 55.18 40.49 23.99
N PHE A 347 55.95 41.26 24.75
CA PHE A 347 56.56 40.76 25.96
C PHE A 347 55.73 41.03 27.21
N GLY A 348 54.46 41.38 26.99
CA GLY A 348 53.50 41.59 28.07
C GLY A 348 52.83 40.29 28.45
N GLU A 349 51.80 40.37 29.28
CA GLU A 349 51.23 39.16 29.88
C GLU A 349 50.16 38.45 29.05
N GLU A 350 49.71 39.05 27.96
CA GLU A 350 48.74 38.39 27.09
C GLU A 350 49.34 37.59 25.92
N ILE A 351 50.36 38.14 25.27
CA ILE A 351 51.05 37.42 24.20
C ILE A 351 52.06 36.44 24.78
N ASN A 352 52.82 36.89 25.78
CA ASN A 352 53.89 36.09 26.40
C ASN A 352 55.00 35.59 25.48
N MET A 353 55.34 36.34 24.45
CA MET A 353 56.43 35.97 23.55
C MET A 353 57.67 35.75 24.38
N PRO A 354 58.35 34.61 24.17
CA PRO A 354 59.72 34.48 24.63
C PRO A 354 60.60 35.49 23.92
N GLN A 355 61.65 35.93 24.61
CA GLN A 355 62.66 36.79 23.99
C GLN A 355 63.32 35.94 22.92
N GLN A 356 63.81 36.56 21.84
CA GLN A 356 64.24 35.83 20.64
C GLN A 356 65.08 34.55 20.86
N LYS A 357 66.15 34.64 21.64
CA LYS A 357 66.98 33.46 21.86
C LYS A 357 66.39 32.44 22.84
N ASP A 358 65.22 32.74 23.37
CA ASP A 358 64.42 31.77 24.12
C ASP A 358 63.40 31.06 23.22
N ILE A 359 63.13 31.62 22.03
CA ILE A 359 62.30 30.94 21.03
C ILE A 359 63.13 29.89 20.31
N THR A 360 62.66 28.65 20.30
CA THR A 360 63.35 27.56 19.61
C THR A 360 62.38 26.73 18.80
N THR A 361 62.92 25.77 18.06
CA THR A 361 62.09 24.75 17.44
C THR A 361 62.22 23.47 18.28
N LEU A 362 61.07 22.85 18.54
CA LEU A 362 61.01 21.63 19.31
C LEU A 362 60.53 20.52 18.37
N GLY A 363 61.45 19.66 17.97
CA GLY A 363 61.15 18.63 16.99
C GLY A 363 60.90 19.19 15.61
N TYR A 364 60.21 18.42 14.78
CA TYR A 364 59.91 18.83 13.41
C TYR A 364 58.41 18.71 13.15
N ALA A 365 57.91 19.46 12.17
CA ALA A 365 56.49 19.48 11.81
C ALA A 365 56.31 19.54 10.30
N ILE A 366 55.31 18.82 9.79
CA ILE A 366 55.06 18.72 8.35
C ILE A 366 53.62 19.07 8.01
N GLN A 367 53.42 19.87 6.96
CA GLN A 367 52.07 20.12 6.45
C GLN A 367 51.91 19.65 5.01
N CYS A 368 50.72 19.13 4.73
CA CYS A 368 50.25 18.90 3.37
C CYS A 368 48.76 19.15 3.34
N ARG A 369 48.24 19.39 2.14
CA ARG A 369 46.84 19.74 1.99
C ARG A 369 46.09 18.74 1.12
N ILE A 370 44.89 18.37 1.56
CA ILE A 370 44.01 17.48 0.80
C ILE A 370 43.05 18.32 -0.03
N THR A 371 43.02 18.05 -1.33
CA THR A 371 42.20 18.80 -2.28
C THR A 371 41.41 17.83 -3.15
N THR A 372 40.48 18.35 -3.94
CA THR A 372 39.74 17.52 -4.89
C THR A 372 40.47 17.40 -6.23
N GLU A 373 41.79 17.50 -6.19
CA GLU A 373 42.61 17.38 -7.38
C GLU A 373 42.97 15.93 -7.62
N ASP A 374 42.73 15.48 -8.85
CA ASP A 374 43.04 14.12 -9.30
C ASP A 374 44.42 14.16 -9.96
N PRO A 375 45.41 13.54 -9.33
CA PRO A 375 46.78 13.48 -9.89
C PRO A 375 46.85 12.80 -11.27
N LEU A 376 45.89 11.91 -11.55
CA LEU A 376 45.84 11.18 -12.83
C LEU A 376 45.27 12.03 -13.98
N ASN A 377 44.99 13.29 -13.70
CA ASN A 377 44.39 14.20 -14.68
C ASN A 377 44.81 15.67 -14.47
N ASP A 378 46.12 15.92 -14.56
CA ASP A 378 46.70 17.27 -14.44
C ASP A 378 46.24 18.11 -13.23
N PHE A 379 45.82 17.42 -12.16
CA PHE A 379 45.33 18.06 -10.92
C PHE A 379 44.13 18.99 -11.15
N MET A 380 43.10 18.46 -11.82
CA MET A 380 41.85 19.19 -12.04
C MET A 380 41.00 19.13 -10.78
N PRO A 381 40.42 20.27 -10.37
CA PRO A 381 39.59 20.33 -9.18
C PRO A 381 38.21 19.69 -9.43
N ASP A 382 38.01 18.50 -8.88
CA ASP A 382 36.78 17.74 -9.06
C ASP A 382 35.60 18.37 -8.32
N THR A 383 34.41 18.25 -8.91
CA THR A 383 33.17 18.76 -8.32
C THR A 383 32.19 17.61 -8.10
N GLY A 384 31.59 17.57 -6.91
CA GLY A 384 30.65 16.51 -6.56
C GLY A 384 30.35 16.44 -5.07
N THR A 385 29.46 15.52 -4.70
CA THR A 385 29.05 15.35 -3.30
C THR A 385 29.96 14.36 -2.58
N ILE A 386 30.43 14.75 -1.40
CA ILE A 386 31.12 13.84 -0.49
C ILE A 386 30.06 13.00 0.21
N ILE A 387 30.14 11.68 0.03
CA ILE A 387 29.16 10.77 0.60
C ILE A 387 29.71 10.02 1.82
N ALA A 388 31.04 9.98 1.91
CA ALA A 388 31.74 9.36 3.04
C ALA A 388 32.99 10.15 3.40
N TYR A 389 33.00 10.69 4.61
CA TYR A 389 34.17 11.39 5.14
C TYR A 389 34.56 10.85 6.51
N ARG A 390 35.76 10.28 6.58
CA ARG A 390 36.33 9.83 7.85
C ARG A 390 37.81 10.23 7.88
N SER A 391 38.19 10.95 8.93
CA SER A 391 39.56 11.47 9.09
C SER A 391 40.34 10.67 10.14
N SER A 392 41.50 11.19 10.53
CA SER A 392 42.37 10.51 11.48
C SER A 392 42.16 11.01 12.90
N GLY A 393 42.97 11.99 13.30
CA GLY A 393 43.12 12.34 14.70
C GLY A 393 44.33 11.61 15.23
N GLY A 394 44.77 11.99 16.42
CA GLY A 394 45.94 11.37 17.04
C GLY A 394 46.82 12.41 17.69
N PHE A 395 47.59 11.98 18.70
CA PHE A 395 48.51 12.87 19.38
C PHE A 395 49.55 13.45 18.44
N GLY A 396 49.63 14.77 18.39
CA GLY A 396 50.56 15.47 17.52
C GLY A 396 50.11 15.50 16.08
N VAL A 397 48.80 15.36 15.87
CA VAL A 397 48.20 15.49 14.54
C VAL A 397 47.16 16.61 14.59
N ARG A 398 47.15 17.43 13.55
CA ARG A 398 46.26 18.57 13.49
C ARG A 398 45.49 18.55 12.17
N LEU A 399 44.17 18.55 12.27
CA LEU A 399 43.29 18.49 11.10
C LEU A 399 42.42 19.73 11.00
N ASP A 400 42.87 20.70 10.20
CA ASP A 400 42.10 21.91 9.94
C ASP A 400 41.19 21.63 8.77
N ALA A 401 39.88 21.58 9.02
CA ALA A 401 38.91 21.17 8.01
C ALA A 401 38.28 22.34 7.25
N GLY A 402 38.01 22.13 5.96
CA GLY A 402 37.41 23.15 5.11
C GLY A 402 36.20 22.67 4.36
N ASP A 403 36.43 22.00 3.23
CA ASP A 403 35.35 21.50 2.38
C ASP A 403 34.96 20.06 2.73
N GLY A 404 35.90 19.32 3.32
CA GLY A 404 35.70 17.90 3.62
C GLY A 404 34.91 17.61 4.90
N PHE A 405 33.63 17.31 4.73
CA PHE A 405 32.77 16.81 5.81
C PHE A 405 31.70 15.86 5.26
N GLN A 406 30.97 15.21 6.17
CA GLN A 406 30.01 14.14 5.83
C GLN A 406 29.01 14.47 4.71
N GLY A 407 28.50 15.70 4.68
CA GLY A 407 27.38 16.05 3.81
C GLY A 407 27.69 16.85 2.55
N ALA A 408 27.42 18.15 2.62
CA ALA A 408 27.36 19.07 1.46
C ALA A 408 28.47 18.94 0.39
N GLU A 409 28.08 19.22 -0.85
CA GLU A 409 28.94 19.05 -2.03
C GLU A 409 29.95 20.17 -2.21
N ILE A 410 30.76 20.06 -3.26
CA ILE A 410 31.84 21.00 -3.50
C ILE A 410 31.58 21.88 -4.72
N SER A 411 31.55 23.18 -4.47
CA SER A 411 31.48 24.20 -5.51
C SER A 411 32.83 24.31 -6.21
N PRO A 412 32.80 24.45 -7.54
CA PRO A 412 34.05 24.64 -8.31
C PRO A 412 34.68 26.03 -8.16
N TYR A 413 34.05 26.93 -7.40
CA TYR A 413 34.42 28.34 -7.42
C TYR A 413 35.39 28.81 -6.33
N TYR A 414 36.00 27.87 -5.60
CA TYR A 414 37.03 28.21 -4.60
C TYR A 414 38.23 27.28 -4.72
N ASP A 415 39.41 27.77 -4.32
CA ASP A 415 40.58 26.92 -4.20
C ASP A 415 40.16 25.69 -3.41
N SER A 416 40.34 24.50 -3.99
CA SER A 416 39.88 23.29 -3.33
C SER A 416 40.72 22.92 -2.11
N LEU A 417 40.07 22.83 -0.96
CA LEU A 417 40.72 22.40 0.27
C LEU A 417 39.77 21.56 1.12
N LEU A 418 40.00 20.25 1.12
CA LEU A 418 39.20 19.31 1.90
C LEU A 418 39.62 19.34 3.37
N VAL A 419 40.88 18.98 3.62
CA VAL A 419 41.46 19.05 4.96
C VAL A 419 42.91 19.51 4.86
N LYS A 420 43.31 20.37 5.78
CA LYS A 420 44.72 20.72 5.96
C LYS A 420 45.26 19.80 7.05
N LEU A 421 46.32 19.05 6.73
CA LEU A 421 46.82 18.03 7.64
C LEU A 421 48.22 18.38 8.10
N SER A 422 48.48 18.25 9.41
CA SER A 422 49.79 18.57 9.97
C SER A 422 50.18 17.61 11.09
N THR A 423 51.47 17.24 11.13
CA THR A 423 51.98 16.29 12.14
C THR A 423 53.27 16.78 12.80
N HIS A 424 53.52 16.32 14.03
CA HIS A 424 54.60 16.86 14.87
C HIS A 424 55.17 15.82 15.85
N ALA A 425 56.49 15.65 15.81
CA ALA A 425 57.25 14.82 16.78
C ALA A 425 58.73 15.23 16.82
N ILE A 426 59.48 14.66 17.77
CA ILE A 426 60.85 15.12 18.06
C ILE A 426 61.81 15.00 16.89
N SER A 427 61.54 14.06 16.00
CA SER A 427 62.40 13.87 14.83
C SER A 427 61.60 13.96 13.54
N PHE A 428 62.29 14.29 12.45
CA PHE A 428 61.68 14.38 11.12
C PHE A 428 61.09 13.03 10.70
N LYS A 429 61.79 11.93 10.97
CA LYS A 429 61.32 10.59 10.61
C LYS A 429 60.07 10.20 11.38
N GLN A 430 60.01 10.57 12.66
CA GLN A 430 58.90 10.23 13.53
C GLN A 430 57.65 11.04 13.14
N ALA A 431 57.86 12.27 12.69
CA ALA A 431 56.77 13.11 12.22
C ALA A 431 56.30 12.70 10.83
N GLU A 432 57.22 12.14 10.04
CA GLU A 432 56.89 11.63 8.71
C GLU A 432 56.06 10.34 8.78
N GLU A 433 56.35 9.50 9.77
CA GLU A 433 55.61 8.26 9.97
C GLU A 433 54.27 8.51 10.67
N LYS A 434 54.14 9.70 11.28
CA LYS A 434 52.87 10.16 11.82
C LYS A 434 52.01 10.68 10.67
N MET A 435 52.67 11.25 9.68
CA MET A 435 52.01 11.83 8.52
C MET A 435 51.43 10.76 7.59
N VAL A 436 52.23 9.74 7.29
CA VAL A 436 51.76 8.66 6.42
C VAL A 436 50.58 7.92 7.04
N ARG A 437 50.68 7.61 8.33
CA ARG A 437 49.64 6.88 9.06
C ARG A 437 48.29 7.60 8.96
N SER A 438 48.30 8.90 9.23
CA SER A 438 47.10 9.72 9.14
C SER A 438 46.60 9.87 7.71
N LEU A 439 47.51 9.85 6.75
CA LEU A 439 47.13 9.87 5.34
C LEU A 439 46.51 8.53 4.93
N ARG A 440 47.00 7.45 5.53
CA ARG A 440 46.47 6.11 5.26
C ARG A 440 45.11 5.91 5.92
N GLU A 441 44.91 6.52 7.08
CA GLU A 441 43.62 6.48 7.77
C GLU A 441 42.54 7.31 7.08
N MET A 442 42.97 8.26 6.24
CA MET A 442 42.05 9.17 5.54
C MET A 442 41.10 8.43 4.61
N ARG A 443 39.81 8.77 4.68
CA ARG A 443 38.83 8.20 3.77
C ARG A 443 37.78 9.17 3.27
N ILE A 444 37.90 9.49 1.97
CA ILE A 444 36.96 10.35 1.27
C ILE A 444 36.54 9.67 -0.03
N ARG A 445 35.24 9.44 -0.17
CA ARG A 445 34.66 8.95 -1.43
C ARG A 445 33.57 9.92 -1.90
N GLY A 446 33.41 10.01 -3.21
CA GLY A 446 32.44 10.93 -3.80
C GLY A 446 33.14 11.89 -4.74
N VAL A 447 34.36 12.24 -4.36
CA VAL A 447 35.27 13.01 -5.20
C VAL A 447 36.63 12.34 -5.21
N LYS A 448 37.48 12.74 -6.15
CA LYS A 448 38.86 12.27 -6.22
C LYS A 448 39.73 13.12 -5.29
N THR A 449 40.81 12.55 -4.76
CA THR A 449 41.70 13.27 -3.85
C THR A 449 43.18 13.07 -4.18
N ASN A 450 44.02 14.00 -3.73
CA ASN A 450 45.45 13.92 -3.95
C ASN A 450 46.20 13.02 -2.94
N ILE A 451 45.46 12.28 -2.13
CA ILE A 451 46.01 11.41 -1.07
C ILE A 451 47.03 10.36 -1.55
N PRO A 452 46.73 9.62 -2.63
CA PRO A 452 47.70 8.66 -3.15
C PRO A 452 49.05 9.31 -3.43
N PHE A 453 49.01 10.50 -4.04
CA PHE A 453 50.20 11.27 -4.37
C PHE A 453 51.00 11.67 -3.12
N LEU A 454 50.34 12.35 -2.19
CA LEU A 454 50.99 12.82 -0.96
C LEU A 454 51.65 11.69 -0.15
N ILE A 455 50.99 10.52 -0.09
CA ILE A 455 51.55 9.33 0.54
C ILE A 455 52.90 8.97 -0.08
N ASN A 456 52.95 9.01 -1.40
CA ASN A 456 54.19 8.72 -2.13
C ASN A 456 55.29 9.71 -1.78
N VAL A 457 54.92 10.99 -1.71
CA VAL A 457 55.86 12.07 -1.39
C VAL A 457 56.47 11.87 0.00
N MET A 458 55.64 11.46 0.96
CA MET A 458 56.10 11.23 2.33
C MET A 458 57.07 10.05 2.40
N LYS A 459 56.61 8.88 1.96
CA LYS A 459 57.41 7.64 1.95
C LYS A 459 58.77 7.77 1.26
N ASN A 460 58.84 8.63 0.24
CA ASN A 460 60.05 8.83 -0.56
C ASN A 460 61.31 9.14 0.28
N LYS A 461 62.38 8.41 -0.01
CA LYS A 461 63.67 8.53 0.70
C LYS A 461 64.42 9.84 0.43
N LYS A 462 64.13 10.48 -0.71
CA LYS A 462 64.70 11.80 -1.04
C LYS A 462 64.10 12.89 -0.15
N PHE A 463 62.81 12.75 0.16
CA PHE A 463 62.13 13.61 1.12
C PHE A 463 62.73 13.40 2.50
N THR A 464 62.72 12.14 2.96
CA THR A 464 63.32 11.78 4.26
C THR A 464 64.76 12.26 4.39
N SER A 465 65.48 12.31 3.27
CA SER A 465 66.85 12.83 3.24
C SER A 465 66.92 14.30 3.66
N GLY A 466 66.00 15.10 3.12
CA GLY A 466 65.94 16.54 3.43
C GLY A 466 66.59 17.45 2.38
N ASP A 467 67.51 16.87 1.61
CA ASP A 467 68.27 17.59 0.59
C ASP A 467 67.39 18.33 -0.42
N TYR A 468 66.23 17.74 -0.74
CA TYR A 468 65.32 18.17 -1.82
C TYR A 468 65.22 19.66 -2.14
N THR A 469 65.07 19.95 -3.43
CA THR A 469 64.89 21.31 -3.94
C THR A 469 63.53 21.40 -4.63
N THR A 470 63.32 22.48 -5.37
CA THR A 470 62.03 22.72 -6.06
C THR A 470 61.76 21.73 -7.18
N LYS A 471 62.84 21.30 -7.84
CA LYS A 471 62.75 20.35 -8.94
C LYS A 471 62.35 18.95 -8.48
N PHE A 472 62.26 18.76 -7.17
CA PHE A 472 62.02 17.45 -6.55
C PHE A 472 60.91 16.61 -7.17
N ILE A 473 59.77 17.23 -7.44
CA ILE A 473 58.63 16.50 -8.03
C ILE A 473 58.85 16.09 -9.50
N GLU A 474 59.28 17.04 -10.32
CA GLU A 474 59.54 16.79 -11.75
C GLU A 474 60.59 15.71 -11.97
N GLU A 475 61.64 15.71 -11.15
CA GLU A 475 62.73 14.75 -11.24
C GLU A 475 62.30 13.34 -10.84
N THR A 476 61.42 13.26 -9.85
CA THR A 476 60.98 11.97 -9.32
C THR A 476 59.65 11.53 -9.94
N PRO A 477 59.71 10.57 -10.87
CA PRO A 477 58.54 10.17 -11.65
C PRO A 477 57.73 9.05 -11.01
N GLU A 478 58.23 8.51 -9.90
CA GLU A 478 57.58 7.40 -9.19
C GLU A 478 56.36 7.85 -8.38
N LEU A 479 56.20 9.17 -8.26
CA LEU A 479 55.15 9.77 -7.46
C LEU A 479 53.74 9.57 -8.04
N PHE A 480 53.66 9.52 -9.37
CA PHE A 480 52.38 9.33 -10.06
C PHE A 480 52.01 7.86 -10.22
N ASP A 481 52.94 6.99 -9.83
CA ASP A 481 52.71 5.54 -9.80
C ASP A 481 51.78 5.21 -8.63
N ILE A 482 50.49 5.42 -8.85
CA ILE A 482 49.45 5.23 -7.84
C ILE A 482 48.92 3.80 -7.80
N GLN A 483 48.58 3.31 -6.61
CA GLN A 483 47.97 1.97 -6.47
C GLN A 483 46.57 2.06 -5.84
N PRO A 484 45.52 2.08 -6.69
CA PRO A 484 44.14 2.20 -6.21
C PRO A 484 43.71 0.98 -5.39
N SER A 485 43.88 1.07 -4.08
CA SER A 485 43.56 -0.03 -3.16
C SER A 485 42.06 -0.13 -2.87
N LEU A 486 41.57 -1.37 -2.85
CA LEU A 486 40.15 -1.67 -2.62
C LEU A 486 39.70 -1.22 -1.23
N ASP A 487 38.38 -1.18 -1.02
CA ASP A 487 37.83 -1.10 0.32
C ASP A 487 36.89 -2.28 0.52
N ARG A 488 37.39 -3.30 1.22
CA ARG A 488 36.61 -4.50 1.51
C ARG A 488 35.23 -4.13 2.05
N GLY A 489 35.21 -3.37 3.13
CA GLY A 489 33.98 -3.01 3.82
C GLY A 489 32.87 -2.45 2.95
N THR A 490 33.21 -1.50 2.10
CA THR A 490 32.22 -0.79 1.28
C THR A 490 31.57 -1.72 0.27
N LYS A 491 32.38 -2.58 -0.35
CA LYS A 491 31.91 -3.54 -1.32
C LYS A 491 30.99 -4.58 -0.69
N THR A 492 31.23 -4.88 0.58
CA THR A 492 30.39 -5.78 1.34
C THR A 492 29.06 -5.10 1.67
N LEU A 493 29.11 -3.82 2.02
CA LEU A 493 27.90 -3.03 2.25
C LEU A 493 27.09 -2.89 0.97
N GLU A 494 27.80 -2.88 -0.17
CA GLU A 494 27.14 -2.80 -1.47
C GLU A 494 26.43 -4.10 -1.88
N TYR A 495 27.06 -5.25 -1.63
CA TYR A 495 26.41 -6.52 -1.90
C TYR A 495 25.14 -6.64 -1.05
N ILE A 496 25.30 -6.55 0.27
CA ILE A 496 24.18 -6.62 1.17
C ILE A 496 23.10 -5.64 0.73
N GLY A 497 23.48 -4.40 0.47
CA GLY A 497 22.54 -3.38 0.00
C GLY A 497 21.76 -3.85 -1.20
N ASN A 498 22.47 -4.35 -2.20
CA ASN A 498 21.86 -4.74 -3.45
C ASN A 498 20.88 -5.89 -3.26
N VAL A 499 21.33 -6.98 -2.65
CA VAL A 499 20.50 -8.16 -2.39
C VAL A 499 19.29 -7.83 -1.55
N THR A 500 19.48 -7.07 -0.48
CA THR A 500 18.38 -6.60 0.37
C THR A 500 17.25 -5.97 -0.43
N ILE A 501 17.60 -5.08 -1.35
CA ILE A 501 16.61 -4.31 -2.09
C ILE A 501 16.05 -5.07 -3.30
N ASN A 502 16.91 -5.77 -4.02
CA ASN A 502 16.54 -6.32 -5.30
C ASN A 502 16.47 -7.85 -5.35
N GLY A 503 16.69 -8.48 -4.20
CA GLY A 503 16.62 -9.93 -4.10
C GLY A 503 17.80 -10.66 -4.69
N PHE A 504 17.63 -11.96 -4.90
CA PHE A 504 18.68 -12.86 -5.32
C PHE A 504 18.10 -13.78 -6.38
N PRO A 505 18.85 -14.01 -7.47
CA PRO A 505 18.39 -14.88 -8.56
C PRO A 505 17.94 -16.27 -8.09
N ASN A 506 16.71 -16.65 -8.44
CA ASN A 506 16.10 -17.92 -8.02
C ASN A 506 15.86 -18.07 -6.54
N VAL A 507 15.77 -16.97 -5.81
CA VAL A 507 15.39 -17.03 -4.40
C VAL A 507 14.12 -16.23 -4.20
N GLU A 508 13.06 -16.92 -3.79
CA GLU A 508 11.75 -16.28 -3.59
C GLU A 508 11.87 -15.04 -2.71
N LYS A 509 11.66 -13.90 -3.35
CA LYS A 509 11.80 -12.59 -2.68
C LYS A 509 10.86 -12.54 -1.49
N ARG A 510 11.45 -12.56 -0.30
CA ARG A 510 10.70 -12.58 0.96
C ARG A 510 11.57 -11.97 2.08
N PRO A 511 10.96 -11.50 3.16
CA PRO A 511 11.75 -11.06 4.32
C PRO A 511 12.70 -12.17 4.76
N LYS A 512 13.96 -11.82 5.00
CA LYS A 512 14.97 -12.79 5.44
C LYS A 512 14.40 -13.66 6.54
N PRO A 513 14.35 -14.97 6.29
CA PRO A 513 13.66 -15.87 7.20
C PRO A 513 14.37 -15.99 8.55
N ASP A 514 13.58 -16.35 9.55
CA ASP A 514 14.07 -16.57 10.90
C ASP A 514 14.33 -18.06 11.07
N TYR A 515 15.61 -18.44 11.02
CA TYR A 515 16.00 -19.84 11.11
C TYR A 515 16.26 -20.28 12.56
N GLU A 516 16.33 -21.59 12.77
CA GLU A 516 16.75 -22.15 14.04
C GLU A 516 18.24 -21.91 14.23
N LEU A 517 18.64 -21.78 15.49
CA LEU A 517 20.02 -21.45 15.88
C LEU A 517 21.06 -22.31 15.17
N ALA A 518 20.97 -23.63 15.38
CA ALA A 518 22.04 -24.57 14.99
C ALA A 518 23.39 -24.15 15.55
N SER A 519 23.56 -24.30 16.86
CA SER A 519 24.85 -24.04 17.48
C SER A 519 25.79 -25.15 17.02
N ILE A 520 26.92 -24.73 16.45
CA ILE A 520 27.77 -25.57 15.61
C ILE A 520 28.90 -26.23 16.38
N PRO A 521 28.94 -27.56 16.39
CA PRO A 521 29.98 -28.32 17.11
C PRO A 521 31.35 -28.17 16.47
N THR A 522 32.37 -27.97 17.30
CA THR A 522 33.75 -27.89 16.83
C THR A 522 34.62 -28.86 17.60
N VAL A 523 35.76 -29.21 17.01
CA VAL A 523 36.80 -29.96 17.69
C VAL A 523 38.07 -29.11 17.65
N SER A 524 38.84 -29.15 18.74
CA SER A 524 40.06 -28.35 18.85
C SER A 524 41.04 -28.72 17.75
N SER A 525 41.65 -27.72 17.13
CA SER A 525 42.57 -27.95 16.02
C SER A 525 43.78 -28.76 16.47
N SER A 526 44.19 -28.61 17.73
CA SER A 526 45.32 -29.38 18.27
C SER A 526 44.97 -30.86 18.43
N LYS A 527 43.72 -31.17 18.77
CA LYS A 527 43.30 -32.56 18.85
C LYS A 527 43.27 -33.21 17.46
N ILE A 528 42.82 -32.44 16.46
CA ILE A 528 42.80 -32.92 15.06
C ILE A 528 44.22 -33.17 14.51
N ALA A 529 45.16 -32.33 14.93
CA ALA A 529 46.57 -32.49 14.52
C ALA A 529 47.13 -33.82 14.97
N SER A 530 46.58 -34.38 16.04
CA SER A 530 47.03 -35.66 16.58
C SER A 530 46.45 -36.87 15.84
N PHE A 531 45.44 -36.66 15.00
CA PHE A 531 44.82 -37.77 14.26
C PHE A 531 45.70 -38.27 13.13
N SER A 532 45.76 -39.59 13.03
CA SER A 532 46.42 -40.28 11.92
C SER A 532 45.36 -41.13 11.22
N GLY A 533 44.93 -40.66 10.06
CA GLY A 533 43.92 -41.35 9.28
C GLY A 533 44.46 -41.82 7.94
N THR A 534 43.58 -41.93 6.95
CA THR A 534 43.97 -42.40 5.63
C THR A 534 44.86 -41.41 4.87
N LYS A 535 44.86 -40.14 5.28
CA LYS A 535 45.78 -39.13 4.73
C LYS A 535 47.21 -39.50 5.10
N GLN A 536 47.43 -39.70 6.39
CA GLN A 536 48.73 -40.14 6.91
C GLN A 536 49.18 -41.42 6.24
N LEU A 537 48.25 -42.36 6.06
CA LEU A 537 48.56 -43.66 5.44
C LEU A 537 49.08 -43.50 4.01
N LEU A 538 48.47 -42.60 3.25
CA LEU A 538 48.93 -42.29 1.90
C LEU A 538 50.36 -41.74 1.90
N ASP A 539 50.64 -40.85 2.86
CA ASP A 539 51.98 -40.31 3.05
C ASP A 539 52.98 -41.42 3.43
N GLU A 540 52.55 -42.38 4.24
CA GLU A 540 53.44 -43.49 4.65
C GLU A 540 53.72 -44.43 3.49
N VAL A 541 52.67 -45.11 3.01
CA VAL A 541 52.82 -46.27 2.13
C VAL A 541 52.45 -46.07 0.65
N GLY A 542 52.05 -44.85 0.28
CA GLY A 542 51.72 -44.56 -1.11
C GLY A 542 50.39 -45.16 -1.55
N PRO A 543 49.97 -44.86 -2.78
CA PRO A 543 48.67 -45.32 -3.27
C PRO A 543 48.51 -46.84 -3.28
N LYS A 544 49.51 -47.56 -3.78
CA LYS A 544 49.52 -49.01 -3.74
C LYS A 544 49.27 -49.55 -2.33
N GLY A 545 49.97 -48.96 -1.36
CA GLY A 545 49.86 -49.34 0.05
C GLY A 545 48.49 -49.09 0.65
N VAL A 546 47.89 -47.96 0.32
CA VAL A 546 46.54 -47.64 0.77
C VAL A 546 45.58 -48.75 0.35
N ALA A 547 45.63 -49.11 -0.93
CA ALA A 547 44.82 -50.18 -1.49
C ALA A 547 45.03 -51.51 -0.76
N GLU A 548 46.29 -51.89 -0.55
CA GLU A 548 46.64 -53.12 0.20
C GLU A 548 46.00 -53.11 1.58
N TRP A 549 46.12 -51.99 2.28
CA TRP A 549 45.50 -51.77 3.60
C TRP A 549 43.98 -51.92 3.57
N VAL A 550 43.34 -51.45 2.50
CA VAL A 550 41.89 -51.52 2.36
C VAL A 550 41.36 -52.96 2.37
N LYS A 551 41.98 -53.86 1.60
CA LYS A 551 41.51 -55.25 1.58
C LYS A 551 41.74 -56.02 2.89
N LYS A 552 42.85 -55.72 3.57
CA LYS A 552 43.07 -56.22 4.94
C LYS A 552 41.89 -55.89 5.88
N GLN A 553 41.28 -54.71 5.70
CA GLN A 553 40.22 -54.25 6.60
C GLN A 553 38.95 -55.12 6.52
N ASP A 554 38.53 -55.60 7.68
CA ASP A 554 37.35 -56.45 7.75
C ASP A 554 36.06 -55.61 7.87
N ASP A 555 36.13 -54.51 8.63
CA ASP A 555 35.05 -53.52 8.66
C ASP A 555 34.78 -52.94 7.27
N VAL A 556 33.54 -52.52 7.05
CA VAL A 556 33.19 -51.77 5.84
C VAL A 556 33.64 -50.35 6.05
N LEU A 557 34.34 -49.79 5.06
CA LEU A 557 34.78 -48.40 5.13
C LEU A 557 33.83 -47.51 4.37
N LEU A 558 33.66 -46.28 4.82
CA LEU A 558 32.75 -45.37 4.15
C LEU A 558 33.44 -44.14 3.59
N THR A 559 32.96 -43.72 2.43
CA THR A 559 33.25 -42.42 1.86
C THR A 559 32.03 -41.54 2.04
N ASP A 560 32.21 -40.36 2.65
CA ASP A 560 31.07 -39.48 2.83
C ASP A 560 30.89 -38.50 1.67
N THR A 561 29.64 -38.31 1.26
CA THR A 561 29.33 -37.51 0.07
C THR A 561 28.61 -36.20 0.39
N THR A 562 28.44 -35.93 1.69
CA THR A 562 27.74 -34.74 2.16
C THR A 562 28.26 -33.43 1.55
N PHE A 563 29.58 -33.28 1.44
CA PHE A 563 30.18 -32.07 0.90
C PHE A 563 30.07 -31.95 -0.62
N ARG A 564 29.62 -32.99 -1.32
CA ARG A 564 29.57 -32.94 -2.79
C ARG A 564 28.27 -33.55 -3.34
N ASP A 565 28.31 -34.84 -3.69
CA ASP A 565 27.18 -35.47 -4.33
C ASP A 565 25.83 -35.36 -3.59
N ALA A 566 25.88 -35.31 -2.26
CA ALA A 566 24.64 -35.28 -1.50
C ALA A 566 23.84 -34.04 -1.87
N HIS A 567 24.44 -32.87 -1.74
CA HIS A 567 23.75 -31.64 -2.09
C HIS A 567 23.71 -31.42 -3.59
N GLN A 568 24.65 -32.00 -4.33
CA GLN A 568 24.57 -31.95 -5.79
C GLN A 568 23.24 -32.58 -6.22
N SER A 569 22.88 -33.67 -5.56
CA SER A 569 21.62 -34.32 -5.86
C SER A 569 20.44 -33.51 -5.31
N LEU A 570 20.50 -33.12 -4.03
CA LEU A 570 19.32 -32.57 -3.36
C LEU A 570 19.08 -31.05 -3.51
N LEU A 571 20.16 -30.29 -3.65
CA LEU A 571 20.06 -28.82 -3.56
C LEU A 571 20.72 -28.08 -4.72
N ALA A 572 20.70 -28.70 -5.91
CA ALA A 572 21.27 -28.14 -7.15
C ALA A 572 22.75 -27.68 -6.99
N THR A 573 23.48 -28.39 -6.13
CA THR A 573 24.92 -28.16 -5.88
C THR A 573 25.20 -26.78 -5.28
N ARG A 574 24.23 -26.24 -4.56
CA ARG A 574 24.36 -24.87 -4.05
C ARG A 574 24.96 -24.73 -2.65
N VAL A 575 25.20 -25.84 -1.94
CA VAL A 575 25.80 -25.70 -0.62
C VAL A 575 27.13 -24.92 -0.67
N ARG A 576 27.18 -23.81 0.05
CA ARG A 576 28.33 -22.91 0.01
C ARG A 576 29.44 -23.38 0.93
N THR A 577 30.67 -22.98 0.61
CA THR A 577 31.85 -23.17 1.46
C THR A 577 31.57 -22.83 2.92
N LYS A 578 30.94 -21.68 3.16
CA LYS A 578 30.72 -21.20 4.52
C LYS A 578 30.16 -22.30 5.43
N ASP A 579 29.15 -23.01 4.92
CA ASP A 579 28.49 -24.07 5.67
C ASP A 579 29.33 -25.34 5.83
N MET A 580 30.25 -25.56 4.90
CA MET A 580 31.17 -26.70 4.98
C MET A 580 32.29 -26.44 5.96
N ILE A 581 32.95 -25.29 5.82
CA ILE A 581 33.98 -24.87 6.77
C ILE A 581 33.50 -24.86 8.22
N ASN A 582 32.26 -24.48 8.45
CA ASN A 582 31.74 -24.44 9.81
C ASN A 582 31.75 -25.80 10.52
N ILE A 583 31.54 -26.90 9.79
CA ILE A 583 31.64 -28.22 10.43
C ILE A 583 32.87 -29.01 10.07
N ALA A 584 33.83 -28.40 9.40
CA ALA A 584 35.01 -29.13 8.96
C ALA A 584 35.70 -29.83 10.13
N SER A 585 35.90 -29.10 11.23
CA SER A 585 36.60 -29.64 12.40
C SER A 585 35.85 -30.81 13.06
N LYS A 586 34.52 -30.72 13.14
CA LYS A 586 33.72 -31.85 13.62
C LYS A 586 33.76 -33.03 12.64
N THR A 587 33.69 -32.73 11.35
CA THR A 587 33.70 -33.74 10.30
C THR A 587 34.99 -34.54 10.34
N ALA A 588 36.10 -33.84 10.62
CA ALA A 588 37.41 -34.46 10.75
C ALA A 588 37.44 -35.51 11.86
N ASP A 589 36.76 -35.20 12.95
CA ASP A 589 36.67 -36.10 14.09
C ASP A 589 35.68 -37.24 13.84
N VAL A 590 34.51 -36.93 13.29
CA VAL A 590 33.49 -37.94 13.02
C VAL A 590 34.01 -39.03 12.05
N PHE A 591 34.62 -38.60 10.94
CA PHE A 591 35.10 -39.53 9.92
C PHE A 591 36.58 -39.85 10.03
N LYS A 592 37.14 -39.78 11.24
CA LYS A 592 38.56 -40.06 11.46
C LYS A 592 39.00 -41.43 10.92
N ASP A 593 38.14 -42.43 11.01
CA ASP A 593 38.45 -43.76 10.49
C ASP A 593 37.84 -44.03 9.13
N GLY A 594 37.28 -43.00 8.50
CA GLY A 594 36.66 -43.16 7.19
C GLY A 594 37.67 -43.21 6.07
N PHE A 595 37.28 -43.80 4.94
CA PHE A 595 38.19 -43.89 3.80
C PHE A 595 38.51 -42.51 3.25
N SER A 596 37.49 -41.77 2.82
CA SER A 596 37.70 -40.47 2.21
C SER A 596 36.46 -39.62 2.34
N LEU A 597 36.63 -38.31 2.19
CA LEU A 597 35.50 -37.40 2.02
C LEU A 597 35.45 -36.97 0.58
N GLU A 598 34.35 -37.28 -0.10
CA GLU A 598 34.14 -36.76 -1.45
C GLU A 598 33.68 -35.31 -1.31
N MET A 599 34.50 -34.38 -1.80
CA MET A 599 34.24 -32.96 -1.55
C MET A 599 34.61 -32.03 -2.72
N TRP A 600 34.70 -32.59 -3.91
CA TRP A 600 35.10 -31.80 -5.08
C TRP A 600 34.75 -32.53 -6.37
N GLY A 601 34.76 -31.82 -7.48
CA GLY A 601 34.40 -32.42 -8.75
C GLY A 601 32.90 -32.38 -8.92
N GLY A 602 32.40 -33.28 -9.78
CA GLY A 602 31.01 -33.21 -10.20
C GLY A 602 30.72 -31.80 -10.68
N ALA A 603 29.60 -31.25 -10.22
CA ALA A 603 29.17 -29.93 -10.63
C ALA A 603 29.72 -28.80 -9.74
N THR A 604 30.53 -29.12 -8.72
CA THR A 604 30.96 -28.11 -7.74
C THR A 604 31.80 -27.02 -8.36
N PHE A 605 32.77 -27.42 -9.19
CA PHE A 605 33.69 -26.47 -9.78
C PHE A 605 32.92 -25.35 -10.47
N ASP A 606 32.11 -25.75 -11.46
CA ASP A 606 31.33 -24.80 -12.24
C ASP A 606 30.33 -24.00 -11.40
N VAL A 607 29.55 -24.71 -10.56
CA VAL A 607 28.51 -24.08 -9.74
C VAL A 607 29.08 -23.08 -8.75
N ALA A 608 30.21 -23.43 -8.13
CA ALA A 608 30.91 -22.53 -7.24
C ALA A 608 31.23 -21.19 -7.90
N TYR A 609 32.00 -21.23 -8.99
CA TYR A 609 32.40 -20.02 -9.71
C TYR A 609 31.21 -19.22 -10.24
N ASN A 610 30.19 -19.94 -10.74
CA ASN A 610 29.10 -19.32 -11.48
C ASN A 610 27.90 -18.81 -10.66
N PHE A 611 27.24 -19.70 -9.91
CA PHE A 611 26.05 -19.32 -9.16
C PHE A 611 26.39 -18.76 -7.78
N LEU A 612 27.39 -19.35 -7.14
CA LEU A 612 27.73 -18.98 -5.76
C LEU A 612 28.81 -17.92 -5.72
N LYS A 613 29.47 -17.71 -6.85
CA LYS A 613 30.53 -16.73 -6.99
C LYS A 613 31.66 -16.87 -5.98
N GLU A 614 31.94 -18.10 -5.59
CA GLU A 614 33.07 -18.40 -4.71
C GLU A 614 34.06 -19.29 -5.44
N ASN A 615 35.30 -19.34 -4.95
CA ASN A 615 36.39 -20.02 -5.63
C ASN A 615 36.57 -21.48 -5.17
N PRO A 616 36.22 -22.43 -6.03
CA PRO A 616 36.24 -23.84 -5.63
C PRO A 616 37.61 -24.28 -5.11
N TRP A 617 38.66 -23.56 -5.54
CA TRP A 617 40.01 -23.85 -5.09
C TRP A 617 40.21 -23.42 -3.65
N GLU A 618 39.50 -22.38 -3.22
CA GLU A 618 39.59 -21.96 -1.81
C GLU A 618 38.83 -22.96 -0.95
N ARG A 619 37.69 -23.43 -1.46
CA ARG A 619 36.94 -24.46 -0.75
C ARG A 619 37.82 -25.67 -0.42
N LEU A 620 38.55 -26.15 -1.41
CA LEU A 620 39.42 -27.30 -1.24
C LEU A 620 40.55 -27.02 -0.26
N GLU A 621 41.22 -25.88 -0.45
CA GLU A 621 42.39 -25.52 0.36
C GLU A 621 42.02 -25.28 1.81
N ARG A 622 40.91 -24.57 2.04
CA ARG A 622 40.42 -24.34 3.39
C ARG A 622 39.96 -25.63 4.06
N LEU A 623 39.36 -26.53 3.28
CA LEU A 623 38.93 -27.82 3.81
C LEU A 623 40.13 -28.72 4.12
N ARG A 624 41.21 -28.53 3.35
CA ARG A 624 42.47 -29.24 3.57
C ARG A 624 43.07 -28.97 4.96
N LYS A 625 43.37 -27.70 5.25
CA LYS A 625 43.90 -27.31 6.57
C LYS A 625 43.01 -27.83 7.71
N ALA A 626 41.69 -27.63 7.56
CA ALA A 626 40.69 -27.98 8.58
C ALA A 626 40.49 -29.49 8.77
N ILE A 627 40.75 -30.29 7.73
CA ILE A 627 40.64 -31.75 7.82
C ILE A 627 41.92 -32.43 7.29
N PRO A 628 42.99 -32.43 8.08
CA PRO A 628 44.27 -32.97 7.61
C PRO A 628 44.43 -34.50 7.72
N ASN A 629 43.40 -35.21 8.20
CA ASN A 629 43.58 -36.63 8.53
C ASN A 629 42.94 -37.62 7.56
N VAL A 630 41.89 -37.20 6.85
CA VAL A 630 41.17 -38.08 5.93
C VAL A 630 41.53 -37.77 4.48
N LEU A 631 41.47 -38.81 3.63
CA LEU A 631 41.67 -38.64 2.20
C LEU A 631 40.57 -37.80 1.59
N PHE A 632 40.94 -36.86 0.74
CA PHE A 632 39.98 -36.05 0.02
C PHE A 632 39.78 -36.68 -1.33
N GLN A 633 38.52 -36.80 -1.74
CA GLN A 633 38.14 -37.48 -2.96
C GLN A 633 37.33 -36.57 -3.86
N MET A 634 37.59 -36.66 -5.16
CA MET A 634 36.83 -35.90 -6.12
C MET A 634 36.38 -36.86 -7.20
N LEU A 635 35.36 -36.46 -7.97
CA LEU A 635 34.93 -37.20 -9.16
C LEU A 635 35.41 -36.50 -10.42
N LEU A 636 36.13 -37.24 -11.24
CA LEU A 636 36.78 -36.71 -12.45
C LEU A 636 36.29 -37.46 -13.69
N ARG A 637 35.55 -36.76 -14.55
CA ARG A 637 35.13 -37.32 -15.83
C ARG A 637 36.37 -37.46 -16.73
N ALA A 638 36.50 -38.62 -17.35
CA ALA A 638 37.70 -38.97 -18.10
C ALA A 638 38.03 -37.99 -19.21
N SER A 639 37.01 -37.55 -19.95
CA SER A 639 37.21 -36.72 -21.13
C SER A 639 37.66 -35.31 -20.83
N ASN A 640 36.98 -34.65 -19.90
CA ASN A 640 37.18 -33.22 -19.70
C ASN A 640 37.26 -32.79 -18.23
N ALA A 641 37.81 -33.67 -17.39
CA ALA A 641 37.95 -33.46 -15.95
C ALA A 641 36.66 -32.97 -15.26
N VAL A 642 36.46 -31.66 -15.26
CA VAL A 642 35.36 -31.04 -14.53
C VAL A 642 34.65 -29.99 -15.40
N GLY A 643 35.04 -29.94 -16.68
CA GLY A 643 34.56 -28.95 -17.62
C GLY A 643 33.33 -29.35 -18.41
N TYR A 644 33.13 -28.65 -19.53
CA TYR A 644 31.88 -28.66 -20.30
C TYR A 644 32.09 -28.92 -21.79
N LYS A 645 33.32 -28.74 -22.26
CA LYS A 645 33.69 -28.95 -23.66
C LYS A 645 34.54 -30.20 -23.76
N ASN A 646 35.31 -30.31 -24.83
CA ASN A 646 36.46 -31.18 -24.87
C ASN A 646 37.75 -30.35 -24.72
N TYR A 647 38.82 -30.99 -24.22
CA TYR A 647 40.09 -30.33 -23.98
C TYR A 647 41.29 -31.19 -24.36
N PRO A 648 42.36 -30.56 -24.87
CA PRO A 648 43.64 -31.25 -25.07
C PRO A 648 44.19 -31.85 -23.77
N ASP A 649 44.99 -32.89 -23.92
CA ASP A 649 45.54 -33.64 -22.78
C ASP A 649 46.22 -32.76 -21.73
N ASN A 650 46.99 -31.77 -22.17
CA ASN A 650 47.72 -30.93 -21.23
C ASN A 650 46.82 -30.12 -20.29
N VAL A 651 45.55 -29.97 -20.67
CA VAL A 651 44.54 -29.38 -19.78
C VAL A 651 44.17 -30.36 -18.65
N ILE A 652 43.89 -31.60 -19.01
CA ILE A 652 43.67 -32.67 -18.03
C ILE A 652 44.85 -32.81 -17.06
N HIS A 653 46.07 -32.87 -17.60
CA HIS A 653 47.28 -32.95 -16.78
C HIS A 653 47.42 -31.78 -15.81
N LYS A 654 47.26 -30.57 -16.33
CA LYS A 654 47.45 -29.37 -15.53
C LYS A 654 46.46 -29.34 -14.38
N PHE A 655 45.22 -29.71 -14.69
CA PHE A 655 44.16 -29.75 -13.68
C PHE A 655 44.46 -30.75 -12.56
N VAL A 656 44.79 -31.98 -12.96
CA VAL A 656 45.13 -33.02 -11.98
C VAL A 656 46.35 -32.62 -11.12
N GLN A 657 47.43 -32.18 -11.76
CA GLN A 657 48.62 -31.67 -11.05
C GLN A 657 48.23 -30.63 -10.00
N GLU A 658 47.53 -29.58 -10.44
CA GLU A 658 47.03 -28.53 -9.55
C GLU A 658 46.03 -29.03 -8.48
N SER A 659 45.15 -29.95 -8.86
CA SER A 659 44.23 -30.58 -7.91
C SER A 659 44.93 -31.41 -6.84
N ALA A 660 45.87 -32.26 -7.24
CA ALA A 660 46.65 -33.06 -6.29
C ALA A 660 47.42 -32.15 -5.34
N LYS A 661 48.11 -31.17 -5.92
CA LYS A 661 48.94 -30.22 -5.18
C LYS A 661 48.16 -29.52 -4.06
N ALA A 662 46.88 -29.24 -4.31
CA ALA A 662 46.05 -28.49 -3.38
C ALA A 662 45.28 -29.37 -2.37
N GLY A 663 45.40 -30.69 -2.48
CA GLY A 663 44.84 -31.58 -1.45
C GLY A 663 44.00 -32.79 -1.83
N ILE A 664 43.73 -32.98 -3.12
CA ILE A 664 42.96 -34.13 -3.56
C ILE A 664 43.85 -35.36 -3.56
N ASP A 665 43.35 -36.45 -2.99
CA ASP A 665 44.12 -37.68 -2.88
C ASP A 665 43.55 -38.80 -3.71
N VAL A 666 42.23 -38.79 -3.92
CA VAL A 666 41.56 -39.88 -4.63
C VAL A 666 40.74 -39.31 -5.78
N PHE A 667 41.08 -39.74 -7.00
CA PHE A 667 40.35 -39.30 -8.18
C PHE A 667 39.51 -40.46 -8.66
N ARG A 668 38.19 -40.29 -8.64
CA ARG A 668 37.29 -41.27 -9.23
C ARG A 668 37.15 -40.95 -10.72
N ILE A 669 37.88 -41.69 -11.55
CA ILE A 669 37.86 -41.49 -12.98
C ILE A 669 36.79 -42.36 -13.62
N PHE A 670 35.86 -41.72 -14.35
CA PHE A 670 34.81 -42.43 -15.04
C PHE A 670 34.62 -41.86 -16.44
N ASP A 671 34.32 -42.73 -17.39
CA ASP A 671 33.92 -42.31 -18.73
C ASP A 671 32.42 -42.52 -18.88
N SER A 672 31.74 -41.56 -19.50
CA SER A 672 30.29 -41.58 -19.58
C SER A 672 29.74 -42.61 -20.57
N LEU A 673 30.62 -43.28 -21.32
CA LEU A 673 30.21 -44.44 -22.12
C LEU A 673 30.94 -45.72 -21.72
N ASN A 674 31.67 -45.67 -20.60
CA ASN A 674 32.49 -46.79 -20.11
C ASN A 674 33.57 -47.18 -21.11
N TRP A 675 34.06 -46.19 -21.85
CA TRP A 675 35.09 -46.40 -22.86
C TRP A 675 36.46 -46.24 -22.26
N VAL A 676 37.10 -47.37 -22.00
CA VAL A 676 38.39 -47.37 -21.30
C VAL A 676 39.41 -46.38 -21.87
N ASP A 677 39.54 -46.32 -23.19
CA ASP A 677 40.58 -45.49 -23.81
C ASP A 677 40.54 -44.01 -23.47
N GLN A 678 39.35 -43.48 -23.18
CA GLN A 678 39.24 -42.07 -22.82
C GLN A 678 39.68 -41.85 -21.38
N MET A 679 39.80 -42.93 -20.61
CA MET A 679 40.20 -42.87 -19.20
C MET A 679 41.72 -42.82 -18.96
N LYS A 680 42.53 -43.07 -20.00
CA LYS A 680 43.98 -43.21 -19.86
C LYS A 680 44.72 -41.90 -19.55
N VAL A 681 44.40 -40.83 -20.27
CA VAL A 681 45.00 -39.52 -20.02
C VAL A 681 44.91 -39.16 -18.53
N ALA A 682 43.68 -39.10 -18.02
CA ALA A 682 43.45 -38.79 -16.61
C ALA A 682 44.20 -39.74 -15.67
N ASN A 683 44.11 -41.05 -15.93
CA ASN A 683 44.78 -42.06 -15.11
C ASN A 683 46.28 -41.80 -14.94
N GLU A 684 46.99 -41.63 -16.06
CA GLU A 684 48.43 -41.35 -16.04
C GLU A 684 48.72 -40.07 -15.26
N ALA A 685 47.92 -39.02 -15.49
CA ALA A 685 48.11 -37.76 -14.77
C ALA A 685 48.05 -37.99 -13.27
N VAL A 686 47.16 -38.91 -12.85
CA VAL A 686 47.04 -39.23 -11.44
C VAL A 686 48.24 -40.08 -10.98
N GLN A 687 48.67 -41.03 -11.81
CA GLN A 687 49.87 -41.83 -11.50
C GLN A 687 51.10 -40.95 -11.24
N GLU A 688 51.35 -40.00 -12.15
CA GLU A 688 52.47 -39.05 -12.05
C GLU A 688 52.42 -38.24 -10.77
N ALA A 689 51.22 -37.87 -10.32
CA ALA A 689 51.06 -37.03 -9.15
C ALA A 689 51.16 -37.84 -7.86
N GLY A 690 51.36 -39.15 -8.01
CA GLY A 690 51.53 -40.09 -6.90
C GLY A 690 50.33 -40.25 -6.00
N LYS A 691 49.14 -40.09 -6.56
CA LYS A 691 47.89 -40.13 -5.81
C LYS A 691 47.12 -41.43 -6.05
N ILE A 692 45.87 -41.51 -5.57
CA ILE A 692 45.08 -42.75 -5.70
C ILE A 692 44.10 -42.67 -6.87
N SER A 693 44.37 -43.48 -7.89
CA SER A 693 43.56 -43.50 -9.09
C SER A 693 42.49 -44.56 -9.00
N GLU A 694 41.23 -44.12 -9.09
CA GLU A 694 40.08 -44.99 -8.91
C GLU A 694 39.38 -45.16 -10.26
N GLY A 695 39.38 -46.38 -10.77
CA GLY A 695 38.85 -46.68 -12.10
C GLY A 695 37.40 -47.09 -12.07
N THR A 696 36.56 -46.39 -12.83
CA THR A 696 35.13 -46.57 -12.68
C THR A 696 34.40 -47.25 -13.83
N ILE A 697 33.56 -48.21 -13.46
CA ILE A 697 32.55 -48.77 -14.33
C ILE A 697 31.21 -48.16 -13.94
N CYS A 698 30.49 -47.62 -14.93
CA CYS A 698 29.12 -47.18 -14.71
C CYS A 698 28.16 -48.33 -14.99
N TYR A 699 27.16 -48.49 -14.13
CA TYR A 699 26.19 -49.57 -14.22
C TYR A 699 24.92 -49.18 -15.01
N THR A 700 24.49 -50.03 -15.95
CA THR A 700 23.13 -50.00 -16.55
C THR A 700 22.64 -51.43 -16.74
N GLY A 701 21.41 -51.56 -17.22
CA GLY A 701 20.82 -52.87 -17.43
C GLY A 701 20.53 -53.57 -16.12
N ASP A 702 20.52 -54.89 -16.16
CA ASP A 702 20.09 -55.69 -15.02
C ASP A 702 20.57 -57.11 -15.17
N ILE A 703 21.77 -57.38 -14.67
CA ILE A 703 22.38 -58.71 -14.80
C ILE A 703 21.51 -59.87 -14.32
N LEU A 704 20.46 -59.56 -13.58
CA LEU A 704 19.50 -60.57 -13.09
C LEU A 704 18.56 -61.03 -14.18
N ASN A 705 18.51 -60.25 -15.25
CA ASN A 705 17.53 -60.42 -16.31
C ASN A 705 18.22 -60.58 -17.67
N PRO A 706 18.25 -61.81 -18.20
CA PRO A 706 18.94 -62.10 -19.47
C PRO A 706 18.24 -61.48 -20.68
N GLU A 707 16.99 -61.07 -20.51
CA GLU A 707 16.17 -60.49 -21.57
C GLU A 707 16.40 -58.97 -21.66
N ARG A 708 17.10 -58.41 -20.66
CA ARG A 708 17.39 -56.98 -20.58
C ARG A 708 18.38 -56.58 -21.69
N SER A 709 19.57 -57.16 -21.66
CA SER A 709 20.61 -56.90 -22.66
C SER A 709 21.46 -58.13 -22.92
N ASN A 710 21.97 -58.25 -24.15
CA ASN A 710 22.97 -59.27 -24.47
C ASN A 710 24.37 -58.73 -24.26
N ILE A 711 24.45 -57.41 -24.08
CA ILE A 711 25.71 -56.70 -23.92
C ILE A 711 26.10 -56.51 -22.43
N TYR A 712 25.25 -55.84 -21.65
CA TYR A 712 25.57 -55.52 -20.25
C TYR A 712 25.38 -56.70 -19.32
N THR A 713 26.41 -57.51 -19.27
CA THR A 713 26.37 -58.85 -18.70
C THR A 713 27.40 -58.94 -17.60
N LEU A 714 27.20 -59.89 -16.70
CA LEU A 714 28.21 -60.20 -15.69
C LEU A 714 29.59 -60.30 -16.33
N GLU A 715 29.69 -61.04 -17.43
CA GLU A 715 30.94 -61.17 -18.19
C GLU A 715 31.47 -59.85 -18.77
N TYR A 716 30.57 -58.98 -19.21
CA TYR A 716 30.96 -57.64 -19.64
C TYR A 716 31.67 -56.85 -18.51
N TYR A 717 31.09 -56.85 -17.32
CA TYR A 717 31.66 -56.10 -16.20
C TYR A 717 32.95 -56.72 -15.68
N VAL A 718 33.02 -58.05 -15.72
CA VAL A 718 34.26 -58.77 -15.37
C VAL A 718 35.39 -58.43 -16.35
N LYS A 719 35.05 -58.37 -17.64
CA LYS A 719 35.99 -57.99 -18.70
C LYS A 719 36.51 -56.58 -18.48
N LEU A 720 35.60 -55.65 -18.26
CA LEU A 720 35.93 -54.27 -18.02
C LEU A 720 36.82 -54.08 -16.77
N ALA A 721 36.47 -54.77 -15.68
CA ALA A 721 37.20 -54.65 -14.44
C ALA A 721 38.64 -55.13 -14.57
N LYS A 722 38.84 -56.32 -15.16
CA LYS A 722 40.19 -56.85 -15.41
C LYS A 722 41.00 -55.91 -16.27
N GLU A 723 40.35 -55.34 -17.28
CA GLU A 723 40.97 -54.37 -18.17
C GLU A 723 41.45 -53.12 -17.42
N LEU A 724 40.62 -52.63 -16.50
CA LEU A 724 40.98 -51.48 -15.66
C LEU A 724 42.09 -51.81 -14.65
N GLU A 725 42.12 -53.06 -14.19
CA GLU A 725 43.19 -53.54 -13.31
C GLU A 725 44.55 -53.49 -14.01
N ARG A 726 44.61 -53.99 -15.25
CA ARG A 726 45.82 -53.96 -16.06
C ARG A 726 46.24 -52.54 -16.43
N GLU A 727 45.32 -51.59 -16.32
CA GLU A 727 45.64 -50.17 -16.55
C GLU A 727 46.35 -49.56 -15.36
N GLY A 728 46.26 -50.21 -14.21
CA GLY A 728 46.99 -49.78 -13.03
C GLY A 728 46.20 -48.83 -12.14
N PHE A 729 44.88 -48.97 -12.15
CA PHE A 729 44.06 -48.30 -11.15
C PHE A 729 44.26 -49.02 -9.84
N HIS A 730 44.29 -48.26 -8.75
CA HIS A 730 44.52 -48.82 -7.42
C HIS A 730 43.21 -49.36 -6.82
N ILE A 731 42.09 -48.79 -7.25
CA ILE A 731 40.77 -49.16 -6.76
C ILE A 731 39.75 -49.23 -7.90
N LEU A 732 38.90 -50.26 -7.86
CA LEU A 732 37.80 -50.40 -8.79
C LEU A 732 36.53 -49.81 -8.19
N ALA A 733 35.92 -48.88 -8.91
CA ALA A 733 34.67 -48.27 -8.47
C ALA A 733 33.49 -48.63 -9.36
N ILE A 734 32.33 -48.83 -8.73
CA ILE A 734 31.09 -49.06 -9.45
C ILE A 734 30.19 -47.87 -9.21
N LYS A 735 30.01 -47.07 -10.26
CA LYS A 735 29.16 -45.89 -10.18
C LYS A 735 27.80 -46.26 -10.73
N ASP A 736 26.83 -46.37 -9.83
CA ASP A 736 25.47 -46.67 -10.20
C ASP A 736 24.69 -45.36 -10.20
N MET A 737 24.89 -44.56 -11.24
CA MET A 737 24.39 -43.18 -11.25
C MET A 737 22.87 -43.06 -11.25
N ALA A 738 22.18 -44.12 -11.68
CA ALA A 738 20.71 -44.14 -11.72
C ALA A 738 20.07 -45.01 -10.63
N GLY A 739 20.89 -45.66 -9.81
CA GLY A 739 20.38 -46.53 -8.74
C GLY A 739 19.63 -47.72 -9.31
N LEU A 740 20.28 -48.42 -10.24
CA LEU A 740 19.70 -49.53 -10.96
C LEU A 740 20.17 -50.87 -10.40
N LEU A 741 21.21 -50.84 -9.58
CA LEU A 741 21.79 -52.04 -9.03
C LEU A 741 20.89 -52.60 -7.93
N LYS A 742 19.89 -53.38 -8.36
CA LYS A 742 18.99 -54.11 -7.46
C LYS A 742 19.77 -54.94 -6.46
N PRO A 743 19.28 -55.05 -5.23
CA PRO A 743 19.97 -55.78 -4.16
C PRO A 743 20.68 -57.08 -4.60
N LYS A 744 19.96 -58.02 -5.20
CA LYS A 744 20.55 -59.29 -5.63
C LYS A 744 21.65 -59.08 -6.66
N ALA A 745 21.39 -58.23 -7.64
CA ALA A 745 22.39 -57.85 -8.65
C ALA A 745 23.69 -57.39 -8.00
N ALA A 746 23.58 -56.61 -6.93
CA ALA A 746 24.74 -56.13 -6.18
C ALA A 746 25.54 -57.29 -5.59
N TYR A 747 24.83 -58.27 -5.04
CA TYR A 747 25.47 -59.44 -4.46
C TYR A 747 26.22 -60.24 -5.51
N GLU A 748 25.51 -60.59 -6.58
CA GLU A 748 26.11 -61.27 -7.70
C GLU A 748 27.30 -60.50 -8.27
N LEU A 749 27.11 -59.20 -8.53
CA LEU A 749 28.15 -58.39 -9.17
C LEU A 749 29.42 -58.22 -8.34
N ILE A 750 29.28 -57.81 -7.08
CA ILE A 750 30.44 -57.65 -6.19
C ILE A 750 31.21 -58.96 -5.97
N GLY A 751 30.47 -60.04 -5.71
CA GLY A 751 31.06 -61.37 -5.49
C GLY A 751 31.94 -61.80 -6.64
N GLU A 752 31.44 -61.63 -7.87
CA GLU A 752 32.17 -61.97 -9.09
C GLU A 752 33.45 -61.15 -9.25
N LEU A 753 33.33 -59.84 -9.02
CA LEU A 753 34.46 -58.92 -9.13
C LEU A 753 35.54 -59.22 -8.10
N LYS A 754 35.15 -59.38 -6.84
CA LYS A 754 36.06 -59.74 -5.76
C LYS A 754 36.87 -60.99 -6.14
N SER A 755 36.21 -61.94 -6.77
CA SER A 755 36.86 -63.16 -7.23
C SER A 755 37.66 -62.98 -8.54
N ALA A 756 37.39 -61.92 -9.29
CA ALA A 756 38.03 -61.73 -10.59
C ALA A 756 39.24 -60.79 -10.58
N VAL A 757 39.23 -59.82 -9.69
CA VAL A 757 40.33 -58.86 -9.59
C VAL A 757 40.84 -58.78 -8.15
N ASP A 758 42.09 -58.33 -7.99
CA ASP A 758 42.66 -58.15 -6.66
C ASP A 758 42.54 -56.72 -6.14
N LEU A 759 41.90 -55.86 -6.93
CA LEU A 759 41.62 -54.48 -6.55
C LEU A 759 40.50 -54.43 -5.52
N PRO A 760 40.62 -53.53 -4.55
CA PRO A 760 39.51 -53.23 -3.65
C PRO A 760 38.38 -52.53 -4.41
N ILE A 761 37.14 -52.84 -4.03
CA ILE A 761 35.97 -52.33 -4.73
C ILE A 761 35.24 -51.25 -3.94
N HIS A 762 34.98 -50.14 -4.61
CA HIS A 762 34.36 -48.96 -4.00
C HIS A 762 32.99 -48.73 -4.66
N LEU A 763 31.90 -48.95 -3.93
CA LEU A 763 30.56 -48.90 -4.52
C LEU A 763 29.82 -47.59 -4.29
N HIS A 764 29.25 -47.04 -5.37
CA HIS A 764 28.52 -45.78 -5.30
C HIS A 764 27.14 -45.93 -5.92
N THR A 765 26.10 -45.67 -5.13
CA THR A 765 24.75 -45.71 -5.65
C THR A 765 23.87 -44.57 -5.17
N HIS A 766 22.71 -44.43 -5.79
CA HIS A 766 21.69 -43.46 -5.41
C HIS A 766 20.47 -44.22 -4.92
N ASP A 767 19.67 -43.58 -4.08
CA ASP A 767 18.61 -44.29 -3.37
C ASP A 767 17.25 -43.90 -3.95
N THR A 768 17.23 -43.65 -5.26
CA THR A 768 16.04 -43.16 -5.94
C THR A 768 14.92 -44.20 -6.15
N SER A 769 15.25 -45.48 -6.07
CA SER A 769 14.21 -46.51 -6.07
C SER A 769 13.78 -46.84 -4.65
N GLY A 770 14.51 -46.32 -3.66
CA GLY A 770 14.26 -46.64 -2.27
C GLY A 770 14.94 -47.93 -1.78
N ASN A 771 15.69 -48.57 -2.69
CA ASN A 771 16.35 -49.84 -2.39
C ASN A 771 17.84 -49.68 -2.07
N GLY A 772 18.35 -48.45 -2.11
CA GLY A 772 19.75 -48.13 -1.81
C GLY A 772 20.39 -48.85 -0.64
N LEU A 773 19.78 -48.77 0.54
CA LEU A 773 20.31 -49.46 1.72
C LEU A 773 20.40 -50.98 1.55
N LEU A 774 19.33 -51.58 1.02
CA LEU A 774 19.31 -53.00 0.77
C LEU A 774 20.49 -53.38 -0.15
N THR A 775 20.72 -52.55 -1.17
CA THR A 775 21.79 -52.76 -2.13
C THR A 775 23.18 -52.79 -1.47
N TYR A 776 23.44 -51.82 -0.60
CA TYR A 776 24.67 -51.77 0.17
C TYR A 776 24.81 -52.98 1.09
N LYS A 777 23.72 -53.34 1.79
CA LYS A 777 23.72 -54.53 2.66
C LYS A 777 24.16 -55.77 1.89
N GLN A 778 23.55 -56.01 0.73
CA GLN A 778 23.94 -57.14 -0.13
C GLN A 778 25.37 -57.02 -0.61
N ALA A 779 25.80 -55.81 -0.97
CA ALA A 779 27.16 -55.55 -1.42
C ALA A 779 28.18 -55.89 -0.34
N ILE A 780 27.81 -55.59 0.91
CA ILE A 780 28.63 -55.86 2.08
C ILE A 780 28.76 -57.36 2.35
N ASP A 781 27.66 -58.10 2.21
CA ASP A 781 27.68 -59.57 2.32
C ASP A 781 28.59 -60.21 1.29
N ALA A 782 28.68 -59.59 0.11
CA ALA A 782 29.49 -60.10 -0.99
C ALA A 782 30.94 -59.68 -0.87
N GLY A 783 31.23 -58.76 0.06
CA GLY A 783 32.61 -58.42 0.39
C GLY A 783 33.13 -57.07 -0.07
N VAL A 784 32.23 -56.13 -0.36
CA VAL A 784 32.63 -54.81 -0.81
C VAL A 784 33.52 -54.13 0.24
N ASP A 785 34.47 -53.31 -0.23
CA ASP A 785 35.44 -52.69 0.66
C ASP A 785 35.00 -51.33 1.15
N ILE A 786 34.56 -50.48 0.22
CA ILE A 786 34.10 -49.13 0.55
C ILE A 786 32.72 -48.88 -0.07
N ILE A 787 31.89 -48.09 0.61
CA ILE A 787 30.65 -47.56 0.03
C ILE A 787 30.53 -46.04 0.23
N ASP A 788 29.78 -45.38 -0.66
CA ASP A 788 29.51 -43.95 -0.55
C ASP A 788 28.25 -43.66 0.25
N THR A 789 28.39 -43.09 1.43
CA THR A 789 27.21 -42.76 2.22
C THR A 789 27.08 -41.26 2.39
N ALA A 790 25.94 -40.86 2.93
CA ALA A 790 25.68 -39.48 3.29
C ALA A 790 25.08 -39.46 4.70
N VAL A 791 25.17 -38.33 5.37
CA VAL A 791 24.50 -38.15 6.63
C VAL A 791 22.97 -38.15 6.42
N ALA A 792 22.25 -38.67 7.39
CA ALA A 792 20.80 -38.90 7.30
C ALA A 792 20.05 -37.74 6.63
N SER A 793 20.26 -36.53 7.15
CA SER A 793 19.48 -35.36 6.78
C SER A 793 19.79 -34.84 5.38
N MET A 794 20.79 -35.47 4.74
CA MET A 794 21.21 -35.11 3.40
C MET A 794 21.22 -36.36 2.52
N SER A 795 20.46 -37.37 2.94
CA SER A 795 20.47 -38.67 2.28
C SER A 795 19.12 -39.02 1.70
N GLY A 796 19.05 -40.17 1.03
CA GLY A 796 17.78 -40.73 0.57
C GLY A 796 17.34 -40.16 -0.76
N LEU A 797 16.35 -40.80 -1.37
CA LEU A 797 15.87 -40.42 -2.70
C LEU A 797 17.04 -40.35 -3.66
N THR A 798 17.22 -39.23 -4.39
CA THR A 798 18.31 -39.14 -5.38
C THR A 798 19.72 -39.03 -4.82
N SER A 799 19.85 -38.96 -3.48
CA SER A 799 21.16 -38.90 -2.83
C SER A 799 21.70 -40.29 -2.48
N GLN A 800 22.81 -40.31 -1.77
CA GLN A 800 23.36 -41.56 -1.27
C GLN A 800 22.47 -42.16 -0.17
N PRO A 801 22.55 -43.47 0.03
CA PRO A 801 21.88 -44.08 1.17
C PRO A 801 22.41 -43.52 2.48
N SER A 802 21.53 -43.41 3.47
CA SER A 802 21.86 -42.87 4.80
C SER A 802 22.92 -43.67 5.55
N ALA A 803 23.99 -42.99 5.97
CA ALA A 803 25.05 -43.62 6.75
C ALA A 803 24.53 -44.05 8.13
N ASN A 804 23.75 -43.16 8.75
CA ASN A 804 23.15 -43.39 10.06
C ASN A 804 22.29 -44.65 10.06
N SER A 805 21.46 -44.80 9.04
CA SER A 805 20.63 -45.98 8.86
C SER A 805 21.46 -47.24 8.66
N LEU A 806 22.41 -47.17 7.73
CA LEU A 806 23.24 -48.31 7.41
C LEU A 806 23.96 -48.84 8.65
N TYR A 807 24.46 -47.93 9.47
CA TYR A 807 25.11 -48.30 10.72
C TYR A 807 24.24 -49.27 11.51
N TYR A 808 22.96 -48.94 11.66
CA TYR A 808 22.04 -49.74 12.45
C TYR A 808 21.50 -50.96 11.72
N ALA A 809 21.28 -50.82 10.41
CA ALA A 809 20.85 -51.94 9.58
C ALA A 809 21.76 -53.15 9.71
N LEU A 810 23.05 -52.90 9.97
CA LEU A 810 24.05 -53.96 10.01
C LEU A 810 24.17 -54.69 11.35
N ASN A 811 23.49 -54.19 12.38
CA ASN A 811 23.49 -54.86 13.68
C ASN A 811 23.07 -56.31 13.56
N GLY A 812 23.88 -57.21 14.12
CA GLY A 812 23.60 -58.63 14.10
C GLY A 812 24.05 -59.34 12.83
N PHE A 813 24.50 -58.58 11.84
CA PHE A 813 25.14 -59.14 10.64
C PHE A 813 26.65 -59.17 10.81
N PRO A 814 27.34 -60.03 10.04
CA PRO A 814 28.75 -60.35 10.29
C PRO A 814 29.72 -59.19 10.07
N ARG A 815 29.33 -58.21 9.27
CA ARG A 815 30.21 -57.10 8.95
C ARG A 815 29.66 -55.77 9.46
N HIS A 816 30.54 -54.99 10.08
CA HIS A 816 30.21 -53.75 10.79
C HIS A 816 30.74 -52.52 10.04
N LEU A 817 30.00 -51.42 10.08
CA LEU A 817 30.39 -50.16 9.42
C LEU A 817 31.30 -49.31 10.31
N ARG A 818 32.52 -49.04 9.85
CA ARG A 818 33.51 -48.34 10.66
C ARG A 818 33.31 -46.84 10.67
N THR A 819 32.59 -46.37 11.68
CA THR A 819 32.33 -44.95 11.84
C THR A 819 31.83 -44.66 13.25
N ASP A 820 31.67 -43.38 13.55
CA ASP A 820 31.12 -42.89 14.82
C ASP A 820 29.66 -42.46 14.63
N ILE A 821 28.68 -43.24 15.10
CA ILE A 821 27.28 -42.78 15.00
C ILE A 821 26.93 -41.60 15.84
N GLU A 822 27.32 -41.61 17.11
CA GLU A 822 27.00 -40.48 17.97
C GLU A 822 27.35 -39.20 17.21
N GLY A 823 28.52 -39.18 16.58
CA GLY A 823 28.96 -38.03 15.78
C GLY A 823 28.17 -37.77 14.51
N MET A 824 27.65 -38.84 13.91
CA MET A 824 26.89 -38.73 12.68
C MET A 824 25.50 -38.18 12.92
N GLU A 825 24.91 -38.56 14.06
CA GLU A 825 23.65 -37.98 14.50
C GLU A 825 23.86 -36.49 14.69
N SER A 826 25.04 -36.13 15.20
CA SER A 826 25.34 -34.73 15.42
C SER A 826 25.50 -34.02 14.09
N LEU A 827 26.35 -34.54 13.23
CA LEU A 827 26.46 -34.01 11.88
C LEU A 827 25.10 -33.92 11.19
N SER A 828 24.26 -34.94 11.37
CA SER A 828 22.93 -34.94 10.79
C SER A 828 22.06 -33.78 11.28
N HIS A 829 22.11 -33.50 12.59
CA HIS A 829 21.36 -32.36 13.16
C HIS A 829 21.86 -31.06 12.56
N TYR A 830 23.18 -30.92 12.49
CA TYR A 830 23.76 -29.72 11.88
C TYR A 830 23.18 -29.50 10.49
N TRP A 831 23.27 -30.53 9.64
CA TRP A 831 22.94 -30.38 8.23
C TRP A 831 21.44 -30.21 8.03
N SER A 832 20.66 -30.74 8.96
CA SER A 832 19.22 -30.53 8.91
C SER A 832 18.86 -29.05 8.94
N THR A 833 19.49 -28.30 9.84
CA THR A 833 19.26 -26.86 9.93
C THR A 833 19.85 -26.13 8.73
N VAL A 834 21.12 -26.42 8.39
CA VAL A 834 21.76 -25.74 7.27
C VAL A 834 20.93 -25.92 6.02
N ARG A 835 20.37 -27.12 5.85
CA ARG A 835 19.57 -27.47 4.67
C ARG A 835 18.43 -26.47 4.52
N THR A 836 17.91 -26.06 5.65
CA THR A 836 16.88 -25.05 5.76
C THR A 836 17.20 -23.75 4.98
N TYR A 837 18.48 -23.36 4.96
CA TYR A 837 18.90 -22.15 4.21
C TYR A 837 18.71 -22.29 2.70
N TYR A 838 18.62 -23.53 2.24
CA TYR A 838 18.67 -23.81 0.82
C TYR A 838 17.33 -24.23 0.27
N SER A 839 16.26 -23.82 0.96
CA SER A 839 14.92 -24.29 0.65
C SER A 839 14.54 -23.98 -0.80
N ASP A 840 15.01 -22.86 -1.33
CA ASP A 840 14.71 -22.49 -2.72
C ASP A 840 15.30 -23.43 -3.77
N PHE A 841 16.16 -24.35 -3.35
CA PHE A 841 16.81 -25.25 -4.30
C PHE A 841 16.42 -26.71 -4.09
N GLU A 842 15.44 -26.96 -3.21
CA GLU A 842 14.96 -28.31 -3.00
C GLU A 842 14.47 -28.90 -4.33
N SER A 843 14.71 -30.19 -4.49
CA SER A 843 14.22 -30.91 -5.65
C SER A 843 12.72 -31.18 -5.56
N ASP A 844 12.10 -31.36 -6.72
CA ASP A 844 10.72 -31.83 -6.89
C ASP A 844 10.44 -33.16 -6.16
N ILE A 845 11.43 -34.05 -6.23
CA ILE A 845 11.28 -35.44 -5.82
C ILE A 845 11.11 -35.56 -4.33
N LYS A 846 10.05 -36.25 -3.91
CA LYS A 846 9.88 -36.59 -2.50
C LYS A 846 9.48 -38.05 -2.28
N SER A 847 9.47 -38.86 -3.34
CA SER A 847 9.09 -40.26 -3.27
C SER A 847 10.06 -41.17 -4.01
N PRO A 848 10.22 -42.40 -3.54
CA PRO A 848 10.92 -43.42 -4.31
C PRO A 848 10.24 -43.57 -5.67
N ASN A 849 11.00 -43.95 -6.67
CA ASN A 849 10.47 -44.14 -8.02
C ASN A 849 11.11 -45.38 -8.63
N THR A 850 10.29 -46.42 -8.82
CA THR A 850 10.78 -47.65 -9.44
C THR A 850 10.67 -47.69 -10.96
N GLU A 851 10.08 -46.68 -11.59
CA GLU A 851 10.04 -46.61 -13.09
C GLU A 851 11.44 -46.41 -13.67
N ILE A 852 12.35 -45.95 -12.80
CA ILE A 852 13.80 -45.98 -12.99
C ILE A 852 14.31 -47.29 -13.65
N TYR A 853 13.75 -48.41 -13.21
CA TYR A 853 14.14 -49.71 -13.77
C TYR A 853 13.74 -49.89 -15.24
N GLN A 854 12.82 -49.07 -15.77
CA GLN A 854 12.43 -49.17 -17.19
C GLN A 854 13.14 -48.11 -18.05
N HIS A 855 13.07 -46.85 -17.64
CA HIS A 855 13.61 -45.75 -18.47
C HIS A 855 15.08 -45.41 -18.22
N GLU A 856 15.55 -45.63 -17.00
CA GLU A 856 16.97 -45.55 -16.63
C GLU A 856 17.56 -44.14 -16.61
N MET A 857 16.73 -43.16 -16.32
CA MET A 857 17.19 -41.78 -16.25
C MET A 857 17.99 -41.59 -14.96
N PRO A 858 19.22 -41.13 -15.09
CA PRO A 858 20.06 -40.95 -13.91
C PRO A 858 19.67 -39.69 -13.15
N GLY A 859 20.29 -39.52 -11.97
CA GLY A 859 20.14 -38.31 -11.17
C GLY A 859 18.69 -37.88 -11.08
N GLY A 860 18.48 -36.58 -11.13
CA GLY A 860 17.13 -36.03 -11.03
C GLY A 860 16.51 -35.79 -12.38
N GLN A 861 17.19 -36.22 -13.44
CA GLN A 861 16.74 -35.98 -14.80
C GLN A 861 15.27 -36.32 -15.01
N TYR A 862 14.76 -37.34 -14.32
CA TYR A 862 13.34 -37.70 -14.48
C TYR A 862 12.36 -36.65 -13.94
N SER A 863 12.87 -35.48 -13.58
CA SER A 863 12.03 -34.36 -13.21
C SER A 863 12.45 -33.11 -13.97
N ASN A 864 13.75 -32.93 -14.18
CA ASN A 864 14.26 -31.84 -15.00
C ASN A 864 13.77 -31.99 -16.44
N LEU A 865 13.74 -33.23 -16.91
CA LEU A 865 13.24 -33.54 -18.22
C LEU A 865 11.73 -33.38 -18.29
N SER A 866 11.08 -33.54 -17.14
CA SER A 866 9.65 -33.23 -17.01
C SER A 866 9.41 -31.73 -17.03
N GLN A 867 10.30 -30.99 -16.36
CA GLN A 867 10.29 -29.53 -16.40
C GLN A 867 10.41 -29.11 -17.85
N GLN A 868 11.38 -29.72 -18.54
CA GLN A 868 11.63 -29.50 -19.96
C GLN A 868 10.43 -29.91 -20.81
N ALA A 869 9.82 -31.03 -20.48
CA ALA A 869 8.64 -31.53 -21.20
C ALA A 869 7.43 -30.60 -21.07
N LYS A 870 7.29 -29.99 -19.90
CA LYS A 870 6.17 -29.10 -19.64
C LYS A 870 6.28 -27.82 -20.46
N SER A 871 7.49 -27.26 -20.52
CA SER A 871 7.72 -26.00 -21.20
C SER A 871 7.75 -26.14 -22.74
N LEU A 872 7.45 -27.34 -23.23
CA LEU A 872 7.30 -27.59 -24.65
C LEU A 872 5.86 -28.04 -24.96
N GLY A 873 5.01 -28.02 -23.94
CA GLY A 873 3.58 -28.32 -24.09
C GLY A 873 3.24 -29.79 -24.05
N LEU A 874 4.14 -30.60 -23.49
CA LEU A 874 3.99 -32.06 -23.48
C LEU A 874 3.75 -32.63 -22.07
N GLY A 875 3.41 -31.75 -21.13
CA GLY A 875 3.27 -32.08 -19.70
C GLY A 875 2.24 -33.15 -19.43
N GLU A 876 1.17 -33.16 -20.24
CA GLU A 876 0.12 -34.17 -20.13
C GLU A 876 0.53 -35.48 -20.76
N ARG A 877 1.58 -35.45 -21.59
CA ARG A 877 2.04 -36.62 -22.33
C ARG A 877 3.43 -37.08 -21.86
N PHE A 878 3.72 -36.89 -20.58
CA PHE A 878 5.04 -37.25 -20.07
C PHE A 878 5.32 -38.76 -20.09
N ASP A 879 4.29 -39.58 -19.96
CA ASP A 879 4.47 -41.04 -20.07
C ASP A 879 5.03 -41.45 -21.44
N GLU A 880 4.58 -40.75 -22.49
CA GLU A 880 5.10 -40.94 -23.85
C GLU A 880 6.56 -40.57 -23.96
N VAL A 881 6.96 -39.55 -23.19
CA VAL A 881 8.36 -39.12 -23.15
C VAL A 881 9.23 -40.18 -22.48
N LYS A 882 8.80 -40.63 -21.29
CA LYS A 882 9.45 -41.73 -20.55
C LYS A 882 9.59 -42.97 -21.40
N ASP A 883 8.58 -43.28 -22.21
CA ASP A 883 8.61 -44.42 -23.12
C ASP A 883 9.64 -44.18 -24.23
N MET A 884 9.54 -43.03 -24.89
CA MET A 884 10.45 -42.64 -25.95
C MET A 884 11.91 -42.65 -25.47
N TYR A 885 12.14 -42.14 -24.26
CA TYR A 885 13.46 -42.20 -23.64
C TYR A 885 14.07 -43.60 -23.70
N ARG A 886 13.33 -44.58 -23.19
CA ARG A 886 13.73 -45.99 -23.24
C ARG A 886 13.97 -46.45 -24.68
N ARG A 887 13.08 -46.02 -25.58
CA ARG A 887 13.14 -46.40 -26.99
C ARG A 887 14.37 -45.83 -27.67
N VAL A 888 14.67 -44.57 -27.37
CA VAL A 888 15.87 -43.90 -27.85
C VAL A 888 17.14 -44.62 -27.37
N ASN A 889 17.12 -45.14 -26.16
CA ASN A 889 18.27 -45.89 -25.66
C ASN A 889 18.58 -47.09 -26.55
N PHE A 890 17.56 -47.87 -26.89
CA PHE A 890 17.76 -49.01 -27.78
C PHE A 890 18.01 -48.60 -29.22
N LEU A 891 17.34 -47.54 -29.66
CA LEU A 891 17.59 -46.96 -30.97
C LEU A 891 19.06 -46.53 -31.12
N PHE A 892 19.68 -46.12 -30.02
CA PHE A 892 21.06 -45.66 -30.01
C PHE A 892 22.05 -46.78 -29.73
N GLY A 893 21.52 -47.99 -29.53
CA GLY A 893 22.35 -49.16 -29.35
C GLY A 893 22.50 -49.61 -27.92
N ASP A 894 21.72 -49.01 -27.02
CA ASP A 894 21.77 -49.35 -25.59
C ASP A 894 23.05 -48.81 -24.98
N ILE A 895 23.05 -47.53 -24.65
CA ILE A 895 24.24 -46.85 -24.15
C ILE A 895 24.18 -46.64 -22.62
N VAL A 896 25.31 -46.27 -22.03
CA VAL A 896 25.35 -45.90 -20.62
C VAL A 896 24.85 -44.46 -20.54
N LYS A 897 24.01 -44.18 -19.56
CA LYS A 897 23.40 -42.86 -19.46
C LYS A 897 23.83 -42.10 -18.18
N VAL A 898 24.87 -41.29 -18.35
CA VAL A 898 25.36 -40.32 -17.36
C VAL A 898 25.57 -39.03 -18.12
N THR A 899 25.99 -37.96 -17.45
CA THR A 899 26.33 -36.69 -18.12
C THR A 899 27.55 -36.94 -18.99
N PRO A 900 27.55 -36.51 -20.24
CA PRO A 900 26.42 -35.85 -20.89
C PRO A 900 25.60 -36.77 -21.80
N SER A 901 25.92 -38.06 -21.82
CA SER A 901 25.23 -39.02 -22.69
C SER A 901 23.74 -39.10 -22.37
N SER A 902 23.40 -39.01 -21.09
CA SER A 902 22.00 -38.98 -20.68
C SER A 902 21.20 -37.79 -21.23
N LYS A 903 21.86 -36.65 -21.45
CA LYS A 903 21.21 -35.47 -22.04
C LYS A 903 20.80 -35.72 -23.49
N VAL A 904 21.71 -36.35 -24.24
CA VAL A 904 21.48 -36.76 -25.63
C VAL A 904 20.18 -37.53 -25.75
N VAL A 905 20.06 -38.61 -24.97
CA VAL A 905 18.89 -39.50 -25.05
C VAL A 905 17.60 -38.75 -24.70
N GLY A 906 17.69 -37.89 -23.69
CA GLY A 906 16.57 -37.05 -23.27
C GLY A 906 16.14 -36.08 -24.34
N ASP A 907 17.12 -35.46 -24.99
CA ASP A 907 16.88 -34.47 -26.05
C ASP A 907 16.22 -35.11 -27.27
N MET A 908 16.73 -36.27 -27.68
CA MET A 908 16.14 -37.05 -28.76
C MET A 908 14.73 -37.42 -28.42
N ALA A 909 14.54 -37.89 -27.19
CA ALA A 909 13.23 -38.32 -26.72
C ALA A 909 12.23 -37.17 -26.83
N LEU A 910 12.63 -36.01 -26.35
CA LEU A 910 11.82 -34.81 -26.47
C LEU A 910 11.50 -34.52 -27.93
N TYR A 911 12.54 -34.43 -28.75
CA TYR A 911 12.43 -34.13 -30.18
C TYR A 911 11.45 -35.05 -30.93
N MET A 912 11.56 -36.35 -30.67
CA MET A 912 10.72 -37.34 -31.33
C MET A 912 9.23 -37.24 -30.97
N VAL A 913 8.92 -37.05 -29.69
CA VAL A 913 7.54 -36.88 -29.24
C VAL A 913 6.96 -35.57 -29.79
N GLN A 914 7.79 -34.53 -29.76
CA GLN A 914 7.40 -33.21 -30.25
C GLN A 914 7.07 -33.24 -31.75
N ASN A 915 7.80 -34.05 -32.52
CA ASN A 915 7.61 -34.14 -33.97
C ASN A 915 6.90 -35.42 -34.46
N ASP A 916 6.23 -36.12 -33.55
CA ASP A 916 5.54 -37.39 -33.85
C ASP A 916 6.40 -38.33 -34.69
N LEU A 917 7.59 -38.63 -34.18
CA LEU A 917 8.58 -39.46 -34.88
C LEU A 917 8.76 -40.79 -34.17
N ASP A 918 8.94 -41.86 -34.94
CA ASP A 918 9.32 -43.15 -34.37
C ASP A 918 10.65 -43.65 -34.96
N GLU A 919 11.04 -44.88 -34.62
CA GLU A 919 12.33 -45.46 -35.03
C GLU A 919 12.51 -45.56 -36.55
N GLN A 920 11.41 -45.69 -37.28
CA GLN A 920 11.45 -45.83 -38.73
C GLN A 920 11.45 -44.48 -39.44
N SER A 921 10.58 -43.57 -39.01
CA SER A 921 10.44 -42.27 -39.66
C SER A 921 11.63 -41.34 -39.38
N VAL A 922 12.41 -41.68 -38.35
CA VAL A 922 13.58 -40.90 -38.00
C VAL A 922 14.69 -41.16 -39.02
N ILE A 923 14.63 -42.32 -39.66
CA ILE A 923 15.52 -42.65 -40.76
C ILE A 923 14.92 -42.14 -42.09
N THR A 924 13.61 -42.27 -42.22
CA THR A 924 12.87 -41.89 -43.43
C THR A 924 12.92 -40.38 -43.70
N ASP A 925 12.70 -39.57 -42.67
CA ASP A 925 12.67 -38.10 -42.79
C ASP A 925 13.98 -37.41 -42.40
N GLY A 926 14.93 -38.17 -41.90
CA GLY A 926 16.18 -37.64 -41.35
C GLY A 926 16.94 -36.65 -42.22
N TYR A 927 16.76 -36.80 -43.54
CA TYR A 927 17.36 -35.91 -44.54
C TYR A 927 16.83 -34.48 -44.43
N LYS A 928 15.59 -34.34 -43.98
CA LYS A 928 14.94 -33.03 -43.82
C LYS A 928 14.60 -32.71 -42.37
N LEU A 929 15.21 -33.45 -41.44
CA LEU A 929 15.05 -33.18 -40.00
C LEU A 929 16.31 -32.58 -39.40
N ASP A 930 16.09 -31.67 -38.46
CA ASP A 930 17.19 -31.00 -37.77
C ASP A 930 17.30 -31.53 -36.34
N PHE A 931 18.19 -32.50 -36.14
CA PHE A 931 18.35 -33.17 -34.85
C PHE A 931 19.06 -32.26 -33.85
N PRO A 932 18.65 -32.31 -32.59
CA PRO A 932 19.27 -31.47 -31.55
C PRO A 932 20.78 -31.55 -31.59
N GLU A 933 21.46 -30.42 -31.42
CA GLU A 933 22.93 -30.36 -31.49
C GLU A 933 23.61 -31.44 -30.66
N SER A 934 23.02 -31.79 -29.52
CA SER A 934 23.63 -32.76 -28.60
C SER A 934 23.70 -34.16 -29.21
N VAL A 935 22.67 -34.54 -29.95
CA VAL A 935 22.69 -35.83 -30.66
C VAL A 935 23.64 -35.82 -31.89
N VAL A 936 23.65 -34.74 -32.68
CA VAL A 936 24.58 -34.68 -33.81
C VAL A 936 26.03 -34.76 -33.29
N SER A 937 26.28 -34.13 -32.15
CA SER A 937 27.59 -34.18 -31.52
C SER A 937 27.92 -35.59 -31.08
N PHE A 938 26.92 -36.26 -30.50
CA PHE A 938 27.08 -37.63 -30.03
C PHE A 938 27.42 -38.56 -31.18
N PHE A 939 26.71 -38.42 -32.28
CA PHE A 939 26.95 -39.25 -33.46
C PHE A 939 28.18 -38.82 -34.26
N LYS A 940 28.78 -37.69 -33.90
CA LYS A 940 30.01 -37.22 -34.51
C LYS A 940 31.22 -37.79 -33.76
N GLY A 941 30.94 -38.42 -32.62
CA GLY A 941 31.97 -39.02 -31.77
C GLY A 941 32.57 -38.07 -30.75
N GLU A 942 31.87 -36.98 -30.48
CA GLU A 942 32.41 -35.88 -29.68
C GLU A 942 32.27 -36.08 -28.17
N ILE A 943 31.62 -37.17 -27.78
CA ILE A 943 31.50 -37.58 -26.39
C ILE A 943 32.34 -38.84 -26.16
N GLY A 944 32.66 -39.53 -27.26
CA GLY A 944 33.39 -40.80 -27.22
C GLY A 944 32.68 -41.88 -28.01
N GLN A 945 33.06 -43.13 -27.75
CA GLN A 945 32.55 -44.28 -28.48
C GLN A 945 31.63 -45.17 -27.65
N PRO A 946 30.37 -45.32 -28.08
CA PRO A 946 29.43 -46.23 -27.40
C PRO A 946 29.88 -47.68 -27.53
N VAL A 947 29.65 -48.47 -26.49
CA VAL A 947 30.12 -49.86 -26.43
C VAL A 947 29.88 -50.61 -27.74
N ASN A 948 28.66 -50.48 -28.28
CA ASN A 948 28.28 -51.20 -29.49
C ASN A 948 28.58 -50.49 -30.80
N GLY A 949 29.07 -49.25 -30.70
CA GLY A 949 29.30 -48.40 -31.87
C GLY A 949 28.01 -47.69 -32.26
N PHE A 950 28.03 -47.01 -33.39
CA PHE A 950 26.85 -46.29 -33.90
C PHE A 950 26.17 -47.11 -35.00
N ASN A 951 24.83 -47.07 -35.06
CA ASN A 951 24.15 -47.57 -36.26
C ASN A 951 24.51 -46.70 -37.44
N LYS A 952 25.01 -47.33 -38.50
CA LYS A 952 25.56 -46.61 -39.63
C LYS A 952 24.53 -45.80 -40.42
N ASP A 953 23.31 -46.32 -40.51
CA ASP A 953 22.22 -45.62 -41.20
C ASP A 953 21.75 -44.40 -40.43
N LEU A 954 21.51 -44.60 -39.13
CA LEU A 954 21.08 -43.54 -38.23
C LEU A 954 22.14 -42.44 -38.14
N GLN A 955 23.40 -42.85 -38.02
CA GLN A 955 24.52 -41.91 -38.00
C GLN A 955 24.50 -40.99 -39.21
N ALA A 956 24.27 -41.57 -40.38
CA ALA A 956 24.29 -40.84 -41.65
C ALA A 956 23.19 -39.79 -41.70
N VAL A 957 22.00 -40.21 -41.30
CA VAL A 957 20.81 -39.36 -41.31
C VAL A 957 20.93 -38.15 -40.37
N ILE A 958 21.63 -38.35 -39.26
CA ILE A 958 21.83 -37.28 -38.29
C ILE A 958 22.99 -36.39 -38.70
N LEU A 959 24.08 -37.00 -39.17
CA LEU A 959 25.30 -36.29 -39.50
C LEU A 959 25.21 -35.45 -40.78
N LYS A 960 24.29 -35.82 -41.67
CA LYS A 960 24.06 -35.11 -42.95
C LYS A 960 25.36 -34.84 -43.74
N GLY A 961 26.24 -35.83 -43.77
CA GLY A 961 27.48 -35.71 -44.56
C GLY A 961 28.74 -35.37 -43.79
N GLN A 962 28.60 -34.82 -42.59
CA GLN A 962 29.75 -34.47 -41.73
C GLN A 962 30.54 -35.69 -41.31
N GLU A 963 31.83 -35.49 -41.07
CA GLU A 963 32.70 -36.58 -40.67
C GLU A 963 32.66 -36.85 -39.18
N ALA A 964 32.68 -38.13 -38.82
CA ALA A 964 32.76 -38.54 -37.44
C ALA A 964 34.21 -38.71 -37.06
N LEU A 965 34.51 -38.49 -35.77
CA LEU A 965 35.84 -38.69 -35.24
C LEU A 965 36.23 -40.18 -35.27
N THR A 966 37.41 -40.46 -35.82
CA THR A 966 37.88 -41.84 -36.01
C THR A 966 38.64 -42.36 -34.79
N ALA A 967 38.66 -41.53 -33.75
CA ALA A 967 39.33 -41.80 -32.48
C ALA A 967 38.80 -40.84 -31.39
N ARG A 968 39.47 -40.82 -30.25
CA ARG A 968 39.01 -40.07 -29.08
C ARG A 968 39.21 -38.54 -29.19
N PRO A 969 38.17 -37.76 -28.83
CA PRO A 969 38.13 -36.31 -29.08
C PRO A 969 39.34 -35.48 -28.61
N GLY A 970 40.03 -35.97 -27.57
CA GLY A 970 41.22 -35.32 -27.03
C GLY A 970 42.44 -35.26 -27.95
N GLU A 971 42.71 -36.34 -28.70
CA GLU A 971 43.90 -36.42 -29.57
C GLU A 971 43.88 -35.39 -30.72
N TYR A 972 42.69 -34.98 -31.13
CA TYR A 972 42.49 -34.05 -32.26
C TYR A 972 42.83 -32.60 -31.97
N LEU A 973 43.04 -32.26 -30.71
CA LEU A 973 43.12 -30.84 -30.32
C LEU A 973 44.53 -30.31 -30.06
N GLU A 974 44.76 -29.06 -30.49
CA GLU A 974 45.98 -28.32 -30.17
C GLU A 974 46.15 -28.13 -28.67
N PRO A 975 47.31 -28.49 -28.12
CA PRO A 975 47.61 -28.22 -26.71
C PRO A 975 47.53 -26.72 -26.41
N VAL A 976 46.92 -26.38 -25.28
CA VAL A 976 46.73 -24.97 -24.90
C VAL A 976 48.05 -24.33 -24.52
N ASP A 977 48.31 -23.13 -25.03
CA ASP A 977 49.51 -22.38 -24.66
C ASP A 977 49.23 -21.67 -23.34
N PHE A 978 49.71 -22.25 -22.25
CA PHE A 978 49.45 -21.72 -20.90
C PHE A 978 50.17 -20.40 -20.62
N GLU A 979 51.25 -20.14 -21.35
CA GLU A 979 51.98 -18.88 -21.24
C GLU A 979 51.13 -17.72 -21.76
N LYS A 980 50.50 -17.92 -22.93
CA LYS A 980 49.64 -16.92 -23.54
C LYS A 980 48.41 -16.67 -22.68
N VAL A 981 48.03 -17.67 -21.88
CA VAL A 981 46.92 -17.54 -20.95
C VAL A 981 47.33 -16.63 -19.78
N ARG A 982 48.54 -16.83 -19.26
CA ARG A 982 49.07 -15.95 -18.23
C ARG A 982 49.22 -14.53 -18.76
N GLU A 983 49.78 -14.41 -19.96
CA GLU A 983 49.97 -13.13 -20.64
C GLU A 983 48.65 -12.34 -20.70
N LEU A 984 47.56 -13.03 -20.99
CA LEU A 984 46.23 -12.41 -21.07
C LEU A 984 45.67 -12.06 -19.70
N LEU A 985 45.66 -13.03 -18.79
CA LEU A 985 45.03 -12.81 -17.50
C LEU A 985 45.75 -11.76 -16.67
N GLU A 986 47.08 -11.78 -16.72
CA GLU A 986 47.89 -10.81 -15.97
C GLU A 986 47.71 -9.39 -16.49
N GLU A 987 47.45 -9.27 -17.79
CA GLU A 987 47.06 -7.99 -18.38
C GLU A 987 45.68 -7.58 -17.87
N GLU A 988 44.69 -8.44 -18.08
CA GLU A 988 43.30 -8.17 -17.65
C GLU A 988 43.17 -7.85 -16.16
N GLN A 989 43.81 -8.67 -15.32
CA GLN A 989 43.68 -8.58 -13.86
C GLN A 989 44.71 -7.66 -13.20
N GLN A 990 44.72 -7.72 -11.87
CA GLN A 990 45.65 -6.99 -11.00
C GLN A 990 47.10 -7.14 -11.46
N GLY A 991 47.60 -8.37 -11.43
CA GLY A 991 49.00 -8.69 -11.68
C GLY A 991 49.32 -10.14 -11.29
N PRO A 992 49.35 -10.44 -9.99
CA PRO A 992 49.58 -11.82 -9.50
C PRO A 992 48.47 -12.79 -9.94
N VAL A 993 48.82 -13.74 -10.81
CA VAL A 993 47.91 -14.77 -11.29
C VAL A 993 48.55 -16.16 -11.16
N THR A 994 47.86 -17.08 -10.50
CA THR A 994 48.40 -18.39 -10.14
C THR A 994 48.08 -19.45 -11.18
N GLU A 995 48.55 -20.67 -10.93
CA GLU A 995 48.28 -21.80 -11.83
C GLU A 995 46.82 -22.21 -11.76
N GLN A 996 46.23 -22.12 -10.57
CA GLN A 996 44.79 -22.41 -10.40
C GLN A 996 43.90 -21.40 -11.14
N ASP A 997 44.35 -20.15 -11.22
CA ASP A 997 43.69 -19.15 -12.06
C ASP A 997 43.71 -19.59 -13.54
N ILE A 998 44.89 -20.02 -14.00
CA ILE A 998 45.11 -20.39 -15.40
C ILE A 998 44.22 -21.53 -15.92
N ILE A 999 44.20 -22.70 -15.27
CA ILE A 999 43.29 -23.78 -15.73
C ILE A 999 41.83 -23.44 -15.52
N SER A 1000 41.54 -22.64 -14.49
CA SER A 1000 40.16 -22.25 -14.24
C SER A 1000 39.65 -21.46 -15.45
N TYR A 1001 40.48 -20.58 -15.95
CA TYR A 1001 40.12 -19.82 -17.13
C TYR A 1001 39.97 -20.75 -18.33
N VAL A 1002 40.94 -21.63 -18.56
CA VAL A 1002 40.88 -22.53 -19.72
C VAL A 1002 39.64 -23.41 -19.63
N LEU A 1003 39.38 -23.96 -18.45
CA LEU A 1003 38.24 -24.85 -18.25
C LEU A 1003 36.91 -24.13 -18.44
N TYR A 1004 36.78 -22.94 -17.85
CA TYR A 1004 35.56 -22.16 -17.94
C TYR A 1004 35.89 -20.69 -18.21
N PRO A 1005 36.18 -20.35 -19.47
CA PRO A 1005 36.58 -18.98 -19.81
C PRO A 1005 35.53 -17.93 -19.44
N LYS A 1006 34.32 -18.06 -19.97
CA LYS A 1006 33.30 -17.05 -19.73
C LYS A 1006 32.92 -16.95 -18.24
N VAL A 1007 32.68 -18.10 -17.61
CA VAL A 1007 32.35 -18.15 -16.19
C VAL A 1007 33.47 -17.57 -15.33
N TYR A 1008 34.73 -17.93 -15.61
CA TYR A 1008 35.86 -17.40 -14.84
C TYR A 1008 35.90 -15.87 -14.93
N GLU A 1009 35.84 -15.35 -16.16
CA GLU A 1009 35.84 -13.90 -16.38
C GLU A 1009 34.76 -13.23 -15.54
N GLN A 1010 33.58 -13.82 -15.51
CA GLN A 1010 32.46 -13.30 -14.73
C GLN A 1010 32.73 -13.34 -13.23
N TYR A 1011 33.31 -14.44 -12.74
CA TYR A 1011 33.69 -14.54 -11.33
C TYR A 1011 34.57 -13.38 -10.91
N ILE A 1012 35.47 -12.98 -11.82
CA ILE A 1012 36.41 -11.89 -11.57
C ILE A 1012 35.72 -10.52 -11.45
N GLN A 1013 34.78 -10.21 -12.34
CA GLN A 1013 34.03 -8.95 -12.23
C GLN A 1013 33.29 -8.88 -10.90
N THR A 1014 32.75 -10.01 -10.47
CA THR A 1014 32.07 -10.09 -9.19
C THR A 1014 33.03 -9.87 -8.03
N ARG A 1015 34.19 -10.53 -8.08
CA ARG A 1015 35.24 -10.37 -7.05
C ARG A 1015 35.69 -8.91 -6.97
N ASN A 1016 35.84 -8.28 -8.13
CA ASN A 1016 36.16 -6.85 -8.19
C ASN A 1016 35.08 -5.96 -7.58
N GLN A 1017 33.81 -6.29 -7.86
CA GLN A 1017 32.67 -5.48 -7.42
C GLN A 1017 32.30 -5.66 -5.95
N TYR A 1018 32.40 -6.89 -5.45
CA TYR A 1018 31.87 -7.22 -4.13
C TYR A 1018 32.84 -7.88 -3.15
N GLY A 1019 34.06 -8.19 -3.60
CA GLY A 1019 35.02 -8.86 -2.74
C GLY A 1019 34.71 -10.33 -2.53
N ASN A 1020 35.16 -10.88 -1.41
CA ASN A 1020 35.04 -12.31 -1.14
C ASN A 1020 33.66 -12.67 -0.56
N LEU A 1021 32.74 -13.06 -1.43
CA LEU A 1021 31.37 -13.39 -1.04
C LEU A 1021 31.27 -14.64 -0.19
N SER A 1022 32.21 -15.57 -0.38
CA SER A 1022 32.20 -16.83 0.36
C SER A 1022 32.33 -16.65 1.86
N LEU A 1023 32.71 -15.47 2.33
CA LEU A 1023 32.89 -15.25 3.77
C LEU A 1023 31.59 -14.88 4.51
N LEU A 1024 30.57 -14.46 3.77
CA LEU A 1024 29.25 -14.19 4.33
C LEU A 1024 28.54 -15.47 4.74
N ASP A 1025 27.84 -15.44 5.86
CA ASP A 1025 26.97 -16.54 6.25
C ASP A 1025 25.88 -16.67 5.18
N THR A 1026 25.41 -17.90 4.95
CA THR A 1026 24.46 -18.19 3.89
C THR A 1026 23.18 -17.34 3.94
N PRO A 1027 22.49 -17.26 5.10
CA PRO A 1027 21.31 -16.42 5.16
C PRO A 1027 21.55 -14.98 4.66
N THR A 1028 22.66 -14.35 5.08
CA THR A 1028 23.01 -13.00 4.58
C THR A 1028 23.25 -12.97 3.07
N PHE A 1029 23.99 -13.97 2.57
CA PHE A 1029 24.30 -14.13 1.16
C PHE A 1029 23.07 -14.19 0.24
N PHE A 1030 21.98 -14.83 0.70
CA PHE A 1030 20.76 -14.99 -0.11
C PHE A 1030 19.71 -13.92 0.13
N PHE A 1031 19.80 -13.23 1.27
CA PHE A 1031 18.73 -12.35 1.70
C PHE A 1031 19.12 -10.90 2.01
N GLY A 1032 20.40 -10.65 2.28
CA GLY A 1032 20.83 -9.36 2.76
C GLY A 1032 20.50 -9.23 4.23
N MET A 1033 19.91 -8.09 4.62
CA MET A 1033 19.71 -7.75 6.02
C MET A 1033 18.38 -7.04 6.25
N ARG A 1034 17.74 -7.34 7.37
CA ARG A 1034 16.46 -6.69 7.71
C ARG A 1034 16.70 -5.43 8.55
N ASN A 1035 15.76 -4.50 8.54
CA ASN A 1035 15.91 -3.25 9.29
C ASN A 1035 16.24 -3.55 10.75
N GLY A 1036 17.29 -2.95 11.27
CA GLY A 1036 17.68 -3.12 12.66
C GLY A 1036 18.62 -4.29 12.95
N GLU A 1037 18.91 -5.11 11.94
CA GLU A 1037 19.70 -6.32 12.16
C GLU A 1037 21.19 -6.04 12.27
N THR A 1038 21.88 -6.82 13.10
CA THR A 1038 23.33 -6.79 13.17
C THR A 1038 23.88 -8.15 12.73
N VAL A 1039 24.87 -8.13 11.85
CA VAL A 1039 25.51 -9.35 11.40
C VAL A 1039 27.04 -9.23 11.53
N GLU A 1040 27.72 -10.37 11.67
CA GLU A 1040 29.17 -10.40 11.90
C GLU A 1040 29.90 -11.25 10.86
N ILE A 1041 30.44 -10.62 9.82
CA ILE A 1041 31.21 -11.32 8.79
C ILE A 1041 32.64 -11.59 9.25
N GLU A 1042 32.95 -12.88 9.45
CA GLU A 1042 34.29 -13.31 9.86
C GLU A 1042 35.26 -13.27 8.67
N ILE A 1043 36.09 -12.24 8.63
CA ILE A 1043 37.08 -12.05 7.55
C ILE A 1043 38.31 -12.97 7.68
N ASP A 1044 38.78 -13.15 8.92
CA ASP A 1044 40.02 -13.86 9.19
C ASP A 1044 40.20 -14.05 10.70
N LYS A 1045 41.32 -14.65 11.08
CA LYS A 1045 41.68 -14.84 12.48
C LYS A 1045 41.68 -13.49 13.18
N GLY A 1046 40.73 -13.30 14.09
CA GLY A 1046 40.60 -12.07 14.87
C GLY A 1046 40.06 -10.86 14.12
N LYS A 1047 39.73 -11.03 12.84
CA LYS A 1047 39.24 -9.93 12.00
C LYS A 1047 37.81 -10.19 11.58
N ARG A 1048 36.92 -9.23 11.86
CA ARG A 1048 35.50 -9.35 11.49
C ARG A 1048 34.76 -8.01 11.32
N LEU A 1049 33.78 -8.01 10.41
CA LEU A 1049 32.95 -6.83 10.16
C LEU A 1049 31.64 -6.95 10.93
N ILE A 1050 31.39 -6.00 11.81
CA ILE A 1050 30.10 -5.89 12.47
C ILE A 1050 29.32 -4.88 11.64
N ILE A 1051 28.19 -5.31 11.10
CA ILE A 1051 27.37 -4.44 10.29
C ILE A 1051 25.95 -4.36 10.85
N LYS A 1052 25.48 -3.13 11.09
CA LYS A 1052 24.08 -2.90 11.41
C LYS A 1052 23.42 -2.12 10.29
N LEU A 1053 22.26 -2.60 9.85
CA LEU A 1053 21.47 -1.87 8.86
C LEU A 1053 20.41 -1.10 9.61
N GLU A 1054 20.55 0.22 9.58
CA GLU A 1054 19.66 1.08 10.33
C GLU A 1054 18.35 1.34 9.57
N THR A 1055 18.45 1.93 8.38
CA THR A 1055 17.26 2.13 7.51
C THR A 1055 17.60 2.21 6.04
N ILE A 1056 16.55 2.06 5.24
CA ILE A 1056 16.60 2.32 3.81
C ILE A 1056 15.60 3.44 3.49
N SER A 1057 16.12 4.48 2.85
CA SER A 1057 15.33 5.61 2.41
C SER A 1057 14.41 5.24 1.27
N GLU A 1058 13.40 6.08 1.05
CA GLU A 1058 12.59 5.99 -0.15
C GLU A 1058 13.50 6.36 -1.33
N PRO A 1059 13.18 5.88 -2.54
CA PRO A 1059 14.04 6.14 -3.69
C PRO A 1059 14.00 7.60 -4.10
N ASP A 1060 15.12 8.12 -4.61
CA ASP A 1060 15.16 9.49 -5.13
C ASP A 1060 14.63 9.52 -6.58
N GLU A 1061 14.77 10.68 -7.24
CA GLU A 1061 14.34 10.83 -8.64
C GLU A 1061 14.90 9.75 -9.59
N ASN A 1062 16.13 9.30 -9.36
CA ASN A 1062 16.79 8.31 -10.22
C ASN A 1062 16.51 6.85 -9.86
N GLY A 1063 15.84 6.64 -8.73
CA GLY A 1063 15.54 5.29 -8.25
C GLY A 1063 16.60 4.74 -7.30
N ASN A 1064 17.46 5.63 -6.79
CA ASN A 1064 18.49 5.26 -5.82
C ASN A 1064 18.01 5.43 -4.39
N ARG A 1065 18.12 4.35 -3.61
CA ARG A 1065 17.80 4.39 -2.20
C ARG A 1065 19.10 4.58 -1.43
N THR A 1066 19.00 5.29 -0.31
CA THR A 1066 20.14 5.47 0.58
C THR A 1066 19.97 4.51 1.73
N ILE A 1067 20.97 3.66 1.94
CA ILE A 1067 20.98 2.77 3.10
C ILE A 1067 21.89 3.35 4.15
N TYR A 1068 21.36 3.49 5.35
CA TYR A 1068 22.11 3.94 6.50
C TYR A 1068 22.66 2.74 7.27
N TYR A 1069 23.97 2.55 7.20
CA TYR A 1069 24.65 1.46 7.92
C TYR A 1069 25.47 1.98 9.10
N ALA A 1070 25.65 1.10 10.08
CA ALA A 1070 26.76 1.21 11.01
C ALA A 1070 27.74 0.09 10.67
N MET A 1071 28.95 0.48 10.28
CA MET A 1071 30.01 -0.45 9.93
C MET A 1071 31.07 -0.46 11.00
N ASN A 1072 30.99 -1.49 11.84
CA ASN A 1072 31.71 -1.54 13.12
C ASN A 1072 32.27 -0.20 13.65
N GLY A 1073 31.38 0.51 14.34
CA GLY A 1073 31.74 1.72 15.06
C GLY A 1073 31.50 3.03 14.32
N GLN A 1074 31.19 2.91 13.03
CA GLN A 1074 31.21 4.07 12.14
C GLN A 1074 29.92 4.19 11.33
N ALA A 1075 29.27 5.35 11.41
CA ALA A 1075 28.13 5.65 10.56
C ALA A 1075 28.56 5.66 9.10
N ARG A 1076 27.70 5.13 8.24
CA ARG A 1076 28.07 4.87 6.87
C ARG A 1076 26.84 4.92 5.98
N ARG A 1077 26.98 5.50 4.79
CA ARG A 1077 25.85 5.68 3.86
C ARG A 1077 26.13 5.14 2.47
N ILE A 1078 25.26 4.24 2.01
CA ILE A 1078 25.46 3.52 0.75
C ILE A 1078 24.29 3.78 -0.20
N TYR A 1079 24.59 3.84 -1.48
CA TYR A 1079 23.57 4.10 -2.52
C TYR A 1079 23.44 2.93 -3.46
N ILE A 1080 22.20 2.47 -3.61
CA ILE A 1080 21.88 1.30 -4.43
C ILE A 1080 20.69 1.61 -5.32
N LYS A 1081 20.80 1.25 -6.60
CA LYS A 1081 19.70 1.41 -7.54
C LYS A 1081 18.58 0.42 -7.26
N ASP A 1082 17.37 0.91 -7.02
CA ASP A 1082 16.20 0.04 -6.97
C ASP A 1082 15.76 -0.28 -8.39
N GLU A 1083 15.43 -1.54 -8.62
CA GLU A 1083 14.82 -1.98 -9.86
C GLU A 1083 13.32 -2.14 -9.59
N ASN A 1084 12.65 -0.98 -9.58
CA ASN A 1084 11.32 -0.80 -8.99
C ASN A 1084 10.18 -1.57 -9.61
N VAL A 1085 10.25 -1.75 -10.94
CA VAL A 1085 9.11 -2.10 -11.81
C VAL A 1085 8.35 -0.80 -12.09
N HIS A 1086 8.65 -0.18 -13.23
CA HIS A 1086 8.32 1.23 -13.52
C HIS A 1086 8.97 2.16 -12.48
N THR A 1087 8.63 3.45 -12.50
CA THR A 1087 9.26 4.41 -11.57
C THR A 1087 8.25 5.22 -10.76
N ASN A 1088 7.24 4.54 -10.23
CA ASN A 1088 6.15 5.20 -9.50
C ASN A 1088 6.39 5.41 -7.99
N ALA A 1089 7.43 4.80 -7.44
CA ALA A 1089 7.79 4.98 -6.03
C ALA A 1089 8.76 6.15 -5.82
N ASN A 1090 9.25 6.70 -6.92
CA ASN A 1090 10.32 7.70 -6.90
C ASN A 1090 9.93 9.06 -6.34
N VAL A 1091 10.67 9.51 -5.33
CA VAL A 1091 10.44 10.80 -4.70
C VAL A 1091 11.27 11.87 -5.40
N LYS A 1092 10.58 12.91 -5.86
CA LYS A 1092 11.21 14.06 -6.55
C LYS A 1092 11.53 15.17 -5.55
N PRO A 1093 12.67 15.84 -5.74
CA PRO A 1093 13.01 17.02 -4.94
C PRO A 1093 12.07 18.18 -5.23
N LYS A 1094 11.88 19.07 -4.27
CA LYS A 1094 11.04 20.24 -4.50
C LYS A 1094 11.81 21.33 -5.23
N ALA A 1095 11.17 21.90 -6.26
CA ALA A 1095 11.75 23.00 -7.02
C ALA A 1095 11.90 24.22 -6.11
N ASP A 1096 13.10 24.81 -6.10
CA ASP A 1096 13.31 26.06 -5.39
C ASP A 1096 12.62 27.19 -6.14
N LYS A 1097 11.62 27.81 -5.51
CA LYS A 1097 10.71 28.73 -6.18
C LYS A 1097 11.34 30.03 -6.67
N SER A 1098 12.36 30.52 -5.97
CA SER A 1098 13.05 31.77 -6.35
C SER A 1098 14.30 31.54 -7.21
N ASN A 1099 14.23 30.52 -8.08
CA ASN A 1099 15.29 30.25 -9.06
C ASN A 1099 14.69 30.00 -10.45
N PRO A 1100 15.00 30.88 -11.41
CA PRO A 1100 14.40 30.81 -12.74
C PRO A 1100 14.80 29.56 -13.53
N SER A 1101 15.91 28.94 -13.14
CA SER A 1101 16.36 27.67 -13.73
C SER A 1101 15.38 26.53 -13.43
N HIS A 1102 14.82 26.53 -12.23
CA HIS A 1102 13.94 25.47 -11.76
C HIS A 1102 12.51 25.68 -12.24
N ILE A 1103 11.95 24.67 -12.91
CA ILE A 1103 10.52 24.63 -13.26
C ILE A 1103 9.81 23.63 -12.33
N GLY A 1104 8.77 24.09 -11.67
CA GLY A 1104 8.01 23.24 -10.73
C GLY A 1104 6.67 22.79 -11.26
N ALA A 1105 6.21 21.63 -10.75
CA ALA A 1105 4.88 21.14 -11.03
C ALA A 1105 3.83 22.06 -10.41
N GLN A 1106 2.85 22.44 -11.22
CA GLN A 1106 1.83 23.41 -10.83
C GLN A 1106 0.62 22.71 -10.19
N MET A 1107 0.38 21.46 -10.59
CA MET A 1107 -0.76 20.67 -10.11
C MET A 1107 -0.32 19.22 -9.89
N PRO A 1108 -1.10 18.44 -9.15
CA PRO A 1108 -0.90 16.99 -9.13
C PRO A 1108 -1.34 16.39 -10.46
N GLY A 1109 -0.40 15.78 -11.18
CA GLY A 1109 -0.68 15.17 -12.48
C GLY A 1109 0.07 13.88 -12.75
N SER A 1110 0.07 13.48 -14.03
CA SER A 1110 0.80 12.32 -14.49
C SER A 1110 1.58 12.72 -15.72
N VAL A 1111 2.84 12.31 -15.77
CA VAL A 1111 3.67 12.58 -16.95
C VAL A 1111 3.23 11.68 -18.10
N THR A 1112 2.60 12.27 -19.10
CA THR A 1112 2.07 11.51 -20.23
C THR A 1112 3.13 11.27 -21.31
N GLU A 1113 3.97 12.27 -21.54
CA GLU A 1113 4.99 12.22 -22.59
C GLU A 1113 6.19 13.09 -22.27
N VAL A 1114 7.37 12.47 -22.15
CA VAL A 1114 8.62 13.23 -22.03
C VAL A 1114 9.14 13.56 -23.44
N LYS A 1115 9.49 14.83 -23.67
CA LYS A 1115 9.87 15.30 -25.00
C LYS A 1115 11.31 15.80 -25.14
N VAL A 1116 11.98 16.04 -24.01
CA VAL A 1116 13.37 16.48 -24.03
C VAL A 1116 14.25 15.64 -23.10
N SER A 1117 15.54 15.59 -23.45
CA SER A 1117 16.53 14.84 -22.68
C SER A 1117 17.66 15.77 -22.19
N VAL A 1118 18.51 15.24 -21.31
CA VAL A 1118 19.62 16.00 -20.74
C VAL A 1118 20.65 16.42 -21.82
N GLY A 1119 20.80 17.74 -22.00
CA GLY A 1119 21.78 18.29 -22.93
C GLY A 1119 21.22 18.82 -24.24
N GLU A 1120 19.93 19.18 -24.24
CA GLU A 1120 19.25 19.66 -25.45
C GLU A 1120 18.96 21.17 -25.43
N THR A 1121 18.82 21.74 -26.63
CA THR A 1121 18.61 23.17 -26.82
C THR A 1121 17.48 23.39 -27.82
N VAL A 1122 16.38 23.98 -27.36
CA VAL A 1122 15.28 24.38 -28.25
C VAL A 1122 14.84 25.82 -27.93
N LYS A 1123 14.11 26.44 -28.86
CA LYS A 1123 13.66 27.85 -28.75
C LYS A 1123 12.80 28.14 -27.52
N ALA A 1124 12.51 29.42 -27.30
CA ALA A 1124 11.54 29.83 -26.28
C ALA A 1124 10.18 29.26 -26.63
N ASN A 1125 9.43 28.85 -25.61
CA ASN A 1125 8.12 28.20 -25.75
C ASN A 1125 8.13 26.74 -26.20
N GLN A 1126 9.32 26.12 -26.24
CA GLN A 1126 9.47 24.72 -26.62
C GLN A 1126 8.61 23.80 -25.74
N PRO A 1127 7.73 23.00 -26.34
CA PRO A 1127 6.98 21.97 -25.59
C PRO A 1127 7.90 20.83 -25.15
N LEU A 1128 8.33 20.89 -23.88
CA LEU A 1128 9.35 19.97 -23.35
C LEU A 1128 8.81 18.83 -22.50
N LEU A 1129 7.55 18.93 -22.06
CA LEU A 1129 6.92 17.95 -21.18
C LEU A 1129 5.39 18.00 -21.32
N ILE A 1130 4.75 16.83 -21.40
CA ILE A 1130 3.28 16.76 -21.45
C ILE A 1130 2.69 16.06 -20.22
N THR A 1131 2.02 16.84 -19.38
CA THR A 1131 1.36 16.29 -18.20
C THR A 1131 -0.14 16.08 -18.45
N GLU A 1132 -0.74 15.22 -17.63
CA GLU A 1132 -2.19 15.05 -17.57
C GLU A 1132 -2.66 15.33 -16.15
N ALA A 1133 -3.26 16.51 -15.96
CA ALA A 1133 -3.76 16.94 -14.65
C ALA A 1133 -4.84 15.98 -14.15
N MET A 1134 -6.06 16.08 -14.69
CA MET A 1134 -7.13 15.11 -14.41
C MET A 1134 -8.04 14.93 -15.62
N LYS A 1135 -7.64 14.02 -16.50
CA LYS A 1135 -8.23 13.83 -17.84
C LYS A 1135 -7.95 14.99 -18.79
N MET A 1136 -7.31 16.04 -18.26
CA MET A 1136 -6.94 17.21 -19.06
C MET A 1136 -5.43 17.26 -19.26
N GLU A 1137 -5.02 17.78 -20.42
CA GLU A 1137 -3.64 17.71 -20.83
C GLU A 1137 -3.07 19.11 -21.14
N THR A 1138 -1.93 19.44 -20.52
CA THR A 1138 -1.21 20.68 -20.84
C THR A 1138 0.28 20.42 -21.08
N THR A 1139 0.82 21.04 -22.12
CA THR A 1139 2.26 21.00 -22.38
C THR A 1139 2.96 22.05 -21.51
N ILE A 1140 4.08 21.68 -20.92
CA ILE A 1140 4.91 22.61 -20.16
C ILE A 1140 5.94 23.24 -21.10
N GLN A 1141 5.99 24.57 -21.11
CA GLN A 1141 6.84 25.33 -22.04
C GLN A 1141 8.02 25.98 -21.33
N ALA A 1142 9.12 26.16 -22.06
CA ALA A 1142 10.29 26.87 -21.56
C ALA A 1142 10.03 28.38 -21.54
N PRO A 1143 10.42 29.04 -20.45
CA PRO A 1143 10.19 30.49 -20.29
C PRO A 1143 11.14 31.33 -21.15
N PHE A 1144 12.23 30.73 -21.60
CA PHE A 1144 13.28 31.43 -22.35
C PHE A 1144 14.00 30.46 -23.29
N ASP A 1145 15.12 30.92 -23.85
CA ASP A 1145 16.05 30.06 -24.58
C ASP A 1145 17.09 29.51 -23.59
N GLY A 1146 17.57 28.29 -23.85
CA GLY A 1146 18.60 27.69 -23.01
C GLY A 1146 18.80 26.19 -23.15
N VAL A 1147 19.65 25.65 -22.28
CA VAL A 1147 20.02 24.24 -22.30
C VAL A 1147 19.47 23.46 -21.10
N ILE A 1148 18.76 22.36 -21.38
CA ILE A 1148 18.15 21.53 -20.35
C ILE A 1148 19.22 20.77 -19.58
N LYS A 1149 19.35 21.11 -18.30
CA LYS A 1149 20.34 20.52 -17.41
C LYS A 1149 19.85 19.21 -16.79
N GLN A 1150 18.59 19.17 -16.36
CA GLN A 1150 17.99 17.95 -15.79
C GLN A 1150 16.49 17.79 -16.04
N VAL A 1151 16.07 16.55 -16.24
CA VAL A 1151 14.66 16.17 -16.36
C VAL A 1151 14.38 15.15 -15.26
N THR A 1152 13.56 15.54 -14.30
CA THR A 1152 13.35 14.76 -13.07
C THR A 1152 12.36 13.59 -13.24
N VAL A 1153 11.74 13.48 -14.40
CA VAL A 1153 10.64 12.51 -14.58
C VAL A 1153 10.75 11.62 -15.82
N ASN A 1154 9.99 10.53 -15.80
CA ASN A 1154 9.86 9.62 -16.95
C ASN A 1154 8.38 9.47 -17.32
N ASN A 1155 8.11 8.90 -18.49
CA ASN A 1155 6.72 8.66 -18.93
C ASN A 1155 5.88 7.88 -17.92
N GLY A 1156 4.67 8.35 -17.67
CA GLY A 1156 3.75 7.68 -16.77
C GLY A 1156 4.08 7.83 -15.30
N ASP A 1157 4.85 8.87 -14.96
CA ASP A 1157 5.21 9.14 -13.57
C ASP A 1157 4.25 10.12 -12.91
N THR A 1158 3.88 9.82 -11.68
CA THR A 1158 3.04 10.70 -10.87
C THR A 1158 3.84 11.90 -10.39
N ILE A 1159 3.20 13.06 -10.32
CA ILE A 1159 3.83 14.30 -9.81
C ILE A 1159 2.96 15.00 -8.76
N ALA A 1160 3.59 15.74 -7.85
CA ALA A 1160 2.89 16.52 -6.84
C ALA A 1160 3.20 18.01 -7.00
N THR A 1161 2.25 18.86 -6.59
CA THR A 1161 2.44 20.31 -6.62
C THR A 1161 3.79 20.72 -6.01
N GLY A 1162 4.57 21.49 -6.78
CA GLY A 1162 5.86 22.00 -6.32
C GLY A 1162 7.03 21.08 -6.59
N ASP A 1163 6.75 19.94 -7.23
CA ASP A 1163 7.79 18.99 -7.65
C ASP A 1163 8.64 19.57 -8.77
N LEU A 1164 9.96 19.46 -8.63
CA LEU A 1164 10.87 19.85 -9.72
C LEU A 1164 10.68 18.93 -10.92
N LEU A 1165 10.58 19.53 -12.10
CA LEU A 1165 10.42 18.75 -13.32
C LEU A 1165 11.59 18.97 -14.29
N ILE A 1166 11.94 20.23 -14.51
CA ILE A 1166 12.97 20.61 -15.48
C ILE A 1166 13.85 21.73 -14.93
N GLU A 1167 15.13 21.71 -15.29
CA GLU A 1167 16.04 22.84 -15.08
C GLU A 1167 16.66 23.27 -16.41
N ILE A 1168 16.62 24.58 -16.68
CA ILE A 1168 17.22 25.14 -17.91
C ILE A 1168 18.24 26.23 -17.55
N GLU A 1169 19.03 26.67 -18.54
CA GLU A 1169 19.99 27.77 -18.37
C GLU A 1169 19.54 29.04 -19.10
N GLN B 26 -43.42 -48.56 -25.31
CA GLN B 26 -43.22 -48.47 -23.83
C GLN B 26 -41.81 -47.98 -23.50
N ILE B 27 -41.69 -46.68 -23.23
CA ILE B 27 -40.38 -46.01 -23.07
C ILE B 27 -40.12 -45.57 -21.62
N LYS B 28 -38.94 -45.93 -21.10
CA LYS B 28 -38.55 -45.53 -19.74
C LYS B 28 -37.60 -44.32 -19.72
N LYS B 29 -36.52 -44.36 -20.50
CA LYS B 29 -35.66 -43.18 -20.65
C LYS B 29 -35.23 -42.86 -22.08
N LEU B 30 -35.22 -41.56 -22.38
CA LEU B 30 -35.10 -41.04 -23.74
C LEU B 30 -33.95 -40.05 -23.84
N LEU B 31 -33.12 -40.22 -24.87
CA LEU B 31 -32.03 -39.29 -25.16
C LEU B 31 -32.36 -38.42 -26.38
N VAL B 32 -32.04 -37.13 -26.28
CA VAL B 32 -32.19 -36.22 -27.43
C VAL B 32 -30.86 -36.07 -28.15
N ALA B 33 -30.84 -36.47 -29.42
CA ALA B 33 -29.65 -36.33 -30.25
C ALA B 33 -29.54 -34.91 -30.78
N ASN B 34 -29.74 -33.93 -29.89
CA ASN B 34 -29.82 -32.53 -30.29
C ASN B 34 -29.44 -31.60 -29.14
N ARG B 35 -29.52 -30.30 -29.45
CA ARG B 35 -29.29 -29.21 -28.51
C ARG B 35 -30.37 -28.15 -28.66
N GLY B 36 -30.18 -27.00 -28.02
CA GLY B 36 -31.08 -25.84 -28.15
C GLY B 36 -32.52 -26.07 -27.72
N GLU B 37 -33.40 -25.17 -28.13
CA GLU B 37 -34.81 -25.14 -27.70
C GLU B 37 -35.62 -26.39 -28.02
N ILE B 38 -35.26 -27.08 -29.10
CA ILE B 38 -35.96 -28.31 -29.46
C ILE B 38 -35.67 -29.41 -28.44
N ALA B 39 -34.46 -29.45 -27.91
CA ALA B 39 -34.09 -30.42 -26.89
C ALA B 39 -34.92 -30.19 -25.63
N ILE B 40 -34.96 -28.93 -25.18
CA ILE B 40 -35.80 -28.52 -24.04
C ILE B 40 -37.27 -28.95 -24.23
N ARG B 41 -37.80 -28.65 -25.41
CA ARG B 41 -39.16 -28.98 -25.76
C ARG B 41 -39.44 -30.48 -25.63
N ILE B 42 -38.53 -31.29 -26.17
CA ILE B 42 -38.65 -32.75 -26.08
C ILE B 42 -38.53 -33.25 -24.64
N PHE B 43 -37.61 -32.68 -23.87
CA PHE B 43 -37.46 -33.07 -22.46
C PHE B 43 -38.76 -32.82 -21.70
N ARG B 44 -39.36 -31.67 -21.95
CA ARG B 44 -40.64 -31.31 -21.34
C ARG B 44 -41.75 -32.26 -21.76
N ALA B 45 -41.82 -32.59 -23.05
CA ALA B 45 -42.80 -33.54 -23.54
C ALA B 45 -42.62 -34.89 -22.84
N ALA B 46 -41.35 -35.30 -22.70
CA ALA B 46 -41.02 -36.59 -22.11
C ALA B 46 -41.36 -36.60 -20.63
N ALA B 47 -40.98 -35.54 -19.91
CA ALA B 47 -41.32 -35.38 -18.51
C ALA B 47 -42.81 -35.46 -18.26
N GLU B 48 -43.60 -34.98 -19.22
CA GLU B 48 -45.05 -35.01 -19.14
C GLU B 48 -45.60 -36.42 -19.28
N LEU B 49 -44.75 -37.33 -19.76
CA LEU B 49 -45.12 -38.73 -19.95
C LEU B 49 -44.40 -39.63 -18.95
N ASP B 50 -43.87 -39.00 -17.90
CA ASP B 50 -43.02 -39.66 -16.90
C ASP B 50 -41.87 -40.46 -17.53
N ILE B 51 -41.17 -39.83 -18.47
CA ILE B 51 -39.99 -40.44 -19.10
C ILE B 51 -38.72 -39.71 -18.67
N SER B 52 -37.76 -40.49 -18.17
CA SER B 52 -36.41 -40.01 -17.84
C SER B 52 -35.72 -39.54 -19.11
N THR B 53 -34.95 -38.45 -18.99
CA THR B 53 -34.35 -37.81 -20.17
C THR B 53 -32.83 -37.76 -20.09
N VAL B 54 -32.20 -37.73 -21.26
CA VAL B 54 -30.75 -37.62 -21.34
C VAL B 54 -30.34 -36.60 -22.40
N ALA B 55 -29.50 -35.65 -22.01
CA ALA B 55 -28.96 -34.64 -22.92
C ALA B 55 -27.53 -34.96 -23.32
N ILE B 56 -27.22 -34.75 -24.60
CA ILE B 56 -25.83 -34.76 -25.06
C ILE B 56 -25.40 -33.33 -25.34
N TYR B 57 -24.17 -33.01 -24.97
CA TYR B 57 -23.63 -31.68 -25.24
C TYR B 57 -22.20 -31.72 -25.74
N SER B 58 -21.87 -30.75 -26.59
CA SER B 58 -20.53 -30.61 -27.14
C SER B 58 -19.62 -29.89 -26.15
N ASN B 59 -18.41 -29.57 -26.59
CA ASN B 59 -17.45 -28.88 -25.73
C ASN B 59 -17.75 -27.38 -25.60
N GLU B 60 -18.49 -26.85 -26.57
CA GLU B 60 -18.91 -25.44 -26.55
C GLU B 60 -20.32 -25.26 -26.00
N ASP B 61 -21.07 -26.37 -25.92
CA ASP B 61 -22.40 -26.34 -25.34
C ASP B 61 -22.40 -26.79 -23.88
N LYS B 62 -21.24 -26.64 -23.23
CA LYS B 62 -21.12 -26.85 -21.79
C LYS B 62 -22.01 -25.89 -21.00
N SER B 63 -22.38 -24.76 -21.64
CA SER B 63 -23.22 -23.73 -21.01
C SER B 63 -24.58 -23.53 -21.70
N SER B 64 -24.88 -24.39 -22.68
CA SER B 64 -26.19 -24.37 -23.34
C SER B 64 -27.27 -24.79 -22.35
N LEU B 65 -28.28 -23.93 -22.18
CA LEU B 65 -29.41 -24.17 -21.27
C LEU B 65 -29.92 -25.62 -21.32
N HIS B 66 -29.97 -26.20 -22.53
CA HIS B 66 -30.54 -27.53 -22.75
C HIS B 66 -29.87 -28.63 -21.93
N ARG B 67 -28.56 -28.47 -21.70
CA ARG B 67 -27.75 -29.38 -20.88
C ARG B 67 -28.33 -29.56 -19.48
N TYR B 68 -28.90 -28.50 -18.94
CA TYR B 68 -29.40 -28.49 -17.57
C TYR B 68 -30.85 -28.96 -17.45
N LYS B 69 -31.65 -28.76 -18.50
CA LYS B 69 -33.06 -29.11 -18.44
C LYS B 69 -33.34 -30.60 -18.66
N ALA B 70 -32.41 -31.46 -18.23
CA ALA B 70 -32.56 -32.90 -18.40
C ALA B 70 -32.11 -33.65 -17.16
N ASP B 71 -32.48 -34.92 -17.07
CA ASP B 71 -32.15 -35.76 -15.92
C ASP B 71 -30.70 -36.24 -15.95
N GLU B 72 -30.17 -36.41 -17.15
CA GLU B 72 -28.79 -36.83 -17.33
C GLU B 72 -28.06 -35.99 -18.38
N SER B 73 -26.81 -35.64 -18.07
CA SER B 73 -25.97 -34.89 -18.99
C SER B 73 -24.68 -35.65 -19.28
N TYR B 74 -24.35 -35.79 -20.56
CA TYR B 74 -23.09 -36.42 -20.99
C TYR B 74 -22.41 -35.70 -22.16
N LEU B 75 -21.10 -35.59 -22.07
CA LEU B 75 -20.29 -34.92 -23.08
C LEU B 75 -20.10 -35.80 -24.31
N VAL B 76 -20.32 -35.21 -25.49
CA VAL B 76 -20.06 -35.91 -26.74
C VAL B 76 -18.67 -35.56 -27.26
N GLY B 77 -17.76 -36.52 -27.12
CA GLY B 77 -16.38 -36.41 -27.58
C GLY B 77 -15.68 -35.10 -27.23
N SER B 78 -14.82 -35.16 -26.22
CA SER B 78 -13.97 -34.01 -25.90
C SER B 78 -12.79 -33.95 -26.88
N ASP B 79 -12.42 -35.11 -27.42
CA ASP B 79 -11.35 -35.23 -28.41
C ASP B 79 -11.88 -35.11 -29.84
N LEU B 80 -13.19 -34.92 -29.96
CA LEU B 80 -13.86 -34.72 -31.24
C LEU B 80 -14.59 -33.38 -31.21
N GLY B 81 -13.92 -32.35 -31.73
CA GLY B 81 -14.38 -30.95 -31.67
C GLY B 81 -15.87 -30.69 -31.81
N PRO B 82 -16.40 -29.76 -31.00
CA PRO B 82 -17.82 -29.37 -31.03
C PRO B 82 -18.40 -29.09 -32.42
N ALA B 83 -17.53 -29.00 -33.43
CA ALA B 83 -17.94 -28.93 -34.83
C ALA B 83 -18.61 -30.23 -35.28
N GLU B 84 -18.00 -31.35 -34.91
CA GLU B 84 -18.39 -32.68 -35.38
C GLU B 84 -19.36 -33.40 -34.43
N SER B 85 -19.40 -32.96 -33.17
CA SER B 85 -19.99 -33.71 -32.03
C SER B 85 -21.41 -34.27 -32.22
N TYR B 86 -22.35 -33.42 -32.61
CA TYR B 86 -23.75 -33.84 -32.73
C TYR B 86 -24.04 -34.75 -33.94
N LEU B 87 -23.01 -35.05 -34.73
CA LEU B 87 -23.15 -35.81 -35.97
C LEU B 87 -22.43 -37.17 -35.95
N ASN B 88 -21.70 -37.44 -34.87
CA ASN B 88 -20.97 -38.69 -34.73
C ASN B 88 -21.84 -39.80 -34.18
N ILE B 89 -22.32 -40.63 -35.11
CA ILE B 89 -23.31 -41.68 -34.83
C ILE B 89 -22.92 -42.63 -33.69
N GLU B 90 -21.67 -43.10 -33.69
CA GLU B 90 -21.21 -44.14 -32.76
C GLU B 90 -21.07 -43.67 -31.30
N ARG B 91 -20.65 -42.43 -31.09
CA ARG B 91 -20.41 -41.91 -29.74
C ARG B 91 -21.70 -41.56 -29.00
N ILE B 92 -22.72 -41.16 -29.76
CA ILE B 92 -24.03 -40.86 -29.18
C ILE B 92 -24.68 -42.17 -28.71
N ILE B 93 -24.52 -43.22 -29.52
CA ILE B 93 -25.03 -44.55 -29.21
C ILE B 93 -24.28 -45.20 -28.03
N ASP B 94 -23.02 -44.82 -27.83
CA ASP B 94 -22.24 -45.24 -26.66
C ASP B 94 -22.76 -44.62 -25.36
N VAL B 95 -23.08 -43.33 -25.41
CA VAL B 95 -23.70 -42.64 -24.28
C VAL B 95 -25.06 -43.26 -24.02
N ALA B 96 -25.81 -43.53 -25.08
CA ALA B 96 -27.13 -44.12 -24.99
C ALA B 96 -27.08 -45.45 -24.24
N LYS B 97 -26.14 -46.30 -24.63
CA LYS B 97 -25.98 -47.63 -24.02
C LYS B 97 -25.64 -47.54 -22.54
N GLN B 98 -24.60 -46.79 -22.21
CA GLN B 98 -24.06 -46.75 -20.85
C GLN B 98 -24.96 -45.99 -19.88
N ALA B 99 -26.08 -45.47 -20.38
CA ALA B 99 -27.04 -44.80 -19.54
C ALA B 99 -28.36 -45.58 -19.48
N ASN B 100 -28.41 -46.69 -20.21
CA ASN B 100 -29.62 -47.53 -20.37
C ASN B 100 -30.77 -46.80 -21.07
N VAL B 101 -30.44 -46.16 -22.20
CA VAL B 101 -31.40 -45.40 -22.99
C VAL B 101 -32.02 -46.33 -24.02
N ASP B 102 -33.35 -46.38 -24.06
CA ASP B 102 -34.07 -47.25 -24.99
C ASP B 102 -34.71 -46.52 -26.17
N ALA B 103 -34.70 -45.19 -26.14
CA ALA B 103 -35.28 -44.38 -27.21
C ALA B 103 -34.55 -43.06 -27.42
N ILE B 104 -34.34 -42.69 -28.68
CA ILE B 104 -33.67 -41.44 -29.01
C ILE B 104 -34.52 -40.56 -29.92
N HIS B 105 -34.77 -39.34 -29.48
CA HIS B 105 -35.41 -38.34 -30.32
C HIS B 105 -34.34 -37.50 -31.02
N PRO B 106 -34.34 -37.54 -32.35
CA PRO B 106 -33.37 -36.79 -33.14
C PRO B 106 -33.60 -35.28 -33.18
N GLY B 107 -34.83 -34.84 -32.90
CA GLY B 107 -35.19 -33.43 -33.02
C GLY B 107 -35.29 -33.10 -34.50
N TYR B 108 -34.57 -32.06 -34.93
CA TYR B 108 -34.50 -31.72 -36.35
C TYR B 108 -33.10 -31.33 -36.83
N GLY B 109 -32.77 -31.79 -38.04
CA GLY B 109 -31.58 -31.35 -38.77
C GLY B 109 -30.22 -31.55 -38.11
N PHE B 110 -29.94 -32.77 -37.68
CA PHE B 110 -28.58 -33.15 -37.31
C PHE B 110 -28.39 -34.56 -37.83
N LEU B 111 -29.07 -35.51 -37.20
CA LEU B 111 -29.11 -36.88 -37.67
C LEU B 111 -30.56 -37.30 -37.88
N SER B 112 -31.45 -36.32 -37.84
CA SER B 112 -32.90 -36.56 -37.91
C SER B 112 -33.34 -37.21 -39.21
N GLU B 113 -32.61 -36.92 -40.29
CA GLU B 113 -32.85 -37.53 -41.60
C GLU B 113 -31.84 -38.64 -41.94
N ASN B 114 -30.90 -38.90 -41.02
CA ASN B 114 -29.80 -39.81 -41.31
C ASN B 114 -30.14 -41.29 -41.25
N GLU B 115 -30.26 -41.90 -42.42
CA GLU B 115 -30.61 -43.32 -42.55
C GLU B 115 -29.80 -44.24 -41.65
N GLN B 116 -28.48 -44.07 -41.63
CA GLN B 116 -27.58 -44.94 -40.89
C GLN B 116 -27.81 -44.88 -39.37
N PHE B 117 -28.05 -43.68 -38.85
CA PHE B 117 -28.30 -43.48 -37.42
C PHE B 117 -29.51 -44.25 -36.93
N ALA B 118 -30.59 -44.22 -37.71
CA ALA B 118 -31.80 -44.98 -37.43
C ALA B 118 -31.51 -46.49 -37.47
N ARG B 119 -30.78 -46.91 -38.50
CA ARG B 119 -30.35 -48.29 -38.64
C ARG B 119 -29.57 -48.74 -37.40
N ARG B 120 -28.59 -47.93 -37.00
CA ARG B 120 -27.70 -48.28 -35.89
C ARG B 120 -28.40 -48.27 -34.54
N CYS B 121 -29.48 -47.49 -34.43
CA CYS B 121 -30.26 -47.44 -33.21
C CYS B 121 -31.02 -48.74 -32.97
N ALA B 122 -31.76 -49.21 -33.97
CA ALA B 122 -32.52 -50.45 -33.86
C ALA B 122 -31.61 -51.67 -33.68
N GLU B 123 -30.35 -51.54 -34.11
CA GLU B 123 -29.34 -52.58 -33.92
C GLU B 123 -28.77 -52.56 -32.50
N GLU B 124 -29.35 -51.72 -31.64
CA GLU B 124 -28.90 -51.61 -30.25
C GLU B 124 -30.07 -51.69 -29.26
N GLY B 125 -31.25 -52.05 -29.76
CA GLY B 125 -32.47 -52.09 -28.93
C GLY B 125 -32.99 -50.71 -28.60
N ILE B 126 -32.49 -49.71 -29.33
CA ILE B 126 -32.91 -48.31 -29.19
C ILE B 126 -33.91 -47.98 -30.29
N LYS B 127 -34.92 -47.18 -29.96
CA LYS B 127 -35.92 -46.78 -30.95
C LYS B 127 -35.74 -45.36 -31.49
N PHE B 128 -35.48 -45.28 -32.79
CA PHE B 128 -35.42 -44.01 -33.49
C PHE B 128 -36.79 -43.37 -33.47
N ILE B 129 -36.87 -42.13 -33.00
CA ILE B 129 -38.16 -41.43 -32.95
C ILE B 129 -38.44 -40.69 -34.26
N GLY B 130 -39.13 -41.41 -35.14
CA GLY B 130 -39.45 -40.94 -36.47
C GLY B 130 -39.90 -42.10 -37.32
N PRO B 131 -39.95 -41.90 -38.64
CA PRO B 131 -40.34 -42.96 -39.58
C PRO B 131 -39.42 -44.19 -39.58
N HIS B 132 -39.82 -45.25 -40.29
CA HIS B 132 -39.00 -46.44 -40.45
C HIS B 132 -37.88 -46.20 -41.45
N LEU B 133 -36.97 -47.18 -41.57
CA LEU B 133 -35.75 -47.07 -42.36
C LEU B 133 -35.97 -46.66 -43.83
N GLU B 134 -36.84 -47.36 -44.53
CA GLU B 134 -37.05 -47.08 -45.96
C GLU B 134 -37.88 -45.83 -46.22
N HIS B 135 -38.25 -45.12 -45.16
CA HIS B 135 -38.91 -43.82 -45.28
C HIS B 135 -37.85 -42.74 -45.39
N LEU B 136 -36.84 -42.85 -44.51
CA LEU B 136 -35.68 -41.98 -44.56
C LEU B 136 -34.91 -42.23 -45.85
N ASP B 137 -34.88 -43.49 -46.28
CA ASP B 137 -34.28 -43.87 -47.55
C ASP B 137 -35.11 -43.31 -48.69
N MET B 138 -36.42 -43.51 -48.60
CA MET B 138 -37.40 -43.04 -49.58
C MET B 138 -37.25 -41.56 -49.93
N PHE B 139 -37.23 -40.71 -48.90
CA PHE B 139 -37.25 -39.25 -49.09
C PHE B 139 -35.89 -38.55 -48.88
N GLY B 140 -34.84 -39.33 -48.66
CA GLY B 140 -33.49 -38.79 -48.50
C GLY B 140 -32.90 -38.31 -49.81
N ASP B 141 -33.04 -39.12 -50.85
CA ASP B 141 -32.60 -38.79 -52.19
C ASP B 141 -33.66 -37.99 -52.93
N LYS B 142 -33.23 -37.04 -53.77
CA LYS B 142 -34.15 -36.24 -54.56
C LYS B 142 -34.74 -37.01 -55.73
N VAL B 143 -34.01 -38.02 -56.21
CA VAL B 143 -34.49 -38.90 -57.27
C VAL B 143 -35.45 -39.95 -56.71
N LYS B 144 -35.10 -40.52 -55.55
CA LYS B 144 -35.90 -41.58 -54.93
C LYS B 144 -37.28 -41.12 -54.45
N ALA B 145 -37.33 -39.90 -53.91
CA ALA B 145 -38.59 -39.31 -53.44
C ALA B 145 -39.50 -38.95 -54.60
N ARG B 146 -38.94 -38.31 -55.61
CA ARG B 146 -39.67 -37.93 -56.81
C ARG B 146 -40.29 -39.17 -57.47
N THR B 147 -39.55 -40.28 -57.44
CA THR B 147 -40.02 -41.56 -57.96
C THR B 147 -41.26 -42.05 -57.21
N THR B 148 -41.22 -41.90 -55.89
CA THR B 148 -42.28 -42.38 -55.01
C THR B 148 -43.56 -41.54 -55.14
N ALA B 149 -43.39 -40.24 -55.41
CA ALA B 149 -44.50 -39.30 -55.55
C ALA B 149 -45.27 -39.47 -56.86
N ILE B 150 -44.60 -40.00 -57.89
CA ILE B 150 -45.24 -40.33 -59.17
C ILE B 150 -46.10 -41.58 -58.98
N LYS B 151 -45.52 -42.60 -58.35
CA LYS B 151 -46.24 -43.80 -57.94
C LYS B 151 -47.47 -43.45 -57.09
N ALA B 152 -47.50 -42.22 -56.61
CA ALA B 152 -48.65 -41.70 -55.84
C ALA B 152 -49.19 -40.37 -56.37
N ASP B 153 -49.47 -40.33 -57.67
CA ASP B 153 -50.23 -39.24 -58.35
C ASP B 153 -49.96 -37.77 -57.96
N LEU B 154 -48.71 -37.33 -58.02
CA LEU B 154 -48.37 -35.93 -57.68
C LEU B 154 -47.39 -35.30 -58.68
N PRO B 155 -47.77 -34.15 -59.26
CA PRO B 155 -47.03 -33.56 -60.41
C PRO B 155 -45.79 -32.73 -60.04
N VAL B 156 -44.84 -32.62 -60.99
CA VAL B 156 -43.59 -31.84 -60.77
C VAL B 156 -43.11 -30.98 -61.97
N ILE B 157 -42.81 -31.62 -63.09
CA ILE B 157 -42.25 -30.99 -64.32
C ILE B 157 -42.86 -29.60 -64.71
N PRO B 158 -42.04 -28.65 -65.16
CA PRO B 158 -42.47 -27.24 -65.36
C PRO B 158 -43.79 -27.08 -66.11
N ILE B 229 -43.19 -22.21 -63.29
CA ILE B 229 -44.12 -21.98 -62.18
C ILE B 229 -43.97 -20.54 -61.65
N ASP B 230 -44.70 -19.62 -62.29
CA ASP B 230 -44.66 -18.19 -61.96
C ASP B 230 -45.63 -17.84 -60.84
N ASN B 231 -45.36 -16.74 -60.15
CA ASN B 231 -46.20 -16.26 -59.04
C ASN B 231 -46.37 -17.33 -57.94
N PRO B 232 -45.27 -17.98 -57.54
CA PRO B 232 -45.35 -19.21 -56.77
C PRO B 232 -45.61 -18.98 -55.28
N LYS B 233 -46.15 -20.01 -54.62
CA LYS B 233 -46.46 -19.92 -53.20
C LYS B 233 -46.04 -21.23 -52.50
N HIS B 234 -45.37 -21.09 -51.37
CA HIS B 234 -44.89 -22.24 -50.61
C HIS B 234 -45.88 -22.64 -49.53
N ILE B 235 -46.42 -23.85 -49.66
CA ILE B 235 -47.34 -24.41 -48.69
C ILE B 235 -46.91 -25.82 -48.35
N GLU B 236 -46.96 -26.17 -47.07
CA GLU B 236 -46.64 -27.52 -46.62
C GLU B 236 -47.67 -28.05 -45.62
N VAL B 237 -47.92 -29.34 -45.69
CA VAL B 237 -48.96 -30.00 -44.90
C VAL B 237 -48.33 -30.86 -43.83
N GLN B 238 -48.78 -30.67 -42.60
CA GLN B 238 -48.34 -31.48 -41.47
C GLN B 238 -49.07 -32.82 -41.46
N VAL B 239 -48.32 -33.88 -41.15
CA VAL B 239 -48.90 -35.21 -41.02
C VAL B 239 -48.31 -35.93 -39.81
N ILE B 240 -49.18 -36.65 -39.10
CA ILE B 240 -48.75 -37.58 -38.06
C ILE B 240 -49.39 -38.93 -38.38
N GLY B 241 -48.56 -39.95 -38.56
CA GLY B 241 -49.04 -41.32 -38.71
C GLY B 241 -48.56 -42.13 -37.52
N ASP B 242 -49.27 -43.19 -37.17
CA ASP B 242 -48.76 -44.09 -36.13
C ASP B 242 -48.28 -45.43 -36.73
N GLU B 243 -47.83 -46.34 -35.87
CA GLU B 243 -47.40 -47.67 -36.31
C GLU B 243 -48.60 -48.57 -36.64
N HIS B 244 -49.79 -48.14 -36.23
CA HIS B 244 -51.02 -48.91 -36.39
C HIS B 244 -51.78 -48.58 -37.68
N GLY B 245 -51.07 -48.04 -38.67
CA GLY B 245 -51.65 -47.75 -39.98
C GLY B 245 -52.64 -46.59 -40.04
N ASN B 246 -52.70 -45.79 -38.97
CA ASN B 246 -53.54 -44.59 -38.95
C ASN B 246 -52.71 -43.35 -39.27
N ILE B 247 -53.18 -42.56 -40.24
CA ILE B 247 -52.49 -41.34 -40.65
C ILE B 247 -53.45 -40.15 -40.74
N VAL B 248 -53.09 -39.07 -40.03
CA VAL B 248 -53.89 -37.83 -40.03
C VAL B 248 -53.06 -36.64 -40.50
N HIS B 249 -53.75 -35.58 -40.93
CA HIS B 249 -53.09 -34.31 -41.25
C HIS B 249 -53.51 -33.20 -40.29
N LEU B 250 -52.58 -32.28 -40.05
CA LEU B 250 -52.86 -31.13 -39.21
C LEU B 250 -52.85 -29.84 -40.03
N PHE B 251 -53.52 -29.91 -41.18
CA PHE B 251 -53.63 -28.77 -42.09
C PHE B 251 -52.29 -28.21 -42.55
N GLU B 252 -52.29 -26.99 -43.05
CA GLU B 252 -51.13 -26.50 -43.79
C GLU B 252 -50.43 -25.32 -43.15
N ARG B 253 -49.17 -25.12 -43.52
CA ARG B 253 -48.42 -23.94 -43.13
C ARG B 253 -48.06 -23.16 -44.37
N ASP B 254 -48.26 -21.86 -44.33
CA ASP B 254 -47.79 -20.99 -45.41
C ASP B 254 -46.38 -20.53 -45.10
N CYS B 255 -45.45 -20.83 -46.00
CA CYS B 255 -44.04 -20.46 -45.83
C CYS B 255 -43.53 -19.65 -47.02
N SER B 256 -44.38 -18.81 -47.58
CA SER B 256 -44.00 -18.06 -48.77
C SER B 256 -43.09 -16.88 -48.46
N VAL B 257 -43.15 -16.35 -47.24
CA VAL B 257 -42.19 -15.33 -46.81
C VAL B 257 -40.84 -16.00 -46.57
N GLN B 258 -40.02 -16.01 -47.62
CA GLN B 258 -38.70 -16.63 -47.57
C GLN B 258 -37.76 -16.01 -48.60
N ARG B 259 -36.46 -16.13 -48.37
CA ARG B 259 -35.46 -15.83 -49.39
C ARG B 259 -34.99 -17.13 -50.04
N ARG B 260 -33.88 -17.06 -50.81
CA ARG B 260 -33.43 -18.19 -51.63
C ARG B 260 -33.47 -19.58 -50.95
N HIS B 261 -32.83 -19.70 -49.79
CA HIS B 261 -32.76 -20.97 -49.07
C HIS B 261 -33.06 -20.80 -47.57
N GLN B 262 -33.83 -19.76 -47.24
CA GLN B 262 -34.09 -19.39 -45.86
C GLN B 262 -35.56 -19.03 -45.61
N LYS B 263 -36.29 -19.93 -44.95
CA LYS B 263 -37.64 -19.65 -44.48
C LYS B 263 -37.55 -18.53 -43.44
N VAL B 264 -38.45 -17.54 -43.53
CA VAL B 264 -38.38 -16.37 -42.64
C VAL B 264 -39.64 -16.20 -41.78
N VAL B 265 -40.81 -16.17 -42.41
CA VAL B 265 -42.09 -16.04 -41.71
C VAL B 265 -43.07 -17.10 -42.18
N GLU B 266 -43.63 -17.83 -41.23
CA GLU B 266 -44.65 -18.83 -41.50
C GLU B 266 -46.01 -18.36 -41.00
N VAL B 267 -47.08 -18.85 -41.64
CA VAL B 267 -48.45 -18.55 -41.22
C VAL B 267 -49.31 -19.82 -41.28
N ALA B 268 -50.00 -20.12 -40.18
CA ALA B 268 -50.90 -21.27 -40.14
C ALA B 268 -52.24 -20.92 -39.50
N PRO B 269 -53.34 -21.18 -40.21
CA PRO B 269 -53.30 -21.72 -41.58
C PRO B 269 -53.05 -20.63 -42.61
N SER B 270 -52.96 -21.00 -43.88
CA SER B 270 -52.68 -20.04 -44.94
C SER B 270 -53.88 -19.15 -45.26
N VAL B 271 -53.70 -17.84 -45.10
CA VAL B 271 -54.75 -16.87 -45.42
C VAL B 271 -54.63 -16.44 -46.88
N GLY B 272 -55.76 -16.45 -47.59
CA GLY B 272 -55.77 -16.03 -48.99
C GLY B 272 -56.22 -17.08 -49.98
N LEU B 273 -55.82 -18.34 -49.75
CA LEU B 273 -56.21 -19.47 -50.59
C LEU B 273 -57.71 -19.78 -50.48
N SER B 274 -58.28 -20.35 -51.54
CA SER B 274 -59.69 -20.76 -51.55
C SER B 274 -59.94 -21.97 -50.62
N PRO B 275 -61.16 -22.11 -50.09
CA PRO B 275 -61.46 -23.18 -49.11
C PRO B 275 -61.23 -24.60 -49.65
N THR B 276 -61.74 -24.91 -50.84
CA THR B 276 -61.60 -26.25 -51.43
C THR B 276 -60.21 -26.53 -52.01
N LEU B 277 -59.36 -25.50 -52.06
CA LEU B 277 -57.99 -25.66 -52.55
C LEU B 277 -57.15 -26.42 -51.53
N ARG B 278 -57.14 -25.95 -50.29
CA ARG B 278 -56.35 -26.56 -49.21
C ARG B 278 -56.76 -28.00 -48.89
N GLN B 279 -58.04 -28.32 -49.11
CA GLN B 279 -58.53 -29.70 -49.00
C GLN B 279 -57.80 -30.62 -49.94
N ARG B 280 -57.65 -30.19 -51.20
CA ARG B 280 -56.94 -30.95 -52.23
C ARG B 280 -55.47 -31.12 -51.89
N ILE B 281 -54.87 -30.08 -51.32
CA ILE B 281 -53.46 -30.09 -50.96
C ILE B 281 -53.22 -31.01 -49.77
N CYS B 282 -54.14 -30.97 -48.81
CA CYS B 282 -54.13 -31.92 -47.69
C CYS B 282 -54.34 -33.35 -48.17
N ASP B 283 -55.40 -33.56 -48.96
CA ASP B 283 -55.68 -34.87 -49.55
C ASP B 283 -54.48 -35.41 -50.33
N ALA B 284 -53.87 -34.54 -51.14
CA ALA B 284 -52.67 -34.87 -51.88
C ALA B 284 -51.59 -35.43 -50.93
N ALA B 285 -51.39 -34.75 -49.81
CA ALA B 285 -50.44 -35.19 -48.80
C ALA B 285 -50.83 -36.53 -48.20
N ILE B 286 -52.09 -36.66 -47.78
CA ILE B 286 -52.61 -37.90 -47.18
C ILE B 286 -52.48 -39.08 -48.14
N GLN B 287 -52.73 -38.84 -49.42
CA GLN B 287 -52.68 -39.87 -50.45
C GLN B 287 -51.27 -40.44 -50.59
N LEU B 288 -50.27 -39.56 -50.48
CA LEU B 288 -48.88 -39.97 -50.52
C LEU B 288 -48.52 -40.81 -49.29
N MET B 289 -48.71 -40.22 -48.11
CA MET B 289 -48.21 -40.81 -46.87
C MET B 289 -48.94 -42.08 -46.45
N GLU B 290 -50.19 -42.21 -46.87
CA GLU B 290 -50.98 -43.41 -46.61
C GLU B 290 -50.61 -44.53 -47.60
N ASN B 291 -50.15 -44.14 -48.78
CA ASN B 291 -49.78 -45.08 -49.83
C ASN B 291 -48.45 -45.78 -49.54
N ILE B 292 -47.61 -45.15 -48.72
CA ILE B 292 -46.29 -45.67 -48.41
C ILE B 292 -46.10 -46.08 -46.94
N LYS B 293 -47.21 -46.09 -46.19
CA LYS B 293 -47.25 -46.61 -44.80
C LYS B 293 -46.38 -45.79 -43.86
N TYR B 294 -46.58 -44.46 -43.85
CA TYR B 294 -45.74 -43.56 -43.07
C TYR B 294 -46.04 -43.63 -41.58
N VAL B 295 -44.97 -43.72 -40.80
CA VAL B 295 -45.04 -43.80 -39.34
C VAL B 295 -44.44 -42.53 -38.76
N ASN B 296 -45.10 -42.00 -37.73
CA ASN B 296 -44.64 -40.82 -36.99
C ASN B 296 -44.82 -39.51 -37.75
N ALA B 297 -44.20 -38.43 -37.27
CA ALA B 297 -44.41 -37.10 -37.83
C ALA B 297 -43.61 -36.81 -39.09
N GLY B 298 -44.28 -36.24 -40.08
CA GLY B 298 -43.64 -35.83 -41.33
C GLY B 298 -44.37 -34.71 -42.03
N THR B 299 -43.61 -33.88 -42.75
CA THR B 299 -44.15 -32.77 -43.53
C THR B 299 -44.08 -33.05 -45.02
N VAL B 300 -45.15 -32.68 -45.74
CA VAL B 300 -45.20 -32.83 -47.20
C VAL B 300 -45.22 -31.45 -47.86
N GLU B 301 -44.10 -31.07 -48.47
CA GLU B 301 -43.97 -29.76 -49.09
C GLU B 301 -44.58 -29.69 -50.49
N PHE B 302 -45.13 -28.53 -50.83
CA PHE B 302 -45.72 -28.31 -52.14
C PHE B 302 -45.25 -26.98 -52.77
N LEU B 303 -45.73 -26.72 -53.98
CA LEU B 303 -45.58 -25.42 -54.61
C LEU B 303 -46.87 -25.08 -55.33
N VAL B 304 -47.47 -23.97 -54.93
CA VAL B 304 -48.80 -23.59 -55.42
C VAL B 304 -48.71 -22.45 -56.43
N SER B 305 -49.45 -22.61 -57.52
CA SER B 305 -49.69 -21.54 -58.48
C SER B 305 -51.09 -21.75 -59.03
N GLY B 306 -51.86 -20.66 -59.13
CA GLY B 306 -53.25 -20.74 -59.58
C GLY B 306 -54.04 -21.73 -58.74
N ASP B 307 -54.43 -22.84 -59.36
CA ASP B 307 -55.17 -23.89 -58.67
C ASP B 307 -54.54 -25.29 -58.86
N GLU B 308 -53.22 -25.37 -58.68
CA GLU B 308 -52.50 -26.64 -58.86
C GLU B 308 -51.35 -26.89 -57.88
N PHE B 309 -51.56 -27.91 -57.03
CA PHE B 309 -50.53 -28.54 -56.20
C PHE B 309 -49.36 -29.09 -57.04
N PHE B 310 -48.15 -29.03 -56.47
CA PHE B 310 -46.95 -29.61 -57.08
C PHE B 310 -46.01 -30.10 -55.97
N PHE B 311 -45.85 -31.42 -55.89
CA PHE B 311 -45.02 -32.03 -54.83
C PHE B 311 -43.56 -31.60 -54.96
N ILE B 312 -43.02 -31.08 -53.87
CA ILE B 312 -41.63 -30.63 -53.86
C ILE B 312 -40.72 -31.58 -53.08
N GLU B 313 -40.98 -31.75 -51.79
CA GLU B 313 -40.19 -32.64 -50.94
C GLU B 313 -40.98 -33.18 -49.75
N VAL B 314 -40.39 -34.15 -49.05
CA VAL B 314 -40.88 -34.62 -47.76
C VAL B 314 -39.80 -34.48 -46.70
N ASN B 315 -40.16 -33.85 -45.59
CA ASN B 315 -39.27 -33.76 -44.45
C ASN B 315 -39.67 -34.78 -43.39
N PRO B 316 -38.90 -35.85 -43.30
CA PRO B 316 -39.26 -37.02 -42.48
C PRO B 316 -38.91 -36.86 -41.00
N ARG B 317 -39.48 -35.82 -40.39
CA ARG B 317 -39.25 -35.45 -38.99
C ARG B 317 -40.13 -34.24 -38.65
N VAL B 318 -39.94 -33.67 -37.46
CA VAL B 318 -40.55 -32.37 -37.13
C VAL B 318 -39.74 -31.24 -37.73
N GLN B 319 -40.43 -30.13 -38.03
CA GLN B 319 -39.78 -28.92 -38.52
C GLN B 319 -39.74 -27.89 -37.41
N VAL B 320 -38.85 -26.90 -37.56
CA VAL B 320 -38.69 -25.84 -36.56
C VAL B 320 -40.00 -25.08 -36.33
N GLU B 321 -40.82 -25.00 -37.37
CA GLU B 321 -42.05 -24.21 -37.34
C GLU B 321 -43.31 -25.03 -36.99
N HIS B 322 -43.12 -26.15 -36.30
CA HIS B 322 -44.22 -27.02 -35.85
C HIS B 322 -45.21 -26.32 -34.89
N THR B 323 -44.68 -25.51 -33.98
CA THR B 323 -45.47 -24.83 -32.95
C THR B 323 -46.71 -24.15 -33.55
N ILE B 324 -46.48 -23.44 -34.65
CA ILE B 324 -47.51 -22.66 -35.32
C ILE B 324 -48.77 -23.49 -35.61
N THR B 325 -48.59 -24.75 -35.99
CA THR B 325 -49.69 -25.65 -36.31
C THR B 325 -50.28 -26.25 -35.05
N GLU B 326 -49.42 -26.50 -34.07
CA GLU B 326 -49.84 -26.97 -32.74
C GLU B 326 -50.76 -25.97 -32.05
N MET B 327 -50.60 -24.69 -32.38
CA MET B 327 -51.39 -23.64 -31.76
C MET B 327 -52.80 -23.53 -32.36
N VAL B 328 -52.95 -23.87 -33.64
CA VAL B 328 -54.26 -23.74 -34.30
C VAL B 328 -55.10 -25.03 -34.27
N THR B 329 -54.42 -26.18 -34.26
CA THR B 329 -55.09 -27.47 -34.23
C THR B 329 -55.35 -27.89 -32.79
N GLY B 330 -54.40 -27.59 -31.90
CA GLY B 330 -54.52 -27.92 -30.49
C GLY B 330 -53.81 -29.20 -30.10
N ILE B 331 -53.04 -29.76 -31.03
CA ILE B 331 -52.29 -30.99 -30.78
C ILE B 331 -50.84 -30.71 -30.48
N ASP B 332 -50.32 -31.35 -29.43
CA ASP B 332 -48.88 -31.34 -29.20
C ASP B 332 -48.25 -32.37 -30.14
N ILE B 333 -47.64 -31.87 -31.20
CA ILE B 333 -46.98 -32.71 -32.19
C ILE B 333 -45.81 -33.51 -31.60
N VAL B 334 -44.94 -32.83 -30.85
CA VAL B 334 -43.74 -33.45 -30.28
C VAL B 334 -44.09 -34.58 -29.32
N LYS B 335 -44.99 -34.30 -28.37
CA LYS B 335 -45.55 -35.29 -27.46
C LYS B 335 -46.01 -36.53 -28.22
N THR B 336 -46.80 -36.30 -29.27
CA THR B 336 -47.37 -37.37 -30.09
C THR B 336 -46.29 -38.27 -30.71
N GLN B 337 -45.18 -37.67 -31.12
CA GLN B 337 -44.07 -38.44 -31.69
C GLN B 337 -43.63 -39.54 -30.74
N ILE B 338 -43.35 -39.16 -29.49
CA ILE B 338 -42.86 -40.10 -28.47
C ILE B 338 -43.85 -41.24 -28.25
N LEU B 339 -45.12 -40.90 -28.07
CA LEU B 339 -46.17 -41.91 -27.86
C LEU B 339 -46.31 -42.85 -29.06
N VAL B 340 -46.24 -42.31 -30.28
CA VAL B 340 -46.28 -43.14 -31.50
C VAL B 340 -45.11 -44.12 -31.48
N ALA B 341 -43.92 -43.62 -31.16
CA ALA B 341 -42.72 -44.45 -31.01
C ALA B 341 -42.90 -45.48 -29.89
N ALA B 342 -43.68 -45.12 -28.88
CA ALA B 342 -43.97 -46.02 -27.77
C ALA B 342 -44.98 -47.11 -28.14
N GLY B 343 -45.49 -47.04 -29.37
CA GLY B 343 -46.44 -48.04 -29.88
C GLY B 343 -47.90 -47.72 -29.59
N ALA B 344 -48.15 -46.56 -28.98
CA ALA B 344 -49.51 -46.14 -28.63
C ALA B 344 -50.35 -45.79 -29.86
N ASP B 345 -51.65 -46.05 -29.78
CA ASP B 345 -52.57 -45.85 -30.91
C ASP B 345 -52.98 -44.38 -31.08
N LEU B 346 -53.14 -43.99 -32.34
CA LEU B 346 -53.42 -42.61 -32.73
C LEU B 346 -54.72 -42.03 -32.13
N PHE B 347 -55.73 -42.88 -31.94
CA PHE B 347 -57.02 -42.42 -31.40
C PHE B 347 -57.32 -43.00 -30.01
N GLY B 348 -56.26 -43.35 -29.27
CA GLY B 348 -56.39 -43.94 -27.95
C GLY B 348 -56.28 -42.96 -26.79
N GLU B 349 -56.25 -43.51 -25.58
CA GLU B 349 -56.16 -42.74 -24.33
C GLU B 349 -54.90 -41.90 -24.19
N GLU B 350 -53.83 -42.32 -24.87
CA GLU B 350 -52.56 -41.60 -24.81
C GLU B 350 -52.53 -40.39 -25.74
N ILE B 351 -52.47 -40.64 -27.05
CA ILE B 351 -52.35 -39.57 -28.04
C ILE B 351 -53.58 -38.63 -28.08
N ASN B 352 -54.76 -39.21 -27.84
CA ASN B 352 -56.03 -38.47 -27.75
C ASN B 352 -56.42 -37.67 -29.00
N MET B 353 -55.84 -38.05 -30.14
CA MET B 353 -56.07 -37.37 -31.40
C MET B 353 -57.54 -37.46 -31.80
N PRO B 354 -58.11 -36.33 -32.22
CA PRO B 354 -59.47 -36.33 -32.77
C PRO B 354 -59.47 -37.00 -34.14
N GLN B 355 -60.62 -37.58 -34.50
CA GLN B 355 -60.84 -38.12 -35.85
C GLN B 355 -60.61 -37.04 -36.89
N GLN B 356 -60.19 -37.44 -38.09
CA GLN B 356 -59.83 -36.50 -39.15
C GLN B 356 -60.90 -35.43 -39.43
N LYS B 357 -62.16 -35.83 -39.36
CA LYS B 357 -63.31 -34.92 -39.54
C LYS B 357 -63.51 -33.94 -38.36
N ASP B 358 -62.82 -34.20 -37.25
CA ASP B 358 -62.93 -33.38 -36.04
C ASP B 358 -61.75 -32.40 -35.88
N ILE B 359 -60.65 -32.68 -36.57
CA ILE B 359 -59.49 -31.79 -36.55
C ILE B 359 -59.77 -30.55 -37.41
N THR B 360 -59.59 -29.38 -36.81
CA THR B 360 -59.73 -28.10 -37.51
C THR B 360 -58.68 -27.12 -37.03
N THR B 361 -58.83 -25.87 -37.46
CA THR B 361 -57.98 -24.77 -37.04
C THR B 361 -58.79 -23.72 -36.30
N LEU B 362 -58.35 -23.40 -35.10
CA LEU B 362 -58.87 -22.27 -34.34
C LEU B 362 -57.93 -21.08 -34.52
N GLY B 363 -58.48 -19.98 -35.05
CA GLY B 363 -57.71 -18.77 -35.30
C GLY B 363 -56.55 -18.90 -36.29
N TYR B 364 -55.60 -17.97 -36.20
CA TYR B 364 -54.43 -17.94 -37.07
C TYR B 364 -53.17 -17.78 -36.23
N ALA B 365 -52.11 -18.49 -36.60
CA ALA B 365 -50.83 -18.34 -35.90
C ALA B 365 -49.71 -17.96 -36.87
N ILE B 366 -48.72 -17.24 -36.35
CA ILE B 366 -47.58 -16.77 -37.14
C ILE B 366 -46.28 -17.12 -36.42
N GLN B 367 -45.22 -17.43 -37.17
CA GLN B 367 -43.89 -17.59 -36.57
C GLN B 367 -42.83 -16.71 -37.25
N CYS B 368 -42.09 -15.98 -36.42
CA CYS B 368 -40.97 -15.12 -36.85
C CYS B 368 -39.64 -15.69 -36.40
N ARG B 369 -38.66 -15.68 -37.31
CA ARG B 369 -37.31 -16.15 -37.00
C ARG B 369 -36.37 -15.02 -36.62
N ILE B 370 -35.70 -15.19 -35.48
CA ILE B 370 -34.72 -14.22 -34.99
C ILE B 370 -33.34 -14.86 -34.93
N THR B 371 -32.46 -14.43 -35.84
CA THR B 371 -31.07 -14.90 -35.90
C THR B 371 -30.08 -13.73 -35.91
N THR B 372 -28.83 -14.03 -35.51
CA THR B 372 -27.74 -13.05 -35.44
C THR B 372 -27.50 -12.32 -36.76
N GLU B 373 -27.80 -13.02 -37.86
CA GLU B 373 -27.57 -12.55 -39.23
C GLU B 373 -27.85 -11.06 -39.41
N ASP B 374 -26.80 -10.32 -39.77
CA ASP B 374 -26.85 -8.87 -39.98
C ASP B 374 -27.73 -8.51 -41.19
N PRO B 375 -28.76 -7.70 -40.97
CA PRO B 375 -29.44 -7.04 -42.10
C PRO B 375 -28.69 -5.78 -42.53
N LEU B 376 -27.69 -5.39 -41.74
CA LEU B 376 -26.77 -4.29 -42.09
C LEU B 376 -25.52 -4.83 -42.80
N ASN B 377 -25.44 -6.16 -42.92
CA ASN B 377 -24.33 -6.85 -43.57
C ASN B 377 -24.78 -8.22 -44.14
N ASP B 378 -25.19 -8.20 -45.42
CA ASP B 378 -25.72 -9.36 -46.16
C ASP B 378 -25.91 -10.70 -45.41
N PHE B 379 -26.81 -10.70 -44.44
CA PHE B 379 -27.21 -11.88 -43.66
C PHE B 379 -26.09 -12.86 -43.29
N MET B 380 -25.02 -12.31 -42.69
CA MET B 380 -23.89 -13.10 -42.22
C MET B 380 -24.04 -13.39 -40.71
N PRO B 381 -24.14 -14.67 -40.33
CA PRO B 381 -24.22 -15.06 -38.92
C PRO B 381 -23.02 -14.53 -38.12
N ASP B 382 -23.30 -13.98 -36.94
CA ASP B 382 -22.28 -13.24 -36.18
C ASP B 382 -21.78 -13.98 -34.94
N THR B 383 -20.46 -14.11 -34.84
CA THR B 383 -19.80 -14.65 -33.66
C THR B 383 -19.71 -13.56 -32.59
N GLY B 384 -20.11 -13.90 -31.37
CA GLY B 384 -20.05 -12.97 -30.25
C GLY B 384 -20.68 -13.45 -28.96
N THR B 385 -20.62 -12.60 -27.94
CA THR B 385 -21.22 -12.87 -26.64
C THR B 385 -22.29 -11.80 -26.35
N ILE B 386 -23.50 -12.24 -26.05
CA ILE B 386 -24.62 -11.33 -25.79
C ILE B 386 -24.46 -10.64 -24.44
N ILE B 387 -24.68 -9.33 -24.41
CA ILE B 387 -24.52 -8.53 -23.18
C ILE B 387 -25.84 -8.37 -22.39
N ALA B 388 -26.97 -8.56 -23.09
CA ALA B 388 -28.30 -8.49 -22.47
C ALA B 388 -29.37 -9.17 -23.32
N TYR B 389 -30.28 -9.87 -22.64
CA TYR B 389 -31.43 -10.54 -23.26
C TYR B 389 -32.72 -10.18 -22.48
N ARG B 390 -33.79 -9.89 -23.22
CA ARG B 390 -35.07 -9.50 -22.61
C ARG B 390 -36.29 -10.15 -23.29
N SER B 391 -36.97 -11.01 -22.54
CA SER B 391 -38.10 -11.81 -23.06
C SER B 391 -39.40 -11.03 -23.30
N SER B 392 -40.47 -11.77 -23.55
CA SER B 392 -41.80 -11.20 -23.77
C SER B 392 -42.84 -11.81 -22.83
N GLY B 393 -43.84 -12.47 -23.42
CA GLY B 393 -44.99 -13.00 -22.67
C GLY B 393 -46.28 -12.36 -23.12
N GLY B 394 -47.41 -12.98 -22.76
CA GLY B 394 -48.74 -12.52 -23.15
C GLY B 394 -49.57 -13.66 -23.69
N PHE B 395 -50.82 -13.37 -24.06
CA PHE B 395 -51.73 -14.40 -24.58
C PHE B 395 -51.15 -15.02 -25.86
N GLY B 396 -50.94 -16.34 -25.80
CA GLY B 396 -50.38 -17.12 -26.91
C GLY B 396 -49.16 -16.50 -27.54
N VAL B 397 -48.07 -16.44 -26.77
CA VAL B 397 -46.77 -15.95 -27.26
C VAL B 397 -45.66 -16.93 -26.86
N ARG B 398 -45.35 -17.86 -27.77
CA ARG B 398 -44.33 -18.88 -27.58
C ARG B 398 -42.93 -18.29 -27.77
N LEU B 399 -42.04 -18.58 -26.83
CA LEU B 399 -40.67 -18.06 -26.86
C LEU B 399 -39.64 -19.18 -26.75
N ASP B 400 -39.63 -20.05 -27.78
CA ASP B 400 -38.67 -21.14 -27.90
C ASP B 400 -37.22 -20.61 -28.00
N ALA B 401 -36.61 -20.39 -26.84
CA ALA B 401 -35.27 -19.80 -26.75
C ALA B 401 -34.16 -20.83 -26.85
N GLY B 402 -33.24 -20.61 -27.79
CA GLY B 402 -32.07 -21.48 -27.98
C GLY B 402 -30.78 -20.81 -27.56
N ASP B 403 -30.23 -19.97 -28.43
CA ASP B 403 -28.93 -19.34 -28.22
C ASP B 403 -28.94 -18.11 -27.31
N GLY B 404 -30.10 -17.44 -27.21
CA GLY B 404 -30.20 -16.19 -26.44
C GLY B 404 -30.86 -16.33 -25.08
N PHE B 405 -30.05 -16.25 -24.02
CA PHE B 405 -30.57 -16.31 -22.64
C PHE B 405 -29.82 -15.42 -21.64
N GLN B 406 -28.56 -15.75 -21.37
CA GLN B 406 -27.74 -15.03 -20.38
C GLN B 406 -26.66 -14.22 -21.09
N GLY B 407 -25.42 -14.34 -20.62
CA GLY B 407 -24.25 -13.79 -21.29
C GLY B 407 -23.41 -14.90 -21.88
N ALA B 408 -24.06 -15.78 -22.65
CA ALA B 408 -23.40 -16.94 -23.24
C ALA B 408 -22.94 -16.67 -24.67
N GLU B 409 -21.66 -16.93 -24.93
CA GLU B 409 -21.07 -16.83 -26.27
C GLU B 409 -21.65 -17.89 -27.21
N ILE B 410 -21.89 -17.50 -28.46
CA ILE B 410 -22.41 -18.44 -29.46
C ILE B 410 -21.33 -18.81 -30.49
N SER B 411 -21.41 -20.04 -31.00
CA SER B 411 -20.45 -20.56 -31.96
C SER B 411 -20.93 -20.35 -33.40
N PRO B 412 -20.01 -20.00 -34.31
CA PRO B 412 -20.34 -19.89 -35.73
C PRO B 412 -20.64 -21.24 -36.40
N TYR B 413 -20.31 -22.34 -35.72
CA TYR B 413 -20.51 -23.71 -36.24
C TYR B 413 -21.98 -24.15 -36.29
N TYR B 414 -22.81 -23.58 -35.42
CA TYR B 414 -24.23 -23.94 -35.33
C TYR B 414 -25.12 -22.90 -36.00
N ASP B 415 -26.26 -23.36 -36.55
CA ASP B 415 -27.32 -22.46 -37.02
C ASP B 415 -27.61 -21.45 -35.90
N SER B 416 -27.27 -20.19 -36.13
CA SER B 416 -27.32 -19.16 -35.09
C SER B 416 -28.73 -18.72 -34.74
N LEU B 417 -29.60 -19.68 -34.46
CA LEU B 417 -30.97 -19.40 -34.02
C LEU B 417 -30.96 -18.80 -32.61
N LEU B 418 -31.19 -17.50 -32.54
CA LEU B 418 -31.32 -16.83 -31.26
C LEU B 418 -32.66 -17.19 -30.63
N VAL B 419 -33.75 -16.75 -31.27
CA VAL B 419 -35.10 -17.03 -30.77
C VAL B 419 -36.12 -17.30 -31.88
N LYS B 420 -36.97 -18.30 -31.65
CA LYS B 420 -38.22 -18.50 -32.38
C LYS B 420 -39.30 -17.69 -31.68
N LEU B 421 -40.14 -17.01 -32.45
CA LEU B 421 -41.18 -16.16 -31.86
C LEU B 421 -42.54 -16.41 -32.51
N SER B 422 -43.47 -16.96 -31.72
CA SER B 422 -44.78 -17.40 -32.22
C SER B 422 -45.94 -16.75 -31.47
N THR B 423 -46.95 -16.29 -32.22
CA THR B 423 -48.17 -15.73 -31.62
C THR B 423 -49.40 -16.42 -32.17
N HIS B 424 -50.54 -16.27 -31.48
CA HIS B 424 -51.77 -16.98 -31.81
C HIS B 424 -53.00 -16.19 -31.39
N ALA B 425 -53.97 -16.07 -32.32
CA ALA B 425 -55.24 -15.33 -32.10
C ALA B 425 -56.29 -15.67 -33.16
N ILE B 426 -57.57 -15.47 -32.85
CA ILE B 426 -58.66 -15.73 -33.83
C ILE B 426 -58.59 -14.87 -35.09
N SER B 427 -58.05 -13.67 -34.95
CA SER B 427 -57.90 -12.76 -36.08
C SER B 427 -56.46 -12.79 -36.59
N PHE B 428 -56.28 -12.68 -37.91
CA PHE B 428 -54.95 -12.54 -38.47
C PHE B 428 -54.35 -11.20 -38.05
N LYS B 429 -55.18 -10.16 -38.08
CA LYS B 429 -54.83 -8.82 -37.60
C LYS B 429 -54.45 -8.86 -36.12
N GLN B 430 -55.17 -9.66 -35.33
CA GLN B 430 -54.88 -9.76 -33.88
C GLN B 430 -53.62 -10.56 -33.59
N ALA B 431 -53.33 -11.56 -34.42
CA ALA B 431 -52.09 -12.31 -34.33
C ALA B 431 -50.90 -11.49 -34.83
N GLU B 432 -51.20 -10.54 -35.72
CA GLU B 432 -50.21 -9.61 -36.26
C GLU B 432 -49.72 -8.68 -35.15
N GLU B 433 -50.65 -7.95 -34.55
CA GLU B 433 -50.34 -6.96 -33.51
C GLU B 433 -49.76 -7.59 -32.22
N LYS B 434 -50.02 -8.89 -32.07
CA LYS B 434 -49.45 -9.71 -30.99
C LYS B 434 -47.97 -9.94 -31.26
N MET B 435 -47.65 -10.17 -32.53
CA MET B 435 -46.28 -10.37 -32.97
C MET B 435 -45.51 -9.06 -32.92
N VAL B 436 -46.16 -7.97 -33.34
CA VAL B 436 -45.56 -6.64 -33.35
C VAL B 436 -45.08 -6.22 -31.97
N ARG B 437 -45.96 -6.33 -30.97
CA ARG B 437 -45.66 -5.92 -29.60
C ARG B 437 -44.51 -6.75 -29.00
N SER B 438 -44.56 -8.06 -29.23
CA SER B 438 -43.49 -8.97 -28.84
C SER B 438 -42.17 -8.60 -29.51
N LEU B 439 -42.22 -8.27 -30.80
CA LEU B 439 -41.03 -7.84 -31.53
C LEU B 439 -40.45 -6.51 -31.01
N ARG B 440 -41.32 -5.62 -30.56
CA ARG B 440 -40.89 -4.32 -30.05
C ARG B 440 -40.39 -4.42 -28.61
N GLU B 441 -40.87 -5.42 -27.87
CA GLU B 441 -40.47 -5.67 -26.49
C GLU B 441 -39.12 -6.39 -26.39
N MET B 442 -38.70 -7.00 -27.50
CA MET B 442 -37.41 -7.68 -27.56
C MET B 442 -36.25 -6.73 -27.36
N ARG B 443 -35.21 -7.22 -26.69
CA ARG B 443 -33.97 -6.48 -26.59
C ARG B 443 -32.79 -7.43 -26.62
N ILE B 444 -32.06 -7.39 -27.74
CA ILE B 444 -30.82 -8.13 -27.88
C ILE B 444 -29.73 -7.15 -28.29
N ARG B 445 -28.66 -7.11 -27.51
CA ARG B 445 -27.55 -6.21 -27.78
C ARG B 445 -26.26 -6.99 -27.99
N GLY B 446 -25.20 -6.28 -28.38
CA GLY B 446 -23.96 -6.89 -28.83
C GLY B 446 -24.04 -7.11 -30.33
N VAL B 447 -24.94 -8.01 -30.72
CA VAL B 447 -25.25 -8.25 -32.13
C VAL B 447 -26.47 -7.41 -32.57
N LYS B 448 -26.53 -7.09 -33.86
CA LYS B 448 -27.63 -6.27 -34.43
C LYS B 448 -28.55 -7.13 -35.31
N THR B 449 -29.75 -7.37 -34.80
CA THR B 449 -30.63 -8.45 -35.31
C THR B 449 -31.65 -8.05 -36.39
N ASN B 450 -32.35 -9.05 -36.91
CA ASN B 450 -33.34 -8.89 -37.98
C ASN B 450 -34.70 -8.31 -37.55
N ILE B 451 -34.80 -7.88 -36.29
CA ILE B 451 -36.04 -7.36 -35.70
C ILE B 451 -36.74 -6.25 -36.50
N PRO B 452 -36.09 -5.09 -36.73
CA PRO B 452 -36.76 -3.94 -37.35
C PRO B 452 -37.36 -4.29 -38.71
N PHE B 453 -36.65 -5.12 -39.45
CA PHE B 453 -37.11 -5.71 -40.69
C PHE B 453 -38.46 -6.42 -40.47
N LEU B 454 -38.49 -7.34 -39.51
CA LEU B 454 -39.67 -8.17 -39.25
C LEU B 454 -40.93 -7.39 -38.86
N ILE B 455 -40.75 -6.26 -38.20
CA ILE B 455 -41.87 -5.40 -37.80
C ILE B 455 -42.60 -4.82 -39.02
N ASN B 456 -41.83 -4.43 -40.04
CA ASN B 456 -42.38 -3.91 -41.30
C ASN B 456 -43.21 -4.93 -42.06
N VAL B 457 -42.78 -6.19 -41.99
CA VAL B 457 -43.48 -7.30 -42.64
C VAL B 457 -44.85 -7.53 -41.99
N MET B 458 -44.92 -7.28 -40.68
CA MET B 458 -46.16 -7.44 -39.92
C MET B 458 -47.12 -6.28 -40.10
N LYS B 459 -46.60 -5.11 -40.45
CA LYS B 459 -47.41 -3.94 -40.76
C LYS B 459 -47.51 -3.74 -42.28
N ASN B 460 -47.73 -4.84 -42.99
CA ASN B 460 -47.77 -4.84 -44.46
C ASN B 460 -49.12 -5.26 -45.02
N LYS B 461 -49.75 -4.35 -45.76
CA LYS B 461 -51.09 -4.56 -46.32
C LYS B 461 -51.18 -5.77 -47.24
N LYS B 462 -50.07 -6.09 -47.92
CA LYS B 462 -50.01 -7.24 -48.82
C LYS B 462 -49.67 -8.53 -48.07
N PHE B 463 -49.19 -8.40 -46.85
CA PHE B 463 -48.99 -9.56 -45.98
C PHE B 463 -50.30 -9.88 -45.27
N THR B 464 -50.98 -8.84 -44.79
CA THR B 464 -52.29 -8.99 -44.14
C THR B 464 -53.32 -9.53 -45.14
N SER B 465 -53.29 -9.02 -46.37
CA SER B 465 -54.21 -9.41 -47.43
C SER B 465 -54.27 -10.93 -47.60
N GLY B 466 -53.10 -11.56 -47.62
CA GLY B 466 -53.00 -13.00 -47.77
C GLY B 466 -52.19 -13.44 -48.98
N ASP B 467 -52.38 -12.76 -50.12
CA ASP B 467 -51.69 -13.15 -51.35
C ASP B 467 -50.30 -12.55 -51.49
N TYR B 468 -49.30 -13.36 -51.16
CA TYR B 468 -47.89 -13.01 -51.36
C TYR B 468 -47.11 -14.18 -51.95
N THR B 469 -46.19 -13.87 -52.86
CA THR B 469 -45.37 -14.88 -53.51
C THR B 469 -44.14 -15.21 -52.67
N THR B 470 -43.36 -16.21 -53.10
CA THR B 470 -42.04 -16.46 -52.52
C THR B 470 -41.04 -15.39 -52.97
N LYS B 471 -41.54 -14.46 -53.78
CA LYS B 471 -40.75 -13.32 -54.26
C LYS B 471 -41.12 -12.04 -53.50
N PHE B 472 -42.05 -12.17 -52.55
CA PHE B 472 -42.59 -11.05 -51.76
C PHE B 472 -41.51 -10.11 -51.22
N ILE B 473 -40.40 -10.67 -50.72
CA ILE B 473 -39.34 -9.87 -50.11
C ILE B 473 -38.60 -9.01 -51.14
N GLU B 474 -38.00 -9.67 -52.13
CA GLU B 474 -37.17 -9.02 -53.16
C GLU B 474 -37.88 -7.85 -53.85
N GLU B 475 -39.17 -8.04 -54.17
CA GLU B 475 -39.96 -7.02 -54.86
C GLU B 475 -40.58 -5.98 -53.92
N THR B 476 -40.27 -6.10 -52.63
CA THR B 476 -40.65 -5.09 -51.64
C THR B 476 -39.38 -4.57 -50.95
N PRO B 477 -38.71 -3.61 -51.60
CA PRO B 477 -37.41 -3.11 -51.10
C PRO B 477 -37.49 -2.28 -49.82
N GLU B 478 -38.64 -1.67 -49.55
CA GLU B 478 -38.81 -0.83 -48.35
C GLU B 478 -38.86 -1.63 -47.03
N LEU B 479 -38.73 -2.95 -47.13
CA LEU B 479 -38.62 -3.82 -45.95
C LEU B 479 -37.19 -3.83 -45.40
N PHE B 480 -36.26 -3.28 -46.17
CA PHE B 480 -34.88 -3.08 -45.72
C PHE B 480 -34.71 -1.69 -45.11
N ASP B 481 -35.82 -1.06 -44.75
CA ASP B 481 -35.84 0.28 -44.17
C ASP B 481 -35.69 0.20 -42.65
N ILE B 482 -34.54 0.63 -42.13
CA ILE B 482 -34.24 0.53 -40.70
C ILE B 482 -34.47 1.86 -39.96
N GLN B 483 -35.05 1.78 -38.77
CA GLN B 483 -35.28 2.94 -37.90
C GLN B 483 -34.21 2.98 -36.80
N PRO B 484 -33.62 4.17 -36.55
CA PRO B 484 -32.62 4.32 -35.49
C PRO B 484 -33.23 4.28 -34.08
N SER B 485 -33.67 3.10 -33.64
CA SER B 485 -34.27 2.94 -32.31
C SER B 485 -33.21 2.95 -31.21
N LEU B 486 -33.13 4.08 -30.52
CA LEU B 486 -32.17 4.26 -29.42
C LEU B 486 -32.57 3.47 -28.18
N ASP B 487 -31.58 2.91 -27.49
CA ASP B 487 -31.81 2.36 -26.14
C ASP B 487 -31.16 3.30 -25.11
N ARG B 488 -31.91 4.33 -24.75
CA ARG B 488 -31.44 5.40 -23.86
C ARG B 488 -31.01 4.87 -22.48
N GLY B 489 -31.70 3.84 -22.00
CA GLY B 489 -31.39 3.22 -20.71
C GLY B 489 -29.98 2.67 -20.74
N THR B 490 -29.69 1.88 -21.77
CA THR B 490 -28.37 1.31 -21.98
C THR B 490 -27.30 2.39 -22.04
N LYS B 491 -27.66 3.51 -22.67
CA LYS B 491 -26.74 4.62 -22.88
C LYS B 491 -26.41 5.34 -21.58
N THR B 492 -27.38 5.48 -20.67
CA THR B 492 -27.10 6.14 -19.40
C THR B 492 -26.40 5.22 -18.40
N LEU B 493 -26.69 3.92 -18.47
CA LEU B 493 -25.91 2.92 -17.74
C LEU B 493 -24.44 2.94 -18.20
N GLU B 494 -24.23 3.12 -19.51
CA GLU B 494 -22.88 3.22 -20.05
C GLU B 494 -22.17 4.50 -19.64
N TYR B 495 -22.91 5.61 -19.58
CA TYR B 495 -22.34 6.89 -19.13
C TYR B 495 -21.90 6.83 -17.66
N ILE B 496 -22.84 6.45 -16.80
CA ILE B 496 -22.58 6.33 -15.37
C ILE B 496 -21.40 5.40 -15.12
N GLY B 497 -21.41 4.26 -15.79
CA GLY B 497 -20.33 3.28 -15.65
C GLY B 497 -18.97 3.85 -16.00
N ASN B 498 -18.92 4.57 -17.12
CA ASN B 498 -17.69 5.16 -17.61
C ASN B 498 -17.13 6.20 -16.64
N VAL B 499 -18.00 7.05 -16.12
CA VAL B 499 -17.59 8.12 -15.21
C VAL B 499 -17.21 7.60 -13.84
N THR B 500 -17.97 6.64 -13.32
CA THR B 500 -17.65 5.97 -12.06
C THR B 500 -16.24 5.40 -12.09
N ILE B 501 -15.93 4.65 -13.15
CA ILE B 501 -14.64 3.99 -13.25
C ILE B 501 -13.52 4.96 -13.66
N ASN B 502 -13.77 5.76 -14.69
CA ASN B 502 -12.70 6.58 -15.28
C ASN B 502 -12.67 8.04 -14.85
N GLY B 503 -13.66 8.47 -14.07
CA GLY B 503 -13.73 9.86 -13.64
C GLY B 503 -14.28 10.80 -14.70
N PHE B 504 -14.19 12.10 -14.42
CA PHE B 504 -14.75 13.15 -15.26
C PHE B 504 -13.67 14.23 -15.45
N PRO B 505 -13.54 14.81 -16.65
CA PRO B 505 -12.56 15.87 -16.90
C PRO B 505 -12.68 17.06 -15.93
N ASN B 506 -11.58 17.48 -15.34
CA ASN B 506 -11.54 18.61 -14.40
C ASN B 506 -12.22 18.37 -13.04
N VAL B 507 -12.63 17.13 -12.79
CA VAL B 507 -13.25 16.79 -11.51
C VAL B 507 -12.35 15.88 -10.69
N GLU B 508 -11.97 16.37 -9.51
CA GLU B 508 -11.05 15.66 -8.62
C GLU B 508 -11.72 14.41 -8.06
N LYS B 509 -11.11 13.25 -8.30
CA LYS B 509 -11.65 11.94 -7.86
C LYS B 509 -11.90 11.85 -6.35
N ARG B 510 -13.16 12.00 -5.94
CA ARG B 510 -13.52 12.09 -4.52
C ARG B 510 -14.93 11.48 -4.23
N PRO B 511 -15.41 11.51 -2.97
CA PRO B 511 -16.70 10.89 -2.65
C PRO B 511 -17.90 11.67 -3.16
N LYS B 512 -18.80 10.96 -3.83
CA LYS B 512 -19.99 11.57 -4.41
C LYS B 512 -20.76 12.48 -3.42
N PRO B 513 -21.02 13.74 -3.82
CA PRO B 513 -22.01 14.62 -3.15
C PRO B 513 -23.42 14.04 -2.90
N ASP B 514 -24.40 14.96 -2.80
CA ASP B 514 -25.63 14.76 -2.02
C ASP B 514 -25.20 14.43 -0.58
N TYR B 515 -24.15 15.15 -0.18
CA TYR B 515 -23.66 15.26 1.18
C TYR B 515 -24.69 16.09 1.98
N GLU B 516 -25.08 17.25 1.44
CA GLU B 516 -26.13 18.08 2.03
C GLU B 516 -27.48 17.83 1.32
N LEU B 517 -28.38 17.11 2.02
CA LEU B 517 -29.69 16.74 1.48
C LEU B 517 -30.72 17.87 1.67
N ALA B 518 -30.40 19.05 1.13
CA ALA B 518 -31.25 20.24 1.30
C ALA B 518 -32.38 20.28 0.25
N SER B 519 -33.55 19.77 0.65
CA SER B 519 -34.68 19.60 -0.27
C SER B 519 -35.24 20.90 -0.86
N ILE B 520 -35.75 20.77 -2.08
CA ILE B 520 -36.01 21.89 -2.98
C ILE B 520 -37.37 22.51 -2.75
N PRO B 521 -37.39 23.82 -2.43
CA PRO B 521 -38.65 24.57 -2.32
C PRO B 521 -39.39 24.54 -3.65
N THR B 522 -40.70 24.38 -3.62
CA THR B 522 -41.46 24.32 -4.87
C THR B 522 -42.78 25.09 -4.81
N VAL B 523 -43.26 25.49 -5.99
CA VAL B 523 -44.52 26.24 -6.14
C VAL B 523 -45.33 25.60 -7.29
N SER B 524 -46.63 25.49 -7.11
CA SER B 524 -47.55 24.85 -8.08
C SER B 524 -47.62 25.53 -9.44
N SER B 525 -47.92 24.73 -10.46
CA SER B 525 -48.12 25.20 -11.83
C SER B 525 -49.33 26.12 -11.91
N SER B 526 -50.39 25.74 -11.21
CA SER B 526 -51.62 26.54 -11.18
C SER B 526 -51.30 27.97 -10.81
N LYS B 527 -50.72 28.16 -9.63
CA LYS B 527 -50.36 29.51 -9.13
C LYS B 527 -49.61 30.30 -10.20
N ILE B 528 -48.55 29.69 -10.74
CA ILE B 528 -47.70 30.29 -11.76
C ILE B 528 -48.45 30.61 -13.06
N ALA B 529 -49.32 29.69 -13.49
CA ALA B 529 -50.17 29.92 -14.66
C ALA B 529 -51.01 31.20 -14.52
N SER B 530 -51.28 31.60 -13.29
CA SER B 530 -52.04 32.82 -13.00
C SER B 530 -51.17 34.07 -12.94
N PHE B 531 -49.90 33.91 -12.57
CA PHE B 531 -49.00 35.05 -12.40
C PHE B 531 -48.96 35.91 -13.65
N SER B 532 -48.95 37.22 -13.43
CA SER B 532 -48.90 38.18 -14.49
C SER B 532 -47.82 39.21 -14.17
N GLY B 533 -46.73 39.14 -14.92
CA GLY B 533 -45.60 40.05 -14.74
C GLY B 533 -45.14 40.61 -16.07
N THR B 534 -43.84 40.93 -16.15
CA THR B 534 -43.28 41.65 -17.29
C THR B 534 -43.35 40.90 -18.64
N LYS B 535 -43.53 39.59 -18.59
CA LYS B 535 -43.76 38.79 -19.80
C LYS B 535 -45.11 39.16 -20.40
N GLN B 536 -46.13 39.06 -19.55
CA GLN B 536 -47.50 39.43 -19.92
C GLN B 536 -47.57 40.89 -20.35
N LEU B 537 -46.79 41.75 -19.69
CA LEU B 537 -46.75 43.15 -20.03
C LEU B 537 -46.33 43.32 -21.49
N LEU B 538 -45.22 42.68 -21.85
CA LEU B 538 -44.73 42.69 -23.23
C LEU B 538 -45.82 42.25 -24.23
N ASP B 539 -46.57 41.22 -23.84
CA ASP B 539 -47.66 40.69 -24.65
C ASP B 539 -48.85 41.66 -24.81
N GLU B 540 -49.01 42.61 -23.89
CA GLU B 540 -50.09 43.61 -23.99
C GLU B 540 -49.63 44.87 -24.69
N VAL B 541 -48.60 45.51 -24.14
CA VAL B 541 -48.18 46.86 -24.55
C VAL B 541 -47.04 46.90 -25.56
N GLY B 542 -46.21 45.86 -25.60
CA GLY B 542 -45.07 45.81 -26.52
C GLY B 542 -43.80 46.39 -25.93
N PRO B 543 -42.68 46.25 -26.64
CA PRO B 543 -41.36 46.69 -26.17
C PRO B 543 -41.32 48.17 -25.76
N LYS B 544 -41.88 49.04 -26.60
CA LYS B 544 -41.97 50.47 -26.29
C LYS B 544 -42.85 50.70 -25.05
N GLY B 545 -43.90 49.89 -24.91
CA GLY B 545 -44.78 49.96 -23.75
C GLY B 545 -44.04 49.67 -22.46
N VAL B 546 -43.27 48.58 -22.46
CA VAL B 546 -42.50 48.15 -21.29
C VAL B 546 -41.53 49.24 -20.84
N ALA B 547 -40.81 49.84 -21.79
CA ALA B 547 -39.90 50.94 -21.49
C ALA B 547 -40.63 52.09 -20.80
N GLU B 548 -41.80 52.45 -21.35
CA GLU B 548 -42.70 53.43 -20.75
C GLU B 548 -43.12 53.03 -19.33
N TRP B 549 -43.46 51.76 -19.16
CA TRP B 549 -43.84 51.24 -17.84
C TRP B 549 -42.68 51.28 -16.83
N VAL B 550 -41.46 51.02 -17.29
CA VAL B 550 -40.28 50.98 -16.40
C VAL B 550 -40.06 52.32 -15.69
N LYS B 551 -39.98 53.41 -16.44
CA LYS B 551 -39.75 54.73 -15.84
C LYS B 551 -40.94 55.24 -15.00
N LYS B 552 -42.12 54.68 -15.22
CA LYS B 552 -43.30 54.99 -14.43
C LYS B 552 -43.23 54.33 -13.03
N GLN B 553 -42.36 53.34 -12.88
CA GLN B 553 -42.18 52.64 -11.59
C GLN B 553 -41.22 53.37 -10.66
N ASP B 554 -41.64 53.62 -9.42
CA ASP B 554 -40.83 54.34 -8.44
C ASP B 554 -39.77 53.45 -7.77
N ASP B 555 -40.15 52.21 -7.48
CA ASP B 555 -39.23 51.21 -6.92
C ASP B 555 -38.10 50.91 -7.89
N VAL B 556 -36.98 50.44 -7.33
CA VAL B 556 -35.86 49.95 -8.09
C VAL B 556 -36.23 48.57 -8.58
N LEU B 557 -36.23 48.37 -9.90
CA LEU B 557 -36.50 47.06 -10.48
C LEU B 557 -35.22 46.24 -10.55
N LEU B 558 -35.34 44.92 -10.51
CA LEU B 558 -34.15 44.09 -10.50
C LEU B 558 -34.14 42.99 -11.55
N THR B 559 -32.93 42.69 -12.04
CA THR B 559 -32.68 41.58 -12.92
C THR B 559 -31.81 40.53 -12.21
N ASP B 560 -32.29 39.31 -12.13
CA ASP B 560 -31.50 38.24 -11.53
C ASP B 560 -30.53 37.63 -12.55
N THR B 561 -29.25 37.52 -12.18
CA THR B 561 -28.26 36.94 -13.09
C THR B 561 -27.80 35.56 -12.62
N THR B 562 -28.45 35.04 -11.57
CA THR B 562 -28.11 33.75 -10.99
C THR B 562 -28.00 32.63 -12.03
N PHE B 563 -28.95 32.59 -12.96
CA PHE B 563 -28.98 31.59 -14.03
C PHE B 563 -27.95 31.79 -15.13
N ARG B 564 -27.23 32.91 -15.10
CA ARG B 564 -26.25 33.17 -16.16
C ARG B 564 -24.93 33.75 -15.66
N ASP B 565 -24.90 35.05 -15.40
CA ASP B 565 -23.64 35.72 -15.13
C ASP B 565 -23.00 35.34 -13.80
N ALA B 566 -23.83 35.05 -12.80
CA ALA B 566 -23.31 34.72 -11.48
C ALA B 566 -22.34 33.54 -11.57
N HIS B 567 -22.76 32.46 -12.23
CA HIS B 567 -21.91 31.29 -12.31
C HIS B 567 -20.84 31.42 -13.40
N GLN B 568 -21.12 32.24 -14.42
CA GLN B 568 -20.09 32.57 -15.41
C GLN B 568 -18.86 33.17 -14.72
N SER B 569 -19.09 34.02 -13.73
CA SER B 569 -18.02 34.62 -12.96
C SER B 569 -17.42 33.63 -11.96
N LEU B 570 -18.27 32.89 -11.26
CA LEU B 570 -17.83 32.16 -10.07
C LEU B 570 -17.48 30.70 -10.29
N LEU B 571 -18.12 30.07 -11.26
CA LEU B 571 -18.03 28.63 -11.45
C LEU B 571 -17.81 28.28 -12.92
N ALA B 572 -17.01 29.08 -13.61
CA ALA B 572 -16.65 28.82 -14.99
C ALA B 572 -17.85 28.46 -15.91
N THR B 573 -19.02 29.03 -15.63
CA THR B 573 -20.22 28.86 -16.46
C THR B 573 -20.73 27.42 -16.52
N ARG B 574 -20.39 26.62 -15.51
CA ARG B 574 -20.71 25.20 -15.55
C ARG B 574 -22.08 24.80 -14.98
N VAL B 575 -22.82 25.74 -14.39
CA VAL B 575 -24.10 25.34 -13.78
C VAL B 575 -25.04 24.72 -14.81
N ARG B 576 -25.47 23.49 -14.51
CA ARG B 576 -26.28 22.68 -15.44
C ARG B 576 -27.76 23.08 -15.46
N THR B 577 -28.44 22.76 -16.58
CA THR B 577 -29.88 22.98 -16.70
C THR B 577 -30.61 22.36 -15.51
N LYS B 578 -30.28 21.10 -15.20
CA LYS B 578 -30.96 20.35 -14.15
C LYS B 578 -31.21 21.18 -12.88
N ASP B 579 -30.14 21.81 -12.39
CA ASP B 579 -30.18 22.63 -11.21
C ASP B 579 -30.99 23.90 -11.39
N MET B 580 -31.06 24.38 -12.63
CA MET B 580 -31.86 25.56 -12.93
C MET B 580 -33.33 25.18 -12.97
N ILE B 581 -33.62 24.06 -13.63
CA ILE B 581 -34.98 23.54 -13.75
C ILE B 581 -35.58 23.19 -12.39
N ASN B 582 -34.82 22.48 -11.56
CA ASN B 582 -35.26 22.13 -10.22
C ASN B 582 -35.83 23.30 -9.40
N ILE B 583 -35.20 24.47 -9.55
CA ILE B 583 -35.58 25.65 -8.77
C ILE B 583 -36.48 26.62 -9.54
N ALA B 584 -36.71 26.31 -10.81
CA ALA B 584 -37.41 27.21 -11.71
C ALA B 584 -38.76 27.69 -11.20
N SER B 585 -39.60 26.79 -10.70
CA SER B 585 -40.95 27.17 -10.29
C SER B 585 -40.98 28.06 -9.05
N LYS B 586 -40.00 27.89 -8.16
CA LYS B 586 -39.85 28.79 -7.02
C LYS B 586 -39.30 30.14 -7.48
N THR B 587 -38.38 30.10 -8.43
CA THR B 587 -37.82 31.31 -9.01
C THR B 587 -38.93 32.15 -9.63
N ALA B 588 -39.87 31.50 -10.32
CA ALA B 588 -41.01 32.19 -10.93
C ALA B 588 -41.82 32.95 -9.88
N ASP B 589 -41.93 32.37 -8.70
CA ASP B 589 -42.69 33.01 -7.61
C ASP B 589 -41.88 34.11 -6.94
N VAL B 590 -40.62 33.82 -6.59
CA VAL B 590 -39.78 34.81 -5.93
C VAL B 590 -39.57 36.08 -6.78
N PHE B 591 -39.34 35.91 -8.08
CA PHE B 591 -39.12 37.06 -8.97
C PHE B 591 -40.34 37.53 -9.77
N LYS B 592 -41.54 37.23 -9.29
CA LYS B 592 -42.78 37.63 -9.98
C LYS B 592 -42.81 39.10 -10.36
N ASP B 593 -42.09 39.92 -9.59
CA ASP B 593 -42.02 41.35 -9.82
C ASP B 593 -40.62 41.84 -10.20
N GLY B 594 -39.74 40.90 -10.56
CA GLY B 594 -38.48 41.25 -11.17
C GLY B 594 -38.71 41.76 -12.58
N PHE B 595 -37.84 42.66 -13.04
CA PHE B 595 -37.91 43.12 -14.42
C PHE B 595 -37.62 41.96 -15.40
N SER B 596 -36.50 41.26 -15.18
CA SER B 596 -36.12 40.15 -16.05
C SER B 596 -35.27 39.13 -15.32
N LEU B 597 -35.10 37.97 -15.96
CA LEU B 597 -34.14 36.98 -15.53
C LEU B 597 -33.12 36.82 -16.65
N GLU B 598 -31.85 37.12 -16.35
CA GLU B 598 -30.80 36.89 -17.32
C GLU B 598 -30.36 35.43 -17.20
N MET B 599 -30.55 34.68 -18.27
CA MET B 599 -30.41 33.23 -18.22
C MET B 599 -29.92 32.61 -19.53
N TRP B 600 -29.29 33.42 -20.38
CA TRP B 600 -28.79 32.95 -21.67
C TRP B 600 -27.75 33.92 -22.24
N GLY B 601 -27.10 33.51 -23.33
CA GLY B 601 -26.05 34.32 -23.95
C GLY B 601 -24.77 34.21 -23.14
N GLY B 602 -23.82 35.10 -23.39
CA GLY B 602 -22.53 35.02 -22.70
C GLY B 602 -21.85 33.73 -23.09
N ALA B 603 -21.18 33.09 -22.13
CA ALA B 603 -20.47 31.85 -22.41
C ALA B 603 -21.33 30.57 -22.33
N THR B 604 -22.60 30.72 -21.95
CA THR B 604 -23.46 29.54 -21.70
C THR B 604 -23.71 28.71 -22.93
N PHE B 605 -23.87 29.35 -24.09
CA PHE B 605 -24.18 28.64 -25.33
C PHE B 605 -23.10 27.63 -25.70
N ASP B 606 -21.87 28.10 -25.66
CA ASP B 606 -20.70 27.33 -25.97
C ASP B 606 -20.49 26.28 -24.89
N VAL B 607 -20.45 26.73 -23.64
CA VAL B 607 -20.11 25.86 -22.52
C VAL B 607 -21.13 24.72 -22.35
N ALA B 608 -22.42 25.02 -22.55
CA ALA B 608 -23.44 24.00 -22.48
C ALA B 608 -23.17 22.91 -23.52
N TYR B 609 -23.06 23.31 -24.79
CA TYR B 609 -22.79 22.37 -25.89
C TYR B 609 -21.47 21.64 -25.69
N ASN B 610 -20.44 22.36 -25.25
CA ASN B 610 -19.08 21.82 -25.18
C ASN B 610 -18.80 20.99 -23.92
N PHE B 611 -18.65 21.68 -22.78
CA PHE B 611 -18.30 21.03 -21.51
C PHE B 611 -19.43 20.21 -20.90
N LEU B 612 -20.62 20.80 -20.80
CA LEU B 612 -21.78 20.16 -20.15
C LEU B 612 -22.51 19.15 -21.06
N LYS B 613 -22.21 19.20 -22.36
CA LYS B 613 -22.84 18.33 -23.36
C LYS B 613 -24.35 18.34 -23.23
N GLU B 614 -24.94 19.53 -23.23
CA GLU B 614 -26.39 19.69 -23.22
C GLU B 614 -26.82 20.86 -24.09
N ASN B 615 -28.03 20.77 -24.64
CA ASN B 615 -28.52 21.76 -25.58
C ASN B 615 -29.00 23.02 -24.87
N PRO B 616 -28.31 24.14 -25.09
CA PRO B 616 -28.72 25.43 -24.51
C PRO B 616 -30.13 25.81 -24.93
N TRP B 617 -30.55 25.38 -26.11
CA TRP B 617 -31.90 25.64 -26.61
C TRP B 617 -32.96 25.01 -25.70
N GLU B 618 -32.74 23.75 -25.31
CA GLU B 618 -33.64 23.07 -24.39
C GLU B 618 -33.66 23.74 -23.02
N ARG B 619 -32.50 24.25 -22.59
CA ARG B 619 -32.44 25.01 -21.35
C ARG B 619 -33.40 26.20 -21.43
N LEU B 620 -33.35 26.91 -22.55
CA LEU B 620 -34.20 28.08 -22.75
C LEU B 620 -35.69 27.69 -22.81
N GLU B 621 -36.01 26.66 -23.59
CA GLU B 621 -37.42 26.23 -23.73
C GLU B 621 -38.00 25.66 -22.44
N ARG B 622 -37.25 24.76 -21.80
CA ARG B 622 -37.68 24.12 -20.55
C ARG B 622 -37.96 25.17 -19.47
N LEU B 623 -37.02 26.09 -19.27
CA LEU B 623 -37.21 27.24 -18.38
C LEU B 623 -38.36 28.15 -18.81
N ARG B 624 -38.53 28.31 -20.13
CA ARG B 624 -39.60 29.15 -20.67
C ARG B 624 -40.96 28.70 -20.17
N LYS B 625 -41.20 27.39 -20.25
CA LYS B 625 -42.43 26.78 -19.75
C LYS B 625 -42.58 26.99 -18.25
N ALA B 626 -41.50 26.75 -17.52
CA ALA B 626 -41.50 26.78 -16.05
C ALA B 626 -41.70 28.18 -15.47
N ILE B 627 -41.19 29.19 -16.17
CA ILE B 627 -41.29 30.58 -15.74
C ILE B 627 -41.90 31.44 -16.87
N PRO B 628 -43.23 31.43 -16.98
CA PRO B 628 -43.93 32.13 -18.07
C PRO B 628 -44.36 33.57 -17.74
N ASN B 629 -43.90 34.08 -16.59
CA ASN B 629 -44.37 35.34 -16.03
C ASN B 629 -43.33 36.46 -16.08
N VAL B 630 -42.06 36.11 -16.17
CA VAL B 630 -41.00 37.11 -16.13
C VAL B 630 -40.22 37.15 -17.45
N LEU B 631 -39.71 38.36 -17.78
CA LEU B 631 -38.94 38.57 -19.00
C LEU B 631 -37.63 37.79 -18.99
N PHE B 632 -37.24 37.30 -20.17
CA PHE B 632 -36.01 36.53 -20.31
C PHE B 632 -34.97 37.38 -21.03
N GLN B 633 -33.85 37.63 -20.35
CA GLN B 633 -32.81 38.50 -20.88
C GLN B 633 -31.57 37.72 -21.25
N MET B 634 -31.03 37.98 -22.43
CA MET B 634 -29.77 37.40 -22.84
C MET B 634 -28.75 38.48 -23.19
N LEU B 635 -27.48 38.12 -23.08
CA LEU B 635 -26.40 39.01 -23.45
C LEU B 635 -25.96 38.64 -24.86
N LEU B 636 -25.95 39.63 -25.75
CA LEU B 636 -25.62 39.42 -27.14
C LEU B 636 -24.42 40.26 -27.59
N ARG B 637 -23.37 39.58 -28.03
CA ARG B 637 -22.21 40.23 -28.65
C ARG B 637 -22.62 40.80 -30.01
N ALA B 638 -22.32 42.07 -30.23
CA ALA B 638 -22.74 42.73 -31.46
C ALA B 638 -22.21 42.00 -32.71
N SER B 639 -20.90 41.73 -32.74
CA SER B 639 -20.24 41.15 -33.91
C SER B 639 -20.57 39.68 -34.17
N ASN B 640 -20.66 38.88 -33.09
CA ASN B 640 -20.74 37.43 -33.23
C ASN B 640 -21.95 36.79 -32.54
N ALA B 641 -22.79 37.63 -31.93
CA ALA B 641 -23.99 37.21 -31.19
C ALA B 641 -23.65 36.43 -29.90
N VAL B 642 -23.18 35.20 -30.09
CA VAL B 642 -22.90 34.30 -29.00
C VAL B 642 -21.77 33.37 -29.45
N GLY B 643 -21.32 33.61 -30.69
CA GLY B 643 -20.29 32.80 -31.35
C GLY B 643 -18.85 33.07 -30.93
N TYR B 644 -17.91 32.57 -31.76
CA TYR B 644 -16.48 32.59 -31.45
C TYR B 644 -15.63 33.25 -32.55
N LYS B 645 -16.17 33.33 -33.76
CA LYS B 645 -15.47 33.94 -34.90
C LYS B 645 -16.32 35.10 -35.45
N ASN B 646 -16.04 35.51 -36.68
CA ASN B 646 -16.88 36.49 -37.36
C ASN B 646 -17.94 35.84 -38.25
N TYR B 647 -19.13 36.43 -38.26
CA TYR B 647 -20.26 35.84 -38.99
C TYR B 647 -21.00 36.86 -39.87
N PRO B 648 -21.47 36.40 -41.02
CA PRO B 648 -22.27 37.24 -41.92
C PRO B 648 -23.59 37.65 -41.28
N ASP B 649 -24.04 38.86 -41.61
CA ASP B 649 -25.27 39.46 -41.07
C ASP B 649 -26.42 38.48 -40.87
N ASN B 650 -26.72 37.68 -41.90
CA ASN B 650 -27.85 36.76 -41.85
C ASN B 650 -27.77 35.71 -40.72
N VAL B 651 -26.53 35.42 -40.28
CA VAL B 651 -26.30 34.51 -39.14
C VAL B 651 -26.75 35.15 -37.81
N ILE B 652 -26.43 36.42 -37.62
CA ILE B 652 -26.83 37.14 -36.41
C ILE B 652 -28.34 37.33 -36.42
N HIS B 653 -28.89 37.51 -37.62
CA HIS B 653 -30.32 37.74 -37.78
C HIS B 653 -31.12 36.50 -37.41
N LYS B 654 -30.69 35.36 -37.94
CA LYS B 654 -31.38 34.09 -37.73
C LYS B 654 -31.30 33.65 -36.27
N PHE B 655 -30.14 33.85 -35.65
CA PHE B 655 -29.96 33.53 -34.24
C PHE B 655 -30.96 34.32 -33.38
N VAL B 656 -31.03 35.64 -33.60
CA VAL B 656 -31.98 36.49 -32.88
C VAL B 656 -33.43 36.03 -33.13
N GLN B 657 -33.75 35.73 -34.38
CA GLN B 657 -35.08 35.25 -34.77
C GLN B 657 -35.47 33.96 -34.04
N GLU B 658 -34.54 33.02 -33.93
CA GLU B 658 -34.82 31.74 -33.30
C GLU B 658 -34.80 31.83 -31.78
N SER B 659 -33.94 32.71 -31.26
CA SER B 659 -33.86 33.00 -29.84
C SER B 659 -35.12 33.69 -29.37
N ALA B 660 -35.74 34.47 -30.25
CA ALA B 660 -36.97 35.16 -29.94
C ALA B 660 -38.15 34.18 -29.87
N LYS B 661 -38.17 33.23 -30.81
CA LYS B 661 -39.18 32.17 -30.84
C LYS B 661 -39.11 31.32 -29.58
N ALA B 662 -37.90 30.91 -29.20
CA ALA B 662 -37.69 30.04 -28.05
C ALA B 662 -37.95 30.71 -26.70
N GLY B 663 -38.01 32.05 -26.65
CA GLY B 663 -38.43 32.74 -25.43
C GLY B 663 -37.67 33.96 -24.92
N ILE B 664 -36.62 34.39 -25.61
CA ILE B 664 -35.84 35.57 -25.18
C ILE B 664 -36.60 36.86 -25.49
N ASP B 665 -36.64 37.76 -24.52
CA ASP B 665 -37.44 38.98 -24.63
C ASP B 665 -36.58 40.23 -24.62
N VAL B 666 -35.67 40.32 -23.66
CA VAL B 666 -34.76 41.44 -23.58
C VAL B 666 -33.42 40.98 -24.16
N PHE B 667 -32.91 41.75 -25.12
CA PHE B 667 -31.63 41.45 -25.76
C PHE B 667 -30.62 42.55 -25.45
N ARG B 668 -29.68 42.25 -24.55
CA ARG B 668 -28.64 43.21 -24.23
C ARG B 668 -27.52 43.16 -25.27
N ILE B 669 -27.54 44.11 -26.21
CA ILE B 669 -26.53 44.20 -27.26
C ILE B 669 -25.45 45.20 -26.86
N PHE B 670 -24.21 44.71 -26.79
CA PHE B 670 -23.04 45.50 -26.43
C PHE B 670 -21.93 45.28 -27.46
N ASP B 671 -21.06 46.26 -27.64
CA ASP B 671 -19.88 46.07 -28.49
C ASP B 671 -18.60 46.17 -27.68
N SER B 672 -17.64 45.29 -27.96
CA SER B 672 -16.43 45.18 -27.14
C SER B 672 -15.45 46.36 -27.28
N LEU B 673 -15.72 47.25 -28.24
CA LEU B 673 -14.96 48.49 -28.38
C LEU B 673 -15.87 49.72 -28.36
N ASN B 674 -17.14 49.50 -27.96
CA ASN B 674 -18.20 50.52 -27.94
C ASN B 674 -18.51 51.13 -29.31
N TRP B 675 -18.27 50.35 -30.36
CA TRP B 675 -18.48 50.82 -31.72
C TRP B 675 -19.92 50.57 -32.16
N VAL B 676 -20.73 51.63 -32.10
CA VAL B 676 -22.17 51.60 -32.36
C VAL B 676 -22.53 50.96 -33.71
N ASP B 677 -21.71 51.21 -34.72
CA ASP B 677 -21.92 50.63 -36.05
C ASP B 677 -22.06 49.10 -36.04
N GLN B 678 -21.42 48.45 -35.06
CA GLN B 678 -21.47 46.98 -34.96
C GLN B 678 -22.76 46.44 -34.34
N MET B 679 -23.46 47.28 -33.59
CA MET B 679 -24.69 46.85 -32.91
C MET B 679 -25.98 47.23 -33.65
N LYS B 680 -25.89 47.46 -34.95
CA LYS B 680 -27.05 47.83 -35.76
C LYS B 680 -27.79 46.60 -36.32
N VAL B 681 -27.04 45.63 -36.83
CA VAL B 681 -27.60 44.38 -37.37
C VAL B 681 -28.38 43.60 -36.30
N ALA B 682 -27.82 43.53 -35.09
CA ALA B 682 -28.55 42.91 -33.97
C ALA B 682 -29.80 43.72 -33.62
N ASN B 683 -29.61 45.01 -33.40
CA ASN B 683 -30.68 45.95 -33.03
C ASN B 683 -31.89 45.83 -33.95
N GLU B 684 -31.63 45.78 -35.25
CA GLU B 684 -32.70 45.69 -36.23
C GLU B 684 -33.36 44.31 -36.22
N ALA B 685 -32.54 43.26 -36.10
CA ALA B 685 -33.08 41.90 -35.96
C ALA B 685 -34.01 41.80 -34.74
N VAL B 686 -33.63 42.49 -33.66
CA VAL B 686 -34.39 42.51 -32.42
C VAL B 686 -35.69 43.33 -32.52
N GLN B 687 -35.63 44.49 -33.19
CA GLN B 687 -36.84 45.29 -33.48
C GLN B 687 -37.86 44.41 -34.19
N GLU B 688 -37.42 43.85 -35.33
CA GLU B 688 -38.21 42.99 -36.20
C GLU B 688 -38.87 41.82 -35.44
N ALA B 689 -38.16 41.27 -34.46
CA ALA B 689 -38.70 40.18 -33.65
C ALA B 689 -39.78 40.62 -32.66
N GLY B 690 -40.02 41.93 -32.58
CA GLY B 690 -40.97 42.53 -31.64
C GLY B 690 -40.57 42.41 -30.17
N LYS B 691 -39.27 42.24 -29.91
CA LYS B 691 -38.75 42.08 -28.54
C LYS B 691 -37.89 43.29 -28.11
N ILE B 692 -37.56 43.36 -26.82
CA ILE B 692 -36.84 44.51 -26.24
C ILE B 692 -35.35 44.51 -26.60
N SER B 693 -34.87 45.68 -27.03
CA SER B 693 -33.49 45.87 -27.44
C SER B 693 -32.75 46.77 -26.46
N GLU B 694 -31.78 46.21 -25.73
CA GLU B 694 -30.93 47.00 -24.83
C GLU B 694 -29.64 47.49 -25.51
N GLY B 695 -29.50 48.81 -25.60
CA GLY B 695 -28.27 49.45 -26.06
C GLY B 695 -27.30 49.52 -24.89
N THR B 696 -26.08 49.07 -25.11
CA THR B 696 -25.12 48.95 -24.02
C THR B 696 -23.91 49.83 -24.21
N ILE B 697 -23.52 50.50 -23.14
CA ILE B 697 -22.21 51.14 -23.07
C ILE B 697 -21.35 50.32 -22.11
N CYS B 698 -20.19 49.87 -22.61
CA CYS B 698 -19.21 49.28 -21.71
C CYS B 698 -18.40 50.39 -21.06
N TYR B 699 -18.31 50.38 -19.73
CA TYR B 699 -17.63 51.43 -18.99
C TYR B 699 -16.15 51.11 -18.73
N THR B 700 -15.27 52.07 -19.01
CA THR B 700 -13.84 51.93 -18.69
C THR B 700 -13.36 53.25 -18.09
N GLY B 701 -12.18 53.21 -17.49
CA GLY B 701 -11.56 54.41 -16.96
C GLY B 701 -12.18 54.88 -15.67
N ASP B 702 -12.22 56.19 -15.49
CA ASP B 702 -12.67 56.81 -14.26
C ASP B 702 -13.08 58.23 -14.60
N ILE B 703 -14.39 58.49 -14.61
CA ILE B 703 -14.89 59.84 -14.95
C ILE B 703 -14.61 60.84 -13.83
N LEU B 704 -14.34 60.33 -12.63
CA LEU B 704 -13.95 61.16 -11.50
C LEU B 704 -12.53 61.70 -11.64
N ASN B 705 -11.71 61.02 -12.44
CA ASN B 705 -10.32 61.42 -12.65
C ASN B 705 -10.05 62.03 -14.03
N PRO B 706 -9.78 63.34 -14.07
CA PRO B 706 -9.50 64.03 -15.34
C PRO B 706 -8.21 63.60 -16.06
N GLU B 707 -7.25 63.04 -15.32
CA GLU B 707 -5.98 62.60 -15.93
C GLU B 707 -5.98 61.10 -16.21
N ARG B 708 -7.16 60.52 -16.39
CA ARG B 708 -7.30 59.11 -16.69
C ARG B 708 -7.32 58.89 -18.20
N SER B 709 -8.11 59.71 -18.88
CA SER B 709 -8.37 59.59 -20.31
C SER B 709 -8.91 60.90 -20.87
N ASN B 710 -8.48 61.24 -22.09
CA ASN B 710 -9.09 62.34 -22.85
C ASN B 710 -10.39 61.85 -23.48
N ILE B 711 -10.46 60.54 -23.68
CA ILE B 711 -11.55 59.92 -24.44
C ILE B 711 -12.73 59.55 -23.55
N TYR B 712 -12.47 58.78 -22.50
CA TYR B 712 -13.55 58.19 -21.70
C TYR B 712 -14.07 59.14 -20.62
N THR B 713 -14.80 60.14 -21.09
CA THR B 713 -15.22 61.29 -20.34
C THR B 713 -16.72 61.20 -20.08
N LEU B 714 -17.20 61.91 -19.06
CA LEU B 714 -18.63 62.02 -18.84
C LEU B 714 -19.31 62.41 -20.14
N GLU B 715 -18.71 63.37 -20.86
CA GLU B 715 -19.24 63.81 -22.15
C GLU B 715 -19.23 62.70 -23.20
N TYR B 716 -18.22 61.85 -23.18
CA TYR B 716 -18.15 60.71 -24.09
C TYR B 716 -19.39 59.81 -23.94
N TYR B 717 -19.73 59.50 -22.69
CA TYR B 717 -20.86 58.63 -22.38
C TYR B 717 -22.23 59.23 -22.73
N VAL B 718 -22.39 60.53 -22.47
CA VAL B 718 -23.62 61.23 -22.84
C VAL B 718 -23.84 61.18 -24.36
N LYS B 719 -22.77 61.39 -25.13
CA LYS B 719 -22.82 61.31 -26.60
C LYS B 719 -23.14 59.89 -27.09
N LEU B 720 -22.55 58.89 -26.44
CA LEU B 720 -22.81 57.49 -26.76
C LEU B 720 -24.26 57.12 -26.47
N ALA B 721 -24.76 57.54 -25.31
CA ALA B 721 -26.16 57.32 -24.92
C ALA B 721 -27.13 57.95 -25.91
N LYS B 722 -26.76 59.14 -26.41
CA LYS B 722 -27.60 59.89 -27.35
C LYS B 722 -27.68 59.19 -28.70
N GLU B 723 -26.59 58.53 -29.11
CA GLU B 723 -26.56 57.77 -30.36
C GLU B 723 -27.48 56.56 -30.27
N LEU B 724 -27.44 55.89 -29.13
CA LEU B 724 -28.21 54.66 -28.91
C LEU B 724 -29.73 54.91 -28.83
N GLU B 725 -30.14 55.97 -28.13
CA GLU B 725 -31.55 56.37 -28.13
C GLU B 725 -32.04 56.57 -29.56
N ARG B 726 -31.27 57.37 -30.30
CA ARG B 726 -31.50 57.67 -31.71
C ARG B 726 -31.55 56.41 -32.60
N GLU B 727 -30.77 55.39 -32.27
CA GLU B 727 -30.79 54.12 -33.00
C GLU B 727 -32.07 53.31 -32.79
N GLY B 728 -32.86 53.68 -31.79
CA GLY B 728 -34.12 53.01 -31.53
C GLY B 728 -34.07 51.85 -30.55
N PHE B 729 -33.04 51.82 -29.71
CA PHE B 729 -32.97 50.89 -28.58
C PHE B 729 -34.01 51.30 -27.54
N HIS B 730 -34.63 50.31 -26.89
CA HIS B 730 -35.68 50.59 -25.93
C HIS B 730 -35.13 50.98 -24.56
N ILE B 731 -33.99 50.39 -24.19
CA ILE B 731 -33.39 50.62 -22.87
C ILE B 731 -31.88 50.87 -22.98
N LEU B 732 -31.39 51.87 -22.24
CA LEU B 732 -29.96 52.08 -22.11
C LEU B 732 -29.40 51.17 -21.01
N ALA B 733 -28.38 50.39 -21.36
CA ALA B 733 -27.72 49.52 -20.40
C ALA B 733 -26.29 49.96 -20.26
N ILE B 734 -25.78 49.93 -19.04
CA ILE B 734 -24.36 50.15 -18.77
C ILE B 734 -23.75 48.86 -18.23
N LYS B 735 -22.91 48.26 -19.05
CA LYS B 735 -22.20 47.06 -18.65
C LYS B 735 -20.87 47.53 -18.06
N ASP B 736 -20.74 47.41 -16.75
CA ASP B 736 -19.49 47.69 -16.07
C ASP B 736 -18.79 46.35 -15.79
N MET B 737 -18.18 45.81 -16.85
CA MET B 737 -17.61 44.45 -16.80
C MET B 737 -16.45 44.27 -15.83
N ALA B 738 -15.70 45.34 -15.57
CA ALA B 738 -14.55 45.29 -14.66
C ALA B 738 -14.84 45.84 -13.25
N GLY B 739 -16.04 46.37 -13.05
CA GLY B 739 -16.42 46.95 -11.75
C GLY B 739 -15.69 48.26 -11.46
N LEU B 740 -15.40 49.01 -12.51
CA LEU B 740 -14.62 50.24 -12.40
C LEU B 740 -15.45 51.42 -11.94
N LEU B 741 -16.76 51.32 -12.14
CA LEU B 741 -17.68 52.41 -11.83
C LEU B 741 -17.80 52.63 -10.32
N LYS B 742 -16.94 53.50 -9.79
CA LYS B 742 -16.93 53.85 -8.37
C LYS B 742 -18.24 54.54 -7.96
N PRO B 743 -18.53 54.54 -6.65
CA PRO B 743 -19.78 55.11 -6.13
C PRO B 743 -20.13 56.53 -6.62
N LYS B 744 -19.28 57.53 -6.37
CA LYS B 744 -19.59 58.89 -6.80
C LYS B 744 -19.75 58.95 -8.32
N ALA B 745 -18.85 58.27 -9.03
CA ALA B 745 -18.85 58.21 -10.49
C ALA B 745 -20.18 57.68 -11.04
N ALA B 746 -20.73 56.67 -10.36
CA ALA B 746 -22.03 56.12 -10.70
C ALA B 746 -23.18 57.12 -10.43
N TYR B 747 -23.07 57.87 -9.33
CA TYR B 747 -24.04 58.92 -9.02
C TYR B 747 -23.99 59.97 -10.11
N GLU B 748 -22.78 60.43 -10.39
CA GLU B 748 -22.52 61.40 -11.44
C GLU B 748 -22.99 60.92 -12.82
N LEU B 749 -22.58 59.71 -13.21
CA LEU B 749 -22.90 59.17 -14.54
C LEU B 749 -24.39 59.08 -14.78
N ILE B 750 -25.09 58.37 -13.90
CA ILE B 750 -26.51 58.08 -14.07
C ILE B 750 -27.43 59.31 -13.94
N GLY B 751 -27.03 60.29 -13.13
CA GLY B 751 -27.76 61.55 -13.02
C GLY B 751 -27.76 62.30 -14.35
N GLU B 752 -26.56 62.45 -14.92
CA GLU B 752 -26.40 63.10 -16.22
C GLU B 752 -27.07 62.32 -17.34
N LEU B 753 -27.06 60.99 -17.23
CA LEU B 753 -27.68 60.14 -18.23
C LEU B 753 -29.22 60.14 -18.17
N LYS B 754 -29.79 60.28 -16.97
CA LYS B 754 -31.24 60.47 -16.83
C LYS B 754 -31.64 61.77 -17.50
N SER B 755 -30.83 62.80 -17.28
CA SER B 755 -31.01 64.13 -17.89
C SER B 755 -30.92 64.12 -19.42
N ALA B 756 -29.91 63.44 -19.96
CA ALA B 756 -29.62 63.46 -21.39
C ALA B 756 -30.56 62.61 -22.27
N VAL B 757 -30.97 61.42 -21.80
CA VAL B 757 -31.86 60.55 -22.59
C VAL B 757 -33.21 60.22 -21.92
N ASP B 758 -34.18 59.84 -22.76
CA ASP B 758 -35.52 59.42 -22.31
C ASP B 758 -35.63 57.91 -22.15
N LEU B 759 -34.53 57.20 -22.36
CA LEU B 759 -34.47 55.77 -22.15
C LEU B 759 -34.28 55.51 -20.67
N PRO B 760 -34.95 54.47 -20.15
CA PRO B 760 -34.65 53.95 -18.81
C PRO B 760 -33.23 53.41 -18.76
N ILE B 761 -32.58 53.50 -17.60
CA ILE B 761 -31.22 52.97 -17.46
C ILE B 761 -31.20 51.65 -16.67
N HIS B 762 -30.46 50.69 -17.21
CA HIS B 762 -30.32 49.34 -16.64
C HIS B 762 -28.84 49.12 -16.30
N LEU B 763 -28.48 49.27 -15.03
CA LEU B 763 -27.07 49.19 -14.63
C LEU B 763 -26.61 47.78 -14.25
N HIS B 764 -25.49 47.38 -14.84
CA HIS B 764 -24.87 46.10 -14.56
C HIS B 764 -23.44 46.35 -14.09
N THR B 765 -23.03 45.67 -13.02
CA THR B 765 -21.65 45.79 -12.52
C THR B 765 -21.16 44.52 -11.80
N HIS B 766 -19.87 44.49 -11.50
CA HIS B 766 -19.27 43.39 -10.78
C HIS B 766 -18.67 43.90 -9.47
N ASP B 767 -18.90 43.15 -8.40
CA ASP B 767 -18.51 43.56 -7.04
C ASP B 767 -17.06 43.18 -6.76
N THR B 768 -16.26 43.14 -7.82
CA THR B 768 -14.88 42.66 -7.73
C THR B 768 -13.97 43.57 -6.88
N SER B 769 -14.37 44.83 -6.71
CA SER B 769 -13.66 45.79 -5.87
C SER B 769 -14.10 45.78 -4.40
N GLY B 770 -15.27 45.17 -4.14
CA GLY B 770 -15.91 45.21 -2.83
C GLY B 770 -16.90 46.36 -2.67
N ASN B 771 -16.95 47.25 -3.67
CA ASN B 771 -17.79 48.45 -3.62
C ASN B 771 -19.05 48.33 -4.46
N GLY B 772 -19.43 47.12 -4.84
CA GLY B 772 -20.63 46.89 -5.65
C GLY B 772 -21.90 47.48 -5.08
N LEU B 773 -22.21 47.14 -3.82
CA LEU B 773 -23.45 47.60 -3.20
C LEU B 773 -23.51 49.11 -3.10
N LEU B 774 -22.46 49.71 -2.56
CA LEU B 774 -22.36 51.17 -2.49
C LEU B 774 -22.64 51.81 -3.87
N THR B 775 -21.97 51.31 -4.90
CA THR B 775 -22.19 51.77 -6.27
C THR B 775 -23.66 51.70 -6.66
N TYR B 776 -24.31 50.59 -6.29
CA TYR B 776 -25.73 50.43 -6.54
C TYR B 776 -26.58 51.41 -5.76
N LYS B 777 -26.19 51.69 -4.51
CA LYS B 777 -26.94 52.62 -3.65
C LYS B 777 -26.92 54.03 -4.23
N GLN B 778 -25.78 54.41 -4.80
CA GLN B 778 -25.64 55.72 -5.45
C GLN B 778 -26.44 55.78 -6.75
N ALA B 779 -26.42 54.69 -7.51
CA ALA B 779 -27.13 54.56 -8.78
C ALA B 779 -28.64 54.72 -8.56
N ILE B 780 -29.10 54.14 -7.46
CA ILE B 780 -30.48 54.25 -7.03
C ILE B 780 -30.77 55.69 -6.65
N ASP B 781 -29.83 56.33 -5.94
CA ASP B 781 -29.98 57.74 -5.56
C ASP B 781 -30.01 58.70 -6.75
N ALA B 782 -29.33 58.34 -7.84
CA ALA B 782 -29.30 59.16 -9.05
C ALA B 782 -30.49 58.90 -9.97
N GLY B 783 -31.27 57.86 -9.65
CA GLY B 783 -32.53 57.57 -10.35
C GLY B 783 -32.55 56.40 -11.34
N VAL B 784 -31.65 55.43 -11.16
CA VAL B 784 -31.54 54.28 -12.07
C VAL B 784 -32.82 53.40 -12.03
N ASP B 785 -33.18 52.84 -13.18
CA ASP B 785 -34.46 52.14 -13.30
C ASP B 785 -34.36 50.69 -12.90
N ILE B 786 -33.30 50.02 -13.38
CA ILE B 786 -33.07 48.61 -13.11
C ILE B 786 -31.60 48.37 -12.78
N ILE B 787 -31.34 47.50 -11.82
CA ILE B 787 -30.00 47.02 -11.54
C ILE B 787 -29.95 45.49 -11.64
N ASP B 788 -28.78 44.97 -12.01
CA ASP B 788 -28.53 43.53 -12.08
C ASP B 788 -28.02 43.00 -10.74
N THR B 789 -28.70 42.00 -10.18
CA THR B 789 -28.25 41.38 -8.95
C THR B 789 -28.24 39.85 -9.02
N ALA B 790 -27.71 39.25 -7.95
CA ALA B 790 -27.67 37.80 -7.80
C ALA B 790 -28.00 37.46 -6.33
N VAL B 791 -28.52 36.26 -6.10
CA VAL B 791 -28.83 35.81 -4.74
C VAL B 791 -27.55 35.72 -3.89
N ALA B 792 -27.66 36.09 -2.62
CA ALA B 792 -26.51 36.16 -1.70
C ALA B 792 -25.42 35.11 -1.95
N SER B 793 -25.80 33.83 -1.96
CA SER B 793 -24.85 32.73 -2.02
C SER B 793 -24.18 32.55 -3.38
N MET B 794 -24.65 33.33 -4.37
CA MET B 794 -24.06 33.37 -5.71
C MET B 794 -23.58 34.78 -6.05
N SER B 795 -23.21 35.54 -5.02
CA SER B 795 -22.91 36.96 -5.19
C SER B 795 -21.50 37.36 -4.77
N GLY B 796 -21.17 38.62 -5.03
CA GLY B 796 -19.97 39.23 -4.48
C GLY B 796 -18.72 38.85 -5.24
N LEU B 797 -17.61 39.50 -4.91
CA LEU B 797 -16.37 39.34 -5.67
C LEU B 797 -16.70 39.51 -7.16
N THR B 798 -16.28 38.58 -8.02
CA THR B 798 -16.44 38.81 -9.47
C THR B 798 -17.87 38.67 -9.97
N SER B 799 -18.77 38.21 -9.11
CA SER B 799 -20.19 38.07 -9.42
C SER B 799 -20.91 39.42 -9.26
N GLN B 800 -22.24 39.40 -9.20
CA GLN B 800 -22.96 40.66 -8.97
C GLN B 800 -23.10 40.94 -7.49
N PRO B 801 -23.35 42.20 -7.13
CA PRO B 801 -23.72 42.54 -5.77
C PRO B 801 -24.90 41.68 -5.32
N SER B 802 -24.91 41.34 -4.03
CA SER B 802 -25.98 40.55 -3.41
C SER B 802 -27.33 41.27 -3.39
N ALA B 803 -28.36 40.63 -3.92
CA ALA B 803 -29.73 41.21 -3.85
C ALA B 803 -30.24 41.26 -2.41
N ASN B 804 -29.97 40.22 -1.63
CA ASN B 804 -30.40 40.13 -0.24
C ASN B 804 -29.80 41.25 0.62
N SER B 805 -28.52 41.54 0.41
CA SER B 805 -27.81 42.57 1.17
C SER B 805 -28.35 43.96 0.86
N LEU B 806 -28.48 44.24 -0.44
CA LEU B 806 -28.95 45.53 -0.90
C LEU B 806 -30.35 45.84 -0.37
N TYR B 807 -31.19 44.80 -0.33
CA TYR B 807 -32.57 44.94 0.13
C TYR B 807 -32.58 45.58 1.51
N TYR B 808 -31.76 45.05 2.42
CA TYR B 808 -31.65 45.62 3.76
C TYR B 808 -30.82 46.91 3.81
N ALA B 809 -29.88 47.04 2.87
CA ALA B 809 -29.06 48.25 2.78
C ALA B 809 -29.94 49.47 2.58
N LEU B 810 -31.02 49.29 1.83
CA LEU B 810 -31.89 50.40 1.42
C LEU B 810 -32.94 50.81 2.44
N ASN B 811 -32.99 50.10 3.58
CA ASN B 811 -33.94 50.40 4.65
C ASN B 811 -33.77 51.81 5.16
N GLY B 812 -34.85 52.59 5.11
CA GLY B 812 -34.84 53.98 5.56
C GLY B 812 -34.58 55.01 4.48
N PHE B 813 -34.19 54.56 3.29
CA PHE B 813 -33.95 55.46 2.16
C PHE B 813 -35.18 55.57 1.25
N PRO B 814 -35.36 56.73 0.61
CA PRO B 814 -36.51 57.00 -0.26
C PRO B 814 -36.95 55.86 -1.20
N ARG B 815 -36.01 55.15 -1.82
CA ARG B 815 -36.36 54.10 -2.79
C ARG B 815 -36.06 52.68 -2.28
N HIS B 816 -37.00 51.76 -2.51
CA HIS B 816 -36.82 50.37 -2.10
C HIS B 816 -36.66 49.42 -3.27
N LEU B 817 -36.27 48.18 -2.96
CA LEU B 817 -36.03 47.15 -3.96
C LEU B 817 -37.30 46.30 -4.17
N ARG B 818 -37.85 46.36 -5.39
CA ARG B 818 -39.08 45.64 -5.73
C ARG B 818 -38.79 44.14 -5.81
N THR B 819 -38.84 43.46 -4.67
CA THR B 819 -38.65 42.01 -4.61
C THR B 819 -39.04 41.38 -3.28
N ASP B 820 -38.89 40.05 -3.21
CA ASP B 820 -39.30 39.25 -2.05
C ASP B 820 -38.11 38.68 -1.25
N ILE B 821 -37.85 39.28 -0.09
CA ILE B 821 -36.84 38.78 0.86
C ILE B 821 -36.93 37.28 1.20
N GLU B 822 -38.04 36.90 1.84
CA GLU B 822 -38.22 35.52 2.32
C GLU B 822 -37.81 34.52 1.24
N GLY B 823 -38.07 34.89 -0.02
CA GLY B 823 -37.75 34.05 -1.17
C GLY B 823 -36.29 34.09 -1.58
N MET B 824 -35.68 35.29 -1.56
CA MET B 824 -34.25 35.45 -1.79
C MET B 824 -33.45 34.53 -0.85
N GLU B 825 -33.84 34.52 0.42
CA GLU B 825 -33.17 33.69 1.41
C GLU B 825 -33.35 32.23 1.04
N SER B 826 -34.60 31.83 0.75
CA SER B 826 -34.90 30.46 0.35
C SER B 826 -34.11 30.06 -0.89
N LEU B 827 -34.05 30.96 -1.88
CA LEU B 827 -33.26 30.73 -3.08
C LEU B 827 -31.77 30.65 -2.75
N SER B 828 -31.31 31.55 -1.89
CA SER B 828 -29.91 31.58 -1.49
C SER B 828 -29.49 30.23 -0.94
N HIS B 829 -30.27 29.73 0.02
CA HIS B 829 -30.03 28.42 0.64
C HIS B 829 -29.95 27.31 -0.39
N TYR B 830 -30.85 27.33 -1.38
CA TYR B 830 -30.82 26.34 -2.44
C TYR B 830 -29.47 26.38 -3.15
N TRP B 831 -29.12 27.54 -3.71
CA TRP B 831 -27.88 27.67 -4.47
C TRP B 831 -26.63 27.38 -3.62
N SER B 832 -26.69 27.76 -2.35
CA SER B 832 -25.66 27.43 -1.37
C SER B 832 -25.27 25.94 -1.42
N THR B 833 -26.26 25.05 -1.40
CA THR B 833 -26.02 23.61 -1.50
C THR B 833 -25.62 23.18 -2.91
N VAL B 834 -26.30 23.72 -3.91
CA VAL B 834 -26.06 23.37 -5.30
C VAL B 834 -24.66 23.78 -5.72
N ARG B 835 -24.17 24.89 -5.16
CA ARG B 835 -22.85 25.41 -5.51
C ARG B 835 -21.76 24.41 -5.14
N THR B 836 -21.95 23.70 -4.04
CA THR B 836 -21.04 22.65 -3.58
C THR B 836 -20.78 21.58 -4.63
N TYR B 837 -21.78 21.29 -5.46
CA TYR B 837 -21.63 20.33 -6.55
C TYR B 837 -20.56 20.76 -7.54
N TYR B 838 -20.13 22.03 -7.48
CA TYR B 838 -19.23 22.61 -8.47
C TYR B 838 -17.88 23.06 -7.92
N SER B 839 -17.55 22.64 -6.70
CA SER B 839 -16.33 23.11 -6.02
C SER B 839 -15.09 23.00 -6.92
N ASP B 840 -15.04 21.95 -7.71
CA ASP B 840 -13.99 21.75 -8.70
C ASP B 840 -13.85 22.91 -9.70
N PHE B 841 -14.85 23.78 -9.77
CA PHE B 841 -14.87 24.89 -10.74
C PHE B 841 -14.88 26.27 -10.09
N GLU B 842 -14.69 26.31 -8.78
CA GLU B 842 -14.60 27.59 -8.07
C GLU B 842 -13.39 28.38 -8.55
N SER B 843 -13.47 29.70 -8.43
CA SER B 843 -12.35 30.58 -8.74
C SER B 843 -11.41 30.67 -7.54
N ASP B 844 -10.19 31.15 -7.75
CA ASP B 844 -9.24 31.33 -6.65
C ASP B 844 -9.33 32.72 -6.01
N ILE B 845 -10.16 33.60 -6.57
CA ILE B 845 -10.45 34.90 -5.96
C ILE B 845 -11.22 34.71 -4.65
N LYS B 846 -10.61 35.15 -3.55
CA LYS B 846 -11.17 34.98 -2.21
C LYS B 846 -11.52 36.32 -1.62
N SER B 847 -11.02 37.39 -2.25
CA SER B 847 -11.03 38.74 -1.68
C SER B 847 -11.40 39.81 -2.70
N PRO B 848 -11.93 40.95 -2.23
CA PRO B 848 -12.01 42.14 -3.06
C PRO B 848 -10.60 42.54 -3.49
N ASN B 849 -10.47 43.08 -4.69
CA ASN B 849 -9.18 43.52 -5.21
C ASN B 849 -9.32 44.89 -5.83
N THR B 850 -8.44 45.80 -5.42
CA THR B 850 -8.50 47.17 -5.92
C THR B 850 -7.40 47.51 -6.93
N GLU B 851 -6.60 46.51 -7.31
CA GLU B 851 -5.66 46.70 -8.43
C GLU B 851 -6.44 47.06 -9.70
N ILE B 852 -7.64 46.48 -9.84
CA ILE B 852 -8.50 46.72 -11.00
C ILE B 852 -8.59 48.18 -11.42
N TYR B 853 -8.58 49.09 -10.45
CA TYR B 853 -8.64 50.53 -10.73
C TYR B 853 -7.38 51.04 -11.43
N GLN B 854 -6.29 50.26 -11.39
CA GLN B 854 -5.10 50.60 -12.17
C GLN B 854 -5.11 49.84 -13.50
N HIS B 855 -5.22 48.51 -13.44
CA HIS B 855 -5.00 47.67 -14.63
C HIS B 855 -6.23 47.42 -15.51
N GLU B 856 -7.42 47.46 -14.91
CA GLU B 856 -8.72 47.35 -15.63
C GLU B 856 -9.06 45.98 -16.23
N MET B 857 -8.52 44.89 -15.67
CA MET B 857 -8.79 43.54 -16.21
C MET B 857 -10.21 43.10 -15.89
N PRO B 858 -11.00 42.83 -16.93
CA PRO B 858 -12.43 42.51 -16.75
C PRO B 858 -12.67 41.20 -16.05
N GLY B 859 -13.67 41.17 -15.16
CA GLY B 859 -14.03 39.98 -14.39
C GLY B 859 -12.82 39.23 -13.84
N GLY B 860 -12.79 37.92 -14.08
CA GLY B 860 -11.75 37.08 -13.52
C GLY B 860 -10.52 36.94 -14.39
N GLN B 861 -10.24 37.98 -15.19
CA GLN B 861 -9.13 37.91 -16.12
C GLN B 861 -7.77 37.97 -15.42
N TYR B 862 -7.68 38.62 -14.25
CA TYR B 862 -6.40 38.68 -13.51
C TYR B 862 -6.05 37.33 -12.87
N SER B 863 -7.00 36.39 -12.91
CA SER B 863 -6.78 35.02 -12.50
C SER B 863 -6.21 34.21 -13.68
N ASN B 864 -6.88 34.32 -14.83
CA ASN B 864 -6.43 33.65 -16.06
C ASN B 864 -4.99 34.00 -16.40
N LEU B 865 -4.72 35.31 -16.49
CA LEU B 865 -3.37 35.83 -16.78
C LEU B 865 -2.34 35.46 -15.73
N SER B 866 -2.75 35.35 -14.46
CA SER B 866 -1.85 34.89 -13.40
C SER B 866 -1.46 33.42 -13.59
N GLN B 867 -2.44 32.60 -14.02
CA GLN B 867 -2.23 31.20 -14.34
C GLN B 867 -1.36 31.04 -15.60
N GLN B 868 -1.61 31.89 -16.59
CA GLN B 868 -0.90 31.87 -17.86
C GLN B 868 0.54 32.36 -17.72
N ALA B 869 0.76 33.33 -16.85
CA ALA B 869 2.10 33.88 -16.59
C ALA B 869 2.96 32.88 -15.83
N LYS B 870 2.32 32.09 -14.95
CA LYS B 870 2.99 30.98 -14.27
C LYS B 870 3.45 29.94 -15.29
N SER B 871 2.55 29.66 -16.25
CA SER B 871 2.80 28.73 -17.35
C SER B 871 4.00 29.16 -18.22
N LEU B 872 4.33 30.44 -18.19
CA LEU B 872 5.47 31.00 -18.94
C LEU B 872 6.62 31.43 -18.02
N GLY B 873 6.69 30.83 -16.83
CA GLY B 873 7.77 31.09 -15.85
C GLY B 873 7.89 32.52 -15.35
N LEU B 874 6.79 33.27 -15.39
CA LEU B 874 6.75 34.68 -14.96
C LEU B 874 5.92 34.85 -13.67
N GLY B 875 5.89 33.81 -12.84
CA GLY B 875 5.13 33.81 -11.59
C GLY B 875 5.56 34.88 -10.62
N GLU B 876 6.87 35.04 -10.46
CA GLU B 876 7.47 36.06 -9.59
C GLU B 876 7.41 37.50 -10.14
N ARG B 877 7.23 37.63 -11.45
CA ARG B 877 7.23 38.96 -12.07
C ARG B 877 5.84 39.42 -12.50
N PHE B 878 4.82 39.01 -11.76
CA PHE B 878 3.45 39.34 -12.15
C PHE B 878 3.08 40.80 -11.93
N ASP B 879 3.67 41.43 -10.91
CA ASP B 879 3.49 42.86 -10.67
C ASP B 879 4.05 43.69 -11.84
N GLU B 880 4.70 43.01 -12.79
CA GLU B 880 5.18 43.60 -14.04
C GLU B 880 4.26 43.26 -15.23
N VAL B 881 3.51 42.18 -15.11
CA VAL B 881 2.50 41.83 -16.11
C VAL B 881 1.31 42.78 -15.94
N LYS B 882 0.94 43.06 -14.70
CA LYS B 882 -0.09 44.08 -14.40
C LYS B 882 0.29 45.45 -14.97
N ASP B 883 1.58 45.79 -14.86
CA ASP B 883 2.11 47.08 -15.31
C ASP B 883 2.09 47.18 -16.85
N MET B 884 2.59 46.15 -17.52
CA MET B 884 2.62 46.08 -18.98
C MET B 884 1.22 46.07 -19.60
N TYR B 885 0.30 45.30 -19.02
CA TYR B 885 -1.11 45.28 -19.43
C TYR B 885 -1.69 46.70 -19.50
N ARG B 886 -1.49 47.45 -18.41
CA ARG B 886 -1.93 48.84 -18.29
C ARG B 886 -1.26 49.71 -19.37
N ARG B 887 0.00 49.40 -19.67
CA ARG B 887 0.74 50.13 -20.69
C ARG B 887 0.31 49.76 -22.11
N VAL B 888 0.08 48.45 -22.34
CA VAL B 888 -0.37 47.96 -23.65
C VAL B 888 -1.69 48.61 -24.05
N ASN B 889 -2.57 48.76 -23.07
CA ASN B 889 -3.84 49.44 -23.28
C ASN B 889 -3.64 50.85 -23.87
N PHE B 890 -2.64 51.57 -23.37
CA PHE B 890 -2.31 52.91 -23.88
C PHE B 890 -1.57 52.86 -25.20
N LEU B 891 -0.87 51.77 -25.43
CA LEU B 891 -0.22 51.53 -26.73
C LEU B 891 -1.26 51.30 -27.83
N PHE B 892 -2.40 50.72 -27.46
CA PHE B 892 -3.50 50.52 -28.40
C PHE B 892 -4.50 51.69 -28.43
N GLY B 893 -4.12 52.78 -27.75
CA GLY B 893 -4.89 54.02 -27.78
C GLY B 893 -6.10 54.04 -26.86
N ASP B 894 -5.97 53.37 -25.70
CA ASP B 894 -6.99 53.37 -24.64
C ASP B 894 -8.33 52.77 -25.12
N ILE B 895 -8.46 51.46 -24.96
CA ILE B 895 -9.63 50.76 -25.48
C ILE B 895 -10.47 50.11 -24.39
N VAL B 896 -11.73 49.85 -24.72
CA VAL B 896 -12.60 49.07 -23.86
C VAL B 896 -12.09 47.64 -23.85
N LYS B 897 -11.94 47.07 -22.66
CA LYS B 897 -11.47 45.70 -22.56
C LYS B 897 -12.56 44.78 -22.00
N VAL B 898 -13.31 44.18 -22.92
CA VAL B 898 -14.22 43.05 -22.63
C VAL B 898 -13.81 41.96 -23.61
N THR B 899 -14.55 40.85 -23.62
CA THR B 899 -14.37 39.85 -24.68
C THR B 899 -14.78 40.40 -26.05
N PRO B 900 -13.91 40.21 -27.06
CA PRO B 900 -12.59 39.62 -26.90
C PRO B 900 -11.43 40.63 -26.92
N SER B 901 -11.73 41.92 -26.76
CA SER B 901 -10.70 42.97 -26.75
C SER B 901 -9.73 42.83 -25.57
N SER B 902 -10.15 42.09 -24.53
CA SER B 902 -9.33 41.86 -23.34
C SER B 902 -8.23 40.82 -23.56
N LYS B 903 -8.57 39.76 -24.28
CA LYS B 903 -7.60 38.74 -24.66
C LYS B 903 -6.46 39.37 -25.48
N VAL B 904 -6.81 40.30 -26.36
CA VAL B 904 -5.84 41.00 -27.19
C VAL B 904 -4.77 41.75 -26.37
N VAL B 905 -5.18 42.43 -25.30
CA VAL B 905 -4.24 43.12 -24.42
C VAL B 905 -3.38 42.12 -23.63
N GLY B 906 -4.04 41.09 -23.07
CA GLY B 906 -3.39 40.09 -22.26
C GLY B 906 -2.27 39.37 -23.00
N ASP B 907 -2.55 38.99 -24.24
CA ASP B 907 -1.58 38.30 -25.08
C ASP B 907 -0.34 39.17 -25.29
N MET B 908 -0.56 40.44 -25.63
CA MET B 908 0.53 41.40 -25.80
C MET B 908 1.29 41.64 -24.50
N ALA B 909 0.55 41.66 -23.38
CA ALA B 909 1.12 41.87 -22.06
C ALA B 909 2.08 40.76 -21.66
N LEU B 910 1.67 39.51 -21.92
CA LEU B 910 2.53 38.35 -21.71
C LEU B 910 3.69 38.38 -22.71
N TYR B 911 3.39 38.84 -23.92
CA TYR B 911 4.35 38.84 -25.03
C TYR B 911 5.50 39.82 -24.85
N MET B 912 5.18 41.06 -24.46
CA MET B 912 6.19 42.10 -24.30
C MET B 912 7.07 41.88 -23.07
N VAL B 913 6.53 41.29 -22.02
CA VAL B 913 7.31 40.97 -20.83
C VAL B 913 8.20 39.77 -21.10
N GLN B 914 7.66 38.76 -21.78
CA GLN B 914 8.38 37.53 -22.10
C GLN B 914 9.54 37.77 -23.08
N ASN B 915 9.36 38.76 -23.96
CA ASN B 915 10.42 39.15 -24.89
C ASN B 915 10.98 40.55 -24.61
N ASP B 916 10.74 41.03 -23.38
CA ASP B 916 11.28 42.32 -22.88
C ASP B 916 11.17 43.48 -23.87
N LEU B 917 9.97 43.73 -24.37
CA LEU B 917 9.73 44.81 -25.32
C LEU B 917 9.19 46.07 -24.66
N ASP B 918 9.50 47.21 -25.30
CA ASP B 918 8.97 48.51 -24.92
C ASP B 918 7.87 48.89 -25.91
N GLU B 919 7.25 50.05 -25.66
CA GLU B 919 6.40 50.71 -26.63
C GLU B 919 7.28 51.15 -27.81
N GLN B 920 8.56 51.31 -27.53
CA GLN B 920 9.54 51.67 -28.54
C GLN B 920 10.06 50.47 -29.30
N SER B 921 10.32 49.37 -28.59
CA SER B 921 10.89 48.16 -29.17
C SER B 921 10.02 47.59 -30.30
N VAL B 922 8.72 47.54 -30.08
CA VAL B 922 7.78 46.95 -31.04
C VAL B 922 7.73 47.69 -32.37
N ILE B 923 7.65 49.02 -32.32
CA ILE B 923 7.57 49.85 -33.53
C ILE B 923 8.89 49.97 -34.30
N THR B 924 10.00 49.78 -33.60
CA THR B 924 11.33 49.98 -34.18
C THR B 924 11.83 48.74 -34.95
N ASP B 925 11.43 47.55 -34.48
CA ASP B 925 11.87 46.31 -35.12
C ASP B 925 10.77 45.25 -35.19
N GLY B 926 9.58 45.67 -35.62
CA GLY B 926 8.41 44.80 -35.69
C GLY B 926 8.33 43.82 -36.84
N TYR B 927 8.95 44.17 -37.98
CA TYR B 927 8.94 43.31 -39.17
C TYR B 927 9.58 41.93 -38.95
N LYS B 928 10.40 41.81 -37.91
CA LYS B 928 11.04 40.54 -37.55
C LYS B 928 10.45 39.90 -36.28
N LEU B 929 9.50 40.58 -35.66
CA LEU B 929 9.02 40.19 -34.34
C LEU B 929 8.10 38.97 -34.29
N ASP B 930 7.19 38.86 -35.26
CA ASP B 930 6.18 37.80 -35.28
C ASP B 930 5.29 37.92 -34.04
N PHE B 931 4.17 38.62 -34.20
CA PHE B 931 3.28 38.97 -33.08
C PHE B 931 2.26 37.86 -32.79
N PRO B 932 1.72 37.83 -31.57
CA PRO B 932 0.62 36.92 -31.22
C PRO B 932 -0.58 37.02 -32.19
N GLU B 933 -1.25 35.89 -32.42
CA GLU B 933 -2.37 35.78 -33.37
C GLU B 933 -3.52 36.76 -33.12
N SER B 934 -3.86 36.97 -31.84
CA SER B 934 -5.00 37.81 -31.48
C SER B 934 -4.73 39.30 -31.70
N VAL B 935 -3.47 39.70 -31.62
CA VAL B 935 -3.12 41.10 -31.84
C VAL B 935 -3.02 41.44 -33.34
N VAL B 936 -2.67 40.45 -34.17
CA VAL B 936 -2.71 40.66 -35.62
C VAL B 936 -4.17 40.65 -36.10
N SER B 937 -5.00 39.85 -35.44
CA SER B 937 -6.42 39.78 -35.76
C SER B 937 -7.10 41.09 -35.41
N PHE B 938 -6.73 41.62 -34.24
CA PHE B 938 -7.23 42.91 -33.77
C PHE B 938 -6.87 44.00 -34.76
N PHE B 939 -5.61 44.01 -35.19
CA PHE B 939 -5.10 45.06 -36.08
C PHE B 939 -5.57 44.94 -37.53
N LYS B 940 -6.02 43.74 -37.93
CA LYS B 940 -6.69 43.58 -39.21
C LYS B 940 -8.10 44.14 -39.13
N GLY B 941 -8.56 44.38 -37.90
CA GLY B 941 -9.87 44.97 -37.63
C GLY B 941 -10.99 43.96 -37.56
N GLU B 942 -10.68 42.77 -37.07
CA GLU B 942 -11.64 41.65 -37.07
C GLU B 942 -12.52 41.63 -35.81
N ILE B 943 -12.11 42.39 -34.80
CA ILE B 943 -12.85 42.56 -33.56
C ILE B 943 -13.66 43.85 -33.65
N GLY B 944 -13.21 44.75 -34.53
CA GLY B 944 -13.88 46.01 -34.78
C GLY B 944 -12.90 47.17 -34.91
N GLN B 945 -13.43 48.39 -34.86
CA GLN B 945 -12.63 49.60 -34.93
C GLN B 945 -12.57 50.25 -33.56
N PRO B 946 -11.38 50.42 -33.00
CA PRO B 946 -11.22 51.06 -31.69
C PRO B 946 -11.65 52.52 -31.77
N VAL B 947 -12.00 53.10 -30.63
CA VAL B 947 -12.56 54.45 -30.59
C VAL B 947 -11.69 55.44 -31.35
N ASN B 948 -10.41 55.51 -30.97
CA ASN B 948 -9.46 56.42 -31.62
C ASN B 948 -9.12 56.04 -33.07
N GLY B 949 -8.88 54.74 -33.28
CA GLY B 949 -8.32 54.24 -34.52
C GLY B 949 -7.01 53.54 -34.19
N PHE B 950 -6.29 53.10 -35.22
CA PHE B 950 -5.04 52.37 -35.04
C PHE B 950 -3.79 53.26 -35.16
N ASN B 951 -2.73 52.85 -34.47
CA ASN B 951 -1.40 53.40 -34.66
C ASN B 951 -0.86 52.82 -35.96
N LYS B 952 -1.00 53.59 -37.03
CA LYS B 952 -0.70 53.11 -38.39
C LYS B 952 0.74 52.67 -38.61
N ASP B 953 1.65 53.14 -37.75
CA ASP B 953 3.03 52.65 -37.73
C ASP B 953 3.14 51.27 -37.05
N LEU B 954 2.49 51.15 -35.89
CA LEU B 954 2.43 49.87 -35.19
C LEU B 954 1.60 48.86 -35.99
N GLN B 955 0.59 49.35 -36.71
CA GLN B 955 -0.26 48.49 -37.54
C GLN B 955 0.50 47.91 -38.73
N ALA B 956 1.37 48.71 -39.34
CA ALA B 956 2.16 48.26 -40.50
C ALA B 956 3.11 47.10 -40.17
N VAL B 957 3.81 47.20 -39.03
CA VAL B 957 4.77 46.19 -38.61
C VAL B 957 4.10 44.88 -38.18
N ILE B 958 2.91 44.99 -37.59
CA ILE B 958 2.14 43.84 -37.11
C ILE B 958 1.51 43.06 -38.28
N LEU B 959 0.97 43.80 -39.25
CA LEU B 959 0.27 43.20 -40.40
C LEU B 959 1.21 42.50 -41.40
N LYS B 960 2.44 42.97 -41.50
CA LYS B 960 3.45 42.44 -42.43
C LYS B 960 2.99 42.64 -43.88
N GLY B 961 2.18 43.67 -44.10
CA GLY B 961 1.66 44.00 -45.44
C GLY B 961 0.39 43.29 -45.83
N GLN B 962 -0.45 42.99 -44.83
CA GLN B 962 -1.72 42.29 -45.02
C GLN B 962 -2.87 43.30 -45.11
N GLU B 963 -3.94 42.95 -45.83
CA GLU B 963 -5.13 43.81 -45.92
C GLU B 963 -5.78 44.02 -44.55
N ALA B 964 -5.98 45.29 -44.19
CA ALA B 964 -6.73 45.64 -42.98
C ALA B 964 -8.16 46.05 -43.38
N LEU B 965 -9.14 45.56 -42.63
CA LEU B 965 -10.54 45.80 -42.96
C LEU B 965 -10.97 47.24 -42.70
N THR B 966 -11.82 47.75 -43.60
CA THR B 966 -12.36 49.12 -43.51
C THR B 966 -13.44 49.25 -42.44
N ALA B 967 -14.55 48.54 -42.61
CA ALA B 967 -15.70 48.69 -41.74
C ALA B 967 -15.96 47.43 -40.91
N ARG B 968 -17.23 47.15 -40.62
CA ARG B 968 -17.64 45.95 -39.90
C ARG B 968 -17.16 44.68 -40.63
N PRO B 969 -16.46 43.80 -39.91
CA PRO B 969 -15.97 42.54 -40.49
C PRO B 969 -17.10 41.63 -40.99
N GLY B 970 -18.34 42.07 -40.81
CA GLY B 970 -19.51 41.28 -41.17
C GLY B 970 -20.06 41.58 -42.55
N GLU B 971 -19.89 42.82 -43.00
CA GLU B 971 -20.33 43.20 -44.35
C GLU B 971 -19.23 42.94 -45.38
N TYR B 972 -18.18 42.25 -44.96
CA TYR B 972 -17.19 41.71 -45.86
C TYR B 972 -17.57 40.30 -46.28
N LEU B 973 -18.04 39.51 -45.30
CA LEU B 973 -18.32 38.08 -45.49
C LEU B 973 -19.59 37.80 -46.28
N GLU B 974 -19.57 36.72 -47.05
CA GLU B 974 -20.72 36.29 -47.84
C GLU B 974 -21.78 35.69 -46.94
N PRO B 975 -23.06 35.90 -47.26
CA PRO B 975 -24.16 35.22 -46.56
C PRO B 975 -23.96 33.70 -46.47
N VAL B 976 -24.59 33.08 -45.47
CA VAL B 976 -24.53 31.63 -45.29
C VAL B 976 -25.68 30.93 -46.02
N ASP B 977 -25.32 29.97 -46.87
CA ASP B 977 -26.29 29.15 -47.58
C ASP B 977 -26.89 28.13 -46.62
N PHE B 978 -27.94 28.53 -45.93
CA PHE B 978 -28.55 27.70 -44.87
C PHE B 978 -29.06 26.36 -45.37
N GLU B 979 -29.43 26.31 -46.66
CA GLU B 979 -29.91 25.06 -47.25
C GLU B 979 -28.80 24.03 -47.46
N LYS B 980 -27.63 24.47 -47.93
CA LYS B 980 -26.46 23.60 -48.03
C LYS B 980 -26.10 23.05 -46.65
N VAL B 981 -26.20 23.91 -45.64
CA VAL B 981 -26.00 23.52 -44.24
C VAL B 981 -27.10 22.56 -43.78
N ARG B 982 -28.35 22.89 -44.11
CA ARG B 982 -29.51 22.03 -43.83
C ARG B 982 -29.29 20.62 -44.39
N GLU B 983 -28.88 20.54 -45.66
CA GLU B 983 -28.62 19.25 -46.30
C GLU B 983 -27.42 18.50 -45.72
N LEU B 984 -26.45 19.23 -45.16
CA LEU B 984 -25.31 18.61 -44.50
C LEU B 984 -25.71 17.86 -43.23
N LEU B 985 -26.50 18.51 -42.38
CA LEU B 985 -26.95 17.92 -41.11
C LEU B 985 -27.99 16.80 -41.31
N GLU B 986 -28.82 16.95 -42.35
CA GLU B 986 -29.83 15.94 -42.69
C GLU B 986 -29.17 14.62 -43.11
N GLU B 987 -28.16 14.73 -43.97
CA GLU B 987 -27.40 13.57 -44.49
C GLU B 987 -26.56 12.89 -43.41
N GLU B 988 -26.07 13.67 -42.45
CA GLU B 988 -25.26 13.16 -41.33
C GLU B 988 -26.07 12.38 -40.30
N GLN B 989 -27.33 12.78 -40.11
CA GLN B 989 -28.20 12.12 -39.13
C GLN B 989 -29.30 11.31 -39.82
N GLN B 990 -30.28 10.89 -39.02
CA GLN B 990 -31.49 10.24 -39.53
C GLN B 990 -32.30 11.16 -40.44
N GLY B 991 -32.55 12.39 -39.98
CA GLY B 991 -33.24 13.42 -40.76
C GLY B 991 -34.22 14.34 -40.04
N PRO B 992 -33.95 14.71 -38.78
CA PRO B 992 -34.86 15.60 -38.05
C PRO B 992 -34.60 17.04 -38.44
N VAL B 993 -33.54 17.61 -37.88
CA VAL B 993 -33.03 18.96 -38.18
C VAL B 993 -34.03 20.10 -37.90
N THR B 994 -33.70 20.88 -36.88
CA THR B 994 -34.45 22.07 -36.52
C THR B 994 -33.68 23.27 -37.05
N GLU B 995 -34.32 24.44 -37.01
CA GLU B 995 -33.63 25.68 -37.33
C GLU B 995 -32.58 25.95 -36.26
N GLN B 996 -32.88 25.56 -35.01
CA GLN B 996 -31.94 25.69 -33.91
C GLN B 996 -30.66 24.89 -34.14
N ASP B 997 -30.81 23.71 -34.72
CA ASP B 997 -29.66 22.91 -35.14
C ASP B 997 -28.80 23.68 -36.15
N ILE B 998 -29.46 24.34 -37.10
CA ILE B 998 -28.75 24.98 -38.22
C ILE B 998 -27.81 26.15 -37.85
N ILE B 999 -28.29 27.10 -37.04
CA ILE B 999 -27.40 28.22 -36.64
C ILE B 999 -26.42 27.75 -35.59
N SER B 1000 -26.83 26.77 -34.79
CA SER B 1000 -25.93 26.16 -33.80
C SER B 1000 -24.69 25.60 -34.48
N TYR B 1001 -24.89 24.85 -35.57
CA TYR B 1001 -23.78 24.34 -36.36
C TYR B 1001 -22.96 25.49 -36.94
N VAL B 1002 -23.65 26.44 -37.58
CA VAL B 1002 -23.00 27.61 -38.17
C VAL B 1002 -22.17 28.37 -37.13
N LEU B 1003 -22.73 28.54 -35.93
CA LEU B 1003 -22.02 29.20 -34.84
C LEU B 1003 -20.88 28.35 -34.27
N TYR B 1004 -21.10 27.05 -34.09
CA TYR B 1004 -20.07 26.18 -33.51
C TYR B 1004 -19.90 24.82 -34.22
N PRO B 1005 -19.29 24.81 -35.41
CA PRO B 1005 -19.17 23.58 -36.21
C PRO B 1005 -18.49 22.41 -35.49
N LYS B 1006 -17.26 22.59 -35.00
CA LYS B 1006 -16.57 21.52 -34.28
C LYS B 1006 -17.33 21.07 -33.03
N VAL B 1007 -17.73 22.03 -32.20
CA VAL B 1007 -18.42 21.75 -30.93
C VAL B 1007 -19.76 21.02 -31.14
N TYR B 1008 -20.60 21.53 -32.03
CA TYR B 1008 -21.92 20.95 -32.28
C TYR B 1008 -21.88 19.51 -32.77
N GLU B 1009 -20.94 19.20 -33.65
CA GLU B 1009 -20.76 17.84 -34.16
C GLU B 1009 -20.31 16.92 -33.03
N GLN B 1010 -19.34 17.41 -32.25
CA GLN B 1010 -18.87 16.73 -31.06
C GLN B 1010 -19.98 16.56 -30.02
N TYR B 1011 -20.93 17.50 -30.01
CA TYR B 1011 -22.13 17.35 -29.17
C TYR B 1011 -23.04 16.22 -29.66
N ILE B 1012 -23.38 16.24 -30.95
CA ILE B 1012 -24.19 15.18 -31.57
C ILE B 1012 -23.51 13.81 -31.41
N GLN B 1013 -22.18 13.77 -31.46
CA GLN B 1013 -21.44 12.53 -31.21
C GLN B 1013 -21.69 12.02 -29.79
N THR B 1014 -21.75 12.93 -28.82
CA THR B 1014 -22.01 12.57 -27.43
C THR B 1014 -23.46 12.14 -27.24
N ARG B 1015 -24.38 12.91 -27.83
CA ARG B 1015 -25.81 12.57 -27.79
C ARG B 1015 -26.07 11.15 -28.33
N ASN B 1016 -25.39 10.80 -29.42
CA ASN B 1016 -25.48 9.47 -30.00
C ASN B 1016 -24.95 8.39 -29.04
N GLN B 1017 -23.98 8.75 -28.21
CA GLN B 1017 -23.37 7.78 -27.32
C GLN B 1017 -24.07 7.62 -25.96
N TYR B 1018 -24.47 8.73 -25.35
CA TYR B 1018 -24.98 8.68 -23.99
C TYR B 1018 -26.43 9.17 -23.82
N GLY B 1019 -27.02 9.67 -24.90
CA GLY B 1019 -28.39 10.18 -24.85
C GLY B 1019 -28.42 11.54 -24.17
N ASN B 1020 -29.55 11.89 -23.59
CA ASN B 1020 -29.72 13.21 -22.97
C ASN B 1020 -29.18 13.32 -21.54
N LEU B 1021 -27.92 13.73 -21.42
CA LEU B 1021 -27.22 13.86 -20.13
C LEU B 1021 -27.76 14.94 -19.19
N SER B 1022 -28.45 15.95 -19.73
CA SER B 1022 -28.98 17.04 -18.92
C SER B 1022 -30.00 16.59 -17.90
N LEU B 1023 -30.62 15.44 -18.16
CA LEU B 1023 -31.63 14.87 -17.25
C LEU B 1023 -31.02 14.37 -15.94
N LEU B 1024 -29.75 13.91 -16.01
CA LEU B 1024 -29.03 13.45 -14.82
C LEU B 1024 -28.90 14.54 -13.75
N ASP B 1025 -28.83 14.11 -12.48
CA ASP B 1025 -28.53 15.03 -11.40
C ASP B 1025 -27.03 15.35 -11.42
N THR B 1026 -26.67 16.52 -10.91
CA THR B 1026 -25.29 16.99 -11.03
C THR B 1026 -24.28 16.05 -10.39
N PRO B 1027 -24.54 15.59 -9.15
CA PRO B 1027 -23.65 14.60 -8.53
C PRO B 1027 -23.44 13.35 -9.40
N THR B 1028 -24.51 12.85 -10.02
CA THR B 1028 -24.39 11.68 -10.89
C THR B 1028 -23.60 12.00 -12.16
N PHE B 1029 -23.87 13.17 -12.73
CA PHE B 1029 -23.15 13.66 -13.91
C PHE B 1029 -21.65 13.71 -13.68
N PHE B 1030 -21.20 14.17 -12.52
CA PHE B 1030 -19.77 14.36 -12.25
C PHE B 1030 -19.04 13.17 -11.62
N PHE B 1031 -19.76 12.30 -10.93
CA PHE B 1031 -19.11 11.29 -10.09
C PHE B 1031 -19.57 9.86 -10.34
N GLY B 1032 -20.66 9.70 -11.08
CA GLY B 1032 -21.21 8.38 -11.32
C GLY B 1032 -21.98 7.90 -10.12
N MET B 1033 -21.75 6.66 -9.71
CA MET B 1033 -22.50 6.04 -8.62
C MET B 1033 -21.61 5.22 -7.70
N ARG B 1034 -21.96 5.17 -6.42
CA ARG B 1034 -21.27 4.33 -5.46
C ARG B 1034 -21.80 2.92 -5.56
N ASN B 1035 -21.02 1.95 -5.09
CA ASN B 1035 -21.54 0.59 -4.85
C ASN B 1035 -22.76 0.66 -3.94
N GLY B 1036 -23.84 0.00 -4.35
CA GLY B 1036 -25.05 -0.08 -3.55
C GLY B 1036 -26.00 1.10 -3.61
N GLU B 1037 -25.63 2.14 -4.37
CA GLU B 1037 -26.45 3.35 -4.46
C GLU B 1037 -27.64 3.17 -5.39
N THR B 1038 -28.71 3.91 -5.14
CA THR B 1038 -29.85 3.96 -6.04
C THR B 1038 -30.13 5.39 -6.47
N VAL B 1039 -30.14 5.59 -7.78
CA VAL B 1039 -30.35 6.89 -8.39
C VAL B 1039 -31.64 6.81 -9.18
N GLU B 1040 -32.39 7.91 -9.19
CA GLU B 1040 -33.63 7.98 -9.96
C GLU B 1040 -33.51 9.13 -10.94
N ILE B 1041 -33.51 8.81 -12.23
CA ILE B 1041 -33.38 9.82 -13.27
C ILE B 1041 -34.76 10.14 -13.82
N GLU B 1042 -35.21 11.37 -13.57
CA GLU B 1042 -36.53 11.82 -13.98
C GLU B 1042 -36.49 12.13 -15.48
N ILE B 1043 -37.05 11.23 -16.27
CA ILE B 1043 -36.99 11.37 -17.73
C ILE B 1043 -38.03 12.38 -18.22
N ASP B 1044 -39.26 12.21 -17.76
CA ASP B 1044 -40.41 12.95 -18.24
C ASP B 1044 -41.56 12.67 -17.25
N LYS B 1045 -42.70 13.32 -17.47
CA LYS B 1045 -43.86 13.18 -16.59
C LYS B 1045 -44.27 11.71 -16.43
N GLY B 1046 -44.11 11.19 -15.21
CA GLY B 1046 -44.50 9.82 -14.89
C GLY B 1046 -43.60 8.71 -15.42
N LYS B 1047 -42.47 9.09 -16.02
CA LYS B 1047 -41.50 8.08 -16.47
C LYS B 1047 -40.09 8.37 -15.97
N ARG B 1048 -39.52 7.37 -15.32
CA ARG B 1048 -38.20 7.51 -14.71
C ARG B 1048 -37.38 6.22 -14.73
N LEU B 1049 -36.06 6.37 -14.75
CA LEU B 1049 -35.15 5.23 -14.64
C LEU B 1049 -34.70 5.07 -13.19
N ILE B 1050 -35.09 3.95 -12.57
CA ILE B 1050 -34.55 3.59 -11.26
C ILE B 1050 -33.34 2.71 -11.51
N ILE B 1051 -32.16 3.20 -11.13
CA ILE B 1051 -30.90 2.47 -11.33
C ILE B 1051 -30.21 2.18 -10.00
N LYS B 1052 -29.87 0.90 -9.78
CA LYS B 1052 -29.00 0.50 -8.67
C LYS B 1052 -27.65 -0.05 -9.20
N LEU B 1053 -26.55 0.51 -8.71
CA LEU B 1053 -25.23 -0.06 -8.98
C LEU B 1053 -24.93 -1.05 -7.87
N GLU B 1054 -24.83 -2.32 -8.23
CA GLU B 1054 -24.64 -3.35 -7.25
C GLU B 1054 -23.15 -3.59 -6.97
N THR B 1055 -22.37 -3.76 -8.03
CA THR B 1055 -20.94 -3.99 -7.91
C THR B 1055 -20.24 -3.70 -9.24
N ILE B 1056 -18.95 -3.43 -9.16
CA ILE B 1056 -18.08 -3.38 -10.33
C ILE B 1056 -17.06 -4.47 -10.14
N SER B 1057 -16.74 -5.19 -11.19
CA SER B 1057 -15.80 -6.29 -11.09
C SER B 1057 -14.34 -5.86 -11.28
N GLU B 1058 -13.43 -6.79 -11.04
CA GLU B 1058 -12.03 -6.62 -11.43
C GLU B 1058 -11.95 -6.66 -12.97
N PRO B 1059 -10.94 -6.02 -13.55
CA PRO B 1059 -10.78 -6.00 -15.01
C PRO B 1059 -10.33 -7.36 -15.56
N ASP B 1060 -10.86 -7.75 -16.72
CA ASP B 1060 -10.39 -8.96 -17.42
C ASP B 1060 -9.06 -8.65 -18.10
N GLU B 1061 -8.46 -9.64 -18.76
CA GLU B 1061 -7.17 -9.44 -19.44
C GLU B 1061 -7.13 -8.21 -20.38
N ASN B 1062 -8.29 -7.79 -20.89
CA ASN B 1062 -8.39 -6.65 -21.79
C ASN B 1062 -8.64 -5.31 -21.10
N GLY B 1063 -8.59 -5.32 -19.77
CA GLY B 1063 -8.87 -4.13 -18.97
C GLY B 1063 -10.33 -3.70 -18.93
N ASN B 1064 -11.23 -4.60 -19.33
CA ASN B 1064 -12.67 -4.35 -19.25
C ASN B 1064 -13.25 -4.74 -17.88
N ARG B 1065 -14.03 -3.85 -17.28
CA ARG B 1065 -14.72 -4.14 -16.01
C ARG B 1065 -16.20 -4.46 -16.28
N THR B 1066 -16.75 -5.40 -15.52
CA THR B 1066 -18.17 -5.69 -15.62
C THR B 1066 -18.91 -4.95 -14.51
N ILE B 1067 -19.88 -4.13 -14.90
CA ILE B 1067 -20.74 -3.48 -13.91
C ILE B 1067 -22.07 -4.20 -13.83
N TYR B 1068 -22.40 -4.65 -12.63
CA TYR B 1068 -23.68 -5.26 -12.35
C TYR B 1068 -24.65 -4.18 -11.91
N TYR B 1069 -25.66 -3.94 -12.73
CA TYR B 1069 -26.72 -2.98 -12.47
C TYR B 1069 -28.07 -3.68 -12.30
N ALA B 1070 -29.01 -2.97 -11.69
CA ALA B 1070 -30.43 -3.27 -11.77
C ALA B 1070 -31.09 -1.99 -12.27
N MET B 1071 -32.00 -2.14 -13.23
CA MET B 1071 -32.66 -0.98 -13.84
C MET B 1071 -34.11 -1.29 -14.13
N ASN B 1072 -35.01 -0.60 -13.43
CA ASN B 1072 -36.44 -0.85 -13.56
C ASN B 1072 -36.80 -2.34 -13.41
N GLY B 1073 -36.26 -2.96 -12.37
CA GLY B 1073 -36.60 -4.33 -12.01
C GLY B 1073 -35.97 -5.41 -12.87
N GLN B 1074 -34.93 -5.04 -13.61
CA GLN B 1074 -34.24 -6.00 -14.47
C GLN B 1074 -32.73 -5.93 -14.38
N ALA B 1075 -32.13 -7.09 -14.07
CA ALA B 1075 -30.70 -7.26 -13.95
C ALA B 1075 -30.00 -6.89 -15.25
N ARG B 1076 -28.85 -6.22 -15.13
CA ARG B 1076 -28.19 -5.67 -16.30
C ARG B 1076 -26.67 -5.61 -16.13
N ARG B 1077 -25.95 -6.04 -17.17
CA ARG B 1077 -24.49 -6.11 -17.12
C ARG B 1077 -23.84 -5.30 -18.23
N ILE B 1078 -23.01 -4.33 -17.84
CA ILE B 1078 -22.38 -3.40 -18.79
C ILE B 1078 -20.85 -3.50 -18.68
N TYR B 1079 -20.17 -3.42 -19.82
CA TYR B 1079 -18.72 -3.48 -19.85
C TYR B 1079 -18.11 -2.14 -20.18
N ILE B 1080 -17.22 -1.68 -19.30
CA ILE B 1080 -16.49 -0.45 -19.50
C ILE B 1080 -15.02 -0.76 -19.51
N LYS B 1081 -14.31 -0.24 -20.50
CA LYS B 1081 -12.86 -0.33 -20.52
C LYS B 1081 -12.31 0.69 -19.55
N ASP B 1082 -11.58 0.18 -18.56
CA ASP B 1082 -10.83 1.01 -17.62
C ASP B 1082 -9.67 1.67 -18.37
N GLU B 1083 -9.63 3.00 -18.38
CA GLU B 1083 -8.60 3.73 -19.07
C GLU B 1083 -7.31 3.75 -18.24
N ASN B 1084 -6.36 2.92 -18.67
CA ASN B 1084 -4.99 2.85 -18.16
C ASN B 1084 -4.75 3.27 -16.70
N VAL B 1085 -5.57 2.80 -15.76
CA VAL B 1085 -5.31 3.12 -14.34
C VAL B 1085 -4.19 2.23 -13.79
N HIS B 1086 -4.37 0.92 -13.89
CA HIS B 1086 -3.38 -0.05 -13.40
C HIS B 1086 -2.37 -0.52 -14.46
N THR B 1087 -2.83 -0.65 -15.71
CA THR B 1087 -2.03 -1.13 -16.85
C THR B 1087 -1.73 -2.64 -16.79
N ASN B 1088 -1.82 -3.22 -15.59
CA ASN B 1088 -1.46 -4.63 -15.39
C ASN B 1088 -2.36 -5.45 -14.44
N ALA B 1089 -3.05 -4.76 -13.52
CA ALA B 1089 -3.91 -5.42 -12.51
C ALA B 1089 -5.16 -6.09 -13.11
N ASN B 1090 -5.02 -6.55 -14.34
CA ASN B 1090 -6.05 -7.30 -15.03
C ASN B 1090 -5.98 -8.77 -14.65
N VAL B 1091 -7.13 -9.39 -14.48
CA VAL B 1091 -7.20 -10.81 -14.14
C VAL B 1091 -7.26 -11.68 -15.38
N LYS B 1092 -6.19 -12.41 -15.64
CA LYS B 1092 -6.14 -13.35 -16.77
C LYS B 1092 -7.02 -14.56 -16.47
N PRO B 1093 -7.61 -15.17 -17.49
CA PRO B 1093 -8.28 -16.44 -17.31
C PRO B 1093 -7.25 -17.54 -17.02
N LYS B 1094 -7.73 -18.64 -16.45
CA LYS B 1094 -6.87 -19.78 -16.22
C LYS B 1094 -6.83 -20.67 -17.45
N ALA B 1095 -5.64 -21.13 -17.81
CA ALA B 1095 -5.47 -22.01 -18.95
C ALA B 1095 -6.17 -23.34 -18.71
N ASP B 1096 -6.86 -23.82 -19.74
CA ASP B 1096 -7.39 -25.19 -19.77
C ASP B 1096 -6.21 -26.14 -19.99
N LYS B 1097 -5.90 -26.92 -18.97
CA LYS B 1097 -4.78 -27.86 -19.01
C LYS B 1097 -5.04 -29.09 -19.89
N SER B 1098 -6.28 -29.23 -20.34
CA SER B 1098 -6.68 -30.31 -21.25
C SER B 1098 -6.60 -29.86 -22.71
N ASN B 1099 -6.51 -28.55 -22.92
CA ASN B 1099 -6.51 -27.97 -24.26
C ASN B 1099 -5.08 -27.75 -24.77
N PRO B 1100 -4.68 -28.49 -25.79
CA PRO B 1100 -3.32 -28.41 -26.35
C PRO B 1100 -2.97 -27.03 -26.90
N SER B 1101 -3.99 -26.25 -27.24
CA SER B 1101 -3.78 -24.90 -27.76
C SER B 1101 -3.49 -23.85 -26.67
N HIS B 1102 -3.97 -24.10 -25.44
CA HIS B 1102 -3.74 -23.23 -24.28
C HIS B 1102 -2.32 -23.36 -23.73
N ILE B 1103 -1.61 -22.25 -23.59
CA ILE B 1103 -0.32 -22.25 -22.91
C ILE B 1103 -0.47 -21.48 -21.60
N GLY B 1104 -0.16 -22.15 -20.49
CA GLY B 1104 -0.26 -21.55 -19.18
C GLY B 1104 1.09 -21.18 -18.62
N ALA B 1105 1.10 -20.28 -17.64
CA ALA B 1105 2.31 -19.91 -16.93
C ALA B 1105 2.77 -21.06 -16.07
N GLN B 1106 4.05 -21.38 -16.16
CA GLN B 1106 4.64 -22.44 -15.34
C GLN B 1106 4.93 -22.00 -13.90
N MET B 1107 5.37 -20.76 -13.71
CA MET B 1107 5.63 -20.19 -12.39
C MET B 1107 5.08 -18.76 -12.35
N PRO B 1108 5.00 -18.17 -11.15
CA PRO B 1108 4.65 -16.75 -11.04
C PRO B 1108 5.79 -15.88 -11.54
N GLY B 1109 5.46 -14.73 -12.13
CA GLY B 1109 6.48 -13.81 -12.59
C GLY B 1109 5.96 -12.55 -13.26
N SER B 1110 6.79 -12.01 -14.15
CA SER B 1110 6.47 -10.81 -14.92
C SER B 1110 6.73 -11.00 -16.43
N VAL B 1111 5.98 -10.27 -17.25
CA VAL B 1111 6.18 -10.31 -18.69
C VAL B 1111 7.22 -9.27 -19.09
N THR B 1112 8.35 -9.74 -19.61
CA THR B 1112 9.46 -8.88 -20.01
C THR B 1112 9.24 -8.32 -21.42
N GLU B 1113 9.02 -9.20 -22.39
CA GLU B 1113 8.81 -8.79 -23.77
C GLU B 1113 7.86 -9.76 -24.49
N VAL B 1114 6.75 -9.21 -24.97
CA VAL B 1114 5.84 -9.95 -25.86
C VAL B 1114 6.33 -9.82 -27.32
N LYS B 1115 6.57 -10.97 -27.95
CA LYS B 1115 7.22 -11.03 -29.27
C LYS B 1115 6.26 -11.29 -30.44
N VAL B 1116 5.04 -11.71 -30.14
CA VAL B 1116 4.04 -12.00 -31.17
C VAL B 1116 2.72 -11.25 -30.93
N SER B 1117 1.84 -11.28 -31.93
CA SER B 1117 0.51 -10.65 -31.79
C SER B 1117 -0.60 -11.52 -32.38
N VAL B 1118 -1.85 -11.21 -32.02
CA VAL B 1118 -3.02 -11.96 -32.48
C VAL B 1118 -3.08 -12.03 -34.02
N GLY B 1119 -3.12 -13.25 -34.53
CA GLY B 1119 -3.23 -13.50 -35.97
C GLY B 1119 -1.96 -14.03 -36.63
N GLU B 1120 -0.81 -13.76 -36.01
CA GLU B 1120 0.50 -14.10 -36.60
C GLU B 1120 0.73 -15.62 -36.71
N THR B 1121 1.42 -16.02 -37.77
CA THR B 1121 1.80 -17.42 -38.00
C THR B 1121 3.19 -17.66 -37.43
N VAL B 1122 3.33 -18.73 -36.66
CA VAL B 1122 4.60 -19.06 -36.02
C VAL B 1122 5.06 -20.49 -36.31
N LYS B 1123 6.37 -20.72 -36.19
CA LYS B 1123 6.96 -22.03 -36.40
C LYS B 1123 7.29 -22.62 -35.03
N ALA B 1124 7.38 -23.95 -34.95
CA ALA B 1124 7.63 -24.63 -33.69
C ALA B 1124 8.95 -24.20 -33.05
N ASN B 1125 8.92 -23.99 -31.73
CA ASN B 1125 10.07 -23.55 -30.93
C ASN B 1125 10.39 -22.06 -30.99
N GLN B 1126 9.62 -21.31 -31.79
CA GLN B 1126 9.78 -19.86 -31.93
C GLN B 1126 9.47 -19.13 -30.61
N PRO B 1127 10.35 -18.21 -30.22
CA PRO B 1127 10.09 -17.33 -29.07
C PRO B 1127 8.78 -16.54 -29.20
N LEU B 1128 7.87 -16.71 -28.23
CA LEU B 1128 6.63 -15.93 -28.20
C LEU B 1128 6.70 -14.84 -27.15
N LEU B 1129 7.18 -15.23 -25.97
CA LEU B 1129 7.23 -14.35 -24.80
C LEU B 1129 8.56 -14.50 -24.09
N ILE B 1130 9.04 -13.42 -23.49
CA ILE B 1130 10.09 -13.54 -22.49
C ILE B 1130 9.51 -13.15 -21.13
N THR B 1131 9.61 -14.06 -20.16
CA THR B 1131 9.15 -13.82 -18.80
C THR B 1131 10.32 -13.77 -17.84
N GLU B 1132 10.13 -13.09 -16.71
CA GLU B 1132 11.15 -13.01 -15.67
C GLU B 1132 10.63 -13.63 -14.38
N ALA B 1133 11.31 -14.67 -13.94
CA ALA B 1133 10.91 -15.43 -12.76
C ALA B 1133 11.25 -14.65 -11.52
N MET B 1134 12.41 -14.97 -10.93
CA MET B 1134 12.96 -14.24 -9.81
C MET B 1134 14.37 -13.86 -10.22
N LYS B 1135 14.46 -12.78 -11.00
CA LYS B 1135 15.69 -12.30 -11.66
C LYS B 1135 16.24 -13.26 -12.72
N MET B 1136 15.43 -14.22 -13.15
CA MET B 1136 15.83 -15.19 -14.17
C MET B 1136 14.91 -15.14 -15.39
N GLU B 1137 15.49 -14.99 -16.58
CA GLU B 1137 14.69 -14.92 -17.81
C GLU B 1137 14.38 -16.29 -18.41
N THR B 1138 13.12 -16.49 -18.75
CA THR B 1138 12.65 -17.70 -19.44
C THR B 1138 11.90 -17.27 -20.71
N THR B 1139 12.19 -17.89 -21.84
CA THR B 1139 11.41 -17.61 -23.05
C THR B 1139 10.40 -18.71 -23.33
N ILE B 1140 9.14 -18.30 -23.51
CA ILE B 1140 8.05 -19.22 -23.82
C ILE B 1140 7.96 -19.42 -25.33
N GLN B 1141 7.91 -20.69 -25.73
CA GLN B 1141 8.06 -21.08 -27.12
C GLN B 1141 6.79 -21.67 -27.69
N ALA B 1142 6.70 -21.68 -29.01
CA ALA B 1142 5.62 -22.37 -29.72
C ALA B 1142 5.79 -23.88 -29.60
N PRO B 1143 4.75 -24.57 -29.10
CA PRO B 1143 4.74 -26.04 -29.02
C PRO B 1143 4.77 -26.72 -30.40
N PHE B 1144 4.12 -26.10 -31.38
CA PHE B 1144 4.01 -26.61 -32.74
C PHE B 1144 3.89 -25.43 -33.72
N ASP B 1145 3.69 -25.72 -35.01
CA ASP B 1145 3.34 -24.69 -35.98
C ASP B 1145 1.86 -24.32 -35.84
N GLY B 1146 1.56 -23.02 -35.94
CA GLY B 1146 0.18 -22.55 -35.86
C GLY B 1146 0.03 -21.05 -35.84
N VAL B 1147 -1.20 -20.58 -35.57
CA VAL B 1147 -1.48 -19.14 -35.51
C VAL B 1147 -1.88 -18.69 -34.11
N ILE B 1148 -1.42 -17.51 -33.72
CA ILE B 1148 -1.79 -16.94 -32.41
C ILE B 1148 -3.22 -16.41 -32.43
N LYS B 1149 -4.09 -17.06 -31.64
CA LYS B 1149 -5.50 -16.67 -31.61
C LYS B 1149 -5.78 -15.64 -30.51
N GLN B 1150 -5.09 -15.74 -29.37
CA GLN B 1150 -5.10 -14.67 -28.36
C GLN B 1150 -3.79 -14.53 -27.58
N VAL B 1151 -3.34 -13.29 -27.39
CA VAL B 1151 -2.22 -12.96 -26.51
C VAL B 1151 -2.76 -12.23 -25.28
N THR B 1152 -2.68 -12.90 -24.14
CA THR B 1152 -3.37 -12.46 -22.91
C THR B 1152 -2.64 -11.34 -22.15
N VAL B 1153 -1.37 -11.09 -22.47
CA VAL B 1153 -0.51 -10.20 -21.66
C VAL B 1153 0.12 -9.04 -22.44
N ASN B 1154 0.55 -8.02 -21.70
CA ASN B 1154 1.37 -6.93 -22.23
C ASN B 1154 2.64 -6.76 -21.40
N ASN B 1155 3.70 -6.25 -22.02
CA ASN B 1155 4.97 -6.05 -21.32
C ASN B 1155 4.76 -5.39 -19.95
N GLY B 1156 5.36 -5.98 -18.92
CA GLY B 1156 5.26 -5.45 -17.56
C GLY B 1156 4.15 -6.05 -16.69
N ASP B 1157 3.27 -6.83 -17.31
CA ASP B 1157 2.21 -7.51 -16.57
C ASP B 1157 2.77 -8.59 -15.65
N THR B 1158 2.13 -8.78 -14.50
CA THR B 1158 2.51 -9.88 -13.62
C THR B 1158 1.60 -11.07 -13.88
N ILE B 1159 2.11 -12.26 -13.60
CA ILE B 1159 1.37 -13.50 -13.86
C ILE B 1159 1.55 -14.51 -12.71
N ALA B 1160 0.62 -15.45 -12.62
CA ALA B 1160 0.67 -16.49 -11.61
C ALA B 1160 0.65 -17.84 -12.30
N THR B 1161 1.17 -18.86 -11.62
CA THR B 1161 1.08 -20.23 -12.13
C THR B 1161 -0.35 -20.50 -12.61
N GLY B 1162 -0.46 -21.00 -13.85
CA GLY B 1162 -1.73 -21.47 -14.39
C GLY B 1162 -2.46 -20.45 -15.25
N ASP B 1163 -2.03 -19.20 -15.22
CA ASP B 1163 -2.62 -18.14 -16.04
C ASP B 1163 -2.48 -18.49 -17.52
N LEU B 1164 -3.54 -18.22 -18.31
CA LEU B 1164 -3.47 -18.42 -19.75
C LEU B 1164 -2.67 -17.28 -20.37
N LEU B 1165 -1.69 -17.63 -21.21
CA LEU B 1165 -0.80 -16.65 -21.79
C LEU B 1165 -1.03 -16.51 -23.29
N ILE B 1166 -1.11 -17.64 -23.97
CA ILE B 1166 -1.27 -17.67 -25.41
C ILE B 1166 -2.13 -18.84 -25.88
N GLU B 1167 -2.90 -18.61 -26.94
CA GLU B 1167 -3.59 -19.65 -27.67
C GLU B 1167 -2.99 -19.73 -29.07
N ILE B 1168 -2.68 -20.95 -29.53
CA ILE B 1168 -2.32 -21.21 -30.95
C ILE B 1168 -3.09 -22.41 -31.50
N GLU B 1169 -3.36 -22.39 -32.81
CA GLU B 1169 -4.04 -23.50 -33.48
C GLU B 1169 -3.06 -24.47 -34.14
N GLN C 26 62.30 -6.18 17.12
CA GLN C 26 61.91 -7.59 17.43
C GLN C 26 60.47 -7.72 17.92
N ILE C 27 59.72 -6.62 17.90
CA ILE C 27 58.28 -6.65 18.24
C ILE C 27 57.46 -6.52 16.96
N LYS C 28 56.64 -7.55 16.68
CA LYS C 28 55.85 -7.58 15.45
C LYS C 28 54.34 -7.59 15.70
N LYS C 29 53.91 -8.27 16.75
CA LYS C 29 52.51 -8.22 17.18
C LYS C 29 52.46 -7.69 18.60
N LEU C 30 51.55 -6.74 18.83
CA LEU C 30 51.39 -6.13 20.13
C LEU C 30 49.95 -6.28 20.62
N LEU C 31 49.78 -6.81 21.84
CA LEU C 31 48.46 -6.89 22.47
C LEU C 31 48.32 -5.88 23.60
N VAL C 32 47.16 -5.21 23.65
CA VAL C 32 46.88 -4.30 24.75
C VAL C 32 45.85 -4.89 25.72
N ALA C 33 46.29 -5.17 26.94
CA ALA C 33 45.41 -5.66 28.00
C ALA C 33 44.65 -4.46 28.61
N ASN C 34 43.72 -3.91 27.83
CA ASN C 34 43.03 -2.70 28.24
C ASN C 34 41.95 -2.29 27.25
N ARG C 35 41.26 -1.22 27.60
CA ARG C 35 40.11 -0.69 26.85
C ARG C 35 40.20 0.83 26.83
N GLY C 36 39.37 1.46 25.99
CA GLY C 36 39.20 2.91 26.02
C GLY C 36 40.31 3.73 25.40
N GLU C 37 40.44 4.98 25.86
CA GLU C 37 41.40 5.96 25.31
C GLU C 37 42.82 5.42 25.28
N ILE C 38 43.28 4.85 26.39
CA ILE C 38 44.66 4.38 26.41
C ILE C 38 44.91 3.27 25.38
N ALA C 39 43.96 2.34 25.24
CA ALA C 39 44.13 1.25 24.28
C ALA C 39 44.30 1.83 22.88
N ILE C 40 43.37 2.70 22.49
CA ILE C 40 43.42 3.40 21.22
C ILE C 40 44.76 4.12 21.07
N ARG C 41 45.23 4.73 22.17
CA ARG C 41 46.47 5.49 22.17
C ARG C 41 47.66 4.56 21.88
N ILE C 42 47.73 3.45 22.59
CA ILE C 42 48.79 2.47 22.35
C ILE C 42 48.74 1.90 20.93
N PHE C 43 47.54 1.65 20.42
CA PHE C 43 47.40 1.14 19.06
C PHE C 43 48.05 2.06 18.04
N ARG C 44 47.87 3.37 18.23
CA ARG C 44 48.37 4.31 17.25
C ARG C 44 49.90 4.47 17.31
N ALA C 45 50.48 4.38 18.51
CA ALA C 45 51.94 4.42 18.63
C ALA C 45 52.54 3.16 17.98
N ALA C 46 51.88 2.03 18.21
CA ALA C 46 52.29 0.77 17.62
C ALA C 46 52.15 0.82 16.10
N ALA C 47 51.04 1.35 15.61
CA ALA C 47 50.81 1.43 14.18
C ALA C 47 51.94 2.22 13.51
N GLU C 48 52.21 3.40 14.05
CA GLU C 48 53.31 4.29 13.61
C GLU C 48 54.69 3.62 13.64
N LEU C 49 54.83 2.52 14.38
CA LEU C 49 56.09 1.76 14.42
C LEU C 49 56.02 0.51 13.56
N ASP C 50 54.98 0.45 12.72
CA ASP C 50 54.72 -0.69 11.84
C ASP C 50 54.56 -2.01 12.58
N ILE C 51 54.12 -1.92 13.83
CA ILE C 51 53.81 -3.11 14.62
C ILE C 51 52.33 -3.40 14.51
N SER C 52 52.01 -4.65 14.22
CA SER C 52 50.64 -5.14 14.16
C SER C 52 50.07 -5.16 15.58
N THR C 53 48.79 -4.82 15.72
CA THR C 53 48.15 -4.68 17.04
C THR C 53 47.03 -5.70 17.31
N VAL C 54 46.82 -6.01 18.59
CA VAL C 54 45.73 -6.89 19.02
C VAL C 54 44.93 -6.26 20.17
N ALA C 55 43.61 -6.18 20.00
CA ALA C 55 42.72 -5.68 21.05
C ALA C 55 42.01 -6.82 21.75
N ILE C 56 41.67 -6.61 23.02
CA ILE C 56 40.86 -7.56 23.76
C ILE C 56 39.59 -6.87 24.29
N TYR C 57 38.46 -7.58 24.31
CA TYR C 57 37.20 -6.97 24.76
C TYR C 57 36.31 -7.90 25.59
N SER C 58 35.39 -7.29 26.35
CA SER C 58 34.40 -7.99 27.17
C SER C 58 33.04 -7.99 26.47
N ASN C 59 32.01 -8.39 27.19
CA ASN C 59 30.67 -8.53 26.63
C ASN C 59 29.92 -7.26 26.27
N GLU C 60 29.93 -6.26 27.14
CA GLU C 60 29.32 -4.97 26.80
C GLU C 60 30.30 -4.05 26.06
N ASP C 61 31.56 -4.48 26.01
CA ASP C 61 32.56 -3.82 25.18
C ASP C 61 32.59 -4.36 23.74
N LYS C 62 31.60 -5.19 23.40
CA LYS C 62 31.38 -5.64 22.03
C LYS C 62 30.96 -4.49 21.11
N SER C 63 31.22 -3.26 21.56
CA SER C 63 30.92 -2.06 20.78
C SER C 63 31.77 -0.88 21.22
N SER C 64 32.70 -1.11 22.14
CA SER C 64 33.71 -0.13 22.51
C SER C 64 34.59 0.13 21.29
N LEU C 65 34.86 1.40 20.99
CA LEU C 65 35.59 1.76 19.77
C LEU C 65 37.01 1.20 19.70
N HIS C 66 37.61 0.92 20.85
CA HIS C 66 38.98 0.47 20.89
C HIS C 66 39.12 -0.87 20.20
N ARG C 67 38.06 -1.66 20.26
CA ARG C 67 37.95 -2.99 19.66
C ARG C 67 38.06 -2.96 18.15
N TYR C 68 37.60 -1.87 17.53
CA TYR C 68 37.61 -1.73 16.09
C TYR C 68 38.89 -1.09 15.55
N LYS C 69 39.72 -0.54 16.43
CA LYS C 69 40.89 0.24 16.01
C LYS C 69 42.22 -0.51 16.03
N ALA C 70 42.18 -1.79 16.39
CA ALA C 70 43.34 -2.66 16.26
C ALA C 70 43.18 -3.57 15.05
N ASP C 71 44.28 -4.18 14.61
CA ASP C 71 44.26 -5.05 13.44
C ASP C 71 43.47 -6.33 13.69
N GLU C 72 43.68 -6.93 14.86
CA GLU C 72 42.89 -8.08 15.29
C GLU C 72 42.18 -7.74 16.59
N SER C 73 41.05 -8.41 16.84
CA SER C 73 40.36 -8.28 18.12
C SER C 73 39.83 -9.63 18.57
N TYR C 74 39.76 -9.83 19.89
CA TYR C 74 39.34 -11.11 20.47
C TYR C 74 38.48 -10.90 21.71
N LEU C 75 37.38 -11.63 21.79
CA LEU C 75 36.55 -11.69 22.98
C LEU C 75 37.33 -12.43 24.06
N VAL C 76 37.40 -11.86 25.25
CA VAL C 76 38.09 -12.49 26.36
C VAL C 76 37.07 -13.13 27.28
N GLY C 77 36.92 -14.45 27.13
CA GLY C 77 36.00 -15.23 27.94
C GLY C 77 34.53 -14.85 27.79
N SER C 78 33.80 -15.64 27.01
CA SER C 78 32.33 -15.61 27.04
C SER C 78 31.91 -15.97 28.46
N ASP C 79 32.61 -16.94 29.03
CA ASP C 79 32.54 -17.33 30.45
C ASP C 79 32.73 -16.12 31.39
N LEU C 80 33.62 -15.20 31.01
CA LEU C 80 34.00 -14.06 31.85
C LEU C 80 32.97 -12.92 31.88
N GLY C 81 32.93 -12.18 32.99
CA GLY C 81 31.98 -11.10 33.19
C GLY C 81 32.42 -9.76 32.63
N PRO C 82 32.19 -8.68 33.38
CA PRO C 82 32.42 -7.32 32.91
C PRO C 82 33.79 -6.74 33.31
N ALA C 83 33.96 -6.42 34.59
CA ALA C 83 35.22 -5.89 35.12
C ALA C 83 36.11 -7.00 35.69
N GLU C 84 36.06 -8.17 35.07
CA GLU C 84 36.94 -9.29 35.43
C GLU C 84 37.61 -9.91 34.21
N SER C 85 37.06 -9.63 33.03
CA SER C 85 37.61 -10.12 31.77
C SER C 85 38.92 -9.43 31.38
N TYR C 86 39.11 -8.20 31.85
CA TYR C 86 40.38 -7.52 31.66
C TYR C 86 41.35 -7.87 32.79
N LEU C 87 40.85 -8.63 33.76
CA LEU C 87 41.60 -9.04 34.94
C LEU C 87 42.10 -10.50 34.87
N ASN C 88 41.56 -11.27 33.94
CA ASN C 88 41.88 -12.69 33.82
C ASN C 88 43.24 -12.94 33.17
N ILE C 89 44.24 -13.15 34.01
CA ILE C 89 45.63 -13.35 33.58
C ILE C 89 45.78 -14.48 32.55
N GLU C 90 45.37 -15.69 32.91
CA GLU C 90 45.45 -16.84 32.00
C GLU C 90 44.70 -16.66 30.69
N ARG C 91 43.40 -16.36 30.80
CA ARG C 91 42.54 -16.20 29.63
C ARG C 91 43.06 -15.16 28.63
N ILE C 92 43.74 -14.15 29.14
CA ILE C 92 44.36 -13.11 28.30
C ILE C 92 45.64 -13.60 27.62
N ILE C 93 46.49 -14.31 28.36
CA ILE C 93 47.75 -14.82 27.82
C ILE C 93 47.49 -15.90 26.76
N ASP C 94 46.44 -16.69 26.97
CA ASP C 94 46.05 -17.69 26.00
C ASP C 94 45.57 -17.06 24.68
N VAL C 95 45.04 -15.84 24.75
CA VAL C 95 44.72 -15.07 23.54
C VAL C 95 46.00 -14.57 22.84
N ALA C 96 46.94 -14.08 23.64
CA ALA C 96 48.24 -13.62 23.13
C ALA C 96 49.00 -14.74 22.41
N LYS C 97 48.94 -15.94 22.98
CA LYS C 97 49.54 -17.12 22.37
C LYS C 97 48.81 -17.55 21.09
N GLN C 98 47.48 -17.51 21.14
CA GLN C 98 46.65 -17.97 20.02
C GLN C 98 46.74 -17.04 18.81
N ALA C 99 47.69 -16.10 18.86
CA ALA C 99 47.82 -15.06 17.85
C ALA C 99 49.26 -14.58 17.62
N ASN C 100 50.24 -15.36 18.10
CA ASN C 100 51.68 -15.04 17.97
C ASN C 100 52.09 -13.62 18.43
N VAL C 101 51.63 -13.23 19.63
CA VAL C 101 51.93 -11.91 20.17
C VAL C 101 53.32 -11.88 20.81
N ASP C 102 54.13 -10.87 20.48
CA ASP C 102 55.47 -10.71 21.08
C ASP C 102 55.43 -9.98 22.42
N ALA C 103 54.57 -8.96 22.51
CA ALA C 103 54.58 -8.04 23.63
C ALA C 103 53.18 -7.66 24.10
N ILE C 104 53.06 -7.37 25.39
CA ILE C 104 51.80 -6.88 25.96
C ILE C 104 51.99 -5.51 26.62
N HIS C 105 51.18 -4.54 26.20
CA HIS C 105 51.15 -3.26 26.90
C HIS C 105 49.98 -3.24 27.87
N PRO C 106 50.29 -3.18 29.17
CA PRO C 106 49.28 -3.27 30.22
C PRO C 106 48.40 -2.02 30.34
N GLY C 107 48.84 -0.93 29.73
CA GLY C 107 48.17 0.36 29.84
C GLY C 107 48.29 0.88 31.25
N TYR C 108 47.16 1.25 31.83
CA TYR C 108 47.06 1.62 33.24
C TYR C 108 45.75 1.09 33.83
N GLY C 109 45.75 0.88 35.14
CA GLY C 109 44.53 0.58 35.89
C GLY C 109 43.86 -0.76 35.69
N PHE C 110 44.62 -1.80 35.39
CA PHE C 110 44.06 -3.15 35.40
C PHE C 110 45.11 -4.09 35.92
N LEU C 111 45.76 -4.82 35.02
CA LEU C 111 46.90 -5.65 35.38
C LEU C 111 48.20 -4.86 35.26
N SER C 112 48.11 -3.58 34.89
CA SER C 112 49.30 -2.74 34.74
C SER C 112 50.27 -2.78 35.95
N GLU C 113 49.73 -3.07 37.14
CA GLU C 113 50.54 -3.10 38.36
C GLU C 113 50.68 -4.52 38.95
N ASN C 114 50.30 -5.52 38.17
CA ASN C 114 50.21 -6.89 38.66
C ASN C 114 51.49 -7.71 38.53
N GLU C 115 52.14 -7.91 39.68
CA GLU C 115 53.34 -8.75 39.82
C GLU C 115 53.25 -10.06 39.02
N GLN C 116 52.17 -10.83 39.26
CA GLN C 116 51.96 -12.13 38.63
C GLN C 116 51.83 -12.08 37.11
N PHE C 117 50.99 -11.15 36.63
CA PHE C 117 50.70 -11.05 35.21
C PHE C 117 51.98 -10.92 34.39
N ALA C 118 52.88 -10.09 34.87
CA ALA C 118 54.13 -9.80 34.17
C ALA C 118 55.13 -10.96 34.25
N ARG C 119 54.98 -11.81 35.26
CA ARG C 119 55.80 -13.02 35.38
C ARG C 119 55.33 -14.04 34.34
N ARG C 120 54.03 -14.28 34.30
CA ARG C 120 53.43 -15.24 33.37
C ARG C 120 53.73 -14.83 31.92
N CYS C 121 53.62 -13.54 31.64
CA CYS C 121 54.04 -12.97 30.37
C CYS C 121 55.46 -13.41 29.99
N ALA C 122 56.41 -13.21 30.90
CA ALA C 122 57.81 -13.60 30.69
C ALA C 122 58.00 -15.12 30.58
N GLU C 123 57.21 -15.86 31.34
CA GLU C 123 57.25 -17.34 31.32
C GLU C 123 56.77 -17.92 29.99
N GLU C 124 55.96 -17.18 29.25
CA GLU C 124 55.46 -17.63 27.96
C GLU C 124 56.20 -16.97 26.78
N GLY C 125 57.31 -16.31 27.07
CA GLY C 125 58.12 -15.63 26.05
C GLY C 125 57.51 -14.35 25.49
N ILE C 126 56.65 -13.69 26.27
CA ILE C 126 56.01 -12.44 25.87
C ILE C 126 56.61 -11.25 26.64
N LYS C 127 57.11 -10.26 25.92
CA LYS C 127 57.67 -9.07 26.56
C LYS C 127 56.57 -8.19 27.18
N PHE C 128 56.53 -8.18 28.51
CA PHE C 128 55.66 -7.28 29.24
C PHE C 128 56.23 -5.88 29.10
N ILE C 129 55.41 -4.94 28.62
CA ILE C 129 55.85 -3.56 28.41
C ILE C 129 55.73 -2.70 29.68
N GLY C 130 56.82 -2.69 30.43
CA GLY C 130 56.90 -1.99 31.71
C GLY C 130 58.19 -2.38 32.42
N PRO C 131 58.24 -2.13 33.72
CA PRO C 131 59.44 -2.42 34.51
C PRO C 131 59.67 -3.91 34.78
N HIS C 132 60.87 -4.24 35.27
CA HIS C 132 61.25 -5.60 35.67
C HIS C 132 60.36 -6.12 36.80
N LEU C 133 60.29 -7.43 36.94
CA LEU C 133 59.46 -8.07 37.97
C LEU C 133 59.78 -7.59 39.39
N GLU C 134 61.07 -7.36 39.66
CA GLU C 134 61.50 -6.86 40.97
C GLU C 134 60.93 -5.47 41.30
N HIS C 135 60.69 -4.67 40.27
CA HIS C 135 60.12 -3.32 40.42
C HIS C 135 58.65 -3.34 40.85
N LEU C 136 57.87 -4.24 40.24
CA LEU C 136 56.46 -4.40 40.60
C LEU C 136 56.35 -5.01 41.99
N ASP C 137 57.28 -5.92 42.29
CA ASP C 137 57.44 -6.53 43.60
C ASP C 137 57.76 -5.49 44.68
N MET C 138 58.30 -4.37 44.23
CA MET C 138 58.94 -3.38 45.09
C MET C 138 58.00 -2.21 45.37
N PHE C 139 57.33 -1.72 44.33
CA PHE C 139 56.42 -0.59 44.42
C PHE C 139 54.94 -1.02 44.41
N GLY C 140 54.70 -2.34 44.33
CA GLY C 140 53.34 -2.90 44.27
C GLY C 140 52.68 -2.95 45.63
N ASP C 141 53.24 -2.20 46.57
CA ASP C 141 52.83 -2.15 47.95
C ASP C 141 53.32 -0.80 48.45
N LYS C 142 52.53 -0.12 49.27
CA LYS C 142 52.89 1.23 49.71
C LYS C 142 53.84 1.32 50.90
N VAL C 143 53.93 0.23 51.67
CA VAL C 143 54.92 0.13 52.74
C VAL C 143 56.30 -0.16 52.14
N LYS C 144 56.37 -1.16 51.26
CA LYS C 144 57.60 -1.49 50.54
C LYS C 144 58.08 -0.33 49.68
N ALA C 145 57.13 0.43 49.12
CA ALA C 145 57.43 1.63 48.37
C ALA C 145 58.19 2.60 49.26
N ARG C 146 57.62 2.88 50.43
CA ARG C 146 58.26 3.70 51.46
C ARG C 146 59.60 3.13 51.87
N THR C 147 59.64 1.82 52.08
CA THR C 147 60.87 1.12 52.49
C THR C 147 61.98 1.38 51.48
N THR C 148 61.66 1.26 50.19
CA THR C 148 62.62 1.44 49.12
C THR C 148 63.05 2.90 49.01
N ALA C 149 62.11 3.80 49.34
CA ALA C 149 62.39 5.23 49.37
C ALA C 149 63.36 5.59 50.48
N ILE C 150 63.11 5.07 51.69
CA ILE C 150 64.01 5.25 52.82
C ILE C 150 65.41 4.73 52.48
N LYS C 151 65.47 3.52 51.90
CA LYS C 151 66.71 2.90 51.47
C LYS C 151 67.50 3.75 50.46
N ALA C 152 66.80 4.58 49.69
CA ALA C 152 67.45 5.41 48.67
C ALA C 152 67.80 6.81 49.17
N ASP C 153 67.55 7.06 50.46
CA ASP C 153 67.78 8.35 51.12
C ASP C 153 66.86 9.47 50.64
N LEU C 154 65.56 9.17 50.62
CA LEU C 154 64.52 10.13 50.25
C LEU C 154 63.67 10.46 51.46
N PRO C 155 63.30 11.72 51.63
CA PRO C 155 62.42 12.14 52.71
C PRO C 155 61.04 11.51 52.59
N VAL C 156 60.53 10.96 53.69
CA VAL C 156 59.24 10.27 53.70
C VAL C 156 58.43 10.70 54.93
N ILE C 157 57.10 10.56 54.85
CA ILE C 157 56.20 10.86 55.97
C ILE C 157 56.43 9.88 57.11
N PRO C 158 56.70 10.39 58.32
CA PRO C 158 56.95 9.58 59.51
C PRO C 158 56.27 8.21 59.51
N GLY C 159 55.01 8.17 59.93
CA GLY C 159 54.19 6.95 59.85
C GLY C 159 54.61 5.71 60.60
N THR C 160 53.79 4.66 60.47
CA THR C 160 54.06 3.35 61.08
C THR C 160 55.09 2.56 60.28
N ASP C 161 55.71 1.58 60.93
CA ASP C 161 56.72 0.72 60.31
C ASP C 161 56.08 -0.26 59.31
N GLY C 162 54.76 -0.38 59.38
CA GLY C 162 54.03 -1.29 58.51
C GLY C 162 52.52 -1.26 58.74
N PRO C 163 51.83 -2.27 58.22
CA PRO C 163 50.37 -2.36 58.32
C PRO C 163 49.89 -2.58 59.76
N ILE C 164 48.71 -2.05 60.06
CA ILE C 164 48.12 -2.17 61.39
C ILE C 164 47.03 -3.25 61.42
N LYS C 165 46.66 -3.68 62.63
CA LYS C 165 45.57 -4.64 62.82
C LYS C 165 44.57 -4.18 63.89
N SER C 166 43.31 -4.55 63.66
CA SER C 166 42.20 -4.39 64.61
C SER C 166 41.78 -2.96 64.94
N TYR C 167 42.58 -2.27 65.75
CA TYR C 167 42.26 -0.94 66.32
C TYR C 167 43.04 -0.76 67.62
N GLU C 168 43.25 -1.88 68.32
CA GLU C 168 44.04 -1.90 69.54
C GLU C 168 45.50 -1.56 69.26
N LEU C 169 46.05 -2.22 68.25
CA LEU C 169 47.42 -1.96 67.84
C LEU C 169 47.53 -0.55 67.24
N ALA C 170 46.44 -0.07 66.65
CA ALA C 170 46.37 1.27 66.08
C ALA C 170 46.41 2.36 67.15
N LYS C 171 45.49 2.27 68.11
CA LYS C 171 45.35 3.25 69.19
C LYS C 171 46.69 3.58 69.87
N GLU C 172 47.57 2.58 69.98
CA GLU C 172 48.85 2.73 70.70
C GLU C 172 49.82 3.73 70.07
N PHE C 173 50.13 3.55 68.77
CA PHE C 173 50.96 4.52 68.04
C PHE C 173 50.22 5.84 67.77
N ALA C 174 48.89 5.77 67.74
CA ALA C 174 48.04 6.96 67.61
C ALA C 174 48.10 7.87 68.84
N GLU C 175 48.38 7.28 70.00
CA GLU C 175 48.47 8.02 71.26
C GLU C 175 49.79 8.77 71.40
N GLU C 176 50.88 8.14 70.95
CA GLU C 176 52.22 8.65 71.22
C GLU C 176 52.92 9.28 70.01
N ALA C 177 52.13 9.87 69.12
CA ALA C 177 52.68 10.47 67.89
C ALA C 177 51.89 11.67 67.36
N GLY C 178 51.38 12.51 68.27
CA GLY C 178 50.53 13.64 67.91
C GLY C 178 49.15 13.17 67.49
N PHE C 179 48.39 14.01 66.77
CA PHE C 179 47.04 13.61 66.35
C PHE C 179 46.66 13.68 64.86
N PRO C 180 46.92 14.78 64.16
CA PRO C 180 46.55 14.88 62.73
C PRO C 180 47.13 13.71 61.92
N LEU C 181 46.31 12.69 61.69
CA LEU C 181 46.76 11.44 61.08
C LEU C 181 45.93 11.03 59.88
N MET C 182 46.61 10.42 58.90
CA MET C 182 45.97 9.89 57.70
C MET C 182 46.08 8.37 57.73
N ILE C 183 44.96 7.70 57.89
CA ILE C 183 44.91 6.25 57.77
C ILE C 183 44.62 5.90 56.32
N LYS C 184 45.50 5.11 55.72
CA LYS C 184 45.47 4.85 54.28
C LYS C 184 45.79 3.40 53.91
N ALA C 185 45.21 2.96 52.79
CA ALA C 185 45.35 1.60 52.31
C ALA C 185 46.70 1.34 51.65
N THR C 186 47.04 0.06 51.55
CA THR C 186 48.24 -0.39 50.85
C THR C 186 47.93 -0.52 49.36
N SER C 187 48.89 -0.09 48.53
CA SER C 187 48.74 -0.02 47.07
C SER C 187 47.36 0.52 46.66
N GLY C 188 47.18 1.82 46.83
CA GLY C 188 45.90 2.47 46.60
C GLY C 188 45.64 2.78 45.13
N GLY C 189 44.98 3.91 44.90
CA GLY C 189 44.54 4.31 43.57
C GLY C 189 43.32 5.21 43.74
N GLY C 190 42.33 4.69 44.47
CA GLY C 190 41.14 5.45 44.79
C GLY C 190 41.20 6.05 46.19
N GLY C 191 41.28 7.38 46.24
CA GLY C 191 41.21 8.12 47.50
C GLY C 191 39.96 7.83 48.32
N LYS C 192 39.20 6.83 47.87
CA LYS C 192 38.00 6.33 48.55
C LYS C 192 38.37 5.31 49.63
N GLY C 193 39.61 4.80 49.55
CA GLY C 193 40.16 3.91 50.57
C GLY C 193 41.10 4.65 51.51
N MET C 194 40.72 5.87 51.88
CA MET C 194 41.47 6.73 52.80
C MET C 194 40.52 7.52 53.68
N ARG C 195 40.99 7.93 54.85
CA ARG C 195 40.19 8.78 55.75
C ARG C 195 41.09 9.53 56.73
N ILE C 196 40.74 10.78 57.02
CA ILE C 196 41.56 11.62 57.90
C ILE C 196 41.05 11.60 59.35
N VAL C 197 41.99 11.58 60.29
CA VAL C 197 41.66 11.62 61.72
C VAL C 197 42.18 12.91 62.33
N ARG C 198 41.27 13.67 62.95
CA ARG C 198 41.59 15.00 63.47
C ARG C 198 41.48 15.11 65.00
N GLU C 199 40.46 14.48 65.57
CA GLU C 199 40.19 14.56 67.00
C GLU C 199 39.92 13.19 67.63
N GLU C 200 39.94 13.13 68.96
CA GLU C 200 39.78 11.88 69.71
C GLU C 200 38.38 11.27 69.51
N SER C 201 38.33 9.93 69.59
CA SER C 201 37.13 9.13 69.36
C SER C 201 36.58 9.17 67.92
N GLU C 202 37.05 10.14 67.13
CA GLU C 202 36.83 10.14 65.69
C GLU C 202 37.69 9.06 65.04
N LEU C 203 38.63 8.54 65.82
CA LEU C 203 39.53 7.47 65.39
C LEU C 203 38.83 6.11 65.28
N GLU C 204 37.78 5.93 66.09
CA GLU C 204 37.06 4.65 66.19
C GLU C 204 36.53 4.16 64.84
N ASP C 205 35.59 4.91 64.26
CA ASP C 205 35.02 4.59 62.95
C ASP C 205 36.10 4.63 61.86
N ALA C 206 36.91 5.68 61.89
CA ALA C 206 37.97 5.92 60.89
C ALA C 206 38.70 4.67 60.41
N PHE C 207 39.21 3.86 61.34
CA PHE C 207 39.96 2.66 60.99
C PHE C 207 39.13 1.61 60.27
N HIS C 208 37.93 1.31 60.79
CA HIS C 208 37.07 0.28 60.22
C HIS C 208 36.36 0.73 58.94
N ARG C 209 35.89 1.97 58.94
CA ARG C 209 35.22 2.55 57.75
C ARG C 209 36.14 2.51 56.53
N ALA C 210 37.41 2.87 56.73
CA ALA C 210 38.39 2.90 55.64
C ALA C 210 38.97 1.53 55.27
N LYS C 211 38.93 0.58 56.21
CA LYS C 211 39.48 -0.75 55.97
C LYS C 211 38.58 -1.59 55.06
N SER C 212 37.27 -1.56 55.31
CA SER C 212 36.31 -2.29 54.50
C SER C 212 36.03 -1.59 53.17
N GLU C 213 36.22 -0.27 53.14
CA GLU C 213 36.07 0.50 51.91
C GLU C 213 37.29 0.33 51.01
N ALA C 214 38.41 -0.08 51.61
CA ALA C 214 39.60 -0.47 50.87
C ALA C 214 39.48 -1.90 50.36
N GLU C 215 38.80 -2.74 51.14
CA GLU C 215 38.49 -4.12 50.75
C GLU C 215 37.58 -4.15 49.52
N LYS C 216 36.60 -3.24 49.49
CA LYS C 216 35.64 -3.17 48.39
C LYS C 216 36.21 -2.51 47.13
N SER C 217 37.12 -1.55 47.31
CA SER C 217 37.80 -0.90 46.18
C SER C 217 38.84 -1.83 45.56
N PHE C 218 39.85 -2.20 46.35
CA PHE C 218 40.95 -3.05 45.91
C PHE C 218 40.69 -4.49 46.33
N GLY C 219 41.70 -5.35 46.21
CA GLY C 219 41.62 -6.72 46.70
C GLY C 219 41.55 -6.77 48.22
N ASN C 220 42.72 -6.79 48.87
CA ASN C 220 42.82 -6.87 50.33
C ASN C 220 42.47 -5.57 51.08
N SER C 221 42.67 -5.57 52.39
CA SER C 221 42.39 -4.41 53.22
C SER C 221 43.52 -4.09 54.19
N GLU C 222 44.75 -4.41 53.78
CA GLU C 222 45.97 -4.05 54.50
C GLU C 222 46.07 -2.52 54.55
N VAL C 223 45.99 -1.97 55.75
CA VAL C 223 46.03 -0.52 55.94
C VAL C 223 47.16 -0.09 56.88
N TYR C 224 47.67 1.13 56.68
CA TYR C 224 48.62 1.72 57.63
C TYR C 224 48.23 3.15 58.04
N ILE C 225 49.06 3.77 58.86
CA ILE C 225 48.84 5.17 59.22
C ILE C 225 50.13 6.00 59.11
N GLU C 226 49.97 7.23 58.65
CA GLU C 226 51.05 8.20 58.65
C GLU C 226 50.52 9.58 59.01
N ARG C 227 51.42 10.51 59.28
CA ARG C 227 51.02 11.88 59.63
C ARG C 227 50.30 12.56 58.47
N TYR C 228 49.15 13.18 58.77
CA TYR C 228 48.46 14.01 57.80
C TYR C 228 49.21 15.33 57.61
N ILE C 229 49.41 15.71 56.35
CA ILE C 229 50.05 16.97 56.04
C ILE C 229 49.00 17.95 55.52
N ASP C 230 48.83 19.05 56.24
CA ASP C 230 47.82 20.05 55.90
C ASP C 230 48.24 20.86 54.67
N ASN C 231 47.25 21.25 53.87
CA ASN C 231 47.46 22.12 52.70
C ASN C 231 48.70 21.81 51.85
N PRO C 232 48.86 20.57 51.38
CA PRO C 232 50.00 20.25 50.53
C PRO C 232 49.72 20.48 49.05
N LYS C 233 50.78 20.56 48.27
CA LYS C 233 50.68 20.42 46.82
C LYS C 233 51.11 19.01 46.49
N HIS C 234 50.47 18.40 45.50
CA HIS C 234 50.88 17.09 45.01
C HIS C 234 51.71 17.30 43.75
N ILE C 235 53.01 17.03 43.85
CA ILE C 235 53.91 17.14 42.70
C ILE C 235 54.48 15.76 42.35
N GLU C 236 54.27 15.35 41.11
CA GLU C 236 54.80 14.08 40.63
C GLU C 236 55.78 14.26 39.48
N VAL C 237 56.80 13.40 39.43
CA VAL C 237 57.86 13.49 38.43
C VAL C 237 57.81 12.30 37.48
N GLN C 238 57.80 12.59 36.18
CA GLN C 238 57.84 11.56 35.17
C GLN C 238 59.24 10.99 35.04
N VAL C 239 59.35 9.67 34.95
CA VAL C 239 60.62 9.01 34.71
C VAL C 239 60.49 7.98 33.58
N ILE C 240 61.46 7.99 32.67
CA ILE C 240 61.61 6.93 31.67
C ILE C 240 63.04 6.39 31.72
N GLY C 241 63.17 5.07 31.74
CA GLY C 241 64.46 4.42 31.65
C GLY C 241 64.46 3.39 30.54
N ASP C 242 65.64 3.07 30.01
CA ASP C 242 65.77 2.02 29.01
C ASP C 242 66.29 0.71 29.62
N GLU C 243 66.53 -0.29 28.77
CA GLU C 243 67.05 -1.59 29.23
C GLU C 243 68.58 -1.57 29.43
N HIS C 244 69.21 -0.42 29.19
CA HIS C 244 70.68 -0.29 29.18
C HIS C 244 71.27 0.62 30.26
N GLY C 245 70.52 0.85 31.34
CA GLY C 245 71.03 1.58 32.50
C GLY C 245 70.84 3.09 32.48
N ASN C 246 70.35 3.64 31.38
CA ASN C 246 70.08 5.07 31.26
C ASN C 246 68.68 5.42 31.76
N ILE C 247 68.57 6.55 32.45
CA ILE C 247 67.29 7.00 32.99
C ILE C 247 67.20 8.52 32.84
N VAL C 248 66.04 9.01 32.40
CA VAL C 248 65.76 10.45 32.42
C VAL C 248 64.45 10.78 33.14
N HIS C 249 64.37 11.98 33.70
CA HIS C 249 63.08 12.51 34.13
C HIS C 249 62.55 13.45 33.06
N LEU C 250 61.24 13.58 32.98
CA LEU C 250 60.59 14.48 32.03
C LEU C 250 59.80 15.56 32.76
N PHE C 251 60.41 16.11 33.81
CA PHE C 251 59.83 17.16 34.64
C PHE C 251 58.57 16.78 35.45
N GLU C 252 57.89 17.77 36.01
CA GLU C 252 56.81 17.51 36.97
C GLU C 252 55.41 17.77 36.46
N ARG C 253 54.44 17.19 37.17
CA ARG C 253 53.04 17.52 36.98
C ARG C 253 52.46 17.95 38.32
N ASP C 254 51.67 19.01 38.31
CA ASP C 254 50.94 19.40 39.50
C ASP C 254 49.55 18.76 39.51
N CYS C 255 49.29 17.97 40.54
CA CYS C 255 48.03 17.23 40.65
C CYS C 255 47.28 17.60 41.92
N SER C 256 47.42 18.86 42.34
CA SER C 256 46.80 19.32 43.59
C SER C 256 45.29 19.51 43.53
N VAL C 257 44.74 19.71 42.33
CA VAL C 257 43.30 19.90 42.21
C VAL C 257 42.59 18.56 42.31
N GLN C 258 42.23 18.18 43.54
CA GLN C 258 41.51 16.93 43.77
C GLN C 258 40.23 17.09 44.63
N ARG C 259 39.20 16.30 44.32
CA ARG C 259 37.93 16.37 45.08
C ARG C 259 38.02 15.65 46.43
N ARG C 260 37.95 14.33 46.44
CA ARG C 260 38.21 13.59 47.67
C ARG C 260 39.72 13.55 47.82
N HIS C 261 40.35 12.55 47.24
CA HIS C 261 41.78 12.56 47.02
C HIS C 261 41.98 12.04 45.60
N GLN C 262 40.92 12.24 44.81
CA GLN C 262 40.84 11.81 43.44
C GLN C 262 41.32 12.95 42.55
N LYS C 263 42.33 12.68 41.73
CA LYS C 263 42.85 13.65 40.76
C LYS C 263 41.76 14.18 39.83
N VAL C 264 41.70 15.49 39.68
CA VAL C 264 40.70 16.11 38.81
C VAL C 264 41.35 16.91 37.68
N VAL C 265 42.22 17.84 38.04
CA VAL C 265 42.93 18.64 37.05
C VAL C 265 44.43 18.58 37.30
N GLU C 266 45.17 18.29 36.23
CA GLU C 266 46.64 18.27 36.27
C GLU C 266 47.25 19.38 35.43
N VAL C 267 48.42 19.83 35.84
CA VAL C 267 49.15 20.89 35.13
C VAL C 267 50.62 20.50 35.04
N ALA C 268 51.24 20.77 33.89
CA ALA C 268 52.67 20.55 33.70
C ALA C 268 53.28 21.70 32.93
N PRO C 269 54.46 22.18 33.37
CA PRO C 269 55.03 21.82 34.65
C PRO C 269 54.24 22.57 35.71
N SER C 270 54.69 22.55 36.96
CA SER C 270 53.93 23.22 38.00
C SER C 270 54.10 24.73 37.95
N VAL C 271 53.02 25.44 38.24
CA VAL C 271 53.09 26.88 38.40
C VAL C 271 53.22 27.17 39.89
N GLY C 272 54.08 28.13 40.23
CA GLY C 272 54.20 28.53 41.64
C GLY C 272 55.44 28.05 42.37
N LEU C 273 55.78 26.78 42.21
CA LEU C 273 57.01 26.21 42.79
C LEU C 273 58.26 26.99 42.40
N SER C 274 59.22 27.08 43.31
CA SER C 274 60.49 27.73 43.01
C SER C 274 61.34 26.80 42.14
N PRO C 275 62.30 27.34 41.38
CA PRO C 275 63.14 26.51 40.52
C PRO C 275 64.02 25.53 41.32
N THR C 276 64.52 25.95 42.48
CA THR C 276 65.34 25.08 43.32
C THR C 276 64.53 23.94 43.93
N LEU C 277 63.29 24.24 44.30
CA LEU C 277 62.37 23.22 44.84
C LEU C 277 62.06 22.21 43.74
N ARG C 278 61.92 22.71 42.52
CA ARG C 278 61.67 21.90 41.34
C ARG C 278 62.85 20.99 41.06
N GLN C 279 64.06 21.52 41.16
CA GLN C 279 65.27 20.74 40.99
C GLN C 279 65.38 19.60 42.00
N ARG C 280 65.19 19.93 43.27
CA ARG C 280 65.36 18.98 44.35
C ARG C 280 64.34 17.85 44.28
N ILE C 281 63.13 18.16 43.83
CA ILE C 281 62.08 17.16 43.64
C ILE C 281 62.44 16.21 42.49
N CYS C 282 62.90 16.78 41.38
CA CYS C 282 63.33 15.99 40.23
C CYS C 282 64.60 15.18 40.51
N ASP C 283 65.53 15.77 41.26
CA ASP C 283 66.74 15.08 41.70
C ASP C 283 66.39 13.89 42.59
N ALA C 284 65.36 14.06 43.42
CA ALA C 284 64.92 13.00 44.33
C ALA C 284 64.38 11.82 43.55
N ALA C 285 63.48 12.10 42.61
CA ALA C 285 62.92 11.06 41.77
C ALA C 285 64.01 10.29 41.03
N ILE C 286 65.05 10.99 40.59
CA ILE C 286 66.12 10.35 39.84
C ILE C 286 67.02 9.50 40.73
N GLN C 287 67.22 9.91 41.97
CA GLN C 287 68.07 9.13 42.88
C GLN C 287 67.40 7.86 43.39
N LEU C 288 66.07 7.87 43.43
CA LEU C 288 65.28 6.67 43.76
C LEU C 288 65.26 5.69 42.58
N MET C 289 65.03 6.23 41.38
CA MET C 289 64.89 5.41 40.19
C MET C 289 66.22 4.87 39.69
N GLU C 290 67.28 5.66 39.87
CA GLU C 290 68.64 5.23 39.53
C GLU C 290 69.12 4.18 40.52
N ASN C 291 68.73 4.35 41.79
CA ASN C 291 69.10 3.40 42.85
C ASN C 291 68.66 1.97 42.53
N ILE C 292 67.38 1.80 42.22
CA ILE C 292 66.85 0.46 41.94
C ILE C 292 66.81 0.11 40.45
N LYS C 293 67.61 0.82 39.65
CA LYS C 293 67.75 0.57 38.21
C LYS C 293 66.39 0.41 37.54
N TYR C 294 65.59 1.47 37.57
CA TYR C 294 64.23 1.41 37.02
C TYR C 294 64.22 1.30 35.50
N VAL C 295 63.28 0.53 34.97
CA VAL C 295 63.14 0.30 33.54
C VAL C 295 61.77 0.78 33.05
N ASN C 296 61.75 1.48 31.91
CA ASN C 296 60.51 1.92 31.27
C ASN C 296 59.90 3.11 31.98
N ALA C 297 58.61 3.38 31.77
CA ALA C 297 57.95 4.54 32.37
C ALA C 297 57.46 4.26 33.78
N GLY C 298 57.74 5.21 34.67
CA GLY C 298 57.22 5.19 36.03
C GLY C 298 57.17 6.60 36.59
N THR C 299 56.21 6.85 37.47
CA THR C 299 56.05 8.16 38.10
C THR C 299 56.42 8.12 39.58
N VAL C 300 57.11 9.16 40.05
CA VAL C 300 57.37 9.29 41.49
C VAL C 300 56.56 10.47 42.02
N GLU C 301 55.77 10.22 43.07
CA GLU C 301 54.82 11.19 43.58
C GLU C 301 55.22 11.75 44.94
N PHE C 302 55.09 13.06 45.10
CA PHE C 302 55.49 13.75 46.31
C PHE C 302 54.38 14.64 46.86
N LEU C 303 54.43 14.86 48.17
CA LEU C 303 53.55 15.79 48.83
C LEU C 303 54.44 16.96 49.25
N VAL C 304 54.03 18.18 48.92
CA VAL C 304 54.88 19.36 49.12
C VAL C 304 54.29 20.39 50.09
N SER C 305 55.04 20.69 51.15
CA SER C 305 54.62 21.71 52.11
C SER C 305 55.74 22.73 52.30
N GLY C 306 55.49 23.95 51.83
CA GLY C 306 56.46 25.04 51.92
C GLY C 306 57.71 24.79 51.10
N ASP C 307 58.82 24.52 51.80
CA ASP C 307 60.08 24.22 51.14
C ASP C 307 60.55 22.79 51.38
N GLU C 308 59.70 22.00 52.04
CA GLU C 308 59.98 20.58 52.29
C GLU C 308 59.07 19.70 51.43
N PHE C 309 59.61 18.57 50.96
CA PHE C 309 58.82 17.60 50.20
C PHE C 309 58.98 16.19 50.78
N PHE C 310 57.96 15.35 50.58
CA PHE C 310 57.93 13.99 51.13
C PHE C 310 57.56 12.98 50.05
N PHE C 311 58.31 11.88 49.97
CA PHE C 311 57.96 10.78 49.07
C PHE C 311 56.59 10.23 49.45
N ILE C 312 55.82 9.82 48.46
CA ILE C 312 54.47 9.37 48.70
C ILE C 312 54.17 8.01 48.06
N GLU C 313 54.59 7.82 46.80
CA GLU C 313 54.14 6.68 46.01
C GLU C 313 54.97 6.54 44.73
N VAL C 314 54.93 5.34 44.15
CA VAL C 314 55.43 5.11 42.79
C VAL C 314 54.38 4.38 41.93
N ASN C 315 54.02 4.99 40.81
CA ASN C 315 53.20 4.32 39.80
C ASN C 315 54.11 3.76 38.70
N PRO C 316 54.36 2.44 38.72
CA PRO C 316 55.30 1.82 37.79
C PRO C 316 54.64 1.42 36.46
N ARG C 317 54.18 2.42 35.72
CA ARG C 317 53.38 2.27 34.52
C ARG C 317 53.12 3.68 33.98
N VAL C 318 52.41 3.79 32.86
CA VAL C 318 51.91 5.10 32.44
C VAL C 318 50.79 5.56 33.35
N GLN C 319 50.62 6.88 33.42
CA GLN C 319 49.48 7.46 34.08
C GLN C 319 48.53 8.04 33.03
N VAL C 320 47.27 8.28 33.41
CA VAL C 320 46.30 8.90 32.52
C VAL C 320 46.84 10.22 31.97
N GLU C 321 47.48 11.00 32.86
CA GLU C 321 47.85 12.38 32.58
C GLU C 321 49.21 12.55 31.91
N HIS C 322 49.75 11.47 31.35
CA HIS C 322 51.04 11.53 30.63
C HIS C 322 51.06 12.57 29.48
N THR C 323 49.96 12.69 28.71
CA THR C 323 49.96 13.53 27.50
C THR C 323 50.42 14.96 27.84
N ILE C 324 49.89 15.49 28.94
CA ILE C 324 50.33 16.73 29.52
C ILE C 324 51.87 16.92 29.45
N THR C 325 52.62 15.90 29.89
CA THR C 325 54.08 15.90 29.89
C THR C 325 54.66 15.80 28.48
N GLU C 326 54.04 14.98 27.63
CA GLU C 326 54.43 14.88 26.22
C GLU C 326 54.29 16.23 25.52
N MET C 327 53.22 16.95 25.81
CA MET C 327 52.98 18.23 25.18
C MET C 327 54.06 19.25 25.50
N VAL C 328 54.53 19.27 26.75
CA VAL C 328 55.55 20.26 27.13
C VAL C 328 57.01 19.79 26.91
N THR C 329 57.27 18.48 26.97
CA THR C 329 58.62 17.95 26.72
C THR C 329 58.84 17.59 25.24
N GLY C 330 57.77 17.28 24.53
CA GLY C 330 57.86 16.92 23.12
C GLY C 330 58.19 15.46 22.89
N ILE C 331 58.25 14.69 23.96
CA ILE C 331 58.59 13.27 23.88
C ILE C 331 57.35 12.39 24.00
N ASP C 332 57.26 11.40 23.11
CA ASP C 332 56.11 10.49 23.03
C ASP C 332 56.30 9.31 23.99
N ILE C 333 55.80 9.46 25.21
CA ILE C 333 56.00 8.49 26.28
C ILE C 333 55.58 7.08 25.89
N VAL C 334 54.40 6.94 25.29
CA VAL C 334 53.87 5.62 24.95
C VAL C 334 54.70 4.94 23.88
N LYS C 335 55.06 5.69 22.84
CA LYS C 335 55.94 5.14 21.81
C LYS C 335 57.30 4.75 22.41
N THR C 336 57.75 5.51 23.41
CA THR C 336 59.01 5.24 24.08
C THR C 336 58.94 3.94 24.88
N GLN C 337 57.85 3.74 25.61
CA GLN C 337 57.62 2.49 26.35
C GLN C 337 57.84 1.28 25.45
N ILE C 338 57.14 1.26 24.32
CA ILE C 338 57.26 0.19 23.33
C ILE C 338 58.71 0.04 22.86
N LEU C 339 59.33 1.12 22.41
CA LEU C 339 60.70 1.06 21.91
C LEU C 339 61.67 0.55 22.98
N VAL C 340 61.46 0.99 24.22
CA VAL C 340 62.28 0.53 25.34
C VAL C 340 62.15 -0.98 25.48
N ALA C 341 60.92 -1.46 25.34
CA ALA C 341 60.61 -2.90 25.43
C ALA C 341 61.30 -3.73 24.34
N ALA C 342 61.54 -3.12 23.18
CA ALA C 342 62.23 -3.79 22.08
C ALA C 342 63.74 -3.83 22.27
N GLY C 343 64.25 -3.02 23.20
CA GLY C 343 65.67 -3.00 23.55
C GLY C 343 66.40 -1.74 23.10
N ALA C 344 65.71 -0.90 22.33
CA ALA C 344 66.30 0.33 21.80
C ALA C 344 66.96 1.17 22.89
N ASP C 345 68.06 1.82 22.52
CA ASP C 345 68.75 2.74 23.43
C ASP C 345 67.97 4.06 23.51
N LEU C 346 67.95 4.63 24.72
CA LEU C 346 67.24 5.87 25.00
C LEU C 346 67.71 6.99 24.05
N PHE C 347 69.03 7.17 23.96
CA PHE C 347 69.63 8.24 23.16
C PHE C 347 69.91 7.83 21.71
N GLY C 348 69.46 6.64 21.34
CA GLY C 348 69.70 6.08 20.01
C GLY C 348 68.78 6.61 18.93
N GLU C 349 68.74 5.88 17.81
CA GLU C 349 68.06 6.33 16.59
C GLU C 349 66.53 6.36 16.65
N GLU C 350 65.93 5.43 17.40
CA GLU C 350 64.46 5.30 17.42
C GLU C 350 63.77 6.23 18.40
N ILE C 351 64.37 6.39 19.57
CA ILE C 351 63.77 7.17 20.66
C ILE C 351 64.10 8.66 20.56
N ASN C 352 65.35 8.97 20.21
CA ASN C 352 65.86 10.35 20.11
C ASN C 352 65.68 11.17 21.40
N MET C 353 65.96 10.55 22.53
CA MET C 353 65.89 11.24 23.81
C MET C 353 67.05 12.23 23.90
N PRO C 354 66.75 13.51 24.12
CA PRO C 354 67.79 14.47 24.41
C PRO C 354 68.37 14.14 25.77
N GLN C 355 69.69 14.29 25.92
CA GLN C 355 70.35 14.04 27.20
C GLN C 355 69.71 14.94 28.24
N GLN C 356 69.72 14.52 29.50
CA GLN C 356 68.99 15.24 30.55
C GLN C 356 69.16 16.76 30.48
N LYS C 357 70.39 17.19 30.23
CA LYS C 357 70.77 18.60 30.04
C LYS C 357 69.88 19.35 29.02
N ASP C 358 69.43 18.64 27.98
CA ASP C 358 68.66 19.24 26.86
C ASP C 358 67.15 18.95 26.86
N ILE C 359 66.68 18.16 27.82
CA ILE C 359 65.25 18.04 28.06
C ILE C 359 64.77 19.31 28.74
N THR C 360 63.77 19.94 28.16
CA THR C 360 63.14 21.13 28.74
C THR C 360 61.62 21.01 28.71
N THR C 361 60.93 22.08 29.10
CA THR C 361 59.50 22.20 28.92
C THR C 361 59.18 23.44 28.10
N LEU C 362 58.19 23.33 27.24
CA LEU C 362 57.73 24.43 26.41
C LEU C 362 56.32 24.76 26.82
N GLY C 363 56.11 25.98 27.27
CA GLY C 363 54.79 26.41 27.71
C GLY C 363 54.20 25.62 28.86
N TYR C 364 52.88 25.55 28.92
CA TYR C 364 52.19 24.81 29.96
C TYR C 364 51.08 23.94 29.36
N ALA C 365 50.78 22.82 29.99
CA ALA C 365 49.68 21.97 29.53
C ALA C 365 48.78 21.58 30.69
N ILE C 366 47.48 21.60 30.45
CA ILE C 366 46.46 21.21 31.45
C ILE C 366 45.64 20.03 30.93
N GLN C 367 45.39 19.05 31.81
CA GLN C 367 44.47 17.96 31.49
C GLN C 367 43.32 17.88 32.47
N CYS C 368 42.17 17.42 31.96
CA CYS C 368 41.07 16.96 32.79
C CYS C 368 40.20 15.92 32.05
N ARG C 369 39.54 15.07 32.81
CA ARG C 369 38.71 13.99 32.29
C ARG C 369 37.23 14.37 32.29
N ILE C 370 36.53 14.10 31.19
CA ILE C 370 35.07 14.24 31.16
C ILE C 370 34.39 12.93 31.56
N THR C 371 33.67 12.95 32.67
CA THR C 371 32.96 11.77 33.15
C THR C 371 31.45 11.96 33.23
N THR C 372 30.72 10.86 33.39
CA THR C 372 29.26 10.88 33.54
C THR C 372 28.85 11.29 34.96
N GLU C 373 29.83 11.61 35.79
CA GLU C 373 29.57 11.98 37.17
C GLU C 373 28.68 13.21 37.24
N ASP C 374 27.68 13.15 38.11
CA ASP C 374 26.77 14.26 38.34
C ASP C 374 27.25 15.05 39.56
N PRO C 375 27.80 16.24 39.35
CA PRO C 375 28.37 17.05 40.44
C PRO C 375 27.33 17.59 41.42
N LEU C 376 26.05 17.48 41.05
CA LEU C 376 24.93 17.86 41.92
C LEU C 376 24.37 16.66 42.67
N ASN C 377 24.98 15.49 42.45
CA ASN C 377 24.51 14.23 43.03
C ASN C 377 25.66 13.45 43.68
N ASP C 378 26.48 14.15 44.46
CA ASP C 378 27.65 13.58 45.14
C ASP C 378 28.59 12.84 44.16
N PHE C 379 28.60 13.30 42.90
CA PHE C 379 29.37 12.69 41.80
C PHE C 379 28.95 11.25 41.53
N MET C 380 27.73 11.09 41.05
CA MET C 380 27.15 9.79 40.70
C MET C 380 27.42 9.45 39.22
N PRO C 381 28.08 8.33 38.96
CA PRO C 381 28.32 7.89 37.59
C PRO C 381 27.01 7.44 36.91
N ASP C 382 26.40 8.37 36.16
CA ASP C 382 25.17 8.12 35.44
C ASP C 382 25.42 7.14 34.29
N THR C 383 24.37 6.40 33.94
CA THR C 383 24.44 5.44 32.84
C THR C 383 23.37 5.77 31.79
N GLY C 384 23.46 5.10 30.64
CA GLY C 384 22.48 5.28 29.58
C GLY C 384 23.09 5.28 28.19
N THR C 385 22.38 5.91 27.26
CA THR C 385 22.80 5.98 25.87
C THR C 385 22.99 7.44 25.44
N ILE C 386 24.16 7.75 24.92
CA ILE C 386 24.44 9.09 24.41
C ILE C 386 23.81 9.26 23.04
N ILE C 387 22.77 10.11 22.98
CA ILE C 387 22.05 10.36 21.73
C ILE C 387 22.88 11.20 20.75
N ALA C 388 23.71 12.09 21.29
CA ALA C 388 24.59 12.93 20.48
C ALA C 388 25.85 13.32 21.21
N TYR C 389 26.96 13.33 20.47
CA TYR C 389 28.28 13.68 21.00
C TYR C 389 28.98 14.61 20.02
N ARG C 390 29.36 15.80 20.49
CA ARG C 390 30.05 16.79 19.67
C ARG C 390 31.23 17.42 20.43
N SER C 391 32.43 17.23 19.89
CA SER C 391 33.65 17.74 20.51
C SER C 391 34.12 19.02 19.82
N SER C 392 35.41 19.31 19.93
CA SER C 392 35.96 20.58 19.44
C SER C 392 37.28 20.39 18.69
N GLY C 393 38.38 20.75 19.34
CA GLY C 393 39.71 20.63 18.74
C GLY C 393 40.40 21.97 18.56
N GLY C 394 41.25 22.06 17.55
CA GLY C 394 42.02 23.26 17.29
C GLY C 394 43.45 23.10 17.77
N PHE C 395 44.34 23.98 17.30
CA PHE C 395 45.76 23.92 17.63
C PHE C 395 46.00 23.81 19.14
N GLY C 396 46.84 22.85 19.54
CA GLY C 396 47.25 22.69 20.93
C GLY C 396 46.18 22.12 21.84
N VAL C 397 45.24 21.39 21.25
CA VAL C 397 44.20 20.67 21.97
C VAL C 397 44.31 19.20 21.59
N ARG C 398 44.11 18.31 22.56
CA ARG C 398 44.17 16.90 22.30
C ARG C 398 42.95 16.24 22.95
N LEU C 399 42.21 15.52 22.14
CA LEU C 399 41.04 14.79 22.61
C LEU C 399 41.32 13.30 22.50
N ASP C 400 41.62 12.67 23.64
CA ASP C 400 41.73 11.21 23.72
C ASP C 400 40.36 10.70 24.14
N ALA C 401 39.66 10.03 23.22
CA ALA C 401 38.27 9.64 23.44
C ALA C 401 38.15 8.22 23.98
N GLY C 402 37.26 8.07 24.96
CA GLY C 402 36.96 6.79 25.56
C GLY C 402 35.52 6.40 25.31
N ASP C 403 34.68 6.59 26.32
CA ASP C 403 33.27 6.19 26.25
C ASP C 403 32.37 7.21 25.51
N GLY C 404 32.93 8.38 25.23
CA GLY C 404 32.17 9.47 24.62
C GLY C 404 32.06 9.44 23.11
N PHE C 405 30.92 8.92 22.62
CA PHE C 405 30.56 8.93 21.19
C PHE C 405 29.05 8.72 21.00
N GLN C 406 28.51 9.18 19.87
CA GLN C 406 27.07 9.09 19.63
C GLN C 406 26.60 7.65 19.47
N GLY C 407 25.68 7.23 20.33
CA GLY C 407 25.14 5.87 20.33
C GLY C 407 25.95 4.90 21.18
N ALA C 408 26.45 5.38 22.33
CA ALA C 408 27.27 4.57 23.24
C ALA C 408 26.47 4.12 24.46
N GLU C 409 26.57 2.83 24.79
CA GLU C 409 25.91 2.29 25.97
C GLU C 409 26.87 2.33 27.16
N ILE C 410 26.66 3.29 28.07
CA ILE C 410 27.54 3.44 29.24
C ILE C 410 27.17 2.43 30.33
N SER C 411 28.08 1.51 30.59
CA SER C 411 27.87 0.43 31.53
C SER C 411 28.59 0.72 32.85
N PRO C 412 27.87 0.60 33.97
CA PRO C 412 28.40 1.04 35.27
C PRO C 412 29.53 0.16 35.80
N TYR C 413 30.07 -0.69 34.93
CA TYR C 413 31.10 -1.67 35.32
C TYR C 413 32.54 -1.18 35.14
N TYR C 414 32.71 -0.03 34.49
CA TYR C 414 34.04 0.58 34.29
C TYR C 414 34.05 2.03 34.77
N ASP C 415 35.25 2.54 35.05
CA ASP C 415 35.46 3.96 35.31
C ASP C 415 34.92 4.78 34.13
N SER C 416 34.19 5.83 34.45
CA SER C 416 33.28 6.49 33.51
C SER C 416 33.90 7.54 32.57
N LEU C 417 35.18 7.37 32.22
CA LEU C 417 35.88 8.29 31.32
C LEU C 417 35.27 8.38 29.92
N LEU C 418 34.53 9.46 29.67
CA LEU C 418 33.99 9.74 28.33
C LEU C 418 35.04 10.34 27.40
N VAL C 419 35.63 11.47 27.80
CA VAL C 419 36.71 12.11 27.04
C VAL C 419 37.85 12.58 27.95
N LYS C 420 39.07 12.29 27.56
CA LYS C 420 40.25 12.88 28.18
C LYS C 420 40.68 14.10 27.36
N LEU C 421 40.80 15.25 28.02
CA LEU C 421 41.00 16.54 27.34
C LEU C 421 42.24 17.27 27.84
N SER C 422 43.12 17.65 26.91
CA SER C 422 44.40 18.25 27.23
C SER C 422 44.68 19.43 26.32
N THR C 423 45.15 20.53 26.90
CA THR C 423 45.49 21.74 26.11
C THR C 423 46.90 22.21 26.44
N HIS C 424 47.46 23.04 25.56
CA HIS C 424 48.88 23.40 25.61
C HIS C 424 49.11 24.79 24.99
N ALA C 425 49.92 25.63 25.64
CA ALA C 425 50.19 27.00 25.20
C ALA C 425 51.39 27.57 25.96
N ILE C 426 52.04 28.63 25.43
CA ILE C 426 53.25 29.19 26.10
C ILE C 426 52.96 29.68 27.49
N SER C 427 51.75 30.18 27.71
CA SER C 427 51.39 30.61 29.03
C SER C 427 50.29 29.74 29.63
N PHE C 428 50.42 29.52 30.94
CA PHE C 428 49.39 28.86 31.73
C PHE C 428 47.98 29.39 31.41
N LYS C 429 47.81 30.70 31.45
CA LYS C 429 46.50 31.29 31.17
C LYS C 429 45.99 30.98 29.76
N GLN C 430 46.85 31.07 28.76
CA GLN C 430 46.47 30.71 27.40
C GLN C 430 46.03 29.25 27.32
N ALA C 431 46.70 28.38 28.07
CA ALA C 431 46.33 26.97 28.17
C ALA C 431 44.96 26.83 28.82
N GLU C 432 44.76 27.55 29.91
CA GLU C 432 43.48 27.61 30.60
C GLU C 432 42.37 28.23 29.73
N GLU C 433 42.74 29.12 28.81
CA GLU C 433 41.77 29.72 27.89
C GLU C 433 41.34 28.76 26.80
N LYS C 434 42.27 27.96 26.30
CA LYS C 434 41.97 26.91 25.32
C LYS C 434 41.08 25.85 25.98
N MET C 435 41.42 25.53 27.23
CA MET C 435 40.74 24.51 28.01
C MET C 435 39.31 24.90 28.29
N VAL C 436 39.10 26.10 28.82
CA VAL C 436 37.74 26.57 29.12
C VAL C 436 36.90 26.63 27.83
N ARG C 437 37.51 27.00 26.72
CA ARG C 437 36.81 27.08 25.43
C ARG C 437 36.35 25.70 24.98
N SER C 438 37.24 24.72 25.06
CA SER C 438 36.94 23.38 24.54
C SER C 438 35.83 22.73 25.34
N LEU C 439 35.84 22.91 26.65
CA LEU C 439 34.77 22.44 27.51
C LEU C 439 33.44 23.08 27.12
N ARG C 440 33.44 24.40 26.97
CA ARG C 440 32.24 25.16 26.61
C ARG C 440 31.67 24.76 25.25
N GLU C 441 32.54 24.37 24.33
CA GLU C 441 32.13 23.94 22.98
C GLU C 441 31.80 22.45 22.90
N MET C 442 32.02 21.73 24.00
CA MET C 442 31.62 20.31 24.09
C MET C 442 30.11 20.23 24.25
N ARG C 443 29.51 19.18 23.70
CA ARG C 443 28.09 18.94 23.88
C ARG C 443 27.81 17.45 23.97
N ILE C 444 27.40 17.01 25.15
CA ILE C 444 27.05 15.62 25.38
C ILE C 444 25.64 15.59 25.97
N ARG C 445 24.80 14.71 25.43
CA ARG C 445 23.41 14.57 25.89
C ARG C 445 22.99 13.11 26.02
N GLY C 446 22.15 12.83 27.01
CA GLY C 446 21.70 11.47 27.29
C GLY C 446 22.13 11.02 28.67
N VAL C 447 23.28 11.55 29.10
CA VAL C 447 23.79 11.36 30.45
C VAL C 447 24.31 12.70 30.93
N LYS C 448 24.13 12.99 32.22
CA LYS C 448 24.70 14.20 32.80
C LYS C 448 26.23 14.07 32.86
N THR C 449 26.94 15.20 32.85
CA THR C 449 28.41 15.18 32.90
C THR C 449 28.97 16.11 33.97
N ASN C 450 30.29 16.13 34.08
CA ASN C 450 30.99 16.99 35.03
C ASN C 450 31.48 18.30 34.38
N ILE C 451 31.14 18.49 33.11
CA ILE C 451 31.61 19.63 32.32
C ILE C 451 31.41 21.01 32.98
N PRO C 452 30.21 21.31 33.51
CA PRO C 452 29.97 22.61 34.14
C PRO C 452 30.85 22.81 35.37
N PHE C 453 31.15 21.72 36.06
CA PHE C 453 32.01 21.74 37.23
C PHE C 453 33.47 22.01 36.87
N LEU C 454 33.95 21.31 35.84
CA LEU C 454 35.30 21.53 35.32
C LEU C 454 35.51 22.96 34.83
N ILE C 455 34.53 23.50 34.09
CA ILE C 455 34.58 24.90 33.65
C ILE C 455 34.78 25.81 34.86
N ASN C 456 34.00 25.56 35.91
CA ASN C 456 34.05 26.33 37.15
C ASN C 456 35.43 26.33 37.80
N VAL C 457 36.08 25.18 37.80
CA VAL C 457 37.45 25.03 38.29
C VAL C 457 38.40 25.87 37.45
N MET C 458 38.32 25.70 36.14
CA MET C 458 39.17 26.42 35.19
C MET C 458 39.03 27.93 35.33
N LYS C 459 37.79 28.40 35.45
CA LYS C 459 37.50 29.84 35.55
C LYS C 459 37.91 30.45 36.89
N ASN C 460 38.00 29.62 37.92
CA ASN C 460 38.21 30.10 39.29
C ASN C 460 39.56 30.79 39.52
N LYS C 461 39.53 31.84 40.34
CA LYS C 461 40.69 32.70 40.60
C LYS C 461 41.87 31.97 41.20
N LYS C 462 41.58 31.06 42.13
CA LYS C 462 42.61 30.36 42.90
C LYS C 462 43.41 29.43 42.00
N PHE C 463 42.74 28.89 40.98
CA PHE C 463 43.38 27.98 40.04
C PHE C 463 44.36 28.69 39.11
N THR C 464 43.95 29.85 38.58
CA THR C 464 44.76 30.60 37.61
C THR C 464 46.03 31.22 38.22
N SER C 465 45.98 31.54 39.51
CA SER C 465 47.14 32.04 40.24
C SER C 465 48.25 31.00 40.33
N GLY C 466 47.87 29.73 40.26
CA GLY C 466 48.84 28.63 40.31
C GLY C 466 49.14 28.19 41.72
N ASP C 467 48.95 29.08 42.68
CA ASP C 467 49.06 28.75 44.09
C ASP C 467 47.74 28.17 44.56
N TYR C 468 47.67 26.84 44.56
CA TYR C 468 46.52 26.12 45.06
C TYR C 468 46.99 24.78 45.61
N THR C 469 46.26 24.29 46.60
CA THR C 469 46.63 23.06 47.29
C THR C 469 45.57 22.00 47.04
N THR C 470 45.71 20.85 47.70
CA THR C 470 44.70 19.79 47.63
C THR C 470 43.40 20.20 48.31
N LYS C 471 43.48 21.26 49.12
CA LYS C 471 42.34 21.85 49.81
C LYS C 471 41.49 22.70 48.86
N PHE C 472 42.06 23.10 47.73
CA PHE C 472 41.43 24.01 46.78
C PHE C 472 39.94 23.75 46.57
N ILE C 473 39.59 22.51 46.26
CA ILE C 473 38.19 22.18 45.96
C ILE C 473 37.25 22.35 47.15
N GLU C 474 37.59 21.77 48.30
CA GLU C 474 36.72 21.86 49.48
C GLU C 474 36.57 23.28 50.06
N GLU C 475 37.61 24.11 49.88
CA GLU C 475 37.61 25.49 50.39
C GLU C 475 36.94 26.48 49.42
N THR C 476 36.40 25.96 48.33
CA THR C 476 35.75 26.77 47.30
C THR C 476 34.35 26.22 47.00
N PRO C 477 33.35 26.65 47.77
CA PRO C 477 32.00 26.11 47.65
C PRO C 477 31.32 26.52 46.34
N GLU C 478 31.76 27.63 45.75
CA GLU C 478 31.11 28.18 44.56
C GLU C 478 31.48 27.44 43.26
N LEU C 479 32.22 26.34 43.37
CA LEU C 479 32.53 25.51 42.20
C LEU C 479 31.34 24.62 41.82
N PHE C 480 30.40 24.48 42.75
CA PHE C 480 29.19 23.70 42.52
C PHE C 480 28.03 24.64 42.20
N ASP C 481 28.36 25.83 41.72
CA ASP C 481 27.41 26.79 41.22
C ASP C 481 27.04 26.41 39.80
N ILE C 482 26.15 25.43 39.65
CA ILE C 482 25.83 24.85 38.35
C ILE C 482 24.36 25.01 37.95
N GLN C 483 24.13 25.84 36.94
CA GLN C 483 22.80 26.03 36.35
C GLN C 483 22.46 24.82 35.46
N PRO C 484 21.19 24.43 35.40
CA PRO C 484 20.76 23.38 34.48
C PRO C 484 21.10 23.73 33.02
N SER C 485 21.69 22.79 32.30
CA SER C 485 22.24 23.05 30.96
C SER C 485 21.17 23.30 29.91
N LEU C 486 20.82 24.56 29.74
CA LEU C 486 19.85 25.01 28.74
C LEU C 486 20.17 24.44 27.36
N ASP C 487 19.15 23.84 26.72
CA ASP C 487 19.35 23.10 25.48
C ASP C 487 18.18 23.34 24.50
N ARG C 488 18.28 24.43 23.74
CA ARG C 488 17.23 24.85 22.81
C ARG C 488 17.16 24.02 21.54
N GLY C 489 18.32 23.74 20.94
CA GLY C 489 18.44 23.06 19.66
C GLY C 489 17.80 21.68 19.59
N THR C 490 18.07 20.86 20.59
CA THR C 490 17.53 19.50 20.64
C THR C 490 16.01 19.55 20.77
N LYS C 491 15.52 20.39 21.69
CA LYS C 491 14.07 20.52 21.95
C LYS C 491 13.28 20.82 20.67
N THR C 492 13.83 21.67 19.82
CA THR C 492 13.19 22.06 18.57
C THR C 492 13.05 20.90 17.59
N LEU C 493 14.08 20.06 17.54
CA LEU C 493 14.02 18.83 16.76
C LEU C 493 12.97 17.85 17.28
N GLU C 494 12.71 17.89 18.59
CA GLU C 494 11.70 17.03 19.21
C GLU C 494 10.31 17.43 18.74
N TYR C 495 10.07 18.74 18.71
CA TYR C 495 8.78 19.24 18.28
C TYR C 495 8.53 18.87 16.84
N ILE C 496 9.45 19.24 15.96
CA ILE C 496 9.27 18.96 14.56
C ILE C 496 9.12 17.46 14.37
N GLY C 497 9.92 16.70 15.12
CA GLY C 497 9.84 15.25 15.08
C GLY C 497 8.45 14.75 15.43
N ASN C 498 7.83 15.41 16.40
CA ASN C 498 6.54 14.99 16.91
C ASN C 498 5.42 15.33 15.93
N VAL C 499 5.37 16.57 15.47
CA VAL C 499 4.35 17.02 14.54
C VAL C 499 4.44 16.31 13.17
N THR C 500 5.67 16.00 12.74
CA THR C 500 5.88 15.29 11.48
C THR C 500 5.28 13.88 11.53
N ILE C 501 5.48 13.20 12.65
CA ILE C 501 5.05 11.79 12.79
C ILE C 501 3.61 11.65 13.31
N ASN C 502 3.24 12.49 14.27
CA ASN C 502 1.95 12.39 14.97
C ASN C 502 0.94 13.50 14.70
N GLY C 503 1.30 14.48 13.88
CA GLY C 503 0.36 15.51 13.47
C GLY C 503 0.08 16.59 14.51
N PHE C 504 -0.81 17.52 14.16
CA PHE C 504 -1.17 18.66 15.00
C PHE C 504 -2.68 18.63 15.32
N PRO C 505 -3.06 19.02 16.55
CA PRO C 505 -4.48 19.17 16.94
C PRO C 505 -5.39 19.82 15.89
N ASN C 506 -6.39 19.05 15.43
CA ASN C 506 -7.37 19.47 14.41
C ASN C 506 -6.82 20.26 13.21
N VAL C 507 -5.67 19.80 12.72
CA VAL C 507 -5.14 20.18 11.42
C VAL C 507 -5.12 18.88 10.63
N GLU C 508 -5.74 18.87 9.45
CA GLU C 508 -5.84 17.64 8.65
C GLU C 508 -4.46 17.06 8.35
N LYS C 509 -4.13 15.98 9.07
CA LYS C 509 -2.88 15.25 8.89
C LYS C 509 -2.66 14.95 7.40
N ARG C 510 -1.62 15.55 6.84
CA ARG C 510 -1.29 15.39 5.42
C ARG C 510 0.18 15.77 5.16
N PRO C 511 0.69 15.53 3.96
CA PRO C 511 1.98 16.11 3.55
C PRO C 511 1.97 17.64 3.73
N LYS C 512 3.08 18.22 4.19
CA LYS C 512 3.20 19.68 4.28
C LYS C 512 2.81 20.27 2.92
N PRO C 513 1.71 21.04 2.89
CA PRO C 513 1.16 21.53 1.64
C PRO C 513 2.13 22.46 0.93
N ASP C 514 2.01 22.54 -0.38
CA ASP C 514 2.79 23.47 -1.18
C ASP C 514 2.28 24.89 -0.89
N TYR C 515 3.22 25.77 -0.56
CA TYR C 515 2.89 27.16 -0.28
C TYR C 515 3.60 28.08 -1.25
N GLU C 516 2.87 29.05 -1.78
CA GLU C 516 3.44 30.01 -2.72
C GLU C 516 4.42 30.92 -1.97
N LEU C 517 5.56 31.18 -2.59
CA LEU C 517 6.61 31.99 -1.97
C LEU C 517 6.06 33.36 -1.58
N ALA C 518 6.48 33.85 -0.41
CA ALA C 518 6.02 35.14 0.08
C ALA C 518 7.11 36.20 -0.02
N SER C 519 6.77 37.34 -0.64
CA SER C 519 7.66 38.49 -0.64
C SER C 519 7.25 39.36 0.52
N ILE C 520 8.11 39.41 1.53
CA ILE C 520 7.83 40.18 2.74
C ILE C 520 8.50 41.54 2.60
N PRO C 521 7.69 42.59 2.47
CA PRO C 521 8.22 43.94 2.32
C PRO C 521 8.83 44.40 3.64
N THR C 522 9.88 45.19 3.54
CA THR C 522 10.65 45.58 4.70
C THR C 522 10.86 47.08 4.73
N VAL C 523 10.87 47.63 5.94
CA VAL C 523 11.25 49.02 6.15
C VAL C 523 12.36 49.06 7.20
N SER C 524 13.37 49.88 6.92
CA SER C 524 14.53 50.07 7.78
C SER C 524 14.15 50.57 9.19
N SER C 525 14.78 50.00 10.22
CA SER C 525 14.60 50.45 11.61
C SER C 525 14.74 51.97 11.77
N SER C 526 15.82 52.51 11.19
CA SER C 526 16.11 53.93 11.25
C SER C 526 14.94 54.75 10.71
N LYS C 527 14.39 54.33 9.58
CA LYS C 527 13.28 55.02 8.96
C LYS C 527 12.09 55.02 9.92
N ILE C 528 11.81 53.87 10.51
CA ILE C 528 10.80 53.75 11.55
C ILE C 528 11.12 54.64 12.76
N ALA C 529 12.40 54.70 13.15
CA ALA C 529 12.82 55.49 14.30
C ALA C 529 12.65 57.01 14.09
N SER C 530 12.60 57.44 12.82
CA SER C 530 12.38 58.85 12.49
C SER C 530 10.90 59.22 12.48
N PHE C 531 10.04 58.21 12.44
CA PHE C 531 8.60 58.43 12.35
C PHE C 531 8.02 58.99 13.64
N SER C 532 7.06 59.90 13.48
CA SER C 532 6.37 60.48 14.61
C SER C 532 4.86 60.39 14.39
N GLY C 533 4.24 59.41 15.01
CA GLY C 533 2.81 59.15 14.86
C GLY C 533 2.00 59.42 16.12
N THR C 534 0.92 58.65 16.28
CA THR C 534 -0.01 58.85 17.38
C THR C 534 0.57 58.43 18.73
N LYS C 535 1.54 57.52 18.71
CA LYS C 535 2.22 57.12 19.95
C LYS C 535 3.02 58.30 20.50
N GLN C 536 3.76 58.96 19.61
CA GLN C 536 4.54 60.13 19.98
C GLN C 536 3.59 61.23 20.43
N LEU C 537 2.43 61.28 19.78
CA LEU C 537 1.40 62.22 20.19
C LEU C 537 0.99 61.98 21.65
N LEU C 538 0.69 60.74 21.99
CA LEU C 538 0.32 60.37 23.36
C LEU C 538 1.37 60.80 24.39
N ASP C 539 2.63 60.43 24.14
CA ASP C 539 3.72 60.81 25.03
C ASP C 539 3.85 62.34 25.09
N GLU C 540 3.40 63.01 24.02
CA GLU C 540 3.50 64.47 23.90
C GLU C 540 2.47 65.23 24.73
N VAL C 541 1.19 64.85 24.58
CA VAL C 541 0.10 65.64 25.14
C VAL C 541 -0.75 64.86 26.16
N GLY C 542 -0.68 63.54 26.11
CA GLY C 542 -1.44 62.69 27.02
C GLY C 542 -2.79 62.28 26.43
N PRO C 543 -3.49 61.39 27.13
CA PRO C 543 -4.74 60.83 26.63
C PRO C 543 -5.79 61.91 26.33
N LYS C 544 -5.91 62.89 27.24
CA LYS C 544 -6.81 64.03 27.04
C LYS C 544 -6.54 64.70 25.69
N GLY C 545 -5.26 65.02 25.47
CA GLY C 545 -4.82 65.69 24.25
C GLY C 545 -5.05 64.92 22.97
N VAL C 546 -4.75 63.63 22.99
CA VAL C 546 -4.98 62.76 21.83
C VAL C 546 -6.43 62.79 21.38
N ALA C 547 -7.35 62.80 22.35
CA ALA C 547 -8.79 62.90 22.06
C ALA C 547 -9.13 64.23 21.38
N GLU C 548 -8.52 65.31 21.85
CA GLU C 548 -8.73 66.65 21.28
C GLU C 548 -8.23 66.70 19.85
N TRP C 549 -7.08 66.09 19.61
CA TRP C 549 -6.45 66.08 18.30
C TRP C 549 -7.30 65.34 17.26
N VAL C 550 -7.96 64.26 17.69
CA VAL C 550 -8.84 63.45 16.84
C VAL C 550 -10.03 64.24 16.33
N LYS C 551 -10.54 65.14 17.16
CA LYS C 551 -11.69 65.98 16.80
C LYS C 551 -11.37 66.98 15.70
N LYS C 552 -10.21 67.62 15.78
CA LYS C 552 -9.76 68.56 14.75
C LYS C 552 -9.59 67.90 13.39
N GLN C 553 -9.26 66.62 13.38
CA GLN C 553 -8.97 65.88 12.15
C GLN C 553 -10.22 65.70 11.30
N ASP C 554 -10.17 66.26 10.09
CA ASP C 554 -11.30 66.19 9.16
C ASP C 554 -11.34 64.87 8.40
N ASP C 555 -10.17 64.36 8.04
CA ASP C 555 -10.03 63.03 7.46
C ASP C 555 -10.68 61.99 8.37
N VAL C 556 -10.97 60.82 7.80
CA VAL C 556 -11.38 59.68 8.58
C VAL C 556 -10.12 58.99 9.08
N LEU C 557 -10.12 58.71 10.38
CA LEU C 557 -9.01 57.98 10.98
C LEU C 557 -9.34 56.50 11.05
N LEU C 558 -8.32 55.69 10.80
CA LEU C 558 -8.45 54.26 10.58
C LEU C 558 -7.77 53.52 11.72
N THR C 559 -8.40 52.44 12.16
CA THR C 559 -7.83 51.55 13.15
C THR C 559 -7.81 50.16 12.58
N ASP C 560 -6.59 49.66 12.32
CA ASP C 560 -6.45 48.36 11.70
C ASP C 560 -6.68 47.25 12.70
N THR C 561 -7.33 46.19 12.25
CA THR C 561 -7.62 45.02 13.10
C THR C 561 -7.07 43.72 12.56
N THR C 562 -6.13 43.78 11.60
CA THR C 562 -5.56 42.58 10.99
C THR C 562 -4.89 41.70 12.03
N PHE C 563 -4.23 42.32 13.00
CA PHE C 563 -3.47 41.60 14.03
C PHE C 563 -4.32 41.02 15.16
N ARG C 564 -5.60 41.39 15.23
CA ARG C 564 -6.47 40.84 16.28
C ARG C 564 -7.82 40.35 15.74
N ASP C 565 -8.72 41.28 15.46
CA ASP C 565 -10.11 40.92 15.25
C ASP C 565 -10.41 40.32 13.89
N ALA C 566 -9.57 40.64 12.90
CA ALA C 566 -9.75 40.06 11.57
C ALA C 566 -9.56 38.55 11.64
N HIS C 567 -8.50 38.09 12.28
CA HIS C 567 -8.30 36.64 12.36
C HIS C 567 -9.13 35.97 13.45
N GLN C 568 -9.55 36.73 14.46
CA GLN C 568 -10.48 36.19 15.44
C GLN C 568 -11.80 35.89 14.74
N SER C 569 -12.14 36.71 13.74
CA SER C 569 -13.37 36.51 13.00
C SER C 569 -13.26 35.42 11.92
N LEU C 570 -12.10 35.34 11.25
CA LEU C 570 -11.97 34.47 10.09
C LEU C 570 -11.30 33.10 10.36
N LEU C 571 -10.28 33.10 11.21
CA LEU C 571 -9.39 31.94 11.34
C LEU C 571 -9.31 31.39 12.77
N ALA C 572 -10.44 31.45 13.46
CA ALA C 572 -10.53 31.04 14.86
C ALA C 572 -9.35 31.54 15.71
N THR C 573 -8.93 32.78 15.46
CA THR C 573 -7.90 33.47 16.27
C THR C 573 -6.50 32.85 16.22
N ARG C 574 -6.26 31.94 15.30
CA ARG C 574 -5.04 31.13 15.32
C ARG C 574 -3.80 31.79 14.69
N VAL C 575 -3.92 33.01 14.17
CA VAL C 575 -2.74 33.68 13.58
C VAL C 575 -1.62 33.89 14.61
N ARG C 576 -0.46 33.31 14.32
CA ARG C 576 0.68 33.31 15.22
C ARG C 576 1.51 34.59 15.19
N THR C 577 2.29 34.81 16.25
CA THR C 577 3.20 35.96 16.34
C THR C 577 4.13 36.05 15.14
N LYS C 578 4.83 34.97 14.81
CA LYS C 578 5.78 34.95 13.71
C LYS C 578 5.27 35.72 12.49
N ASP C 579 4.02 35.49 12.13
CA ASP C 579 3.43 36.07 10.93
C ASP C 579 3.16 37.56 11.08
N MET C 580 2.91 37.99 12.31
CA MET C 580 2.71 39.41 12.56
C MET C 580 4.07 40.10 12.59
N ILE C 581 5.01 39.47 13.29
CA ILE C 581 6.33 40.05 13.46
C ILE C 581 7.08 40.18 12.13
N ASN C 582 6.73 39.36 11.16
CA ASN C 582 7.36 39.44 9.85
C ASN C 582 7.03 40.68 9.05
N ILE C 583 5.78 41.17 9.10
CA ILE C 583 5.40 42.43 8.42
C ILE C 583 5.19 43.60 9.34
N ALA C 584 5.78 43.55 10.52
CA ALA C 584 5.60 44.63 11.48
C ALA C 584 6.24 45.93 10.97
N SER C 585 7.40 45.81 10.32
CA SER C 585 8.11 46.98 9.85
C SER C 585 7.33 47.64 8.72
N LYS C 586 6.85 46.84 7.78
CA LYS C 586 6.02 47.33 6.69
C LYS C 586 4.73 47.94 7.25
N THR C 587 4.10 47.22 8.17
CA THR C 587 2.89 47.71 8.86
C THR C 587 3.15 49.06 9.54
N ALA C 588 4.28 49.17 10.23
CA ALA C 588 4.68 50.42 10.88
C ALA C 588 4.68 51.58 9.91
N ASP C 589 5.06 51.32 8.65
CA ASP C 589 5.12 52.38 7.65
C ASP C 589 3.74 52.69 7.07
N VAL C 590 3.05 51.65 6.62
CA VAL C 590 1.76 51.80 5.95
C VAL C 590 0.79 52.56 6.85
N PHE C 591 0.74 52.20 8.13
CA PHE C 591 -0.19 52.78 9.08
C PHE C 591 0.42 53.93 9.91
N LYS C 592 1.50 54.52 9.41
CA LYS C 592 2.19 55.60 10.11
C LYS C 592 1.24 56.75 10.48
N ASP C 593 0.11 56.83 9.79
CA ASP C 593 -0.87 57.90 9.98
C ASP C 593 -2.18 57.42 10.59
N GLY C 594 -2.31 56.10 10.73
CA GLY C 594 -3.48 55.50 11.37
C GLY C 594 -3.59 55.95 12.82
N PHE C 595 -4.79 55.81 13.39
CA PHE C 595 -5.01 56.16 14.79
C PHE C 595 -4.37 55.13 15.74
N SER C 596 -4.66 53.85 15.52
CA SER C 596 -4.10 52.79 16.34
C SER C 596 -4.08 51.48 15.56
N LEU C 597 -3.36 50.50 16.10
CA LEU C 597 -3.48 49.11 15.64
C LEU C 597 -4.07 48.28 16.75
N GLU C 598 -5.21 47.64 16.48
CA GLU C 598 -5.78 46.72 17.44
C GLU C 598 -5.05 45.40 17.30
N MET C 599 -4.18 45.10 18.25
CA MET C 599 -3.32 43.93 18.15
C MET C 599 -3.23 43.05 19.41
N TRP C 600 -4.20 43.18 20.31
CA TRP C 600 -4.16 42.43 21.56
C TRP C 600 -5.54 42.37 22.20
N GLY C 601 -5.64 41.64 23.30
CA GLY C 601 -6.89 41.46 24.00
C GLY C 601 -7.81 40.54 23.24
N GLY C 602 -9.08 40.53 23.63
CA GLY C 602 -10.06 39.68 22.98
C GLY C 602 -9.70 38.23 23.24
N ALA C 603 -9.75 37.41 22.19
CA ALA C 603 -9.54 35.99 22.34
C ALA C 603 -8.07 35.60 22.24
N THR C 604 -7.23 36.56 21.84
CA THR C 604 -5.81 36.27 21.57
C THR C 604 -5.04 35.82 22.81
N PHE C 605 -5.43 36.29 23.99
CA PHE C 605 -4.74 35.94 25.23
C PHE C 605 -4.90 34.46 25.52
N ASP C 606 -6.13 33.98 25.48
CA ASP C 606 -6.46 32.56 25.60
C ASP C 606 -5.73 31.75 24.51
N VAL C 607 -5.98 32.11 23.26
CA VAL C 607 -5.49 31.35 22.11
C VAL C 607 -3.95 31.21 22.00
N ALA C 608 -3.22 32.28 22.29
CA ALA C 608 -1.76 32.26 22.23
C ALA C 608 -1.17 31.24 23.20
N TYR C 609 -1.49 31.39 24.49
CA TYR C 609 -1.05 30.48 25.54
C TYR C 609 -1.56 29.06 25.28
N ASN C 610 -2.81 28.97 24.85
CA ASN C 610 -3.50 27.69 24.79
C ASN C 610 -3.17 26.85 23.56
N PHE C 611 -3.56 27.33 22.38
CA PHE C 611 -3.46 26.52 21.17
C PHE C 611 -2.14 26.69 20.47
N LEU C 612 -1.61 27.91 20.51
CA LEU C 612 -0.39 28.24 19.79
C LEU C 612 0.83 28.04 20.67
N LYS C 613 0.59 27.83 21.96
CA LYS C 613 1.67 27.64 22.92
C LYS C 613 2.75 28.71 22.73
N GLU C 614 2.31 29.96 22.62
CA GLU C 614 3.20 31.10 22.60
C GLU C 614 2.70 32.18 23.56
N ASN C 615 3.64 32.91 24.16
CA ASN C 615 3.32 33.92 25.17
C ASN C 615 2.82 35.22 24.53
N PRO C 616 1.56 35.60 24.79
CA PRO C 616 0.99 36.82 24.23
C PRO C 616 1.73 38.07 24.67
N TRP C 617 2.33 38.03 25.85
CA TRP C 617 3.15 39.14 26.35
C TRP C 617 4.32 39.41 25.43
N GLU C 618 4.91 38.33 24.91
CA GLU C 618 6.05 38.42 23.98
C GLU C 618 5.62 38.95 22.62
N ARG C 619 4.42 38.60 22.19
CA ARG C 619 3.84 39.16 20.96
C ARG C 619 3.69 40.68 21.08
N LEU C 620 3.23 41.11 22.26
CA LEU C 620 3.03 42.52 22.55
C LEU C 620 4.34 43.29 22.50
N GLU C 621 5.30 42.86 23.31
CA GLU C 621 6.55 43.60 23.48
C GLU C 621 7.33 43.70 22.18
N ARG C 622 7.40 42.58 21.45
CA ARG C 622 8.10 42.53 20.18
C ARG C 622 7.46 43.47 19.15
N LEU C 623 6.13 43.40 19.01
CA LEU C 623 5.43 44.31 18.11
C LEU C 623 5.59 45.75 18.55
N ARG C 624 5.55 45.97 19.87
CA ARG C 624 5.84 47.28 20.47
C ARG C 624 7.15 47.85 19.93
N LYS C 625 8.23 47.10 20.13
CA LYS C 625 9.57 47.52 19.70
C LYS C 625 9.63 47.70 18.19
N ALA C 626 8.97 46.81 17.47
CA ALA C 626 8.91 46.86 16.01
C ALA C 626 8.08 48.04 15.49
N ILE C 627 7.06 48.45 16.23
CA ILE C 627 6.16 49.53 15.81
C ILE C 627 6.05 50.59 16.90
N PRO C 628 7.04 51.49 16.98
CA PRO C 628 7.02 52.56 17.98
C PRO C 628 6.16 53.79 17.65
N ASN C 629 5.75 53.93 16.38
CA ASN C 629 5.01 55.12 15.94
C ASN C 629 3.48 55.15 16.14
N VAL C 630 2.82 54.00 16.00
CA VAL C 630 1.36 53.95 16.10
C VAL C 630 0.87 53.41 17.45
N LEU C 631 -0.23 54.00 17.95
CA LEU C 631 -0.84 53.59 19.21
C LEU C 631 -1.26 52.15 19.12
N PHE C 632 -1.07 51.41 20.21
CA PHE C 632 -1.54 50.03 20.28
C PHE C 632 -2.87 49.98 21.01
N GLN C 633 -3.83 49.27 20.41
CA GLN C 633 -5.18 49.14 20.96
C GLN C 633 -5.49 47.69 21.31
N MET C 634 -6.07 47.47 22.47
CA MET C 634 -6.50 46.12 22.83
C MET C 634 -7.91 46.13 23.40
N LEU C 635 -8.65 45.06 23.12
CA LEU C 635 -10.03 44.94 23.56
C LEU C 635 -10.12 44.31 24.94
N LEU C 636 -10.69 45.06 25.88
CA LEU C 636 -10.83 44.61 27.26
C LEU C 636 -12.30 44.44 27.64
N ARG C 637 -12.62 43.30 28.26
CA ARG C 637 -14.01 42.96 28.59
C ARG C 637 -14.42 43.42 29.98
N ALA C 638 -14.44 44.73 30.19
CA ALA C 638 -14.80 45.32 31.49
C ALA C 638 -14.24 44.52 32.68
N SER C 639 -15.12 43.92 33.49
CA SER C 639 -14.69 43.21 34.69
C SER C 639 -14.32 41.74 34.43
N ASN C 640 -14.50 41.31 33.19
CA ASN C 640 -14.11 39.96 32.77
C ASN C 640 -12.73 39.97 32.15
N ALA C 641 -12.17 41.19 32.01
CA ALA C 641 -10.83 41.43 31.47
C ALA C 641 -10.59 40.73 30.13
N VAL C 642 -10.00 39.54 30.22
CA VAL C 642 -9.65 38.78 29.03
C VAL C 642 -10.06 37.32 29.26
N GLY C 643 -10.86 37.10 30.31
CA GLY C 643 -11.46 35.79 30.62
C GLY C 643 -12.94 35.75 30.29
N TYR C 644 -13.70 34.91 31.01
CA TYR C 644 -15.13 34.68 30.69
C TYR C 644 -16.15 34.96 31.83
N LYS C 645 -15.65 35.28 33.03
CA LYS C 645 -16.49 35.80 34.12
C LYS C 645 -15.77 36.97 34.82
N ASN C 646 -16.42 37.55 35.84
CA ASN C 646 -15.80 38.64 36.61
C ASN C 646 -14.72 38.18 37.59
N TYR C 647 -13.65 38.95 37.69
CA TYR C 647 -12.57 38.70 38.63
C TYR C 647 -12.63 39.77 39.72
N PRO C 648 -11.96 39.54 40.85
CA PRO C 648 -11.77 40.59 41.86
C PRO C 648 -11.11 41.84 41.28
N ASP C 649 -11.48 43.01 41.80
CA ASP C 649 -11.07 44.30 41.24
C ASP C 649 -9.55 44.50 41.20
N ASN C 650 -8.84 43.97 42.19
CA ASN C 650 -7.38 44.07 42.20
C ASN C 650 -6.70 43.30 41.05
N VAL C 651 -7.45 42.36 40.45
CA VAL C 651 -6.97 41.59 39.30
C VAL C 651 -7.02 42.42 38.01
N ILE C 652 -8.18 43.01 37.74
CA ILE C 652 -8.36 43.92 36.60
C ILE C 652 -7.38 45.08 36.67
N HIS C 653 -7.23 45.68 37.85
CA HIS C 653 -6.24 46.71 38.08
C HIS C 653 -4.82 46.24 37.71
N LYS C 654 -4.42 45.08 38.22
CA LYS C 654 -3.08 44.58 37.96
C LYS C 654 -2.87 44.32 36.48
N PHE C 655 -3.90 43.76 35.83
CA PHE C 655 -3.82 43.44 34.41
C PHE C 655 -3.59 44.68 33.54
N VAL C 656 -4.33 45.75 33.83
CA VAL C 656 -4.21 47.01 33.10
C VAL C 656 -2.85 47.66 33.35
N GLN C 657 -2.37 47.59 34.59
CA GLN C 657 -1.04 48.11 34.96
C GLN C 657 0.06 47.44 34.12
N GLU C 658 -0.03 46.14 33.96
CA GLU C 658 0.96 45.39 33.18
C GLU C 658 0.77 45.55 31.68
N SER C 659 -0.49 45.67 31.25
CA SER C 659 -0.80 45.85 29.85
C SER C 659 -0.27 47.19 29.36
N ALA C 660 -0.55 48.24 30.12
CA ALA C 660 -0.08 49.59 29.82
C ALA C 660 1.43 49.69 29.86
N LYS C 661 2.04 49.09 30.88
CA LYS C 661 3.48 49.07 31.03
C LYS C 661 4.17 48.35 29.87
N ALA C 662 3.56 47.27 29.37
CA ALA C 662 4.18 46.46 28.33
C ALA C 662 3.98 47.03 26.92
N GLY C 663 3.12 48.05 26.80
CA GLY C 663 2.94 48.74 25.51
C GLY C 663 1.55 49.12 24.99
N ILE C 664 0.48 48.67 25.64
CA ILE C 664 -0.88 49.04 25.19
C ILE C 664 -1.16 50.50 25.48
N ASP C 665 -1.85 51.16 24.56
CA ASP C 665 -2.11 52.60 24.69
C ASP C 665 -3.58 52.94 24.80
N VAL C 666 -4.39 52.24 24.00
CA VAL C 666 -5.83 52.48 23.95
C VAL C 666 -6.51 51.21 24.42
N PHE C 667 -7.31 51.34 25.47
CA PHE C 667 -8.08 50.22 26.00
C PHE C 667 -9.54 50.43 25.63
N ARG C 668 -10.09 49.50 24.85
CA ARG C 668 -11.51 49.56 24.53
C ARG C 668 -12.27 48.75 25.58
N ILE C 669 -12.86 49.45 26.54
CA ILE C 669 -13.63 48.79 27.59
C ILE C 669 -15.07 48.63 27.13
N PHE C 670 -15.62 47.44 27.36
CA PHE C 670 -17.02 47.15 27.06
C PHE C 670 -17.53 46.07 28.00
N ASP C 671 -18.82 46.16 28.31
CA ASP C 671 -19.48 45.16 29.12
C ASP C 671 -20.57 44.46 28.29
N SER C 672 -20.60 43.14 28.37
CA SER C 672 -21.48 42.33 27.52
C SER C 672 -22.97 42.50 27.82
N LEU C 673 -23.29 43.30 28.83
CA LEU C 673 -24.68 43.63 29.12
C LEU C 673 -24.92 45.13 29.07
N ASN C 674 -23.94 45.85 28.52
CA ASN C 674 -23.94 47.33 28.43
C ASN C 674 -24.21 48.02 29.77
N TRP C 675 -23.74 47.41 30.85
CA TRP C 675 -23.97 47.93 32.18
C TRP C 675 -22.76 48.75 32.63
N VAL C 676 -22.93 50.07 32.64
CA VAL C 676 -21.81 51.00 32.88
C VAL C 676 -21.07 50.76 34.19
N ASP C 677 -21.82 50.41 35.25
CA ASP C 677 -21.22 50.09 36.55
C ASP C 677 -20.02 49.15 36.45
N GLN C 678 -20.11 48.19 35.53
CA GLN C 678 -19.07 47.17 35.31
C GLN C 678 -17.78 47.71 34.68
N MET C 679 -17.87 48.90 34.10
CA MET C 679 -16.76 49.49 33.35
C MET C 679 -15.93 50.48 34.17
N LYS C 680 -16.44 50.85 35.35
CA LYS C 680 -15.81 51.88 36.19
C LYS C 680 -14.41 51.51 36.65
N VAL C 681 -14.26 50.28 37.11
CA VAL C 681 -12.99 49.77 37.64
C VAL C 681 -11.91 49.84 36.59
N ALA C 682 -12.19 49.25 35.42
CA ALA C 682 -11.27 49.24 34.29
C ALA C 682 -10.87 50.64 33.88
N ASN C 683 -11.87 51.50 33.75
CA ASN C 683 -11.66 52.90 33.42
C ASN C 683 -10.67 53.58 34.39
N GLU C 684 -10.88 53.37 35.69
CA GLU C 684 -10.03 53.96 36.72
C GLU C 684 -8.58 53.48 36.61
N ALA C 685 -8.42 52.19 36.28
CA ALA C 685 -7.10 51.60 36.08
C ALA C 685 -6.41 52.18 34.85
N VAL C 686 -7.17 52.40 33.78
CA VAL C 686 -6.62 52.94 32.53
C VAL C 686 -6.17 54.39 32.69
N GLN C 687 -7.01 55.23 33.30
CA GLN C 687 -6.68 56.64 33.55
C GLN C 687 -5.35 56.71 34.29
N GLU C 688 -5.26 55.97 35.39
CA GLU C 688 -4.09 55.91 36.27
C GLU C 688 -2.78 55.54 35.54
N ALA C 689 -2.91 54.78 34.45
CA ALA C 689 -1.76 54.35 33.65
C ALA C 689 -1.35 55.42 32.64
N GLY C 690 -2.10 56.52 32.60
CA GLY C 690 -1.85 57.62 31.68
C GLY C 690 -2.16 57.29 30.23
N LYS C 691 -2.94 56.22 30.04
CA LYS C 691 -3.30 55.72 28.70
C LYS C 691 -4.75 56.02 28.33
N ILE C 692 -5.11 55.78 27.07
CA ILE C 692 -6.42 56.22 26.53
C ILE C 692 -7.55 55.25 26.84
N SER C 693 -8.59 55.76 27.50
CA SER C 693 -9.76 54.97 27.86
C SER C 693 -10.92 55.17 26.89
N GLU C 694 -11.30 54.10 26.21
CA GLU C 694 -12.38 54.10 25.24
C GLU C 694 -13.58 53.32 25.81
N GLY C 695 -14.68 54.03 26.06
CA GLY C 695 -15.90 53.41 26.61
C GLY C 695 -16.87 53.03 25.51
N THR C 696 -17.40 51.80 25.59
CA THR C 696 -18.18 51.22 24.50
C THR C 696 -19.64 51.02 24.85
N ILE C 697 -20.50 51.24 23.86
CA ILE C 697 -21.85 50.71 23.87
C ILE C 697 -21.90 49.65 22.78
N CYS C 698 -22.51 48.52 23.10
CA CYS C 698 -22.66 47.45 22.13
C CYS C 698 -24.05 47.50 21.51
N TYR C 699 -24.11 47.47 20.18
CA TYR C 699 -25.36 47.64 19.44
C TYR C 699 -26.14 46.32 19.26
N THR C 700 -27.46 46.38 19.42
CA THR C 700 -28.35 45.25 19.12
C THR C 700 -29.66 45.77 18.53
N GLY C 701 -30.47 44.84 18.04
CA GLY C 701 -31.74 45.18 17.42
C GLY C 701 -31.59 46.09 16.21
N ASP C 702 -32.62 46.89 15.97
CA ASP C 702 -32.63 47.80 14.85
C ASP C 702 -33.35 49.07 15.26
N ILE C 703 -32.63 50.19 15.30
CA ILE C 703 -33.22 51.46 15.69
C ILE C 703 -34.09 52.05 14.58
N LEU C 704 -34.01 51.46 13.39
CA LEU C 704 -34.88 51.82 12.27
C LEU C 704 -36.24 51.16 12.40
N ASN C 705 -36.35 50.22 13.35
CA ASN C 705 -37.55 49.42 13.54
C ASN C 705 -38.07 49.47 14.99
N PRO C 706 -39.12 50.25 15.23
CA PRO C 706 -39.74 50.35 16.56
C PRO C 706 -40.28 49.01 17.09
N GLU C 707 -40.74 48.15 16.16
CA GLU C 707 -41.35 46.87 16.51
C GLU C 707 -40.34 45.82 16.94
N ARG C 708 -39.09 46.02 16.56
CA ARG C 708 -38.03 45.10 16.95
C ARG C 708 -37.87 45.11 18.47
N SER C 709 -37.80 46.30 19.04
CA SER C 709 -37.61 46.49 20.47
C SER C 709 -38.01 47.89 20.88
N ASN C 710 -38.68 48.01 22.03
CA ASN C 710 -38.86 49.30 22.66
C ASN C 710 -37.90 49.51 23.84
N ILE C 711 -36.82 48.72 23.86
CA ILE C 711 -35.73 48.89 24.83
C ILE C 711 -34.50 49.51 24.16
N TYR C 712 -33.97 48.85 23.14
CA TYR C 712 -32.77 49.31 22.44
C TYR C 712 -33.13 50.31 21.33
N THR C 713 -33.43 51.53 21.75
CA THR C 713 -33.88 52.59 20.87
C THR C 713 -32.73 53.58 20.68
N LEU C 714 -32.93 54.53 19.76
CA LEU C 714 -32.02 55.67 19.61
C LEU C 714 -31.83 56.34 20.97
N GLU C 715 -32.92 56.47 21.72
CA GLU C 715 -32.91 57.11 23.03
C GLU C 715 -32.08 56.32 24.04
N TYR C 716 -32.12 55.00 23.94
CA TYR C 716 -31.32 54.11 24.78
C TYR C 716 -29.84 54.43 24.67
N TYR C 717 -29.36 54.59 23.44
CA TYR C 717 -27.94 54.79 23.19
C TYR C 717 -27.46 56.17 23.62
N VAL C 718 -28.29 57.19 23.42
CA VAL C 718 -27.95 58.56 23.78
C VAL C 718 -27.74 58.70 25.30
N LYS C 719 -28.63 58.08 26.08
CA LYS C 719 -28.51 58.11 27.53
C LYS C 719 -27.26 57.38 27.97
N LEU C 720 -26.96 56.27 27.29
CA LEU C 720 -25.82 55.42 27.63
C LEU C 720 -24.50 56.11 27.26
N ALA C 721 -24.48 56.81 26.13
CA ALA C 721 -23.31 57.58 25.73
C ALA C 721 -23.03 58.69 26.74
N LYS C 722 -24.05 59.50 27.02
CA LYS C 722 -23.95 60.62 27.97
C LYS C 722 -23.44 60.17 29.33
N GLU C 723 -23.87 58.98 29.76
CA GLU C 723 -23.37 58.38 31.00
C GLU C 723 -21.87 58.10 30.92
N LEU C 724 -21.42 57.57 29.78
CA LEU C 724 -20.01 57.26 29.58
C LEU C 724 -19.12 58.51 29.52
N GLU C 725 -19.72 59.66 29.22
CA GLU C 725 -18.98 60.92 29.14
C GLU C 725 -18.60 61.45 30.53
N ARG C 726 -19.53 61.33 31.47
CA ARG C 726 -19.31 61.78 32.85
C ARG C 726 -18.24 60.95 33.57
N GLU C 727 -18.10 59.69 33.18
CA GLU C 727 -17.07 58.83 33.76
C GLU C 727 -15.67 59.18 33.24
N GLY C 728 -15.61 60.13 32.30
CA GLY C 728 -14.35 60.63 31.78
C GLY C 728 -13.60 59.67 30.87
N PHE C 729 -14.34 58.83 30.16
CA PHE C 729 -13.76 58.08 29.06
C PHE C 729 -13.32 59.08 28.01
N HIS C 730 -12.18 58.84 27.39
CA HIS C 730 -11.62 59.79 26.41
C HIS C 730 -12.28 59.71 25.03
N ILE C 731 -12.73 58.52 24.66
CA ILE C 731 -13.35 58.26 23.35
C ILE C 731 -14.59 57.37 23.50
N LEU C 732 -15.64 57.68 22.74
CA LEU C 732 -16.85 56.83 22.71
C LEU C 732 -16.77 55.82 21.57
N ALA C 733 -17.01 54.56 21.89
CA ALA C 733 -16.96 53.50 20.89
C ALA C 733 -18.34 52.87 20.68
N ILE C 734 -18.64 52.59 19.42
CA ILE C 734 -19.85 51.85 19.05
C ILE C 734 -19.43 50.49 18.49
N LYS C 735 -19.57 49.47 19.31
CA LYS C 735 -19.21 48.11 18.92
C LYS C 735 -20.44 47.40 18.36
N ASP C 736 -20.49 47.33 17.05
CA ASP C 736 -21.55 46.59 16.36
C ASP C 736 -21.06 45.16 16.12
N MET C 737 -21.03 44.39 17.22
CA MET C 737 -20.42 43.06 17.22
C MET C 737 -20.99 42.09 16.20
N ALA C 738 -22.28 42.21 15.90
CA ALA C 738 -22.94 41.26 15.00
C ALA C 738 -23.24 41.81 13.61
N GLY C 739 -22.67 42.98 13.28
CA GLY C 739 -22.91 43.61 11.99
C GLY C 739 -24.37 43.96 11.76
N LEU C 740 -25.05 44.32 12.85
CA LEU C 740 -26.49 44.61 12.84
C LEU C 740 -26.83 46.04 12.42
N LEU C 741 -25.83 46.94 12.47
CA LEU C 741 -26.06 48.36 12.23
C LEU C 741 -26.28 48.69 10.74
N LYS C 742 -27.54 48.63 10.33
CA LYS C 742 -27.97 49.01 8.99
C LYS C 742 -27.41 50.37 8.60
N PRO C 743 -27.10 50.55 7.31
CA PRO C 743 -26.50 51.79 6.83
C PRO C 743 -27.25 53.04 7.29
N LYS C 744 -28.57 53.08 7.11
CA LYS C 744 -29.33 54.28 7.49
C LYS C 744 -29.23 54.53 9.00
N ALA C 745 -29.24 53.44 9.77
CA ALA C 745 -29.19 53.50 11.23
C ALA C 745 -27.90 54.12 11.75
N ALA C 746 -26.78 53.83 11.09
CA ALA C 746 -25.48 54.37 11.49
C ALA C 746 -25.46 55.89 11.34
N TYR C 747 -26.03 56.38 10.24
CA TYR C 747 -26.15 57.81 9.99
C TYR C 747 -26.99 58.44 11.10
N GLU C 748 -28.19 57.92 11.30
CA GLU C 748 -29.07 58.39 12.36
C GLU C 748 -28.42 58.28 13.74
N LEU C 749 -27.68 57.19 13.99
CA LEU C 749 -27.07 56.94 15.30
C LEU C 749 -25.89 57.85 15.61
N ILE C 750 -24.93 57.93 14.68
CA ILE C 750 -23.74 58.75 14.89
C ILE C 750 -24.13 60.23 15.00
N GLY C 751 -25.00 60.69 14.09
CA GLY C 751 -25.52 62.06 14.11
C GLY C 751 -26.04 62.53 15.46
N GLU C 752 -26.90 61.71 16.08
CA GLU C 752 -27.48 62.02 17.38
C GLU C 752 -26.42 62.10 18.46
N LEU C 753 -25.57 61.09 18.51
CA LEU C 753 -24.50 61.00 19.50
C LEU C 753 -23.54 62.17 19.37
N LYS C 754 -23.16 62.48 18.13
CA LYS C 754 -22.21 63.55 17.84
C LYS C 754 -22.65 64.91 18.39
N SER C 755 -23.95 65.08 18.61
CA SER C 755 -24.49 66.29 19.20
C SER C 755 -25.09 66.03 20.58
N ALA C 756 -24.84 64.84 21.11
CA ALA C 756 -25.24 64.49 22.48
C ALA C 756 -24.04 64.52 23.43
N VAL C 757 -22.87 64.14 22.92
CA VAL C 757 -21.61 64.19 23.67
C VAL C 757 -20.50 64.84 22.82
N ASP C 758 -19.47 65.38 23.48
CA ASP C 758 -18.30 65.99 22.81
C ASP C 758 -17.22 64.97 22.42
N LEU C 759 -17.36 63.75 22.92
CA LEU C 759 -16.36 62.71 22.74
C LEU C 759 -16.24 62.28 21.28
N PRO C 760 -15.02 61.99 20.81
CA PRO C 760 -14.82 61.49 19.46
C PRO C 760 -15.32 60.05 19.34
N ILE C 761 -15.99 59.73 18.25
CA ILE C 761 -16.70 58.46 18.17
C ILE C 761 -15.97 57.44 17.30
N HIS C 762 -15.67 56.30 17.91
CA HIS C 762 -14.92 55.23 17.28
C HIS C 762 -15.89 54.10 16.94
N LEU C 763 -16.19 53.94 15.65
CA LEU C 763 -17.17 52.95 15.21
C LEU C 763 -16.53 51.64 14.77
N HIS C 764 -17.04 50.53 15.32
CA HIS C 764 -16.56 49.20 14.99
C HIS C 764 -17.71 48.34 14.53
N THR C 765 -17.59 47.74 13.34
CA THR C 765 -18.63 46.85 12.86
C THR C 765 -18.04 45.61 12.15
N HIS C 766 -18.89 44.62 11.91
CA HIS C 766 -18.51 43.47 11.12
C HIS C 766 -19.30 43.48 9.80
N ASP C 767 -18.75 42.83 8.77
CA ASP C 767 -19.29 42.91 7.42
C ASP C 767 -20.24 41.75 7.07
N THR C 768 -20.72 41.04 8.09
CA THR C 768 -21.48 39.80 7.89
C THR C 768 -22.68 39.94 6.93
N SER C 769 -23.40 41.06 7.04
CA SER C 769 -24.53 41.34 6.16
C SER C 769 -24.07 41.55 4.71
N GLY C 770 -22.85 42.05 4.56
CA GLY C 770 -22.32 42.46 3.27
C GLY C 770 -22.46 43.96 3.06
N ASN C 771 -23.04 44.63 4.06
CA ASN C 771 -23.29 46.06 4.02
C ASN C 771 -22.31 46.91 4.83
N GLY C 772 -21.23 46.30 5.33
CA GLY C 772 -20.26 46.98 6.17
C GLY C 772 -19.74 48.29 5.60
N LEU C 773 -19.30 48.26 4.34
CA LEU C 773 -18.79 49.43 3.65
C LEU C 773 -19.81 50.57 3.57
N LEU C 774 -21.04 50.22 3.26
CA LEU C 774 -22.16 51.16 3.27
C LEU C 774 -22.39 51.79 4.63
N THR C 775 -22.38 50.96 5.68
CA THR C 775 -22.52 51.43 7.06
C THR C 775 -21.43 52.46 7.39
N TYR C 776 -20.19 52.17 7.00
CA TYR C 776 -19.07 53.08 7.21
C TYR C 776 -19.22 54.38 6.39
N LYS C 777 -19.62 54.24 5.12
CA LYS C 777 -19.77 55.42 4.26
C LYS C 777 -20.81 56.35 4.85
N GLN C 778 -21.89 55.77 5.38
CA GLN C 778 -22.94 56.54 6.02
C GLN C 778 -22.44 57.08 7.36
N ALA C 779 -21.65 56.27 8.07
CA ALA C 779 -21.06 56.69 9.34
C ALA C 779 -20.22 57.94 9.14
N ILE C 780 -19.34 57.87 8.14
CA ILE C 780 -18.48 58.97 7.75
C ILE C 780 -19.26 60.25 7.36
N ASP C 781 -20.42 60.10 6.73
CA ASP C 781 -21.25 61.25 6.37
C ASP C 781 -21.81 61.95 7.60
N ALA C 782 -22.17 61.18 8.62
CA ALA C 782 -22.71 61.73 9.85
C ALA C 782 -21.64 62.26 10.79
N GLY C 783 -20.37 62.12 10.38
CA GLY C 783 -19.25 62.77 11.07
C GLY C 783 -18.34 61.90 11.93
N VAL C 784 -18.42 60.58 11.78
CA VAL C 784 -17.63 59.67 12.62
C VAL C 784 -16.12 59.98 12.59
N ASP C 785 -15.42 59.70 13.70
CA ASP C 785 -14.02 60.12 13.83
C ASP C 785 -13.03 59.00 13.45
N ILE C 786 -13.22 57.82 14.02
CA ILE C 786 -12.37 56.67 13.69
C ILE C 786 -13.24 55.46 13.32
N ILE C 787 -12.78 54.67 12.35
CA ILE C 787 -13.40 53.37 12.09
C ILE C 787 -12.41 52.19 12.09
N ASP C 788 -12.91 51.01 12.41
CA ASP C 788 -12.10 49.78 12.40
C ASP C 788 -12.19 49.11 11.03
N THR C 789 -11.05 48.95 10.38
CA THR C 789 -11.00 48.24 9.11
C THR C 789 -9.94 47.16 9.14
N ALA C 790 -10.06 46.24 8.19
CA ALA C 790 -9.07 45.21 7.98
C ALA C 790 -8.56 45.32 6.54
N VAL C 791 -7.38 44.75 6.31
CA VAL C 791 -6.79 44.67 4.98
C VAL C 791 -7.66 43.76 4.11
N ALA C 792 -7.70 44.05 2.81
CA ALA C 792 -8.63 43.40 1.87
C ALA C 792 -8.69 41.88 2.04
N SER C 793 -7.54 41.22 2.11
CA SER C 793 -7.47 39.76 2.16
C SER C 793 -7.77 39.15 3.54
N MET C 794 -7.97 40.02 4.53
CA MET C 794 -8.36 39.61 5.87
C MET C 794 -9.64 40.33 6.23
N SER C 795 -10.33 40.83 5.20
CA SER C 795 -11.57 41.58 5.38
C SER C 795 -12.78 40.80 4.88
N GLY C 796 -13.97 41.32 5.18
CA GLY C 796 -15.20 40.81 4.62
C GLY C 796 -15.84 39.66 5.39
N LEU C 797 -17.06 39.31 4.98
CA LEU C 797 -17.87 38.33 5.69
C LEU C 797 -17.86 38.66 7.18
N THR C 798 -17.42 37.74 8.02
CA THR C 798 -17.51 37.92 9.47
C THR C 798 -16.50 38.91 10.03
N SER C 799 -15.60 39.41 9.18
CA SER C 799 -14.57 40.35 9.60
C SER C 799 -15.07 41.77 9.34
N GLN C 800 -14.20 42.77 9.50
CA GLN C 800 -14.60 44.16 9.18
C GLN C 800 -14.44 44.46 7.71
N PRO C 801 -15.05 45.55 7.25
CA PRO C 801 -14.93 45.96 5.85
C PRO C 801 -13.48 46.19 5.43
N SER C 802 -13.25 46.07 4.12
CA SER C 802 -11.93 46.25 3.51
C SER C 802 -11.48 47.70 3.48
N ALA C 803 -10.39 47.98 4.19
CA ALA C 803 -9.73 49.30 4.12
C ALA C 803 -9.47 49.74 2.69
N ASN C 804 -8.98 48.81 1.89
CA ASN C 804 -8.64 49.04 0.48
C ASN C 804 -9.86 49.46 -0.31
N SER C 805 -10.95 48.69 -0.17
CA SER C 805 -12.20 48.98 -0.84
C SER C 805 -12.72 50.34 -0.42
N LEU C 806 -12.68 50.60 0.89
CA LEU C 806 -13.18 51.86 1.46
C LEU C 806 -12.42 53.07 0.91
N TYR C 807 -11.10 52.98 0.84
CA TYR C 807 -10.28 54.11 0.38
C TYR C 807 -10.82 54.68 -0.92
N TYR C 808 -11.19 53.79 -1.83
CA TYR C 808 -11.67 54.16 -3.15
C TYR C 808 -13.15 54.51 -3.14
N ALA C 809 -13.89 53.89 -2.22
CA ALA C 809 -15.30 54.16 -2.08
C ALA C 809 -15.57 55.65 -1.87
N LEU C 810 -14.70 56.31 -1.12
CA LEU C 810 -14.90 57.73 -0.77
C LEU C 810 -14.31 58.71 -1.79
N ASN C 811 -13.82 58.20 -2.92
CA ASN C 811 -13.41 59.05 -4.02
C ASN C 811 -14.58 59.89 -4.48
N GLY C 812 -14.33 61.19 -4.68
CA GLY C 812 -15.37 62.13 -5.08
C GLY C 812 -16.32 62.57 -3.97
N PHE C 813 -16.10 62.07 -2.75
CA PHE C 813 -16.92 62.44 -1.60
C PHE C 813 -16.14 63.38 -0.67
N PRO C 814 -16.83 64.08 0.25
CA PRO C 814 -16.21 65.16 1.03
C PRO C 814 -15.08 64.72 1.96
N ARG C 815 -15.25 63.57 2.60
CA ARG C 815 -14.26 63.06 3.52
C ARG C 815 -13.52 61.86 2.91
N HIS C 816 -12.20 61.88 2.94
CA HIS C 816 -11.45 60.71 2.48
C HIS C 816 -10.75 59.99 3.63
N LEU C 817 -10.20 58.80 3.35
CA LEU C 817 -9.56 57.94 4.36
C LEU C 817 -8.07 58.24 4.46
N ARG C 818 -7.60 58.54 5.67
CA ARG C 818 -6.20 58.89 5.89
C ARG C 818 -5.33 57.64 5.97
N THR C 819 -4.75 57.23 4.84
CA THR C 819 -3.90 56.04 4.81
C THR C 819 -3.15 55.86 3.49
N ASP C 820 -2.23 54.90 3.47
CA ASP C 820 -1.41 54.55 2.30
C ASP C 820 -2.01 53.34 1.55
N ILE C 821 -2.58 53.55 0.36
CA ILE C 821 -3.13 52.44 -0.43
C ILE C 821 -2.13 51.57 -1.13
N GLU C 822 -1.15 52.18 -1.79
CA GLU C 822 -0.07 51.43 -2.43
C GLU C 822 0.47 50.39 -1.45
N GLY C 823 0.58 50.78 -0.18
CA GLY C 823 1.16 49.94 0.87
C GLY C 823 0.20 48.91 1.43
N MET C 824 -1.09 49.29 1.53
CA MET C 824 -2.13 48.37 1.94
C MET C 824 -2.35 47.27 0.92
N GLU C 825 -2.05 47.55 -0.35
CA GLU C 825 -2.06 46.49 -1.34
C GLU C 825 -0.95 45.52 -0.98
N SER C 826 0.27 46.04 -0.73
CA SER C 826 1.37 45.19 -0.27
C SER C 826 0.94 44.31 0.89
N LEU C 827 0.31 44.91 1.89
CA LEU C 827 -0.13 44.15 3.07
C LEU C 827 -1.14 43.09 2.66
N SER C 828 -2.08 43.46 1.80
CA SER C 828 -3.07 42.52 1.29
C SER C 828 -2.43 41.34 0.57
N HIS C 829 -1.43 41.59 -0.27
CA HIS C 829 -0.75 40.49 -0.97
C HIS C 829 -0.06 39.56 0.01
N TYR C 830 0.53 40.12 1.06
CA TYR C 830 1.22 39.36 2.09
C TYR C 830 0.23 38.47 2.84
N TRP C 831 -0.78 39.09 3.43
CA TRP C 831 -1.76 38.35 4.22
C TRP C 831 -2.56 37.38 3.36
N SER C 832 -2.68 37.69 2.07
CA SER C 832 -3.30 36.77 1.13
C SER C 832 -2.61 35.41 1.19
N THR C 833 -1.29 35.40 1.03
CA THR C 833 -0.51 34.16 1.15
C THR C 833 -0.54 33.58 2.58
N VAL C 834 -0.22 34.40 3.58
CA VAL C 834 -0.17 33.91 4.95
C VAL C 834 -1.49 33.21 5.35
N ARG C 835 -2.62 33.82 5.00
CA ARG C 835 -3.95 33.22 5.25
C ARG C 835 -4.02 31.75 4.80
N THR C 836 -3.49 31.49 3.61
CA THR C 836 -3.31 30.15 3.08
C THR C 836 -2.75 29.14 4.10
N TYR C 837 -1.86 29.61 4.98
CA TYR C 837 -1.31 28.77 6.04
C TYR C 837 -2.37 28.28 7.01
N TYR C 838 -3.51 28.97 7.06
CA TYR C 838 -4.55 28.69 8.05
C TYR C 838 -5.85 28.14 7.46
N SER C 839 -5.79 27.53 6.29
CA SER C 839 -7.01 27.03 5.63
C SER C 839 -7.83 26.12 6.55
N ASP C 840 -7.14 25.29 7.33
CA ASP C 840 -7.79 24.44 8.33
C ASP C 840 -8.75 25.17 9.27
N PHE C 841 -8.66 26.49 9.35
CA PHE C 841 -9.44 27.24 10.34
C PHE C 841 -10.52 28.12 9.73
N GLU C 842 -10.56 28.13 8.40
CA GLU C 842 -11.54 28.89 7.64
C GLU C 842 -12.97 28.48 8.00
N SER C 843 -13.82 29.48 8.22
CA SER C 843 -15.24 29.29 8.53
C SER C 843 -16.01 28.64 7.39
N ASP C 844 -17.24 28.25 7.69
CA ASP C 844 -18.15 27.67 6.70
C ASP C 844 -18.63 28.71 5.69
N ILE C 845 -18.92 29.92 6.17
CA ILE C 845 -19.49 31.00 5.33
C ILE C 845 -18.54 31.46 4.25
N LYS C 846 -19.09 31.76 3.08
CA LYS C 846 -18.31 32.26 1.96
C LYS C 846 -19.09 33.31 1.15
N SER C 847 -20.24 33.71 1.68
CA SER C 847 -21.11 34.71 1.09
C SER C 847 -21.68 35.57 2.22
N PRO C 848 -22.05 36.82 1.94
CA PRO C 848 -22.73 37.66 2.94
C PRO C 848 -24.05 37.05 3.35
N ASN C 849 -24.40 37.19 4.62
CA ASN C 849 -25.59 36.54 5.15
C ASN C 849 -26.54 37.54 5.79
N THR C 850 -27.71 37.72 5.18
CA THR C 850 -28.68 38.69 5.71
C THR C 850 -29.49 38.17 6.89
N GLU C 851 -29.54 36.85 7.03
CA GLU C 851 -30.21 36.19 8.16
C GLU C 851 -29.55 36.44 9.53
N ILE C 852 -28.38 37.09 9.50
CA ILE C 852 -27.72 37.54 10.72
C ILE C 852 -28.54 38.61 11.44
N TYR C 853 -29.40 39.29 10.69
CA TYR C 853 -30.34 40.24 11.29
C TYR C 853 -31.38 39.51 12.16
N GLN C 854 -31.44 38.19 12.03
CA GLN C 854 -32.36 37.36 12.81
C GLN C 854 -31.72 36.76 14.04
N HIS C 855 -30.60 36.05 13.89
CA HIS C 855 -29.98 35.41 15.06
C HIS C 855 -28.94 36.25 15.82
N GLU C 856 -28.37 37.25 15.15
CA GLU C 856 -27.50 38.23 15.80
C GLU C 856 -26.23 37.61 16.42
N MET C 857 -25.73 36.53 15.83
CA MET C 857 -24.45 35.96 16.24
C MET C 857 -23.33 36.96 15.97
N PRO C 858 -22.57 37.34 17.00
CA PRO C 858 -21.40 38.19 16.84
C PRO C 858 -20.39 37.64 15.81
N GLY C 859 -19.79 38.54 15.03
CA GLY C 859 -18.84 38.17 13.98
C GLY C 859 -17.56 37.57 14.51
N GLY C 860 -17.13 38.05 15.67
CA GLY C 860 -15.94 37.52 16.35
C GLY C 860 -16.19 36.27 17.19
N GLN C 861 -17.46 35.87 17.27
CA GLN C 861 -17.82 34.60 17.87
C GLN C 861 -17.96 33.51 16.82
N TYR C 862 -18.29 33.93 15.59
CA TYR C 862 -18.71 33.02 14.54
C TYR C 862 -17.76 31.85 14.23
N SER C 863 -16.50 32.14 13.94
CA SER C 863 -15.54 31.08 13.57
C SER C 863 -15.02 30.30 14.77
N ASN C 864 -15.04 30.94 15.95
CA ASN C 864 -14.63 30.30 17.20
C ASN C 864 -15.67 29.29 17.70
N LEU C 865 -16.95 29.62 17.51
CA LEU C 865 -18.06 28.74 17.92
C LEU C 865 -18.38 27.72 16.83
N SER C 866 -17.84 27.94 15.63
CA SER C 866 -17.92 26.95 14.57
C SER C 866 -16.95 25.81 14.89
N GLN C 867 -15.83 26.16 15.52
CA GLN C 867 -14.79 25.22 15.95
C GLN C 867 -15.22 24.44 17.19
N GLN C 868 -15.96 25.10 18.07
CA GLN C 868 -16.53 24.49 19.28
C GLN C 868 -17.60 23.46 18.88
N ALA C 869 -18.53 23.86 18.02
CA ALA C 869 -19.57 22.95 17.52
C ALA C 869 -18.95 21.75 16.81
N LYS C 870 -17.96 22.01 15.96
CA LYS C 870 -17.26 20.98 15.20
C LYS C 870 -16.65 19.92 16.13
N SER C 871 -15.98 20.38 17.18
CA SER C 871 -15.33 19.49 18.15
C SER C 871 -16.35 18.74 19.01
N LEU C 872 -17.60 19.20 19.00
CA LEU C 872 -18.63 18.70 19.89
C LEU C 872 -19.65 17.78 19.20
N GLY C 873 -19.31 17.33 17.98
CA GLY C 873 -20.18 16.44 17.21
C GLY C 873 -21.22 17.17 16.39
N LEU C 874 -21.18 18.50 16.43
CA LEU C 874 -22.17 19.34 15.76
C LEU C 874 -21.67 19.97 14.45
N GLY C 875 -20.59 19.42 13.90
CA GLY C 875 -20.12 19.76 12.57
C GLY C 875 -21.17 19.42 11.54
N GLU C 876 -21.28 20.25 10.51
CA GLU C 876 -22.37 20.17 9.52
C GLU C 876 -23.65 20.82 10.08
N ARG C 877 -24.08 20.35 11.26
CA ARG C 877 -25.31 20.81 11.92
C ARG C 877 -25.24 22.23 12.53
N PHE C 878 -24.42 23.12 11.96
CA PHE C 878 -24.23 24.47 12.49
C PHE C 878 -25.41 25.42 12.23
N ASP C 879 -26.19 25.14 11.19
CA ASP C 879 -27.35 25.96 10.83
C ASP C 879 -28.46 25.85 11.88
N GLU C 880 -28.57 24.67 12.47
CA GLU C 880 -29.46 24.43 13.60
C GLU C 880 -28.92 25.08 14.89
N VAL C 881 -27.60 25.27 14.95
CA VAL C 881 -26.93 25.95 16.07
C VAL C 881 -27.19 27.47 16.04
N LYS C 882 -27.46 27.99 14.84
CA LYS C 882 -27.76 29.41 14.64
C LYS C 882 -29.25 29.72 14.82
N ASP C 883 -30.11 28.76 14.46
CA ASP C 883 -31.57 28.91 14.61
C ASP C 883 -31.99 29.03 16.05
N MET C 884 -31.32 28.29 16.93
CA MET C 884 -31.69 28.27 18.34
C MET C 884 -30.92 29.28 19.19
N TYR C 885 -29.77 29.73 18.69
CA TYR C 885 -29.06 30.89 19.22
C TYR C 885 -29.94 32.14 19.19
N ARG C 886 -30.87 32.16 18.24
CA ARG C 886 -31.91 33.18 18.17
C ARG C 886 -32.95 32.93 19.25
N ARG C 887 -33.33 31.66 19.40
CA ARG C 887 -34.35 31.23 20.35
C ARG C 887 -33.91 31.48 21.78
N VAL C 888 -32.72 31.00 22.11
CA VAL C 888 -32.09 31.26 23.41
C VAL C 888 -32.18 32.75 23.77
N ASN C 889 -31.84 33.63 22.83
CA ASN C 889 -31.88 35.09 23.05
C ASN C 889 -33.22 35.63 23.59
N PHE C 890 -34.32 35.22 22.97
CA PHE C 890 -35.64 35.66 23.42
C PHE C 890 -36.11 34.90 24.66
N LEU C 891 -35.54 33.71 24.88
CA LEU C 891 -35.78 32.95 26.11
C LEU C 891 -35.25 33.73 27.31
N PHE C 892 -34.13 34.44 27.11
CA PHE C 892 -33.53 35.25 28.18
C PHE C 892 -34.06 36.68 28.26
N GLY C 893 -34.99 37.03 27.38
CA GLY C 893 -35.65 38.33 27.40
C GLY C 893 -35.01 39.43 26.57
N ASP C 894 -34.47 39.04 25.41
CA ASP C 894 -33.84 39.96 24.44
C ASP C 894 -32.65 40.72 25.04
N ILE C 895 -31.51 40.05 25.12
CA ILE C 895 -30.32 40.64 25.75
C ILE C 895 -29.21 41.00 24.76
N VAL C 896 -28.23 41.74 25.27
CA VAL C 896 -27.03 42.04 24.52
C VAL C 896 -26.17 40.78 24.45
N LYS C 897 -25.73 40.43 23.23
CA LYS C 897 -24.89 39.24 23.05
C LYS C 897 -23.48 39.61 22.53
N VAL C 898 -22.56 39.69 23.49
CA VAL C 898 -21.12 39.83 23.25
C VAL C 898 -20.43 38.97 24.29
N THR C 899 -19.10 38.94 24.28
CA THR C 899 -18.35 38.10 25.22
C THR C 899 -18.39 38.69 26.62
N PRO C 900 -18.80 37.90 27.62
CA PRO C 900 -19.16 36.49 27.46
C PRO C 900 -20.65 36.15 27.37
N SER C 901 -21.54 37.14 27.29
CA SER C 901 -22.99 36.88 27.24
C SER C 901 -23.39 36.10 25.98
N SER C 902 -22.67 36.35 24.89
CA SER C 902 -22.80 35.59 23.66
C SER C 902 -22.38 34.14 23.90
N LYS C 903 -21.27 33.98 24.62
CA LYS C 903 -20.71 32.69 25.03
C LYS C 903 -21.74 31.82 25.78
N VAL C 904 -22.56 32.46 26.61
CA VAL C 904 -23.61 31.80 27.39
C VAL C 904 -24.78 31.39 26.51
N VAL C 905 -25.22 32.30 25.64
CA VAL C 905 -26.22 31.98 24.62
C VAL C 905 -25.68 30.85 23.73
N GLY C 906 -24.41 30.96 23.37
CA GLY C 906 -23.71 29.93 22.60
C GLY C 906 -23.61 28.59 23.30
N ASP C 907 -23.35 28.61 24.61
CA ASP C 907 -23.29 27.40 25.42
C ASP C 907 -24.68 26.81 25.65
N MET C 908 -25.68 27.67 25.77
CA MET C 908 -27.08 27.25 25.90
C MET C 908 -27.61 26.70 24.57
N ALA C 909 -27.09 27.23 23.45
CA ALA C 909 -27.47 26.74 22.14
C ALA C 909 -26.87 25.36 21.84
N LEU C 910 -25.58 25.20 22.10
CA LEU C 910 -24.88 23.93 21.91
C LEU C 910 -25.39 22.81 22.81
N TYR C 911 -25.77 23.17 24.05
CA TYR C 911 -26.30 22.21 25.01
C TYR C 911 -27.71 21.72 24.66
N MET C 912 -28.61 22.63 24.29
CA MET C 912 -29.99 22.28 23.94
C MET C 912 -30.10 21.52 22.62
N VAL C 913 -29.23 21.86 21.66
CA VAL C 913 -29.21 21.19 20.36
C VAL C 913 -28.61 19.77 20.43
N GLN C 914 -27.68 19.56 21.36
CA GLN C 914 -27.12 18.23 21.63
C GLN C 914 -28.16 17.26 22.21
N ASN C 915 -29.03 17.79 23.07
CA ASN C 915 -30.02 16.97 23.78
C ASN C 915 -31.44 17.10 23.20
N ASP C 916 -31.54 17.67 22.00
CA ASP C 916 -32.80 17.99 21.34
C ASP C 916 -33.80 18.62 22.33
N LEU C 917 -33.41 19.77 22.86
CA LEU C 917 -34.20 20.49 23.85
C LEU C 917 -34.78 21.76 23.25
N ASP C 918 -36.06 21.99 23.51
CA ASP C 918 -36.77 23.18 23.05
C ASP C 918 -36.98 24.17 24.20
N GLU C 919 -37.57 25.32 23.87
CA GLU C 919 -37.83 26.40 24.82
C GLU C 919 -38.91 26.01 25.83
N GLN C 920 -39.99 25.41 25.32
CA GLN C 920 -41.11 24.99 26.17
C GLN C 920 -40.75 23.79 27.06
N SER C 921 -39.58 23.21 26.79
CA SER C 921 -39.04 22.10 27.60
C SER C 921 -38.32 22.62 28.84
N VAL C 922 -39.00 23.50 29.59
CA VAL C 922 -38.50 24.14 30.81
C VAL C 922 -39.59 24.92 31.59
N ILE C 923 -40.75 25.14 30.94
CA ILE C 923 -41.91 25.84 31.55
C ILE C 923 -42.36 25.19 32.87
N THR C 924 -42.33 23.86 32.92
CA THR C 924 -42.62 23.08 34.12
C THR C 924 -41.65 21.90 34.24
N ASP C 925 -40.73 21.78 33.27
CA ASP C 925 -39.88 20.59 33.12
C ASP C 925 -38.40 20.86 33.41
N GLY C 926 -38.09 22.08 33.85
CA GLY C 926 -36.71 22.48 34.11
C GLY C 926 -36.11 21.90 35.38
N TYR C 927 -36.98 21.43 36.27
CA TYR C 927 -36.61 20.90 37.61
C TYR C 927 -35.41 19.93 37.62
N LYS C 928 -35.08 19.38 36.45
CA LYS C 928 -33.82 18.66 36.22
C LYS C 928 -33.38 18.94 34.79
N LEU C 929 -32.06 19.10 34.60
CA LEU C 929 -31.43 19.10 33.26
C LEU C 929 -29.91 18.97 33.28
N ASP C 930 -29.24 19.78 34.12
CA ASP C 930 -27.77 19.72 34.32
C ASP C 930 -26.97 20.57 33.30
N PHE C 931 -26.78 21.84 33.62
CA PHE C 931 -26.39 22.86 32.65
C PHE C 931 -24.89 23.15 32.56
N PRO C 932 -24.44 23.72 31.43
CA PRO C 932 -23.05 24.18 31.28
C PRO C 932 -22.70 25.29 32.27
N GLU C 933 -21.47 25.26 32.76
CA GLU C 933 -21.02 26.15 33.84
C GLU C 933 -21.35 27.61 33.57
N SER C 934 -21.19 28.04 32.32
CA SER C 934 -21.43 29.42 31.91
C SER C 934 -22.91 29.81 31.98
N VAL C 935 -23.79 28.86 31.67
CA VAL C 935 -25.22 29.14 31.58
C VAL C 935 -25.88 29.26 32.96
N VAL C 936 -25.39 28.49 33.93
CA VAL C 936 -25.82 28.64 35.32
C VAL C 936 -25.17 29.88 35.95
N SER C 937 -23.89 30.07 35.64
CA SER C 937 -23.12 31.25 36.07
C SER C 937 -23.81 32.57 35.72
N PHE C 938 -24.53 32.58 34.60
CA PHE C 938 -25.23 33.76 34.11
C PHE C 938 -26.46 34.08 34.95
N PHE C 939 -27.18 33.03 35.36
CA PHE C 939 -28.36 33.20 36.19
C PHE C 939 -28.04 33.41 37.68
N LYS C 940 -26.78 33.15 38.05
CA LYS C 940 -26.28 33.54 39.36
C LYS C 940 -25.89 35.03 39.33
N GLY C 941 -25.65 35.54 38.12
CA GLY C 941 -25.26 36.93 37.89
C GLY C 941 -23.77 37.19 37.95
N GLU C 942 -22.97 36.16 37.67
CA GLU C 942 -21.50 36.27 37.69
C GLU C 942 -20.97 37.02 36.47
N ILE C 943 -21.86 37.26 35.51
CA ILE C 943 -21.56 37.97 34.26
C ILE C 943 -22.28 39.33 34.24
N GLY C 944 -22.94 39.66 35.36
CA GLY C 944 -23.64 40.92 35.50
C GLY C 944 -25.16 40.80 35.49
N GLN C 945 -25.81 41.96 35.42
CA GLN C 945 -27.27 42.05 35.39
C GLN C 945 -27.72 42.64 34.06
N PRO C 946 -28.54 41.89 33.32
CA PRO C 946 -29.12 42.40 32.07
C PRO C 946 -30.21 43.42 32.35
N VAL C 947 -30.22 44.50 31.57
CA VAL C 947 -31.20 45.59 31.73
C VAL C 947 -32.57 45.10 32.20
N ASN C 948 -33.08 44.05 31.56
CA ASN C 948 -34.41 43.52 31.85
C ASN C 948 -34.43 42.36 32.84
N GLY C 949 -33.32 42.17 33.56
CA GLY C 949 -33.19 41.05 34.51
C GLY C 949 -33.42 39.70 33.87
N PHE C 950 -33.96 38.78 34.67
CA PHE C 950 -34.39 37.46 34.19
C PHE C 950 -35.83 37.23 34.65
N ASN C 951 -36.47 36.16 34.17
CA ASN C 951 -37.78 35.78 34.70
C ASN C 951 -37.58 34.87 35.90
N LYS C 952 -38.15 35.26 37.03
CA LYS C 952 -37.99 34.51 38.27
C LYS C 952 -38.13 33.00 38.04
N ASP C 953 -39.29 32.60 37.50
CA ASP C 953 -39.64 31.20 37.24
C ASP C 953 -38.74 30.58 36.17
N LEU C 954 -38.35 31.42 35.20
CA LEU C 954 -37.42 31.05 34.14
C LEU C 954 -36.06 30.69 34.73
N GLN C 955 -35.64 31.47 35.72
CA GLN C 955 -34.35 31.36 36.38
C GLN C 955 -34.28 30.18 37.36
N ALA C 956 -35.20 30.16 38.32
CA ALA C 956 -35.21 29.18 39.43
C ALA C 956 -34.84 27.75 39.02
N VAL C 957 -35.56 27.22 38.03
CA VAL C 957 -35.40 25.84 37.56
C VAL C 957 -33.97 25.48 37.10
N ILE C 958 -33.11 26.50 37.03
CA ILE C 958 -31.74 26.35 36.53
C ILE C 958 -30.68 26.37 37.64
N LEU C 959 -30.97 27.07 38.74
CA LEU C 959 -29.97 27.32 39.78
C LEU C 959 -30.22 26.60 41.12
N LYS C 960 -31.44 26.08 41.31
CA LYS C 960 -31.91 25.61 42.61
C LYS C 960 -30.85 24.94 43.51
N GLY C 961 -30.78 25.41 44.75
CA GLY C 961 -29.72 25.07 45.71
C GLY C 961 -29.34 26.35 46.45
N GLN C 962 -28.30 27.01 45.97
CA GLN C 962 -28.07 28.44 46.28
C GLN C 962 -28.77 29.30 45.22
N GLU C 963 -28.61 30.61 45.29
CA GLU C 963 -29.33 31.49 44.36
C GLU C 963 -28.62 32.75 43.87
N ALA C 964 -29.42 33.67 43.33
CA ALA C 964 -28.95 34.86 42.64
C ALA C 964 -28.24 35.86 43.54
N LEU C 965 -27.16 36.43 43.02
CA LEU C 965 -26.49 37.55 43.67
C LEU C 965 -26.76 38.80 42.84
N THR C 966 -27.12 39.88 43.52
CA THR C 966 -27.68 41.08 42.88
C THR C 966 -26.64 42.14 42.49
N ALA C 967 -25.53 42.17 43.22
CA ALA C 967 -24.53 43.23 43.06
C ALA C 967 -23.53 42.90 41.96
N ARG C 968 -22.83 43.93 41.46
CA ARG C 968 -21.70 43.68 40.55
C ARG C 968 -20.58 42.95 41.31
N PRO C 969 -20.24 41.75 40.84
CA PRO C 969 -19.38 40.81 41.58
C PRO C 969 -18.14 41.41 42.25
N GLY C 970 -17.54 42.42 41.61
CA GLY C 970 -16.32 43.03 42.10
C GLY C 970 -16.33 43.51 43.55
N GLU C 971 -17.50 43.94 44.02
CA GLU C 971 -17.59 44.55 45.36
C GLU C 971 -17.78 43.57 46.53
N TYR C 972 -18.12 42.32 46.25
CA TYR C 972 -18.09 41.29 47.31
C TYR C 972 -16.87 40.36 47.18
N LEU C 973 -16.50 40.04 45.94
CA LEU C 973 -15.36 39.16 45.67
C LEU C 973 -14.09 39.72 46.31
N GLU C 974 -13.45 38.91 47.13
CA GLU C 974 -12.30 39.36 47.91
C GLU C 974 -11.05 39.50 47.04
N PRO C 975 -10.23 40.53 47.33
CA PRO C 975 -8.99 40.75 46.59
C PRO C 975 -8.05 39.54 46.58
N VAL C 976 -7.59 39.16 45.38
CA VAL C 976 -6.70 38.03 45.16
C VAL C 976 -5.31 38.27 45.76
N ASP C 977 -4.76 37.26 46.42
CA ASP C 977 -3.44 37.38 47.02
C ASP C 977 -2.34 37.13 45.99
N PHE C 978 -1.76 38.24 45.49
CA PHE C 978 -0.69 38.17 44.50
C PHE C 978 0.65 37.70 45.10
N GLU C 979 0.79 37.83 46.41
CA GLU C 979 1.98 37.35 47.10
C GLU C 979 2.02 35.82 47.17
N LYS C 980 0.88 35.21 47.52
CA LYS C 980 0.73 33.74 47.54
C LYS C 980 0.88 33.14 46.14
N VAL C 981 0.44 33.89 45.13
CA VAL C 981 0.57 33.47 43.73
C VAL C 981 2.04 33.53 43.29
N ARG C 982 2.72 34.62 43.64
CA ARG C 982 4.17 34.71 43.45
C ARG C 982 4.85 33.45 43.98
N GLU C 983 4.60 33.13 45.25
CA GLU C 983 5.21 31.97 45.93
C GLU C 983 4.96 30.65 45.22
N LEU C 984 3.74 30.44 44.75
CA LEU C 984 3.34 29.19 44.12
C LEU C 984 4.13 28.91 42.84
N LEU C 985 4.28 29.94 42.02
CA LEU C 985 5.01 29.86 40.77
C LEU C 985 6.52 29.81 41.00
N GLU C 986 6.97 30.50 42.05
CA GLU C 986 8.37 30.48 42.46
C GLU C 986 8.78 29.07 42.91
N GLU C 987 7.78 28.27 43.30
CA GLU C 987 8.02 26.90 43.76
C GLU C 987 8.07 25.85 42.64
N GLU C 988 7.03 25.83 41.79
CA GLU C 988 6.95 24.88 40.67
C GLU C 988 8.12 25.06 39.69
N GLN C 989 8.25 26.29 39.20
CA GLN C 989 9.46 26.74 38.52
C GLN C 989 10.41 27.15 39.64
N GLN C 990 11.72 27.12 39.42
CA GLN C 990 12.61 27.51 40.51
C GLN C 990 13.57 28.66 40.17
N GLY C 991 13.00 29.85 40.02
CA GLY C 991 13.79 31.03 39.69
C GLY C 991 12.97 32.28 39.49
N PRO C 992 13.34 33.10 38.49
CA PRO C 992 12.76 34.42 38.33
C PRO C 992 11.39 34.38 37.67
N VAL C 993 10.41 35.00 38.33
CA VAL C 993 9.03 35.05 37.85
C VAL C 993 8.58 36.51 37.83
N THR C 994 7.91 36.90 36.75
CA THR C 994 7.52 38.32 36.56
C THR C 994 6.05 38.60 36.92
N GLU C 995 5.68 39.88 36.90
CA GLU C 995 4.31 40.31 37.14
C GLU C 995 3.36 39.78 36.08
N GLN C 996 3.85 39.74 34.84
CA GLN C 996 3.11 39.17 33.72
C GLN C 996 2.72 37.73 34.01
N ASP C 997 3.68 36.93 34.47
CA ASP C 997 3.42 35.57 34.93
C ASP C 997 2.24 35.51 35.90
N ILE C 998 2.27 36.39 36.90
CA ILE C 998 1.33 36.33 38.02
C ILE C 998 -0.13 36.53 37.58
N ILE C 999 -0.48 37.66 36.98
CA ILE C 999 -1.88 37.83 36.52
C ILE C 999 -2.25 36.90 35.39
N SER C 1000 -1.27 36.53 34.55
CA SER C 1000 -1.47 35.47 33.54
C SER C 1000 -2.04 34.21 34.20
N TYR C 1001 -1.40 33.76 35.27
CA TYR C 1001 -1.84 32.57 35.99
C TYR C 1001 -3.17 32.78 36.69
N VAL C 1002 -3.40 33.98 37.22
CA VAL C 1002 -4.68 34.28 37.88
C VAL C 1002 -5.82 34.35 36.84
N LEU C 1003 -5.52 34.91 35.67
CA LEU C 1003 -6.49 34.98 34.58
C LEU C 1003 -6.79 33.61 34.01
N TYR C 1004 -5.74 32.79 33.92
CA TYR C 1004 -5.79 31.48 33.25
C TYR C 1004 -4.98 30.38 33.96
N PRO C 1005 -5.46 29.90 35.11
CA PRO C 1005 -4.80 28.81 35.85
C PRO C 1005 -4.34 27.60 35.02
N LYS C 1006 -5.27 26.75 34.56
CA LYS C 1006 -4.89 25.52 33.82
C LYS C 1006 -4.10 25.85 32.57
N VAL C 1007 -4.63 26.79 31.79
CA VAL C 1007 -4.06 27.15 30.49
C VAL C 1007 -2.63 27.64 30.65
N TYR C 1008 -2.39 28.51 31.63
CA TYR C 1008 -1.04 29.01 31.88
C TYR C 1008 -0.12 27.86 32.26
N GLU C 1009 -0.54 27.06 33.24
CA GLU C 1009 0.27 25.93 33.70
C GLU C 1009 0.69 25.05 32.53
N GLN C 1010 -0.27 24.74 31.65
CA GLN C 1010 -0.03 23.88 30.49
C GLN C 1010 0.96 24.51 29.51
N TYR C 1011 0.92 25.83 29.38
CA TYR C 1011 1.89 26.54 28.55
C TYR C 1011 3.32 26.35 29.09
N ILE C 1012 3.46 26.44 30.41
CA ILE C 1012 4.76 26.22 31.06
C ILE C 1012 5.26 24.79 30.82
N GLN C 1013 4.39 23.81 31.06
CA GLN C 1013 4.66 22.41 30.70
C GLN C 1013 5.23 22.28 29.29
N THR C 1014 4.54 22.87 28.32
CA THR C 1014 4.96 22.84 26.92
C THR C 1014 6.31 23.55 26.69
N ARG C 1015 6.48 24.73 27.30
CA ARG C 1015 7.74 25.49 27.16
C ARG C 1015 8.98 24.70 27.67
N ASN C 1016 8.86 24.07 28.84
CA ASN C 1016 9.91 23.19 29.38
C ASN C 1016 10.28 22.09 28.38
N GLN C 1017 9.25 21.54 27.74
CA GLN C 1017 9.44 20.44 26.83
C GLN C 1017 10.02 20.85 25.49
N TYR C 1018 9.47 21.91 24.89
CA TYR C 1018 9.74 22.20 23.48
C TYR C 1018 10.40 23.56 23.21
N GLY C 1019 10.65 24.34 24.25
CA GLY C 1019 11.29 25.65 24.08
C GLY C 1019 10.35 26.69 23.50
N ASN C 1020 10.92 27.74 22.93
CA ASN C 1020 10.15 28.85 22.37
C ASN C 1020 9.67 28.54 20.95
N LEU C 1021 8.38 28.22 20.81
CA LEU C 1021 7.81 27.85 19.51
C LEU C 1021 7.41 29.03 18.61
N SER C 1022 7.31 30.25 19.18
CA SER C 1022 6.97 31.46 18.41
C SER C 1022 7.78 31.58 17.15
N LEU C 1023 9.01 31.10 17.20
CA LEU C 1023 10.02 31.41 16.21
C LEU C 1023 9.93 30.48 15.00
N LEU C 1024 9.19 29.39 15.13
CA LEU C 1024 9.00 28.51 13.99
C LEU C 1024 8.06 29.19 13.04
N ASP C 1025 8.33 29.07 11.74
CA ASP C 1025 7.38 29.52 10.74
C ASP C 1025 6.12 28.66 10.85
N THR C 1026 5.00 29.21 10.42
CA THR C 1026 3.69 28.60 10.62
C THR C 1026 3.55 27.21 9.97
N PRO C 1027 3.89 27.06 8.68
CA PRO C 1027 3.85 25.74 8.05
C PRO C 1027 4.61 24.68 8.83
N THR C 1028 5.79 25.04 9.36
CA THR C 1028 6.58 24.10 10.16
C THR C 1028 5.89 23.84 11.49
N PHE C 1029 5.34 24.90 12.09
CA PHE C 1029 4.58 24.80 13.34
C PHE C 1029 3.38 23.84 13.25
N PHE C 1030 2.69 23.83 12.11
CA PHE C 1030 1.51 22.98 11.94
C PHE C 1030 1.78 21.62 11.31
N PHE C 1031 2.83 21.51 10.51
CA PHE C 1031 3.03 20.31 9.70
C PHE C 1031 4.38 19.63 9.88
N GLY C 1032 5.28 20.30 10.57
CA GLY C 1032 6.63 19.77 10.75
C GLY C 1032 7.42 19.93 9.48
N MET C 1033 8.09 18.86 9.07
CA MET C 1033 8.95 18.90 7.89
C MET C 1033 8.81 17.68 7.00
N ARG C 1034 9.20 17.86 5.76
CA ARG C 1034 9.13 16.85 4.71
C ARG C 1034 10.55 16.31 4.52
N ASN C 1035 10.68 15.05 4.08
CA ASN C 1035 11.98 14.45 3.80
C ASN C 1035 12.78 15.31 2.81
N GLY C 1036 14.07 15.48 3.08
CA GLY C 1036 14.94 16.31 2.24
C GLY C 1036 14.71 17.82 2.34
N GLU C 1037 13.84 18.26 3.25
CA GLU C 1037 13.58 19.68 3.42
C GLU C 1037 14.55 20.31 4.40
N THR C 1038 14.91 21.56 4.11
CA THR C 1038 15.76 22.37 4.96
C THR C 1038 14.96 23.57 5.44
N VAL C 1039 15.10 23.92 6.71
CA VAL C 1039 14.34 25.05 7.26
C VAL C 1039 15.22 26.00 8.07
N GLU C 1040 15.09 27.30 7.80
CA GLU C 1040 15.75 28.35 8.58
C GLU C 1040 14.84 28.83 9.70
N ILE C 1041 15.31 28.74 10.94
CA ILE C 1041 14.62 29.35 12.07
C ILE C 1041 15.43 30.53 12.57
N GLU C 1042 14.86 31.73 12.46
CA GLU C 1042 15.50 32.95 12.95
C GLU C 1042 15.41 33.04 14.48
N ILE C 1043 16.56 33.11 15.13
CA ILE C 1043 16.62 33.14 16.59
C ILE C 1043 16.90 34.55 17.14
N ASP C 1044 17.79 35.27 16.45
CA ASP C 1044 18.22 36.60 16.86
C ASP C 1044 18.87 37.20 15.61
N LYS C 1045 19.26 38.48 15.66
CA LYS C 1045 19.96 39.05 14.51
C LYS C 1045 21.25 38.27 14.24
N GLY C 1046 21.37 37.74 13.02
CA GLY C 1046 22.54 36.94 12.63
C GLY C 1046 22.62 35.54 13.22
N LYS C 1047 21.57 35.14 13.94
CA LYS C 1047 21.52 33.82 14.55
C LYS C 1047 20.33 33.01 14.04
N ARG C 1048 20.63 31.86 13.43
CA ARG C 1048 19.57 31.00 12.91
C ARG C 1048 19.90 29.52 13.02
N LEU C 1049 18.84 28.71 13.00
CA LEU C 1049 18.96 27.26 13.01
C LEU C 1049 18.71 26.71 11.62
N ILE C 1050 19.69 26.00 11.06
CA ILE C 1050 19.50 25.34 9.77
C ILE C 1050 19.27 23.85 10.00
N ILE C 1051 18.00 23.44 9.94
CA ILE C 1051 17.62 22.04 10.15
C ILE C 1051 17.26 21.37 8.84
N LYS C 1052 17.91 20.26 8.54
CA LYS C 1052 17.51 19.42 7.40
C LYS C 1052 17.06 18.06 7.90
N LEU C 1053 15.88 17.64 7.47
CA LEU C 1053 15.38 16.31 7.78
C LEU C 1053 15.76 15.39 6.64
N GLU C 1054 16.52 14.36 6.96
CA GLU C 1054 17.01 13.43 5.94
C GLU C 1054 15.95 12.36 5.70
N THR C 1055 15.75 11.45 6.66
CA THR C 1055 14.65 10.48 6.63
C THR C 1055 14.15 10.15 8.02
N ILE C 1056 13.05 9.42 8.06
CA ILE C 1056 12.52 8.84 9.28
C ILE C 1056 12.57 7.33 9.11
N SER C 1057 13.01 6.63 10.15
CA SER C 1057 13.06 5.18 10.10
C SER C 1057 11.70 4.57 10.41
N GLU C 1058 11.60 3.26 10.20
CA GLU C 1058 10.44 2.48 10.63
C GLU C 1058 10.39 2.51 12.16
N PRO C 1059 9.20 2.38 12.73
CA PRO C 1059 9.09 2.23 14.19
C PRO C 1059 9.82 0.95 14.59
N ASP C 1060 10.76 1.08 15.51
CA ASP C 1060 11.45 -0.09 16.04
C ASP C 1060 10.52 -0.82 17.01
N GLU C 1061 10.98 -1.95 17.55
CA GLU C 1061 10.18 -2.80 18.44
C GLU C 1061 9.72 -2.13 19.76
N ASN C 1062 9.54 -0.81 19.71
CA ASN C 1062 9.05 -0.01 20.82
C ASN C 1062 8.11 1.08 20.29
N GLY C 1063 7.95 1.14 18.97
CA GLY C 1063 7.21 2.20 18.32
C GLY C 1063 8.00 3.49 18.26
N ASN C 1064 9.30 3.39 18.50
CA ASN C 1064 10.21 4.52 18.39
C ASN C 1064 10.85 4.58 17.00
N ARG C 1065 10.48 5.62 16.25
CA ARG C 1065 11.09 5.89 14.95
C ARG C 1065 12.32 6.75 15.14
N THR C 1066 13.29 6.59 14.26
CA THR C 1066 14.49 7.41 14.28
C THR C 1066 14.41 8.45 13.18
N ILE C 1067 14.51 9.72 13.56
CA ILE C 1067 14.63 10.79 12.59
C ILE C 1067 16.09 11.18 12.42
N TYR C 1068 16.56 11.10 11.19
CA TYR C 1068 17.90 11.53 10.84
C TYR C 1068 17.85 12.98 10.44
N TYR C 1069 18.52 13.81 11.22
CA TYR C 1069 18.55 15.25 11.01
C TYR C 1069 19.96 15.71 10.62
N ALA C 1070 20.03 16.95 10.19
CA ALA C 1070 21.30 17.68 10.05
C ALA C 1070 21.05 19.09 10.54
N MET C 1071 21.61 19.43 11.69
CA MET C 1071 21.40 20.75 12.28
C MET C 1071 22.69 21.53 12.27
N ASN C 1072 22.68 22.68 11.59
CA ASN C 1072 23.87 23.52 11.46
C ASN C 1072 25.11 22.69 11.12
N GLY C 1073 25.02 21.92 10.04
CA GLY C 1073 26.12 21.10 9.56
C GLY C 1073 26.57 20.07 10.56
N GLN C 1074 25.62 19.33 11.12
CA GLN C 1074 25.93 18.34 12.15
C GLN C 1074 24.91 17.20 12.20
N ALA C 1075 25.41 15.99 11.94
CA ALA C 1075 24.61 14.77 12.01
C ALA C 1075 23.95 14.66 13.37
N ARG C 1076 22.67 14.32 13.37
CA ARG C 1076 21.89 14.30 14.59
C ARG C 1076 20.77 13.28 14.49
N ARG C 1077 20.49 12.61 15.61
CA ARG C 1077 19.45 11.58 15.66
C ARG C 1077 18.47 11.86 16.79
N ILE C 1078 17.19 11.75 16.47
CA ILE C 1078 16.12 12.01 17.42
C ILE C 1078 15.14 10.86 17.32
N TYR C 1079 14.80 10.30 18.48
CA TYR C 1079 13.91 9.16 18.53
C TYR C 1079 12.55 9.61 19.05
N ILE C 1080 11.50 9.33 18.27
CA ILE C 1080 10.15 9.79 18.58
C ILE C 1080 9.21 8.60 18.74
N LYS C 1081 8.40 8.65 19.79
CA LYS C 1081 7.32 7.70 20.01
C LYS C 1081 6.26 7.91 18.95
N ASP C 1082 6.03 6.89 18.13
CA ASP C 1082 4.97 6.94 17.14
C ASP C 1082 3.65 6.63 17.83
N GLU C 1083 2.73 7.58 17.82
CA GLU C 1083 1.42 7.41 18.44
C GLU C 1083 0.38 6.77 17.53
N ASN C 1084 0.66 6.79 16.23
CA ASN C 1084 -0.31 6.36 15.20
C ASN C 1084 -0.76 4.90 15.29
N THR C 1131 -3.55 -16.85 21.52
CA THR C 1131 -3.55 -16.29 20.13
C THR C 1131 -4.58 -16.95 19.21
N GLU C 1132 -4.46 -16.67 17.92
CA GLU C 1132 -5.26 -17.30 16.87
C GLU C 1132 -4.46 -17.37 15.56
N ALA C 1133 -4.27 -18.59 15.06
CA ALA C 1133 -3.53 -18.83 13.83
C ALA C 1133 -4.46 -18.73 12.62
N MET C 1134 -4.62 -19.85 11.92
CA MET C 1134 -5.49 -19.92 10.75
C MET C 1134 -6.81 -20.56 11.16
N LYS C 1135 -7.68 -19.71 11.72
CA LYS C 1135 -8.97 -20.11 12.32
C LYS C 1135 -8.86 -21.09 13.49
N MET C 1136 -7.64 -21.25 14.00
CA MET C 1136 -7.35 -22.13 15.13
C MET C 1136 -6.84 -21.36 16.35
N GLU C 1137 -7.54 -21.51 17.47
CA GLU C 1137 -7.16 -20.89 18.74
C GLU C 1137 -6.53 -21.93 19.67
N THR C 1138 -5.38 -21.59 20.24
CA THR C 1138 -4.72 -22.43 21.24
C THR C 1138 -4.22 -21.60 22.42
N GLN D 26 -62.03 4.84 -29.83
CA GLN D 26 -61.38 6.16 -29.60
C GLN D 26 -60.25 6.14 -28.54
N ILE D 27 -60.35 5.24 -27.56
CA ILE D 27 -59.43 5.16 -26.40
C ILE D 27 -57.97 5.31 -26.80
N LYS D 28 -57.28 6.27 -26.17
CA LYS D 28 -55.86 6.52 -26.45
C LYS D 28 -54.89 6.32 -25.29
N LYS D 29 -55.31 6.68 -24.07
CA LYS D 29 -54.48 6.50 -22.89
C LYS D 29 -55.25 5.79 -21.78
N LEU D 30 -54.83 4.56 -21.47
CA LEU D 30 -55.53 3.72 -20.51
C LEU D 30 -54.78 3.65 -19.19
N LEU D 31 -55.48 3.87 -18.08
CA LEU D 31 -54.90 3.67 -16.76
C LEU D 31 -55.46 2.39 -16.13
N VAL D 32 -54.59 1.62 -15.49
CA VAL D 32 -55.01 0.43 -14.76
C VAL D 32 -55.02 0.68 -13.26
N ALA D 33 -56.21 0.62 -12.67
CA ALA D 33 -56.34 0.76 -11.22
C ALA D 33 -56.11 -0.60 -10.57
N ASN D 34 -54.89 -1.09 -10.66
CA ASN D 34 -54.52 -2.41 -10.14
C ASN D 34 -53.00 -2.63 -10.13
N ARG D 35 -52.61 -3.84 -9.77
CA ARG D 35 -51.22 -4.21 -9.56
C ARG D 35 -51.04 -5.66 -10.03
N GLY D 36 -49.80 -6.16 -10.00
CA GLY D 36 -49.52 -7.57 -10.26
C GLY D 36 -49.89 -8.08 -11.65
N GLU D 37 -50.13 -9.38 -11.75
CA GLU D 37 -50.34 -10.04 -13.04
C GLU D 37 -51.38 -9.35 -13.92
N ILE D 38 -52.53 -8.98 -13.34
CA ILE D 38 -53.62 -8.39 -14.13
C ILE D 38 -53.26 -7.03 -14.73
N ALA D 39 -52.52 -6.20 -14.00
CA ALA D 39 -52.08 -4.92 -14.54
C ALA D 39 -51.21 -5.16 -15.78
N ILE D 40 -50.20 -6.02 -15.63
CA ILE D 40 -49.32 -6.41 -16.74
C ILE D 40 -50.13 -7.00 -17.88
N ARG D 41 -51.11 -7.83 -17.55
CA ARG D 41 -52.01 -8.42 -18.54
C ARG D 41 -52.75 -7.35 -19.35
N ILE D 42 -53.37 -6.40 -18.65
CA ILE D 42 -54.07 -5.30 -19.33
C ILE D 42 -53.09 -4.43 -20.14
N PHE D 43 -51.91 -4.20 -19.59
CA PHE D 43 -50.91 -3.37 -20.25
C PHE D 43 -50.52 -3.91 -21.62
N ARG D 44 -50.19 -5.20 -21.67
CA ARG D 44 -49.85 -5.88 -22.93
C ARG D 44 -50.97 -5.73 -23.96
N ALA D 45 -52.22 -5.95 -23.53
CA ALA D 45 -53.35 -5.88 -24.43
C ALA D 45 -53.47 -4.46 -25.02
N ALA D 46 -53.59 -3.48 -24.11
CA ALA D 46 -53.59 -2.07 -24.47
C ALA D 46 -52.44 -1.71 -25.41
N ALA D 47 -51.25 -2.22 -25.10
CA ALA D 47 -50.07 -1.99 -25.93
C ALA D 47 -50.28 -2.53 -27.35
N GLU D 48 -50.81 -3.74 -27.45
CA GLU D 48 -51.09 -4.37 -28.74
C GLU D 48 -52.09 -3.57 -29.58
N LEU D 49 -52.86 -2.71 -28.91
CA LEU D 49 -53.87 -1.89 -29.57
C LEU D 49 -53.38 -0.46 -29.82
N ASP D 50 -52.09 -0.24 -29.60
CA ASP D 50 -51.45 1.09 -29.70
C ASP D 50 -52.01 2.11 -28.70
N ILE D 51 -52.43 1.60 -27.55
CA ILE D 51 -52.95 2.44 -26.47
C ILE D 51 -51.82 2.68 -25.47
N SER D 52 -51.66 3.94 -25.08
CA SER D 52 -50.69 4.29 -24.04
C SER D 52 -51.14 3.79 -22.67
N THR D 53 -50.21 3.21 -21.93
CA THR D 53 -50.51 2.66 -20.61
C THR D 53 -50.02 3.55 -19.47
N VAL D 54 -50.86 3.72 -18.45
CA VAL D 54 -50.44 4.37 -17.23
C VAL D 54 -50.63 3.40 -16.05
N ALA D 55 -49.59 3.24 -15.25
CA ALA D 55 -49.59 2.36 -14.09
C ALA D 55 -49.72 3.16 -12.82
N ILE D 56 -50.40 2.61 -11.82
CA ILE D 56 -50.39 3.18 -10.48
C ILE D 56 -49.78 2.22 -9.47
N TYR D 57 -49.05 2.76 -8.49
CA TYR D 57 -48.41 1.95 -7.46
C TYR D 57 -48.43 2.59 -6.09
N SER D 58 -48.34 1.75 -5.06
CA SER D 58 -48.22 2.18 -3.68
C SER D 58 -46.74 2.29 -3.30
N ASN D 59 -46.47 2.83 -2.12
CA ASN D 59 -45.10 2.86 -1.58
C ASN D 59 -44.44 1.48 -1.47
N GLU D 60 -45.22 0.48 -1.08
CA GLU D 60 -44.72 -0.88 -0.92
C GLU D 60 -44.62 -1.57 -2.27
N ASP D 61 -45.24 -0.97 -3.29
CA ASP D 61 -45.12 -1.46 -4.66
C ASP D 61 -44.10 -0.65 -5.50
N LYS D 62 -43.32 0.22 -4.85
CA LYS D 62 -42.25 0.98 -5.49
C LYS D 62 -41.41 0.14 -6.47
N SER D 63 -41.24 -1.14 -6.15
CA SER D 63 -40.42 -2.04 -6.95
C SER D 63 -41.18 -3.23 -7.54
N SER D 64 -42.52 -3.13 -7.56
CA SER D 64 -43.38 -4.14 -8.17
C SER D 64 -43.21 -4.16 -9.68
N LEU D 65 -43.21 -5.34 -10.28
CA LEU D 65 -42.94 -5.47 -11.71
C LEU D 65 -43.94 -4.70 -12.59
N HIS D 66 -45.20 -4.65 -12.18
CA HIS D 66 -46.23 -3.99 -12.97
C HIS D 66 -45.95 -2.48 -13.16
N ARG D 67 -45.32 -1.90 -12.15
CA ARG D 67 -44.95 -0.49 -12.13
C ARG D 67 -44.14 -0.11 -13.37
N TYR D 68 -43.13 -0.91 -13.68
CA TYR D 68 -42.22 -0.68 -14.81
C TYR D 68 -42.75 -1.13 -16.17
N LYS D 69 -43.91 -1.78 -16.20
CA LYS D 69 -44.41 -2.38 -17.44
C LYS D 69 -45.31 -1.45 -18.27
N ALA D 70 -45.56 -0.25 -17.76
CA ALA D 70 -46.39 0.71 -18.47
C ALA D 70 -45.55 1.87 -19.01
N ASP D 71 -46.11 2.60 -19.97
CA ASP D 71 -45.47 3.78 -20.50
C ASP D 71 -45.21 4.79 -19.38
N GLU D 72 -46.14 4.85 -18.42
CA GLU D 72 -46.09 5.82 -17.33
C GLU D 72 -46.49 5.20 -15.99
N SER D 73 -45.97 5.74 -14.90
CA SER D 73 -46.29 5.26 -13.56
C SER D 73 -46.27 6.39 -12.54
N TYR D 74 -47.26 6.39 -11.65
CA TYR D 74 -47.38 7.44 -10.64
C TYR D 74 -47.65 6.82 -9.28
N LEU D 75 -47.02 7.38 -8.24
CA LEU D 75 -47.26 6.96 -6.87
C LEU D 75 -48.58 7.52 -6.39
N VAL D 76 -49.57 6.64 -6.26
CA VAL D 76 -50.85 7.04 -5.68
C VAL D 76 -50.69 7.16 -4.15
N GLY D 77 -50.83 8.40 -3.68
CA GLY D 77 -50.78 8.73 -2.26
C GLY D 77 -49.41 8.59 -1.62
N SER D 78 -48.75 9.73 -1.38
CA SER D 78 -47.47 9.78 -0.68
C SER D 78 -47.59 9.23 0.74
N ASP D 79 -48.67 9.62 1.41
CA ASP D 79 -48.95 9.23 2.80
C ASP D 79 -49.76 7.93 2.90
N LEU D 80 -50.49 7.60 1.83
CA LEU D 80 -51.41 6.47 1.79
C LEU D 80 -50.84 5.16 2.35
N GLY D 81 -51.69 4.40 3.01
CA GLY D 81 -51.31 3.12 3.63
C GLY D 81 -51.16 1.95 2.66
N PRO D 82 -51.74 0.80 3.04
CA PRO D 82 -51.39 -0.48 2.42
C PRO D 82 -52.20 -0.80 1.17
N ALA D 83 -53.36 -1.43 1.35
CA ALA D 83 -54.27 -1.76 0.26
C ALA D 83 -55.24 -0.62 -0.04
N GLU D 84 -55.18 0.44 0.76
CA GLU D 84 -56.02 1.62 0.53
C GLU D 84 -55.47 2.49 -0.62
N SER D 85 -54.25 2.20 -1.04
CA SER D 85 -53.62 2.93 -2.15
C SER D 85 -54.32 2.64 -3.48
N TYR D 86 -54.83 1.42 -3.62
CA TYR D 86 -55.53 1.00 -4.83
C TYR D 86 -57.05 1.08 -4.65
N LEU D 87 -57.46 1.65 -3.53
CA LEU D 87 -58.88 1.85 -3.21
C LEU D 87 -59.29 3.34 -3.16
N ASN D 88 -58.30 4.23 -3.26
CA ASN D 88 -58.51 5.67 -3.17
C ASN D 88 -59.05 6.31 -4.45
N ILE D 89 -60.37 6.34 -4.56
CA ILE D 89 -61.08 6.84 -5.74
C ILE D 89 -60.58 8.21 -6.21
N GLU D 90 -60.46 9.16 -5.29
CA GLU D 90 -60.11 10.53 -5.65
C GLU D 90 -58.65 10.71 -6.07
N ARG D 91 -57.73 10.04 -5.38
CA ARG D 91 -56.32 10.06 -5.74
C ARG D 91 -56.02 9.34 -7.05
N ILE D 92 -56.81 8.30 -7.35
CA ILE D 92 -56.67 7.56 -8.61
C ILE D 92 -57.15 8.42 -9.78
N ILE D 93 -58.35 8.97 -9.68
CA ILE D 93 -58.91 9.88 -10.67
C ILE D 93 -58.06 11.15 -10.83
N ASP D 94 -57.50 11.64 -9.72
CA ASP D 94 -56.51 12.73 -9.76
C ASP D 94 -55.38 12.39 -10.73
N VAL D 95 -54.77 11.23 -10.56
CA VAL D 95 -53.66 10.80 -11.40
C VAL D 95 -54.09 10.70 -12.86
N ALA D 96 -55.25 10.08 -13.09
CA ALA D 96 -55.79 9.90 -14.44
C ALA D 96 -56.08 11.23 -15.13
N LYS D 97 -56.59 12.19 -14.36
CA LYS D 97 -56.85 13.54 -14.83
C LYS D 97 -55.56 14.22 -15.31
N GLN D 98 -54.58 14.27 -14.41
CA GLN D 98 -53.31 14.95 -14.67
C GLN D 98 -52.48 14.32 -15.78
N ALA D 99 -52.87 13.12 -16.20
CA ALA D 99 -52.10 12.38 -17.21
C ALA D 99 -52.83 12.21 -18.55
N ASN D 100 -54.02 12.80 -18.65
CA ASN D 100 -54.85 12.74 -19.87
C ASN D 100 -55.29 11.33 -20.27
N VAL D 101 -55.87 10.63 -19.29
CA VAL D 101 -56.36 9.27 -19.46
C VAL D 101 -57.79 9.27 -19.99
N ASP D 102 -58.02 8.45 -21.02
CA ASP D 102 -59.36 8.23 -21.58
C ASP D 102 -60.15 7.21 -20.76
N ALA D 103 -59.53 6.08 -20.45
CA ALA D 103 -60.23 4.97 -19.83
C ALA D 103 -59.43 4.33 -18.69
N ILE D 104 -60.15 3.79 -17.72
CA ILE D 104 -59.54 3.09 -16.60
C ILE D 104 -60.04 1.65 -16.51
N HIS D 105 -59.11 0.72 -16.65
CA HIS D 105 -59.41 -0.68 -16.42
C HIS D 105 -59.19 -1.01 -14.95
N PRO D 106 -60.23 -1.50 -14.28
CA PRO D 106 -60.14 -1.81 -12.85
C PRO D 106 -59.66 -3.23 -12.58
N GLY D 107 -59.56 -4.05 -13.63
CA GLY D 107 -59.20 -5.45 -13.50
C GLY D 107 -60.17 -6.19 -12.62
N TYR D 108 -59.65 -6.79 -11.56
CA TYR D 108 -60.45 -7.51 -10.59
C TYR D 108 -60.00 -7.22 -9.17
N GLY D 109 -60.94 -7.27 -8.25
CA GLY D 109 -60.69 -7.32 -6.81
C GLY D 109 -60.08 -6.10 -6.14
N PHE D 110 -60.51 -4.91 -6.57
CA PHE D 110 -60.15 -3.68 -5.84
C PHE D 110 -61.30 -2.71 -5.95
N LEU D 111 -61.25 -1.82 -6.95
CA LEU D 111 -62.36 -0.92 -7.22
C LEU D 111 -63.22 -1.42 -8.37
N SER D 112 -63.00 -2.68 -8.74
CA SER D 112 -63.63 -3.31 -9.91
C SER D 112 -65.15 -3.43 -9.81
N GLU D 113 -65.64 -3.68 -8.59
CA GLU D 113 -67.08 -3.79 -8.34
C GLU D 113 -67.67 -2.57 -7.61
N ASN D 114 -66.92 -1.47 -7.59
CA ASN D 114 -67.32 -0.26 -6.89
C ASN D 114 -68.09 0.74 -7.76
N GLU D 115 -69.34 0.99 -7.39
CA GLU D 115 -70.23 1.86 -8.16
C GLU D 115 -69.81 3.33 -8.12
N GLN D 116 -69.33 3.79 -6.97
CA GLN D 116 -68.88 5.17 -6.80
C GLN D 116 -67.74 5.51 -7.75
N PHE D 117 -66.77 4.60 -7.83
CA PHE D 117 -65.61 4.77 -8.68
C PHE D 117 -66.01 4.87 -10.14
N ALA D 118 -66.92 3.99 -10.57
CA ALA D 118 -67.45 4.01 -11.93
C ALA D 118 -68.18 5.32 -12.22
N ARG D 119 -68.93 5.81 -11.24
CA ARG D 119 -69.66 7.08 -11.34
C ARG D 119 -68.70 8.23 -11.58
N ARG D 120 -67.72 8.38 -10.68
CA ARG D 120 -66.75 9.47 -10.74
C ARG D 120 -66.00 9.49 -12.07
N CYS D 121 -65.67 8.31 -12.59
CA CYS D 121 -65.08 8.18 -13.93
C CYS D 121 -65.96 8.84 -14.99
N ALA D 122 -67.24 8.48 -15.03
CA ALA D 122 -68.18 9.08 -15.96
C ALA D 122 -68.23 10.61 -15.79
N GLU D 123 -68.32 11.07 -14.54
CA GLU D 123 -68.42 12.49 -14.20
C GLU D 123 -67.19 13.30 -14.63
N GLU D 124 -66.09 12.60 -14.86
CA GLU D 124 -64.85 13.23 -15.32
C GLU D 124 -64.55 12.92 -16.78
N GLY D 125 -65.43 12.13 -17.40
CA GLY D 125 -65.29 11.77 -18.81
C GLY D 125 -64.22 10.73 -19.07
N ILE D 126 -64.04 9.83 -18.11
CA ILE D 126 -63.16 8.67 -18.26
C ILE D 126 -64.03 7.42 -18.41
N LYS D 127 -63.84 6.69 -19.50
CA LYS D 127 -64.61 5.46 -19.73
C LYS D 127 -64.20 4.41 -18.72
N PHE D 128 -65.15 4.00 -17.88
CA PHE D 128 -64.94 2.88 -16.98
C PHE D 128 -65.05 1.60 -17.80
N ILE D 129 -63.93 0.88 -17.94
CA ILE D 129 -63.91 -0.35 -18.72
C ILE D 129 -64.62 -1.46 -17.93
N GLY D 130 -65.89 -1.68 -18.28
CA GLY D 130 -66.78 -2.58 -17.57
C GLY D 130 -68.23 -2.29 -17.89
N PRO D 131 -69.13 -2.90 -17.13
CA PRO D 131 -70.58 -2.72 -17.33
C PRO D 131 -71.08 -1.35 -16.87
N HIS D 132 -72.33 -1.02 -17.20
CA HIS D 132 -72.93 0.27 -16.82
C HIS D 132 -73.13 0.37 -15.32
N LEU D 133 -73.36 1.60 -14.86
CA LEU D 133 -73.58 1.88 -13.45
C LEU D 133 -74.68 1.00 -12.87
N GLU D 134 -75.77 0.84 -13.63
CA GLU D 134 -76.93 0.07 -13.17
C GLU D 134 -76.70 -1.45 -13.14
N HIS D 135 -75.59 -1.91 -13.72
CA HIS D 135 -75.21 -3.33 -13.65
C HIS D 135 -74.47 -3.66 -12.35
N LEU D 136 -73.60 -2.75 -11.91
CA LEU D 136 -72.85 -2.92 -10.67
C LEU D 136 -73.75 -2.82 -9.44
N ASP D 137 -74.80 -2.01 -9.56
CA ASP D 137 -75.82 -1.89 -8.52
C ASP D 137 -76.67 -3.16 -8.46
N MET D 138 -77.23 -3.52 -9.62
CA MET D 138 -78.00 -4.75 -9.83
C MET D 138 -77.44 -5.96 -9.09
N PHE D 139 -76.14 -6.22 -9.28
CA PHE D 139 -75.49 -7.41 -8.74
C PHE D 139 -74.57 -7.12 -7.56
N GLY D 140 -74.63 -5.91 -7.03
CA GLY D 140 -73.79 -5.49 -5.92
C GLY D 140 -74.31 -5.93 -4.57
N ASP D 141 -75.59 -6.30 -4.55
CA ASP D 141 -76.27 -6.72 -3.33
C ASP D 141 -76.96 -8.06 -3.61
N LYS D 142 -76.62 -9.08 -2.81
CA LYS D 142 -77.20 -10.42 -2.95
C LYS D 142 -78.74 -10.40 -2.98
N VAL D 143 -79.33 -9.37 -2.40
CA VAL D 143 -80.78 -9.16 -2.40
C VAL D 143 -81.27 -8.66 -3.77
N LYS D 144 -80.62 -7.61 -4.27
CA LYS D 144 -80.98 -6.99 -5.55
C LYS D 144 -80.72 -7.91 -6.75
N ALA D 145 -79.64 -8.68 -6.67
CA ALA D 145 -79.28 -9.65 -7.72
C ALA D 145 -80.34 -10.75 -7.86
N ARG D 146 -80.91 -11.16 -6.73
CA ARG D 146 -81.99 -12.15 -6.69
C ARG D 146 -83.22 -11.68 -7.47
N THR D 147 -83.60 -10.42 -7.25
CA THR D 147 -84.82 -9.84 -7.84
C THR D 147 -84.78 -9.85 -9.37
N THR D 148 -83.68 -9.38 -9.94
CA THR D 148 -83.51 -9.32 -11.40
C THR D 148 -83.41 -10.71 -12.02
N ALA D 149 -82.93 -11.67 -11.22
CA ALA D 149 -82.88 -13.08 -11.60
C ALA D 149 -84.28 -13.68 -11.77
N ILE D 150 -85.24 -13.18 -11.00
CA ILE D 150 -86.65 -13.56 -11.16
C ILE D 150 -87.24 -12.96 -12.43
N LYS D 151 -86.98 -11.67 -12.67
CA LYS D 151 -87.51 -10.95 -13.84
C LYS D 151 -87.05 -11.57 -15.16
N ALA D 152 -85.86 -12.16 -15.14
CA ALA D 152 -85.30 -12.85 -16.31
C ALA D 152 -85.79 -14.30 -16.37
N ASP D 153 -86.34 -14.79 -15.27
CA ASP D 153 -86.99 -16.10 -15.19
C ASP D 153 -85.97 -17.25 -15.16
N LEU D 154 -85.08 -17.22 -14.16
CA LEU D 154 -84.03 -18.23 -13.99
C LEU D 154 -84.14 -18.93 -12.64
N PRO D 155 -83.83 -20.23 -12.59
CA PRO D 155 -83.92 -21.00 -11.34
C PRO D 155 -82.99 -20.49 -10.24
N VAL D 156 -83.54 -20.32 -9.03
CA VAL D 156 -82.78 -19.79 -7.90
C VAL D 156 -82.88 -20.71 -6.68
N ILE D 157 -82.10 -20.41 -5.64
CA ILE D 157 -82.16 -21.11 -4.36
C ILE D 157 -83.41 -20.68 -3.61
N PRO D 158 -84.32 -21.62 -3.32
CA PRO D 158 -85.56 -21.29 -2.61
C PRO D 158 -85.43 -21.45 -1.10
N ILE D 229 -77.83 -27.47 -0.45
CA ILE D 229 -77.67 -28.03 -1.80
C ILE D 229 -76.81 -29.30 -1.81
N ASP D 230 -77.44 -30.39 -2.22
CA ASP D 230 -76.89 -31.76 -2.10
C ASP D 230 -75.74 -32.05 -3.07
N ASN D 231 -74.52 -32.13 -2.52
CA ASN D 231 -73.28 -32.42 -3.28
C ASN D 231 -73.04 -31.53 -4.51
N PRO D 232 -72.66 -30.27 -4.28
CA PRO D 232 -72.66 -29.26 -5.34
C PRO D 232 -71.40 -29.18 -6.21
N LYS D 233 -71.63 -28.99 -7.52
CA LYS D 233 -70.60 -28.67 -8.49
C LYS D 233 -70.70 -27.17 -8.78
N HIS D 234 -69.56 -26.48 -8.90
CA HIS D 234 -69.56 -25.04 -9.10
C HIS D 234 -69.24 -24.68 -10.56
N ILE D 235 -70.27 -24.32 -11.32
CA ILE D 235 -70.11 -23.99 -12.74
C ILE D 235 -70.50 -22.54 -13.01
N GLU D 236 -69.66 -21.83 -13.75
CA GLU D 236 -69.93 -20.43 -14.12
C GLU D 236 -69.64 -20.12 -15.59
N VAL D 237 -70.48 -19.26 -16.17
CA VAL D 237 -70.44 -18.97 -17.59
C VAL D 237 -69.85 -17.58 -17.85
N GLN D 238 -68.92 -17.51 -18.79
CA GLN D 238 -68.34 -16.25 -19.24
C GLN D 238 -69.20 -15.64 -20.34
N VAL D 239 -69.49 -14.34 -20.22
CA VAL D 239 -70.20 -13.61 -21.27
C VAL D 239 -69.53 -12.28 -21.63
N ILE D 240 -69.69 -11.87 -22.88
CA ILE D 240 -69.26 -10.55 -23.35
C ILE D 240 -70.37 -9.87 -24.15
N GLY D 241 -70.68 -8.63 -23.77
CA GLY D 241 -71.67 -7.82 -24.49
C GLY D 241 -71.09 -6.46 -24.82
N ASP D 242 -71.44 -5.92 -25.99
CA ASP D 242 -70.99 -4.59 -26.38
C ASP D 242 -72.07 -3.53 -26.21
N GLU D 243 -71.71 -2.27 -26.34
CA GLU D 243 -72.66 -1.15 -26.26
C GLU D 243 -73.55 -1.06 -27.50
N HIS D 244 -73.88 -2.23 -28.07
CA HIS D 244 -74.73 -2.32 -29.25
C HIS D 244 -75.73 -3.50 -29.19
N GLY D 245 -75.84 -4.13 -28.03
CA GLY D 245 -76.86 -5.17 -27.82
C GLY D 245 -76.50 -6.59 -28.19
N ASN D 246 -75.31 -6.78 -28.78
CA ASN D 246 -74.81 -8.13 -29.11
C ASN D 246 -74.21 -8.79 -27.88
N ILE D 247 -74.71 -9.97 -27.53
CA ILE D 247 -74.17 -10.71 -26.40
C ILE D 247 -73.88 -12.17 -26.77
N VAL D 248 -72.68 -12.64 -26.44
CA VAL D 248 -72.29 -14.05 -26.59
C VAL D 248 -71.75 -14.61 -25.27
N HIS D 249 -71.77 -15.93 -25.15
CA HIS D 249 -71.12 -16.59 -24.03
C HIS D 249 -69.89 -17.34 -24.52
N LEU D 250 -68.84 -17.37 -23.69
CA LEU D 250 -67.63 -18.11 -24.02
C LEU D 250 -67.56 -19.46 -23.29
N PHE D 251 -68.73 -20.05 -23.10
CA PHE D 251 -68.90 -21.33 -22.40
C PHE D 251 -68.58 -21.24 -20.91
N GLU D 252 -68.23 -22.36 -20.31
CA GLU D 252 -68.15 -22.44 -18.85
C GLU D 252 -66.79 -22.86 -18.29
N ARG D 253 -66.65 -22.67 -16.97
CA ARG D 253 -65.47 -23.05 -16.22
C ARG D 253 -65.92 -23.76 -14.96
N ASP D 254 -65.38 -24.96 -14.73
CA ASP D 254 -65.67 -25.75 -13.54
C ASP D 254 -64.82 -25.22 -12.38
N CYS D 255 -65.47 -24.48 -11.49
CA CYS D 255 -64.79 -23.85 -10.36
C CYS D 255 -65.00 -24.62 -9.06
N SER D 256 -65.18 -25.94 -9.17
CA SER D 256 -65.52 -26.76 -8.01
C SER D 256 -64.37 -27.03 -7.04
N VAL D 257 -63.14 -27.03 -7.51
CA VAL D 257 -62.01 -27.29 -6.63
C VAL D 257 -61.70 -26.05 -5.80
N GLN D 258 -62.28 -26.01 -4.59
CA GLN D 258 -62.07 -24.92 -3.63
C GLN D 258 -61.98 -25.47 -2.20
N ARG D 259 -61.05 -24.95 -1.40
CA ARG D 259 -60.83 -25.51 -0.05
C ARG D 259 -61.91 -25.09 0.95
N ARG D 260 -62.02 -23.80 1.24
CA ARG D 260 -63.06 -23.33 2.13
C ARG D 260 -64.07 -22.53 1.31
N HIS D 261 -63.76 -21.25 1.08
CA HIS D 261 -64.51 -20.43 0.13
C HIS D 261 -63.60 -20.15 -1.06
N GLN D 262 -62.30 -20.07 -0.78
CA GLN D 262 -61.28 -19.78 -1.77
C GLN D 262 -61.21 -20.83 -2.88
N LYS D 263 -61.35 -20.39 -4.13
CA LYS D 263 -61.10 -21.23 -5.30
C LYS D 263 -59.62 -21.62 -5.39
N VAL D 264 -59.36 -22.88 -5.76
CA VAL D 264 -57.99 -23.41 -5.82
C VAL D 264 -57.63 -23.86 -7.25
N VAL D 265 -58.54 -24.59 -7.89
CA VAL D 265 -58.30 -25.10 -9.24
C VAL D 265 -59.56 -24.95 -10.11
N GLU D 266 -59.37 -24.40 -11.31
CA GLU D 266 -60.46 -24.28 -12.29
C GLU D 266 -60.15 -25.07 -13.55
N VAL D 267 -61.21 -25.57 -14.19
CA VAL D 267 -61.09 -26.30 -15.46
C VAL D 267 -62.12 -25.77 -16.45
N ALA D 268 -61.73 -25.63 -17.72
CA ALA D 268 -62.66 -25.25 -18.79
C ALA D 268 -62.39 -26.05 -20.05
N PRO D 269 -63.43 -26.58 -20.68
CA PRO D 269 -64.78 -26.60 -20.10
C PRO D 269 -64.92 -27.75 -19.10
N SER D 270 -66.05 -27.81 -18.40
CA SER D 270 -66.31 -28.85 -17.42
C SER D 270 -66.17 -30.25 -18.00
N VAL D 271 -65.50 -31.14 -17.27
CA VAL D 271 -65.33 -32.53 -17.68
C VAL D 271 -66.44 -33.39 -17.07
N GLY D 272 -67.02 -34.28 -17.87
CA GLY D 272 -68.04 -35.22 -17.39
C GLY D 272 -69.46 -34.68 -17.32
N LEU D 273 -69.58 -33.38 -17.05
CA LEU D 273 -70.87 -32.68 -17.01
C LEU D 273 -71.58 -32.78 -18.37
N SER D 274 -72.80 -33.28 -18.35
CA SER D 274 -73.56 -33.63 -19.56
C SER D 274 -73.80 -32.45 -20.53
N PRO D 275 -73.80 -32.74 -21.84
CA PRO D 275 -74.12 -31.74 -22.87
C PRO D 275 -75.44 -30.98 -22.68
N THR D 276 -76.47 -31.66 -22.18
CA THR D 276 -77.78 -31.01 -21.96
C THR D 276 -77.72 -30.05 -20.79
N LEU D 277 -76.91 -30.37 -19.78
CA LEU D 277 -76.68 -29.45 -18.67
C LEU D 277 -75.97 -28.19 -19.17
N ARG D 278 -74.75 -28.36 -19.68
CA ARG D 278 -73.96 -27.27 -20.25
C ARG D 278 -74.86 -26.27 -20.99
N GLN D 279 -75.61 -26.78 -21.96
CA GLN D 279 -76.44 -25.98 -22.83
C GLN D 279 -77.43 -25.12 -22.06
N ARG D 280 -78.16 -25.73 -21.14
CA ARG D 280 -79.17 -25.02 -20.36
C ARG D 280 -78.53 -23.99 -19.43
N ILE D 281 -77.41 -24.36 -18.82
CA ILE D 281 -76.66 -23.46 -17.92
C ILE D 281 -76.16 -22.23 -18.70
N CYS D 282 -75.55 -22.46 -19.87
CA CYS D 282 -75.12 -21.39 -20.75
C CYS D 282 -76.31 -20.56 -21.24
N ASP D 283 -77.36 -21.26 -21.68
CA ASP D 283 -78.58 -20.59 -22.16
C ASP D 283 -79.21 -19.72 -21.07
N ALA D 284 -79.17 -20.20 -19.83
CA ALA D 284 -79.69 -19.45 -18.68
C ALA D 284 -78.83 -18.21 -18.39
N ALA D 285 -77.51 -18.36 -18.53
CA ALA D 285 -76.60 -17.24 -18.36
C ALA D 285 -76.88 -16.13 -19.37
N ILE D 286 -77.16 -16.53 -20.63
CA ILE D 286 -77.51 -15.58 -21.67
C ILE D 286 -78.91 -15.00 -21.46
N GLN D 287 -79.88 -15.85 -21.13
CA GLN D 287 -81.21 -15.39 -20.72
C GLN D 287 -81.09 -14.13 -19.87
N LEU D 288 -80.28 -14.25 -18.82
CA LEU D 288 -80.13 -13.22 -17.80
C LEU D 288 -79.49 -11.94 -18.33
N MET D 289 -78.36 -12.08 -19.03
CA MET D 289 -77.59 -10.93 -19.49
C MET D 289 -78.21 -10.24 -20.72
N GLU D 290 -78.91 -11.02 -21.54
CA GLU D 290 -79.65 -10.50 -22.70
C GLU D 290 -80.79 -9.61 -22.23
N ASN D 291 -81.39 -9.97 -21.10
CA ASN D 291 -82.52 -9.28 -20.51
C ASN D 291 -82.14 -7.92 -19.92
N ILE D 292 -81.09 -7.90 -19.10
CA ILE D 292 -80.65 -6.70 -18.39
C ILE D 292 -79.78 -5.75 -19.24
N LYS D 293 -79.51 -6.16 -20.49
CA LYS D 293 -78.70 -5.38 -21.44
C LYS D 293 -77.28 -5.20 -20.91
N TYR D 294 -76.61 -6.31 -20.65
CA TYR D 294 -75.27 -6.29 -20.06
C TYR D 294 -74.21 -5.82 -21.05
N VAL D 295 -73.24 -5.08 -20.52
CA VAL D 295 -72.11 -4.58 -21.32
C VAL D 295 -70.80 -5.09 -20.72
N ASN D 296 -69.85 -5.40 -21.60
CA ASN D 296 -68.49 -5.84 -21.23
C ASN D 296 -68.46 -7.24 -20.62
N ALA D 297 -67.34 -7.61 -20.03
CA ALA D 297 -67.14 -8.95 -19.47
C ALA D 297 -67.89 -9.15 -18.17
N GLY D 298 -68.54 -10.30 -18.05
CA GLY D 298 -69.26 -10.68 -16.84
C GLY D 298 -69.30 -12.19 -16.69
N THR D 299 -69.49 -12.65 -15.46
CA THR D 299 -69.61 -14.07 -15.21
C THR D 299 -70.87 -14.36 -14.40
N VAL D 300 -71.63 -15.35 -14.87
CA VAL D 300 -72.81 -15.79 -14.16
C VAL D 300 -72.48 -17.10 -13.45
N GLU D 301 -72.54 -17.07 -12.12
CA GLU D 301 -72.20 -18.23 -11.28
C GLU D 301 -73.43 -19.08 -10.97
N PHE D 302 -73.34 -20.38 -11.24
CA PHE D 302 -74.43 -21.32 -10.97
C PHE D 302 -73.98 -22.42 -10.01
N LEU D 303 -74.94 -23.19 -9.51
CA LEU D 303 -74.66 -24.36 -8.67
C LEU D 303 -75.39 -25.56 -9.24
N VAL D 304 -74.73 -26.72 -9.25
CA VAL D 304 -75.29 -27.94 -9.87
C VAL D 304 -75.52 -29.10 -8.88
N SER D 305 -76.77 -29.56 -8.81
CA SER D 305 -77.16 -30.70 -7.97
C SER D 305 -76.86 -32.04 -8.64
N GLY D 306 -77.65 -32.35 -9.68
CA GLY D 306 -77.42 -33.54 -10.51
C GLY D 306 -77.73 -33.22 -11.96
N ASP D 307 -79.04 -33.17 -12.26
CA ASP D 307 -79.54 -32.81 -13.58
C ASP D 307 -80.11 -31.38 -13.54
N GLU D 308 -79.90 -30.71 -12.41
CA GLU D 308 -80.51 -29.40 -12.14
C GLU D 308 -79.45 -28.35 -11.76
N PHE D 309 -79.79 -27.08 -12.00
CA PHE D 309 -78.90 -25.95 -11.70
C PHE D 309 -79.62 -24.76 -11.08
N PHE D 310 -78.91 -24.03 -10.23
CA PHE D 310 -79.46 -22.87 -9.52
C PHE D 310 -78.52 -21.66 -9.61
N PHE D 311 -79.09 -20.50 -9.93
CA PHE D 311 -78.33 -19.25 -10.02
C PHE D 311 -77.85 -18.78 -8.64
N ILE D 312 -76.56 -18.45 -8.56
CA ILE D 312 -75.94 -17.96 -7.32
C ILE D 312 -75.69 -16.45 -7.38
N GLU D 313 -74.84 -16.04 -8.33
CA GLU D 313 -74.40 -14.64 -8.43
C GLU D 313 -73.80 -14.27 -9.80
N VAL D 314 -73.68 -12.97 -10.03
CA VAL D 314 -72.98 -12.43 -11.20
C VAL D 314 -71.73 -11.67 -10.78
N ASN D 315 -70.64 -11.92 -11.48
CA ASN D 315 -69.41 -11.15 -11.31
C ASN D 315 -69.26 -10.14 -12.45
N PRO D 316 -69.59 -8.88 -12.18
CA PRO D 316 -69.62 -7.81 -13.22
C PRO D 316 -68.24 -7.22 -13.57
N ARG D 317 -67.27 -8.10 -13.85
CA ARG D 317 -65.91 -7.74 -14.23
C ARG D 317 -65.16 -9.00 -14.65
N VAL D 318 -63.92 -8.86 -15.11
CA VAL D 318 -63.06 -10.01 -15.41
C VAL D 318 -62.75 -10.82 -14.15
N GLN D 319 -62.53 -12.12 -14.33
CA GLN D 319 -62.10 -12.98 -13.24
C GLN D 319 -60.64 -13.40 -13.45
N VAL D 320 -59.99 -13.78 -12.36
CA VAL D 320 -58.61 -14.29 -12.36
C VAL D 320 -58.49 -15.44 -13.36
N GLU D 321 -59.48 -16.32 -13.34
CA GLU D 321 -59.42 -17.54 -14.14
C GLU D 321 -59.84 -17.37 -15.61
N HIS D 322 -59.96 -16.12 -16.08
CA HIS D 322 -60.34 -15.85 -17.46
C HIS D 322 -59.43 -16.56 -18.48
N THR D 323 -58.13 -16.64 -18.15
CA THR D 323 -57.13 -17.23 -19.03
C THR D 323 -57.61 -18.56 -19.61
N ILE D 324 -58.10 -19.41 -18.73
CA ILE D 324 -58.55 -20.75 -19.02
C ILE D 324 -59.53 -20.78 -20.22
N THR D 325 -60.49 -19.84 -20.20
CA THR D 325 -61.48 -19.69 -21.27
C THR D 325 -60.87 -19.22 -22.59
N GLU D 326 -59.93 -18.28 -22.50
CA GLU D 326 -59.23 -17.78 -23.67
C GLU D 326 -58.53 -18.93 -24.40
N MET D 327 -57.80 -19.75 -23.65
CA MET D 327 -57.02 -20.85 -24.23
C MET D 327 -57.88 -21.86 -25.01
N VAL D 328 -59.09 -22.15 -24.49
CA VAL D 328 -59.99 -23.10 -25.12
C VAL D 328 -60.90 -22.51 -26.24
N THR D 329 -61.11 -21.19 -26.25
CA THR D 329 -61.94 -20.56 -27.29
C THR D 329 -61.16 -19.66 -28.25
N GLY D 330 -59.98 -19.19 -27.83
CA GLY D 330 -59.14 -18.34 -28.68
C GLY D 330 -59.47 -16.85 -28.64
N ILE D 331 -60.48 -16.47 -27.86
CA ILE D 331 -60.90 -15.07 -27.74
C ILE D 331 -60.12 -14.37 -26.64
N ASP D 332 -59.47 -13.26 -26.98
CA ASP D 332 -58.78 -12.46 -25.98
C ASP D 332 -59.78 -11.57 -25.24
N ILE D 333 -60.22 -12.04 -24.08
CA ILE D 333 -61.22 -11.37 -23.24
C ILE D 333 -60.78 -9.96 -22.85
N VAL D 334 -59.56 -9.83 -22.37
CA VAL D 334 -59.05 -8.55 -21.86
C VAL D 334 -59.02 -7.51 -22.97
N LYS D 335 -58.41 -7.86 -24.10
CA LYS D 335 -58.39 -6.96 -25.27
C LYS D 335 -59.81 -6.65 -25.76
N THR D 336 -60.70 -7.64 -25.70
CA THR D 336 -62.11 -7.46 -26.05
C THR D 336 -62.75 -6.41 -25.15
N GLN D 337 -62.47 -6.50 -23.85
CA GLN D 337 -62.97 -5.55 -22.84
C GLN D 337 -62.69 -4.11 -23.24
N ILE D 338 -61.43 -3.86 -23.61
CA ILE D 338 -60.97 -2.54 -24.00
C ILE D 338 -61.72 -2.02 -25.23
N LEU D 339 -61.93 -2.90 -26.21
CA LEU D 339 -62.59 -2.54 -27.46
C LEU D 339 -64.09 -2.27 -27.27
N VAL D 340 -64.69 -2.90 -26.26
CA VAL D 340 -66.08 -2.65 -25.92
C VAL D 340 -66.25 -1.28 -25.28
N ALA D 341 -65.26 -0.86 -24.50
CA ALA D 341 -65.22 0.50 -23.93
C ALA D 341 -64.89 1.57 -24.99
N ALA D 342 -64.24 1.15 -26.07
CA ALA D 342 -63.91 2.02 -27.20
C ALA D 342 -65.08 2.18 -28.17
N GLY D 343 -66.16 1.44 -27.92
CA GLY D 343 -67.37 1.49 -28.74
C GLY D 343 -67.55 0.29 -29.65
N ALA D 344 -66.43 -0.30 -30.08
CA ALA D 344 -66.39 -1.37 -31.09
C ALA D 344 -67.50 -2.42 -31.05
N ASP D 345 -67.89 -2.88 -32.24
CA ASP D 345 -68.88 -3.95 -32.38
C ASP D 345 -68.21 -5.32 -32.28
N LEU D 346 -68.83 -6.23 -31.52
CA LEU D 346 -68.24 -7.56 -31.33
C LEU D 346 -68.55 -8.52 -32.47
N PHE D 347 -68.50 -7.98 -33.69
CA PHE D 347 -68.57 -8.76 -34.92
C PHE D 347 -67.82 -8.02 -36.00
N GLY D 348 -67.44 -6.79 -35.69
CA GLY D 348 -66.73 -5.91 -36.61
C GLY D 348 -65.23 -6.14 -36.65
N GLU D 349 -64.55 -5.24 -37.35
CA GLU D 349 -63.11 -5.30 -37.64
C GLU D 349 -62.22 -5.42 -36.41
N GLU D 350 -62.60 -4.72 -35.35
CA GLU D 350 -61.76 -4.59 -34.16
C GLU D 350 -61.76 -5.87 -33.33
N ILE D 351 -62.96 -6.32 -32.94
CA ILE D 351 -63.11 -7.45 -32.03
C ILE D 351 -63.04 -8.80 -32.76
N ASN D 352 -63.75 -8.89 -33.88
CA ASN D 352 -63.85 -10.12 -34.67
C ASN D 352 -64.36 -11.31 -33.86
N MET D 353 -65.43 -11.08 -33.10
CA MET D 353 -66.08 -12.16 -32.37
C MET D 353 -66.73 -13.13 -33.34
N PRO D 354 -66.35 -14.40 -33.26
CA PRO D 354 -67.03 -15.44 -34.01
C PRO D 354 -68.49 -15.46 -33.58
N GLN D 355 -69.38 -15.76 -34.52
CA GLN D 355 -70.80 -15.89 -34.24
C GLN D 355 -71.00 -16.98 -33.17
N GLN D 356 -72.05 -16.83 -32.35
CA GLN D 356 -72.33 -17.80 -31.28
C GLN D 356 -72.28 -19.25 -31.76
N LYS D 357 -72.89 -19.50 -32.93
CA LYS D 357 -72.88 -20.82 -33.59
C LYS D 357 -71.46 -21.36 -33.76
N ASP D 358 -70.50 -20.47 -34.02
CA ASP D 358 -69.13 -20.85 -34.39
C ASP D 358 -68.13 -20.87 -33.23
N ILE D 359 -68.54 -20.37 -32.06
CA ILE D 359 -67.75 -20.47 -30.83
C ILE D 359 -67.86 -21.90 -30.29
N THR D 360 -66.71 -22.58 -30.21
CA THR D 360 -66.63 -23.90 -29.56
C THR D 360 -65.41 -23.92 -28.65
N THR D 361 -65.09 -25.09 -28.11
CA THR D 361 -63.92 -25.27 -27.26
C THR D 361 -62.96 -26.31 -27.84
N LEU D 362 -61.70 -25.90 -28.01
CA LEU D 362 -60.64 -26.80 -28.45
C LEU D 362 -59.86 -27.25 -27.21
N GLY D 363 -59.97 -28.53 -26.88
CA GLY D 363 -59.28 -29.08 -25.72
C GLY D 363 -59.82 -28.62 -24.38
N TYR D 364 -58.99 -28.79 -23.34
CA TYR D 364 -59.35 -28.43 -21.98
C TYR D 364 -58.22 -27.58 -21.38
N ALA D 365 -58.59 -26.67 -20.47
CA ALA D 365 -57.60 -25.80 -19.84
C ALA D 365 -57.71 -25.82 -18.32
N ILE D 366 -56.56 -25.79 -17.64
CA ILE D 366 -56.52 -25.84 -16.18
C ILE D 366 -55.71 -24.69 -15.60
N GLN D 367 -56.24 -24.05 -14.56
CA GLN D 367 -55.50 -23.00 -13.85
C GLN D 367 -55.43 -23.22 -12.35
N CYS D 368 -54.29 -22.79 -11.78
CA CYS D 368 -54.13 -22.66 -10.34
C CYS D 368 -53.17 -21.50 -10.07
N ARG D 369 -53.21 -20.98 -8.85
CA ARG D 369 -52.35 -19.86 -8.47
C ARG D 369 -51.30 -20.29 -7.44
N ILE D 370 -50.02 -20.08 -7.78
CA ILE D 370 -48.93 -20.33 -6.85
C ILE D 370 -48.87 -19.17 -5.85
N THR D 371 -49.05 -19.47 -4.57
CA THR D 371 -49.00 -18.45 -3.52
C THR D 371 -47.95 -18.78 -2.46
N THR D 372 -47.84 -17.92 -1.44
CA THR D 372 -46.93 -18.18 -0.31
C THR D 372 -47.63 -18.82 0.89
N GLU D 373 -48.83 -19.37 0.67
CA GLU D 373 -49.56 -20.06 1.72
C GLU D 373 -48.88 -21.37 2.07
N ASP D 374 -48.53 -21.52 3.36
CA ASP D 374 -47.91 -22.74 3.86
C ASP D 374 -48.99 -23.83 4.04
N PRO D 375 -48.92 -24.89 3.23
CA PRO D 375 -49.91 -25.97 3.28
C PRO D 375 -49.81 -26.80 4.56
N LEU D 376 -48.68 -26.67 5.27
CA LEU D 376 -48.49 -27.35 6.55
C LEU D 376 -48.99 -26.46 7.69
N ASN D 377 -48.85 -25.14 7.53
CA ASN D 377 -49.24 -24.17 8.54
C ASN D 377 -50.47 -23.34 8.13
N ASP D 378 -51.66 -23.92 8.29
CA ASP D 378 -52.94 -23.22 8.13
C ASP D 378 -53.13 -22.32 6.88
N PHE D 379 -52.39 -22.62 5.81
CA PHE D 379 -52.37 -21.78 4.60
C PHE D 379 -52.19 -20.30 4.91
N MET D 380 -51.24 -20.00 5.80
CA MET D 380 -50.95 -18.63 6.21
C MET D 380 -49.88 -18.06 5.30
N PRO D 381 -50.18 -16.93 4.66
CA PRO D 381 -49.23 -16.27 3.76
C PRO D 381 -47.88 -15.97 4.42
N ASP D 382 -46.84 -16.66 3.95
CA ASP D 382 -45.47 -16.44 4.38
C ASP D 382 -44.95 -15.13 3.78
N THR D 383 -44.02 -14.47 4.46
CA THR D 383 -43.42 -13.21 3.98
C THR D 383 -41.92 -13.34 3.80
N GLY D 384 -41.29 -12.30 3.27
CA GLY D 384 -39.84 -12.26 3.12
C GLY D 384 -39.34 -12.23 1.69
N THR D 385 -38.06 -12.54 1.52
CA THR D 385 -37.38 -12.37 0.24
C THR D 385 -37.18 -13.69 -0.52
N ILE D 386 -37.40 -13.63 -1.84
CA ILE D 386 -37.13 -14.77 -2.72
C ILE D 386 -35.67 -14.70 -3.19
N ILE D 387 -34.89 -15.72 -2.88
CA ILE D 387 -33.46 -15.73 -3.26
C ILE D 387 -33.13 -16.59 -4.50
N ALA D 388 -34.09 -17.39 -4.93
CA ALA D 388 -33.98 -18.19 -6.16
C ALA D 388 -35.35 -18.42 -6.78
N TYR D 389 -35.48 -18.05 -8.05
CA TYR D 389 -36.73 -18.21 -8.78
C TYR D 389 -36.48 -18.78 -10.16
N ARG D 390 -37.08 -19.94 -10.41
CA ARG D 390 -37.11 -20.52 -11.75
C ARG D 390 -38.56 -20.69 -12.19
N SER D 391 -38.77 -20.80 -13.49
CA SER D 391 -40.11 -21.00 -14.02
C SER D 391 -40.13 -21.91 -15.25
N SER D 392 -41.27 -22.54 -15.48
CA SER D 392 -41.45 -23.39 -16.65
C SER D 392 -41.86 -22.57 -17.88
N GLY D 393 -42.68 -23.16 -18.74
CA GLY D 393 -43.05 -22.55 -20.01
C GLY D 393 -43.32 -23.69 -20.97
N GLY D 394 -43.14 -23.45 -22.26
CA GLY D 394 -43.36 -24.49 -23.27
C GLY D 394 -44.76 -24.47 -23.83
N PHE D 395 -44.96 -25.18 -24.94
CA PHE D 395 -46.25 -25.20 -25.64
C PHE D 395 -47.44 -25.52 -24.72
N GLY D 396 -48.44 -24.65 -24.75
CA GLY D 396 -49.67 -24.83 -23.97
C GLY D 396 -49.53 -24.55 -22.49
N VAL D 397 -48.48 -23.84 -22.10
CA VAL D 397 -48.26 -23.42 -20.72
C VAL D 397 -48.16 -21.91 -20.67
N ARG D 398 -48.95 -21.29 -19.79
CA ARG D 398 -49.01 -19.84 -19.68
C ARG D 398 -48.74 -19.39 -18.25
N LEU D 399 -47.75 -18.52 -18.10
CA LEU D 399 -47.34 -18.02 -16.79
C LEU D 399 -47.61 -16.52 -16.68
N ASP D 400 -48.50 -16.16 -15.77
CA ASP D 400 -48.78 -14.76 -15.47
C ASP D 400 -48.21 -14.44 -14.08
N ALA D 401 -47.00 -13.90 -14.07
CA ALA D 401 -46.26 -13.63 -12.84
C ALA D 401 -46.82 -12.45 -12.07
N GLY D 402 -46.80 -12.55 -10.73
CA GLY D 402 -47.18 -11.47 -9.85
C GLY D 402 -45.97 -11.08 -9.02
N ASP D 403 -45.96 -11.49 -7.76
CA ASP D 403 -44.85 -11.20 -6.85
C ASP D 403 -43.69 -12.18 -6.97
N GLY D 404 -43.85 -13.23 -7.77
CA GLY D 404 -42.82 -14.25 -7.96
C GLY D 404 -41.74 -13.86 -8.95
N PHE D 405 -40.61 -13.39 -8.42
CA PHE D 405 -39.38 -13.13 -9.18
C PHE D 405 -38.18 -13.06 -8.23
N GLN D 406 -36.99 -13.32 -8.75
CA GLN D 406 -35.77 -13.41 -7.92
C GLN D 406 -35.42 -12.18 -7.11
N GLY D 407 -35.96 -11.02 -7.48
CA GLY D 407 -35.66 -9.79 -6.78
C GLY D 407 -36.36 -9.61 -5.45
N ALA D 408 -37.35 -8.71 -5.45
CA ALA D 408 -37.92 -8.12 -4.24
C ALA D 408 -38.59 -9.08 -3.25
N GLU D 409 -38.82 -8.56 -2.05
CA GLU D 409 -39.44 -9.29 -0.96
C GLU D 409 -40.97 -9.20 -1.03
N ILE D 410 -41.63 -10.03 -0.22
CA ILE D 410 -43.09 -10.12 -0.23
C ILE D 410 -43.69 -9.49 1.02
N SER D 411 -44.50 -8.46 0.79
CA SER D 411 -45.22 -7.78 1.86
C SER D 411 -46.56 -8.48 2.13
N PRO D 412 -46.94 -8.61 3.40
CA PRO D 412 -48.18 -9.29 3.77
C PRO D 412 -49.47 -8.50 3.48
N TYR D 413 -49.34 -7.35 2.82
CA TYR D 413 -50.46 -6.39 2.71
C TYR D 413 -51.49 -6.66 1.62
N TYR D 414 -51.10 -7.39 0.58
CA TYR D 414 -52.01 -7.74 -0.52
C TYR D 414 -52.27 -9.22 -0.53
N ASP D 415 -53.25 -9.65 -1.33
CA ASP D 415 -53.49 -11.07 -1.55
C ASP D 415 -52.24 -11.75 -2.10
N SER D 416 -51.94 -12.94 -1.58
CA SER D 416 -50.77 -13.67 -2.02
C SER D 416 -50.97 -14.24 -3.43
N LEU D 417 -49.98 -13.99 -4.29
CA LEU D 417 -49.91 -14.54 -5.64
C LEU D 417 -48.51 -14.36 -6.22
N LEU D 418 -47.82 -15.48 -6.38
CA LEU D 418 -46.50 -15.48 -6.98
C LEU D 418 -46.63 -15.64 -8.50
N VAL D 419 -47.29 -16.71 -8.93
CA VAL D 419 -47.52 -16.95 -10.37
C VAL D 419 -48.91 -17.55 -10.61
N LYS D 420 -49.63 -16.97 -11.57
CA LYS D 420 -50.81 -17.60 -12.09
C LYS D 420 -50.35 -18.60 -13.15
N LEU D 421 -50.71 -19.86 -12.97
CA LEU D 421 -50.27 -20.92 -13.87
C LEU D 421 -51.45 -21.63 -14.55
N SER D 422 -51.48 -21.54 -15.88
CA SER D 422 -52.54 -22.09 -16.72
C SER D 422 -51.93 -23.01 -17.77
N THR D 423 -52.57 -24.16 -18.00
CA THR D 423 -52.11 -25.11 -19.04
C THR D 423 -53.27 -25.54 -19.95
N HIS D 424 -52.92 -26.02 -21.16
CA HIS D 424 -53.88 -26.26 -22.24
C HIS D 424 -53.44 -27.39 -23.19
N ALA D 425 -54.28 -28.41 -23.31
CA ALA D 425 -53.97 -29.58 -24.18
C ALA D 425 -55.24 -30.19 -24.78
N ILE D 426 -55.08 -31.13 -25.71
CA ILE D 426 -56.24 -31.74 -26.38
C ILE D 426 -57.14 -32.43 -25.36
N SER D 427 -56.59 -33.38 -24.62
CA SER D 427 -57.35 -34.04 -23.57
C SER D 427 -57.16 -33.32 -22.24
N PHE D 428 -58.07 -33.61 -21.31
CA PHE D 428 -58.00 -33.04 -19.96
C PHE D 428 -56.83 -33.66 -19.18
N LYS D 429 -56.69 -34.98 -19.28
CA LYS D 429 -55.60 -35.68 -18.63
C LYS D 429 -54.24 -35.14 -19.08
N GLN D 430 -54.09 -34.90 -20.40
CA GLN D 430 -52.87 -34.29 -20.94
C GLN D 430 -52.63 -32.92 -20.34
N ALA D 431 -53.69 -32.13 -20.24
CA ALA D 431 -53.61 -30.79 -19.63
C ALA D 431 -53.15 -30.87 -18.17
N GLU D 432 -53.55 -31.93 -17.47
CA GLU D 432 -53.17 -32.15 -16.09
C GLU D 432 -51.69 -32.52 -15.94
N GLU D 433 -51.23 -33.47 -16.75
CA GLU D 433 -49.84 -33.93 -16.71
C GLU D 433 -48.86 -32.82 -17.11
N LYS D 434 -49.37 -31.86 -17.89
CA LYS D 434 -48.64 -30.66 -18.29
C LYS D 434 -48.56 -29.72 -17.10
N MET D 435 -49.70 -29.58 -16.41
CA MET D 435 -49.76 -28.76 -15.21
C MET D 435 -48.85 -29.31 -14.12
N VAL D 436 -48.92 -30.61 -13.87
CA VAL D 436 -48.09 -31.25 -12.83
C VAL D 436 -46.60 -30.98 -13.05
N ARG D 437 -46.13 -31.21 -14.27
CA ARG D 437 -44.73 -31.04 -14.64
C ARG D 437 -44.25 -29.63 -14.36
N SER D 438 -45.07 -28.65 -14.75
CA SER D 438 -44.74 -27.24 -14.56
C SER D 438 -44.62 -26.90 -13.09
N LEU D 439 -45.53 -27.45 -12.27
CA LEU D 439 -45.48 -27.27 -10.82
C LEU D 439 -44.17 -27.83 -10.25
N ARG D 440 -43.81 -29.03 -10.70
CA ARG D 440 -42.55 -29.68 -10.30
C ARG D 440 -41.31 -28.96 -10.85
N GLU D 441 -41.42 -28.42 -12.06
CA GLU D 441 -40.34 -27.67 -12.66
C GLU D 441 -40.08 -26.34 -11.92
N MET D 442 -41.12 -25.78 -11.32
CA MET D 442 -41.02 -24.54 -10.54
C MET D 442 -39.98 -24.67 -9.44
N ARG D 443 -39.17 -23.64 -9.27
CA ARG D 443 -38.27 -23.55 -8.13
C ARG D 443 -38.35 -22.17 -7.50
N ILE D 444 -38.71 -22.14 -6.22
CA ILE D 444 -38.84 -20.90 -5.46
C ILE D 444 -38.25 -21.10 -4.07
N ARG D 445 -37.20 -20.33 -3.77
CA ARG D 445 -36.51 -20.43 -2.48
C ARG D 445 -36.70 -19.15 -1.67
N GLY D 446 -36.67 -19.28 -0.35
CA GLY D 446 -36.74 -18.14 0.55
C GLY D 446 -38.09 -17.90 1.19
N VAL D 447 -39.12 -18.50 0.60
CA VAL D 447 -40.47 -18.49 1.17
C VAL D 447 -41.14 -19.86 0.96
N LYS D 448 -41.99 -20.24 1.91
CA LYS D 448 -42.85 -21.42 1.72
C LYS D 448 -43.89 -21.11 0.65
N THR D 449 -44.23 -22.11 -0.16
CA THR D 449 -45.20 -21.99 -1.24
C THR D 449 -46.31 -23.02 -1.10
N ASN D 450 -47.38 -22.87 -1.88
CA ASN D 450 -48.45 -23.85 -1.87
C ASN D 450 -48.27 -24.95 -2.94
N ILE D 451 -47.10 -24.93 -3.59
CA ILE D 451 -46.82 -25.85 -4.69
C ILE D 451 -47.10 -27.36 -4.41
N PRO D 452 -46.58 -27.92 -3.32
CA PRO D 452 -46.78 -29.35 -3.06
C PRO D 452 -48.26 -29.70 -2.91
N PHE D 453 -49.01 -28.84 -2.23
CA PHE D 453 -50.46 -28.99 -2.13
C PHE D 453 -51.08 -29.02 -3.53
N LEU D 454 -50.65 -28.09 -4.38
CA LEU D 454 -51.12 -28.04 -5.77
C LEU D 454 -50.73 -29.28 -6.57
N ILE D 455 -49.51 -29.77 -6.37
CA ILE D 455 -49.07 -31.01 -7.03
C ILE D 455 -49.99 -32.16 -6.66
N ASN D 456 -50.26 -32.31 -5.36
CA ASN D 456 -51.10 -33.39 -4.85
C ASN D 456 -52.54 -33.32 -5.33
N VAL D 457 -53.05 -32.10 -5.50
CA VAL D 457 -54.40 -31.90 -6.05
C VAL D 457 -54.46 -32.44 -7.48
N MET D 458 -53.50 -32.01 -8.30
CA MET D 458 -53.42 -32.40 -9.70
C MET D 458 -53.02 -33.87 -9.87
N LYS D 459 -52.44 -34.44 -8.82
CA LYS D 459 -51.98 -35.83 -8.85
C LYS D 459 -53.13 -36.78 -8.55
N ASN D 460 -53.93 -36.43 -7.54
CA ASN D 460 -55.01 -37.30 -7.04
C ASN D 460 -56.04 -37.68 -8.10
N LYS D 461 -56.44 -38.97 -8.09
CA LYS D 461 -57.30 -39.52 -9.14
C LYS D 461 -58.75 -39.01 -9.09
N LYS D 462 -59.20 -38.59 -7.92
CA LYS D 462 -60.54 -38.02 -7.78
C LYS D 462 -60.59 -36.58 -8.32
N PHE D 463 -59.51 -36.20 -9.01
CA PHE D 463 -59.47 -34.99 -9.82
C PHE D 463 -59.25 -35.39 -11.27
N THR D 464 -58.39 -36.38 -11.49
CA THR D 464 -58.11 -36.92 -12.82
C THR D 464 -59.38 -37.48 -13.47
N SER D 465 -60.28 -38.01 -12.65
CA SER D 465 -61.57 -38.51 -13.11
C SER D 465 -62.46 -37.41 -13.67
N GLY D 466 -62.19 -36.17 -13.23
CA GLY D 466 -62.94 -35.01 -13.69
C GLY D 466 -64.32 -34.89 -13.07
N ASP D 467 -64.72 -35.92 -12.36
CA ASP D 467 -66.00 -35.90 -11.65
C ASP D 467 -65.76 -35.64 -10.17
N TYR D 468 -65.89 -34.37 -9.78
CA TYR D 468 -65.58 -33.93 -8.42
C TYR D 468 -66.55 -32.86 -7.94
N THR D 469 -66.56 -32.64 -6.63
CA THR D 469 -67.47 -31.71 -5.98
C THR D 469 -66.70 -30.75 -5.06
N THR D 470 -67.35 -29.70 -4.60
CA THR D 470 -66.72 -28.73 -3.67
C THR D 470 -66.22 -29.40 -2.38
N LYS D 471 -66.80 -30.56 -2.06
CA LYS D 471 -66.39 -31.37 -0.91
C LYS D 471 -65.08 -32.15 -1.15
N PHE D 472 -64.59 -32.12 -2.40
CA PHE D 472 -63.41 -32.89 -2.81
C PHE D 472 -62.19 -32.73 -1.92
N ILE D 473 -61.83 -31.48 -1.63
CA ILE D 473 -60.69 -31.15 -0.75
C ILE D 473 -61.01 -31.51 0.70
N GLU D 474 -62.21 -31.13 1.13
CA GLU D 474 -62.73 -31.45 2.46
C GLU D 474 -62.64 -32.95 2.76
N GLU D 475 -62.91 -33.77 1.76
CA GLU D 475 -62.91 -35.23 1.90
C GLU D 475 -61.56 -35.92 1.67
N THR D 476 -60.49 -35.13 1.49
CA THR D 476 -59.19 -35.70 1.14
C THR D 476 -58.08 -35.38 2.16
N PRO D 477 -57.79 -36.33 3.05
CA PRO D 477 -56.70 -36.17 4.01
C PRO D 477 -55.30 -36.30 3.39
N GLU D 478 -55.16 -37.16 2.37
CA GLU D 478 -53.85 -37.46 1.77
C GLU D 478 -53.27 -36.31 0.94
N LEU D 479 -54.05 -35.23 0.80
CA LEU D 479 -53.61 -34.03 0.12
C LEU D 479 -52.61 -33.23 0.95
N PHE D 480 -52.56 -33.53 2.25
CA PHE D 480 -51.72 -32.77 3.19
C PHE D 480 -50.47 -33.53 3.61
N ASP D 481 -49.75 -34.07 2.63
CA ASP D 481 -48.52 -34.81 2.90
C ASP D 481 -47.31 -33.91 3.15
N ILE D 482 -46.63 -34.20 4.26
CA ILE D 482 -45.42 -33.50 4.69
C ILE D 482 -44.24 -33.87 3.79
N GLN D 483 -44.06 -33.14 2.71
CA GLN D 483 -42.91 -33.30 1.83
C GLN D 483 -42.04 -32.04 1.96
N PRO D 484 -41.12 -32.07 2.93
CA PRO D 484 -40.42 -30.86 3.39
C PRO D 484 -39.69 -30.04 2.31
N SER D 485 -39.05 -30.74 1.37
CA SER D 485 -38.17 -30.14 0.32
C SER D 485 -36.93 -29.41 0.89
N LEU D 486 -35.80 -30.12 0.88
CA LEU D 486 -34.52 -29.58 1.32
C LEU D 486 -33.98 -28.57 0.32
N ASP D 487 -33.09 -27.68 0.76
CA ASP D 487 -32.45 -26.72 -0.14
C ASP D 487 -30.94 -26.92 -0.17
N ARG D 488 -30.51 -27.96 -0.87
CA ARG D 488 -29.13 -28.40 -0.87
C ARG D 488 -28.18 -27.48 -1.64
N GLY D 489 -28.56 -27.12 -2.87
CA GLY D 489 -27.76 -26.27 -3.74
C GLY D 489 -27.31 -24.99 -3.06
N THR D 490 -28.20 -24.40 -2.27
CA THR D 490 -27.93 -23.16 -1.56
C THR D 490 -26.88 -23.35 -0.45
N LYS D 491 -26.98 -24.46 0.27
CA LYS D 491 -26.03 -24.77 1.34
C LYS D 491 -24.62 -24.99 0.79
N THR D 492 -24.53 -25.53 -0.43
CA THR D 492 -23.27 -25.73 -1.12
C THR D 492 -22.69 -24.38 -1.50
N LEU D 493 -23.54 -23.49 -2.01
CA LEU D 493 -23.10 -22.15 -2.42
C LEU D 493 -22.63 -21.36 -1.20
N GLU D 494 -23.25 -21.63 -0.05
CA GLU D 494 -22.87 -20.98 1.19
C GLU D 494 -21.54 -21.49 1.73
N TYR D 495 -21.31 -22.80 1.61
CA TYR D 495 -20.02 -23.33 2.00
C TYR D 495 -18.91 -22.74 1.16
N ILE D 496 -19.05 -22.83 -0.15
CA ILE D 496 -18.04 -22.29 -1.05
C ILE D 496 -17.84 -20.80 -0.83
N GLY D 497 -18.93 -20.09 -0.55
CA GLY D 497 -18.87 -18.66 -0.33
C GLY D 497 -18.10 -18.34 0.92
N ASN D 498 -18.33 -19.14 1.96
CA ASN D 498 -17.74 -18.92 3.28
C ASN D 498 -16.24 -19.30 3.36
N VAL D 499 -15.86 -20.39 2.71
CA VAL D 499 -14.45 -20.76 2.64
C VAL D 499 -13.69 -19.80 1.72
N THR D 500 -14.31 -19.40 0.61
CA THR D 500 -13.68 -18.47 -0.33
C THR D 500 -13.28 -17.15 0.35
N ILE D 501 -14.16 -16.64 1.21
CA ILE D 501 -13.97 -15.36 1.87
C ILE D 501 -13.28 -15.48 3.23
N ASN D 502 -13.61 -16.52 3.99
CA ASN D 502 -13.13 -16.56 5.37
C ASN D 502 -12.05 -17.59 5.70
N GLY D 503 -11.60 -18.33 4.68
CA GLY D 503 -10.58 -19.35 4.85
C GLY D 503 -11.09 -20.67 5.36
N PHE D 504 -10.14 -21.54 5.72
CA PHE D 504 -10.40 -22.89 6.21
C PHE D 504 -9.39 -23.15 7.32
N PRO D 505 -9.82 -23.74 8.43
CA PRO D 505 -8.93 -24.08 9.56
C PRO D 505 -7.62 -24.76 9.17
N ASN D 506 -6.49 -24.23 9.65
CA ASN D 506 -5.16 -24.84 9.44
C ASN D 506 -4.65 -24.83 8.01
N VAL D 507 -5.38 -24.14 7.13
CA VAL D 507 -4.94 -23.96 5.77
C VAL D 507 -4.52 -22.50 5.61
N GLU D 508 -3.26 -22.29 5.28
CA GLU D 508 -2.74 -20.96 5.02
C GLU D 508 -3.62 -20.23 4.00
N LYS D 509 -4.24 -19.14 4.44
CA LYS D 509 -5.12 -18.33 3.61
C LYS D 509 -4.34 -17.74 2.45
N ARG D 510 -4.74 -18.11 1.24
CA ARG D 510 -4.03 -17.77 0.02
C ARG D 510 -4.95 -18.07 -1.18
N PRO D 511 -4.66 -17.51 -2.37
CA PRO D 511 -5.46 -17.85 -3.56
C PRO D 511 -5.45 -19.36 -3.83
N LYS D 512 -6.59 -19.92 -4.23
CA LYS D 512 -6.68 -21.33 -4.55
C LYS D 512 -5.49 -21.73 -5.43
N PRO D 513 -4.61 -22.59 -4.90
CA PRO D 513 -3.41 -22.99 -5.63
C PRO D 513 -3.70 -23.66 -6.95
N ASP D 514 -2.71 -23.60 -7.84
CA ASP D 514 -2.71 -24.34 -9.09
C ASP D 514 -2.40 -25.79 -8.77
N TYR D 515 -3.08 -26.70 -9.43
CA TYR D 515 -2.83 -28.12 -9.24
C TYR D 515 -2.71 -28.81 -10.59
N GLU D 516 -1.75 -29.71 -10.70
CA GLU D 516 -1.60 -30.52 -11.91
C GLU D 516 -2.86 -31.36 -12.09
N LEU D 517 -3.23 -31.65 -13.34
CA LEU D 517 -4.37 -32.54 -13.60
C LEU D 517 -3.99 -33.95 -13.24
N ALA D 518 -4.91 -34.66 -12.60
CA ALA D 518 -4.68 -36.05 -12.24
C ALA D 518 -5.62 -36.90 -13.06
N SER D 519 -5.09 -37.60 -14.04
CA SER D 519 -5.93 -38.50 -14.82
C SER D 519 -6.29 -39.63 -13.88
N ILE D 520 -7.58 -39.90 -13.76
CA ILE D 520 -8.05 -40.92 -12.84
C ILE D 520 -8.32 -42.21 -13.62
N PRO D 521 -7.42 -43.19 -13.52
CA PRO D 521 -7.61 -44.48 -14.16
C PRO D 521 -8.83 -45.18 -13.60
N THR D 522 -9.49 -45.97 -14.43
CA THR D 522 -10.83 -46.46 -14.15
C THR D 522 -10.96 -47.90 -14.60
N VAL D 523 -11.69 -48.70 -13.82
CA VAL D 523 -12.06 -50.07 -14.24
C VAL D 523 -13.58 -50.22 -14.17
N SER D 524 -14.16 -50.90 -15.16
CA SER D 524 -15.61 -51.05 -15.25
C SER D 524 -16.14 -51.87 -14.08
N SER D 525 -17.30 -51.48 -13.58
CA SER D 525 -17.86 -52.15 -12.42
C SER D 525 -18.17 -53.62 -12.70
N SER D 526 -18.42 -53.96 -13.97
CA SER D 526 -18.76 -55.32 -14.32
C SER D 526 -17.53 -56.22 -14.34
N LYS D 527 -16.39 -55.66 -14.77
CA LYS D 527 -15.13 -56.39 -14.71
C LYS D 527 -14.80 -56.71 -13.24
N ILE D 528 -14.92 -55.69 -12.39
CA ILE D 528 -14.77 -55.84 -10.94
C ILE D 528 -15.77 -56.84 -10.33
N ALA D 529 -17.00 -56.85 -10.87
CA ALA D 529 -18.02 -57.82 -10.46
C ALA D 529 -17.61 -59.26 -10.78
N SER D 530 -16.75 -59.44 -11.78
CA SER D 530 -16.23 -60.75 -12.12
C SER D 530 -15.11 -61.23 -11.19
N PHE D 531 -14.50 -60.30 -10.45
CA PHE D 531 -13.32 -60.60 -9.64
C PHE D 531 -13.68 -61.46 -8.44
N SER D 532 -12.73 -62.29 -8.03
CA SER D 532 -12.91 -63.15 -6.88
C SER D 532 -11.60 -63.18 -6.08
N GLY D 533 -11.59 -62.44 -4.98
CA GLY D 533 -10.41 -62.31 -4.13
C GLY D 533 -10.74 -62.70 -2.71
N THR D 534 -9.96 -62.19 -1.76
CA THR D 534 -10.07 -62.64 -0.37
C THR D 534 -11.42 -62.35 0.29
N LYS D 535 -12.16 -61.35 -0.22
CA LYS D 535 -13.53 -61.10 0.27
C LYS D 535 -14.40 -62.35 0.06
N GLN D 536 -14.42 -62.87 -1.16
CA GLN D 536 -15.18 -64.07 -1.45
C GLN D 536 -14.59 -65.32 -0.81
N LEU D 537 -13.29 -65.35 -0.58
CA LEU D 537 -12.72 -66.51 0.11
C LEU D 537 -13.26 -66.58 1.54
N LEU D 538 -13.41 -65.42 2.19
CA LEU D 538 -13.99 -65.36 3.54
C LEU D 538 -15.45 -65.79 3.55
N ASP D 539 -16.18 -65.38 2.51
CA ASP D 539 -17.60 -65.72 2.43
C ASP D 539 -17.76 -67.22 2.21
N GLU D 540 -16.77 -67.84 1.58
CA GLU D 540 -16.83 -69.26 1.26
C GLU D 540 -16.33 -70.17 2.37
N VAL D 541 -15.21 -69.83 2.99
CA VAL D 541 -14.56 -70.77 3.92
C VAL D 541 -14.51 -70.28 5.38
N GLY D 542 -14.96 -69.04 5.60
CA GLY D 542 -14.92 -68.43 6.93
C GLY D 542 -13.54 -67.90 7.30
N PRO D 543 -13.44 -67.28 8.48
CA PRO D 543 -12.18 -66.69 8.94
C PRO D 543 -11.04 -67.69 9.12
N LYS D 544 -11.40 -68.88 9.60
CA LYS D 544 -10.45 -69.94 9.86
C LYS D 544 -9.86 -70.48 8.56
N GLY D 545 -10.72 -70.64 7.55
CA GLY D 545 -10.29 -71.08 6.24
C GLY D 545 -9.37 -70.11 5.52
N VAL D 546 -9.52 -68.81 5.79
CA VAL D 546 -8.63 -67.79 5.27
C VAL D 546 -7.22 -67.96 5.83
N ALA D 547 -7.09 -68.07 7.15
CA ALA D 547 -5.79 -68.32 7.78
C ALA D 547 -5.14 -69.56 7.18
N GLU D 548 -5.94 -70.60 6.96
CA GLU D 548 -5.48 -71.83 6.33
C GLU D 548 -4.90 -71.56 4.95
N TRP D 549 -5.58 -70.71 4.19
CA TRP D 549 -5.20 -70.39 2.83
C TRP D 549 -3.93 -69.52 2.81
N VAL D 550 -3.78 -68.65 3.81
CA VAL D 550 -2.61 -67.78 3.91
C VAL D 550 -1.33 -68.58 4.18
N LYS D 551 -1.41 -69.51 5.12
CA LYS D 551 -0.27 -70.37 5.45
C LYS D 551 0.26 -71.12 4.23
N LYS D 552 -0.60 -71.37 3.24
CA LYS D 552 -0.23 -72.16 2.08
C LYS D 552 0.46 -71.36 0.97
N GLN D 553 0.18 -70.06 0.88
CA GLN D 553 0.76 -69.23 -0.17
C GLN D 553 2.28 -69.05 -0.03
N ASP D 554 3.00 -69.39 -1.08
CA ASP D 554 4.44 -69.17 -1.15
C ASP D 554 4.73 -67.67 -1.26
N ASP D 555 4.01 -67.00 -2.15
CA ASP D 555 4.14 -65.56 -2.34
C ASP D 555 3.90 -64.80 -1.05
N VAL D 556 4.59 -63.68 -0.91
CA VAL D 556 4.27 -62.73 0.14
C VAL D 556 2.99 -62.01 -0.27
N LEU D 557 2.03 -61.98 0.64
CA LEU D 557 0.78 -61.30 0.41
C LEU D 557 0.87 -59.92 1.01
N LEU D 558 0.15 -58.95 0.46
CA LEU D 558 0.28 -57.62 0.99
C LEU D 558 -1.03 -56.98 1.46
N THR D 559 -0.90 -56.07 2.42
CA THR D 559 -1.95 -55.20 2.86
C THR D 559 -1.57 -53.75 2.54
N ASP D 560 -2.40 -53.07 1.76
CA ASP D 560 -2.16 -51.66 1.43
C ASP D 560 -2.63 -50.78 2.56
N THR D 561 -1.89 -49.72 2.88
CA THR D 561 -2.33 -48.80 3.96
C THR D 561 -2.62 -47.38 3.48
N THR D 562 -2.51 -47.17 2.17
CA THR D 562 -2.76 -45.87 1.53
C THR D 562 -4.02 -45.18 2.03
N PHE D 563 -5.11 -45.93 2.16
CA PHE D 563 -6.40 -45.35 2.56
C PHE D 563 -6.48 -45.02 4.05
N ARG D 564 -5.58 -45.57 4.86
CA ARG D 564 -5.60 -45.29 6.28
C ARG D 564 -4.24 -44.80 6.78
N ASP D 565 -3.35 -45.73 7.11
CA ASP D 565 -2.15 -45.42 7.86
C ASP D 565 -1.11 -44.57 7.16
N ALA D 566 -1.10 -44.58 5.83
CA ALA D 566 -0.13 -43.79 5.10
C ALA D 566 -0.41 -42.30 5.26
N HIS D 567 -1.67 -41.90 5.15
CA HIS D 567 -1.98 -40.49 5.32
C HIS D 567 -2.12 -40.09 6.79
N GLN D 568 -2.51 -41.04 7.64
CA GLN D 568 -2.44 -40.80 9.09
C GLN D 568 -1.02 -40.40 9.46
N SER D 569 -0.03 -41.06 8.86
CA SER D 569 1.35 -40.79 9.20
C SER D 569 1.92 -39.55 8.52
N LEU D 570 1.55 -39.31 7.25
CA LEU D 570 2.16 -38.26 6.42
C LEU D 570 1.39 -36.94 6.26
N LEU D 571 0.07 -37.00 6.43
CA LEU D 571 -0.82 -35.89 6.15
C LEU D 571 -1.87 -35.67 7.26
N ALA D 572 -1.52 -35.99 8.51
CA ALA D 572 -2.43 -35.82 9.66
C ALA D 572 -3.84 -36.42 9.44
N THR D 573 -3.90 -37.54 8.75
CA THR D 573 -5.19 -38.22 8.44
C THR D 573 -6.23 -37.38 7.70
N ARG D 574 -5.79 -36.41 6.92
CA ARG D 574 -6.72 -35.50 6.28
C ARG D 574 -7.28 -35.99 4.94
N VAL D 575 -6.77 -37.10 4.43
CA VAL D 575 -7.22 -37.51 3.09
C VAL D 575 -8.71 -37.82 3.09
N ARG D 576 -9.41 -37.17 2.17
CA ARG D 576 -10.86 -37.24 2.11
C ARG D 576 -11.38 -38.46 1.37
N THR D 577 -12.57 -38.90 1.76
CA THR D 577 -13.30 -39.94 1.07
C THR D 577 -13.22 -39.75 -0.44
N LYS D 578 -13.44 -38.51 -0.89
CA LYS D 578 -13.57 -38.22 -2.31
C LYS D 578 -12.37 -38.68 -3.12
N ASP D 579 -11.19 -38.52 -2.55
CA ASP D 579 -9.97 -38.94 -3.22
C ASP D 579 -9.79 -40.46 -3.22
N MET D 580 -10.40 -41.13 -2.23
CA MET D 580 -10.36 -42.58 -2.18
C MET D 580 -11.33 -43.15 -3.20
N ILE D 581 -12.59 -42.69 -3.15
CA ILE D 581 -13.62 -43.09 -4.12
C ILE D 581 -13.13 -43.05 -5.56
N ASN D 582 -12.48 -41.95 -5.94
CA ASN D 582 -12.02 -41.76 -7.30
C ASN D 582 -11.15 -42.91 -7.84
N ILE D 583 -10.23 -43.43 -7.03
CA ILE D 583 -9.45 -44.61 -7.46
C ILE D 583 -9.95 -45.95 -6.96
N ALA D 584 -11.11 -45.95 -6.31
CA ALA D 584 -11.62 -47.19 -5.75
C ALA D 584 -11.64 -48.30 -6.80
N SER D 585 -12.24 -48.04 -7.96
CA SER D 585 -12.28 -49.04 -9.02
C SER D 585 -10.88 -49.47 -9.51
N LYS D 586 -9.96 -48.51 -9.66
CA LYS D 586 -8.61 -48.86 -10.09
C LYS D 586 -7.90 -49.70 -9.02
N THR D 587 -8.10 -49.32 -7.76
CA THR D 587 -7.55 -50.00 -6.59
C THR D 587 -8.02 -51.44 -6.55
N ALA D 588 -9.33 -51.63 -6.77
CA ALA D 588 -9.95 -52.94 -6.78
C ALA D 588 -9.24 -53.88 -7.77
N ASP D 589 -8.80 -53.31 -8.89
CA ASP D 589 -8.04 -54.07 -9.88
C ASP D 589 -6.59 -54.28 -9.46
N VAL D 590 -5.91 -53.22 -9.03
CA VAL D 590 -4.49 -53.31 -8.69
C VAL D 590 -4.24 -54.36 -7.60
N PHE D 591 -5.00 -54.27 -6.51
CA PHE D 591 -4.84 -55.17 -5.36
C PHE D 591 -5.78 -56.39 -5.39
N LYS D 592 -6.21 -56.80 -6.58
CA LYS D 592 -7.14 -57.93 -6.72
C LYS D 592 -6.64 -59.21 -6.01
N ASP D 593 -5.32 -59.30 -5.81
CA ASP D 593 -4.67 -60.44 -5.17
C ASP D 593 -4.07 -60.11 -3.79
N GLY D 594 -4.34 -58.90 -3.28
CA GLY D 594 -3.85 -58.51 -1.97
C GLY D 594 -4.56 -59.30 -0.88
N PHE D 595 -4.03 -59.29 0.32
CA PHE D 595 -4.75 -59.91 1.41
C PHE D 595 -5.87 -59.00 1.90
N SER D 596 -5.57 -57.70 2.08
CA SER D 596 -6.58 -56.74 2.51
C SER D 596 -6.16 -55.31 2.24
N LEU D 597 -7.12 -54.38 2.32
CA LEU D 597 -6.89 -52.95 2.33
C LEU D 597 -7.18 -52.34 3.71
N GLU D 598 -6.16 -51.84 4.39
CA GLU D 598 -6.42 -51.06 5.59
C GLU D 598 -7.06 -49.75 5.16
N MET D 599 -8.28 -49.50 5.60
CA MET D 599 -9.00 -48.33 5.13
C MET D 599 -9.91 -47.74 6.20
N TRP D 600 -9.73 -48.15 7.45
CA TRP D 600 -10.63 -47.68 8.53
C TRP D 600 -9.98 -47.84 9.89
N GLY D 601 -10.55 -47.21 10.92
CA GLY D 601 -9.99 -47.30 12.26
C GLY D 601 -8.85 -46.31 12.46
N GLY D 602 -8.11 -46.48 13.55
CA GLY D 602 -7.03 -45.55 13.88
C GLY D 602 -7.64 -44.19 14.10
N ALA D 603 -7.03 -43.15 13.54
CA ALA D 603 -7.49 -41.76 13.73
C ALA D 603 -8.61 -41.35 12.75
N THR D 604 -8.88 -42.18 11.77
CA THR D 604 -9.78 -41.77 10.69
C THR D 604 -11.22 -41.55 11.13
N PHE D 605 -11.73 -42.36 12.05
CA PHE D 605 -13.11 -42.21 12.52
C PHE D 605 -13.34 -40.80 13.04
N ASP D 606 -12.44 -40.39 13.91
CA ASP D 606 -12.46 -39.12 14.59
C ASP D 606 -12.18 -37.96 13.62
N VAL D 607 -11.09 -38.05 12.86
CA VAL D 607 -10.70 -36.98 11.97
C VAL D 607 -11.76 -36.71 10.91
N ALA D 608 -12.32 -37.77 10.34
CA ALA D 608 -13.39 -37.64 9.37
C ALA D 608 -14.58 -36.86 9.95
N TYR D 609 -15.07 -37.26 11.12
CA TYR D 609 -16.22 -36.56 11.73
C TYR D 609 -15.84 -35.13 12.11
N ASN D 610 -14.62 -34.97 12.65
CA ASN D 610 -14.24 -33.70 13.27
C ASN D 610 -13.60 -32.65 12.36
N PHE D 611 -12.46 -32.95 11.75
CA PHE D 611 -11.81 -31.96 10.90
C PHE D 611 -12.43 -31.91 9.52
N LEU D 612 -12.64 -33.08 8.90
CA LEU D 612 -13.19 -33.16 7.52
C LEU D 612 -14.71 -33.01 7.47
N LYS D 613 -15.37 -33.18 8.62
CA LYS D 613 -16.82 -33.07 8.71
C LYS D 613 -17.52 -33.94 7.68
N GLU D 614 -17.05 -35.18 7.55
CA GLU D 614 -17.69 -36.19 6.71
C GLU D 614 -17.87 -37.49 7.49
N ASN D 615 -18.89 -38.26 7.15
CA ASN D 615 -19.24 -39.44 7.87
C ASN D 615 -18.35 -40.63 7.51
N PRO D 616 -17.55 -41.12 8.46
CA PRO D 616 -16.67 -42.29 8.20
C PRO D 616 -17.42 -43.55 7.81
N TRP D 617 -18.67 -43.65 8.23
CA TRP D 617 -19.50 -44.78 7.85
C TRP D 617 -19.78 -44.78 6.36
N GLU D 618 -20.04 -43.59 5.80
CA GLU D 618 -20.22 -43.42 4.37
C GLU D 618 -18.96 -43.78 3.59
N ARG D 619 -17.79 -43.41 4.11
CA ARG D 619 -16.53 -43.85 3.52
C ARG D 619 -16.46 -45.38 3.40
N LEU D 620 -16.65 -46.07 4.52
CA LEU D 620 -16.70 -47.53 4.55
C LEU D 620 -17.68 -48.10 3.51
N GLU D 621 -18.93 -47.64 3.57
CA GLU D 621 -19.99 -48.21 2.73
C GLU D 621 -19.75 -48.00 1.25
N ARG D 622 -19.38 -46.78 0.86
CA ARG D 622 -19.09 -46.46 -0.54
C ARG D 622 -17.86 -47.22 -1.09
N LEU D 623 -16.78 -47.23 -0.32
CA LEU D 623 -15.60 -48.06 -0.66
C LEU D 623 -15.96 -49.55 -0.80
N ARG D 624 -16.89 -50.01 0.05
CA ARG D 624 -17.36 -51.38 0.04
C ARG D 624 -17.97 -51.77 -1.30
N LYS D 625 -18.91 -50.98 -1.80
CA LYS D 625 -19.54 -51.26 -3.09
C LYS D 625 -18.48 -51.28 -4.19
N ALA D 626 -17.58 -50.29 -4.16
CA ALA D 626 -16.60 -50.10 -5.21
C ALA D 626 -15.53 -51.18 -5.22
N ILE D 627 -15.25 -51.75 -4.05
CA ILE D 627 -14.22 -52.76 -3.92
C ILE D 627 -14.81 -54.00 -3.22
N PRO D 628 -15.60 -54.79 -3.95
CA PRO D 628 -16.21 -55.98 -3.37
C PRO D 628 -15.31 -57.20 -3.31
N ASN D 629 -14.11 -57.13 -3.90
CA ASN D 629 -13.24 -58.30 -4.05
C ASN D 629 -12.16 -58.49 -2.99
N VAL D 630 -11.78 -57.42 -2.30
CA VAL D 630 -10.69 -57.50 -1.33
C VAL D 630 -11.20 -57.28 0.08
N LEU D 631 -10.62 -58.02 1.02
CA LEU D 631 -10.98 -57.91 2.42
C LEU D 631 -10.69 -56.50 2.90
N PHE D 632 -11.61 -55.94 3.68
CA PHE D 632 -11.39 -54.65 4.30
C PHE D 632 -10.87 -54.83 5.71
N GLN D 633 -9.77 -54.14 6.01
CA GLN D 633 -9.12 -54.22 7.32
C GLN D 633 -9.19 -52.89 8.05
N MET D 634 -9.32 -52.93 9.36
CA MET D 634 -9.23 -51.75 10.21
C MET D 634 -8.36 -51.99 11.43
N LEU D 635 -7.83 -50.91 12.00
CA LEU D 635 -7.12 -50.96 13.28
C LEU D 635 -8.11 -50.73 14.40
N LEU D 636 -8.05 -51.57 15.43
CA LEU D 636 -8.99 -51.50 16.53
C LEU D 636 -8.31 -51.54 17.89
N ARG D 637 -8.37 -50.44 18.64
CA ARG D 637 -7.77 -50.37 19.96
C ARG D 637 -8.59 -51.22 20.93
N ALA D 638 -7.98 -52.27 21.47
CA ALA D 638 -8.68 -53.20 22.35
C ALA D 638 -9.52 -52.49 23.42
N SER D 639 -8.88 -51.60 24.18
CA SER D 639 -9.56 -50.86 25.25
C SER D 639 -10.78 -50.10 24.75
N ASN D 640 -10.58 -49.24 23.75
CA ASN D 640 -11.59 -48.24 23.43
C ASN D 640 -11.92 -48.11 21.95
N ALA D 641 -11.81 -49.22 21.23
CA ALA D 641 -12.13 -49.30 19.81
C ALA D 641 -11.44 -48.22 18.99
N VAL D 642 -12.19 -47.20 18.64
CA VAL D 642 -11.72 -46.16 17.78
C VAL D 642 -11.91 -44.83 18.51
N GLY D 643 -12.25 -44.94 19.79
CA GLY D 643 -12.54 -43.80 20.65
C GLY D 643 -11.35 -43.14 21.34
N TYR D 644 -11.68 -42.24 22.27
CA TYR D 644 -10.69 -41.38 22.94
C TYR D 644 -10.65 -41.62 24.45
N LYS D 645 -11.38 -42.65 24.89
CA LYS D 645 -11.79 -42.77 26.29
C LYS D 645 -11.75 -44.23 26.73
N ASN D 646 -12.52 -44.54 27.77
CA ASN D 646 -12.85 -45.91 28.13
C ASN D 646 -14.31 -46.14 27.87
N TYR D 647 -14.64 -47.36 27.44
CA TYR D 647 -16.02 -47.72 27.15
C TYR D 647 -16.37 -49.09 27.69
N PRO D 648 -17.58 -49.21 28.25
CA PRO D 648 -18.09 -50.51 28.71
C PRO D 648 -18.13 -51.52 27.56
N ASP D 649 -18.11 -52.80 27.90
CA ASP D 649 -18.07 -53.88 26.92
C ASP D 649 -19.13 -53.80 25.84
N ASN D 650 -20.33 -53.36 26.18
CA ASN D 650 -21.42 -53.37 25.23
C ASN D 650 -21.25 -52.35 24.10
N VAL D 651 -20.52 -51.27 24.40
CA VAL D 651 -20.10 -50.31 23.42
C VAL D 651 -19.07 -50.94 22.46
N ILE D 652 -18.13 -51.71 22.98
CA ILE D 652 -17.19 -52.43 22.12
C ILE D 652 -17.93 -53.40 21.20
N HIS D 653 -18.90 -54.13 21.76
CA HIS D 653 -19.70 -55.07 20.97
C HIS D 653 -20.53 -54.40 19.88
N LYS D 654 -21.26 -53.32 20.24
CA LYS D 654 -22.09 -52.65 19.24
C LYS D 654 -21.24 -52.10 18.08
N PHE D 655 -20.06 -51.57 18.39
CA PHE D 655 -19.22 -51.01 17.35
C PHE D 655 -18.74 -52.07 16.36
N VAL D 656 -18.28 -53.21 16.85
CA VAL D 656 -17.80 -54.31 16.01
C VAL D 656 -18.96 -54.81 15.16
N GLN D 657 -20.13 -54.98 15.78
CA GLN D 657 -21.36 -55.38 15.11
C GLN D 657 -21.64 -54.50 13.89
N GLU D 658 -21.67 -53.19 14.13
CA GLU D 658 -22.00 -52.27 13.07
C GLU D 658 -20.88 -52.20 12.05
N SER D 659 -19.63 -52.35 12.51
CA SER D 659 -18.48 -52.27 11.64
C SER D 659 -18.48 -53.43 10.68
N ALA D 660 -18.72 -54.63 11.21
CA ALA D 660 -18.75 -55.85 10.42
C ALA D 660 -19.90 -55.82 9.41
N LYS D 661 -21.08 -55.38 9.86
CA LYS D 661 -22.23 -55.20 8.98
C LYS D 661 -21.89 -54.26 7.82
N ALA D 662 -21.23 -53.15 8.13
CA ALA D 662 -20.97 -52.13 7.12
C ALA D 662 -19.94 -52.53 6.06
N GLY D 663 -19.10 -53.52 6.37
CA GLY D 663 -18.13 -53.97 5.39
C GLY D 663 -16.76 -54.43 5.86
N ILE D 664 -16.43 -54.22 7.14
CA ILE D 664 -15.10 -54.56 7.67
C ILE D 664 -14.96 -56.08 7.87
N ASP D 665 -13.84 -56.64 7.43
CA ASP D 665 -13.66 -58.09 7.45
C ASP D 665 -12.52 -58.52 8.35
N VAL D 666 -11.48 -57.71 8.45
CA VAL D 666 -10.35 -58.02 9.30
C VAL D 666 -10.20 -56.91 10.32
N PHE D 667 -10.17 -57.28 11.60
CA PHE D 667 -9.98 -56.33 12.68
C PHE D 667 -8.62 -56.61 13.32
N ARG D 668 -7.68 -55.68 13.17
CA ARG D 668 -6.40 -55.84 13.85
C ARG D 668 -6.55 -55.31 15.28
N ILE D 669 -6.48 -56.21 16.26
CA ILE D 669 -6.71 -55.83 17.64
C ILE D 669 -5.38 -55.76 18.40
N PHE D 670 -5.14 -54.62 19.00
CA PHE D 670 -3.92 -54.39 19.74
C PHE D 670 -4.24 -53.63 21.01
N ASP D 671 -3.41 -53.85 22.03
CA ASP D 671 -3.49 -53.12 23.28
C ASP D 671 -2.22 -52.33 23.52
N SER D 672 -2.37 -51.12 24.03
CA SER D 672 -1.24 -50.22 24.26
C SER D 672 -0.11 -50.80 25.11
N LEU D 673 -0.44 -51.67 26.06
CA LEU D 673 0.57 -52.19 26.97
C LEU D 673 0.80 -53.70 26.78
N ASN D 674 0.34 -54.22 25.64
CA ASN D 674 0.45 -55.64 25.32
C ASN D 674 -0.22 -56.53 26.34
N TRP D 675 -1.32 -56.05 26.90
CA TRP D 675 -1.98 -56.74 27.98
C TRP D 675 -3.16 -57.56 27.46
N VAL D 676 -2.91 -58.85 27.29
CA VAL D 676 -3.84 -59.80 26.66
C VAL D 676 -5.25 -59.72 27.24
N ASP D 677 -5.34 -59.60 28.57
CA ASP D 677 -6.62 -59.50 29.26
C ASP D 677 -7.53 -58.45 28.65
N GLN D 678 -6.93 -57.36 28.16
CA GLN D 678 -7.73 -56.26 27.66
C GLN D 678 -8.17 -56.45 26.21
N MET D 679 -7.76 -57.55 25.59
CA MET D 679 -8.07 -57.80 24.18
C MET D 679 -9.23 -58.75 23.95
N LYS D 680 -9.75 -59.31 25.03
CA LYS D 680 -10.74 -60.40 24.96
C LYS D 680 -12.11 -59.94 24.49
N VAL D 681 -12.58 -58.79 25.00
CA VAL D 681 -13.89 -58.27 24.64
C VAL D 681 -13.98 -58.02 23.15
N ALA D 682 -12.99 -57.32 22.61
CA ALA D 682 -12.91 -57.08 21.16
C ALA D 682 -12.89 -58.39 20.37
N ASN D 683 -12.10 -59.35 20.85
CA ASN D 683 -11.96 -60.66 20.18
C ASN D 683 -13.27 -61.42 20.10
N GLU D 684 -14.03 -61.43 21.19
CA GLU D 684 -15.27 -62.18 21.27
C GLU D 684 -16.27 -61.63 20.26
N ALA D 685 -16.34 -60.31 20.17
CA ALA D 685 -17.20 -59.62 19.21
C ALA D 685 -16.83 -59.87 17.75
N VAL D 686 -15.54 -59.94 17.47
CA VAL D 686 -15.13 -60.22 16.09
C VAL D 686 -15.47 -61.68 15.76
N GLN D 687 -15.23 -62.59 16.71
CA GLN D 687 -15.57 -64.01 16.54
C GLN D 687 -17.06 -64.16 16.25
N GLU D 688 -17.88 -63.47 17.03
CA GLU D 688 -19.32 -63.52 16.86
C GLU D 688 -19.80 -62.99 15.50
N ALA D 689 -19.08 -62.00 14.97
CA ALA D 689 -19.42 -61.39 13.69
C ALA D 689 -18.95 -62.26 12.51
N GLY D 690 -18.24 -63.34 12.83
CA GLY D 690 -17.73 -64.27 11.83
C GLY D 690 -16.70 -63.61 10.94
N LYS D 691 -15.86 -62.76 11.53
CA LYS D 691 -14.88 -61.99 10.79
C LYS D 691 -13.50 -62.29 11.33
N ILE D 692 -12.47 -61.89 10.59
CA ILE D 692 -11.08 -62.20 10.94
C ILE D 692 -10.57 -61.29 12.05
N SER D 693 -10.01 -61.93 13.07
CA SER D 693 -9.48 -61.29 14.27
C SER D 693 -7.97 -61.43 14.28
N GLU D 694 -7.26 -60.30 14.15
CA GLU D 694 -5.80 -60.28 14.25
C GLU D 694 -5.34 -59.86 15.63
N GLY D 695 -4.72 -60.79 16.35
CA GLY D 695 -4.16 -60.51 17.67
C GLY D 695 -2.79 -59.90 17.51
N THR D 696 -2.61 -58.73 18.10
CA THR D 696 -1.40 -57.93 17.87
C THR D 696 -0.44 -57.94 19.04
N ILE D 697 0.83 -58.05 18.69
CA ILE D 697 1.91 -57.78 19.63
C ILE D 697 2.58 -56.50 19.16
N CYS D 698 2.60 -55.51 20.04
CA CYS D 698 3.36 -54.30 19.78
C CYS D 698 4.82 -54.54 20.16
N TYR D 699 5.74 -54.09 19.31
CA TYR D 699 7.18 -54.31 19.50
C TYR D 699 7.90 -53.11 20.12
N THR D 700 8.65 -53.33 21.20
CA THR D 700 9.61 -52.33 21.71
C THR D 700 10.93 -52.98 22.00
N GLY D 701 11.93 -52.17 22.33
CA GLY D 701 13.24 -52.67 22.66
C GLY D 701 13.99 -53.21 21.46
N ASP D 702 14.82 -54.22 21.71
CA ASP D 702 15.76 -54.71 20.73
C ASP D 702 16.21 -56.10 21.12
N ILE D 703 15.62 -57.11 20.49
CA ILE D 703 15.98 -58.49 20.85
C ILE D 703 17.45 -58.83 20.50
N LEU D 704 18.09 -58.01 19.67
CA LEU D 704 19.48 -58.19 19.28
C LEU D 704 20.42 -57.76 20.39
N ASN D 705 19.91 -56.94 21.31
CA ASN D 705 20.70 -56.40 22.38
C ASN D 705 20.19 -56.89 23.74
N PRO D 706 20.94 -57.79 24.36
CA PRO D 706 20.56 -58.37 25.66
C PRO D 706 20.69 -57.36 26.79
N GLU D 707 21.34 -56.23 26.50
CA GLU D 707 21.60 -55.19 27.48
C GLU D 707 20.44 -54.19 27.49
N ARG D 708 19.61 -54.26 26.45
CA ARG D 708 18.48 -53.34 26.25
C ARG D 708 17.33 -53.57 27.23
N SER D 709 16.92 -54.83 27.40
CA SER D 709 15.84 -55.15 28.33
C SER D 709 15.86 -56.60 28.79
N ASN D 710 15.66 -56.78 30.10
CA ASN D 710 15.35 -58.07 30.70
C ASN D 710 14.01 -58.63 30.27
N ILE D 711 13.08 -57.73 29.92
CA ILE D 711 11.68 -58.08 29.74
C ILE D 711 11.27 -58.39 28.30
N TYR D 712 11.53 -57.45 27.38
CA TYR D 712 11.10 -57.59 25.99
C TYR D 712 12.09 -58.40 25.17
N THR D 713 12.29 -59.64 25.60
CA THR D 713 13.21 -60.58 24.97
C THR D 713 12.46 -61.40 23.91
N LEU D 714 13.17 -62.31 23.26
CA LEU D 714 12.57 -63.21 22.28
C LEU D 714 11.50 -64.11 22.88
N GLU D 715 11.77 -64.67 24.06
CA GLU D 715 10.83 -65.60 24.70
C GLU D 715 9.59 -64.88 25.25
N TYR D 716 9.72 -63.57 25.46
CA TYR D 716 8.58 -62.76 25.84
C TYR D 716 7.58 -62.72 24.71
N TYR D 717 8.08 -62.54 23.49
CA TYR D 717 7.23 -62.49 22.31
C TYR D 717 6.67 -63.86 21.94
N VAL D 718 7.46 -64.92 22.14
CA VAL D 718 6.98 -66.27 21.90
C VAL D 718 5.84 -66.63 22.87
N LYS D 719 6.01 -66.30 24.14
CA LYS D 719 5.00 -66.60 25.16
C LYS D 719 3.68 -65.93 24.77
N LEU D 720 3.75 -64.62 24.52
CA LEU D 720 2.63 -63.80 24.10
C LEU D 720 1.94 -64.29 22.83
N ALA D 721 2.72 -64.75 21.85
CA ALA D 721 2.16 -65.29 20.62
C ALA D 721 1.35 -66.55 20.91
N LYS D 722 1.96 -67.53 21.59
CA LYS D 722 1.27 -68.76 21.99
C LYS D 722 -0.02 -68.47 22.75
N GLU D 723 0.03 -67.43 23.59
CA GLU D 723 -1.11 -66.95 24.35
C GLU D 723 -2.22 -66.38 23.45
N LEU D 724 -1.83 -65.56 22.48
CA LEU D 724 -2.79 -65.00 21.54
C LEU D 724 -3.40 -66.09 20.65
N GLU D 725 -2.61 -67.11 20.32
CA GLU D 725 -3.11 -68.28 19.63
C GLU D 725 -4.16 -68.98 20.49
N ARG D 726 -3.89 -69.10 21.79
CA ARG D 726 -4.82 -69.78 22.70
C ARG D 726 -6.18 -69.09 22.79
N GLU D 727 -6.19 -67.75 22.66
CA GLU D 727 -7.43 -66.97 22.69
C GLU D 727 -8.26 -67.09 21.40
N GLY D 728 -7.66 -67.67 20.37
CA GLY D 728 -8.39 -67.96 19.15
C GLY D 728 -8.31 -66.90 18.07
N PHE D 729 -7.28 -66.06 18.12
CA PHE D 729 -7.03 -65.13 17.02
C PHE D 729 -6.67 -65.92 15.77
N HIS D 730 -7.21 -65.49 14.63
CA HIS D 730 -6.99 -66.20 13.37
C HIS D 730 -5.60 -65.89 12.79
N ILE D 731 -5.11 -64.67 13.03
CA ILE D 731 -3.83 -64.21 12.52
C ILE D 731 -3.05 -63.51 13.62
N LEU D 732 -1.73 -63.74 13.67
CA LEU D 732 -0.85 -62.97 14.55
C LEU D 732 -0.23 -61.79 13.80
N ALA D 733 -0.37 -60.60 14.38
CA ALA D 733 0.24 -59.40 13.82
C ALA D 733 1.36 -58.89 14.72
N ILE D 734 2.47 -58.51 14.11
CA ILE D 734 3.50 -57.75 14.82
C ILE D 734 3.30 -56.30 14.42
N LYS D 735 2.97 -55.46 15.39
CA LYS D 735 2.82 -54.03 15.14
C LYS D 735 4.04 -53.28 15.65
N ASP D 736 4.84 -52.75 14.70
CA ASP D 736 6.07 -52.02 15.01
C ASP D 736 5.81 -50.51 14.84
N MET D 737 5.17 -49.91 15.85
CA MET D 737 4.66 -48.54 15.77
C MET D 737 5.74 -47.47 15.64
N ALA D 738 6.92 -47.75 16.20
CA ALA D 738 8.03 -46.80 16.14
C ALA D 738 9.13 -47.18 15.14
N GLY D 739 8.87 -48.21 14.33
CA GLY D 739 9.87 -48.69 13.38
C GLY D 739 11.17 -49.15 14.04
N LEU D 740 11.05 -49.83 15.19
CA LEU D 740 12.22 -50.27 15.97
C LEU D 740 12.70 -51.68 15.65
N LEU D 741 11.95 -52.41 14.82
CA LEU D 741 12.30 -53.78 14.47
C LEU D 741 13.42 -53.80 13.43
N LYS D 742 14.64 -53.96 13.90
CA LYS D 742 15.83 -53.97 13.04
C LYS D 742 15.87 -55.21 12.16
N PRO D 743 16.47 -55.09 10.97
CA PRO D 743 16.47 -56.19 9.99
C PRO D 743 16.78 -57.57 10.56
N LYS D 744 17.90 -57.71 11.26
CA LYS D 744 18.24 -59.02 11.82
C LYS D 744 17.23 -59.44 12.89
N ALA D 745 16.83 -58.49 13.72
CA ALA D 745 15.77 -58.72 14.71
C ALA D 745 14.52 -59.32 14.06
N ALA D 746 14.12 -58.76 12.93
CA ALA D 746 12.94 -59.22 12.20
C ALA D 746 13.09 -60.69 11.83
N TYR D 747 14.20 -61.02 11.16
CA TYR D 747 14.51 -62.39 10.75
C TYR D 747 14.43 -63.36 11.94
N GLU D 748 15.00 -62.94 13.06
CA GLU D 748 15.02 -63.76 14.26
C GLU D 748 13.65 -63.90 14.92
N LEU D 749 12.90 -62.82 14.99
CA LEU D 749 11.61 -62.83 15.64
C LEU D 749 10.57 -63.63 14.87
N ILE D 750 10.46 -63.36 13.57
CA ILE D 750 9.48 -64.04 12.72
C ILE D 750 9.82 -65.51 12.54
N GLY D 751 11.11 -65.80 12.45
CA GLY D 751 11.63 -67.17 12.43
C GLY D 751 11.23 -67.97 13.66
N GLU D 752 11.46 -67.39 14.84
CA GLU D 752 11.02 -68.01 16.09
C GLU D 752 9.51 -68.15 16.19
N LEU D 753 8.77 -67.10 15.84
CA LEU D 753 7.32 -67.15 15.95
C LEU D 753 6.68 -68.20 15.03
N LYS D 754 7.19 -68.31 13.79
CA LYS D 754 6.76 -69.39 12.88
C LYS D 754 6.83 -70.75 13.56
N SER D 755 7.94 -71.01 14.26
CA SER D 755 8.08 -72.21 15.10
C SER D 755 6.99 -72.26 16.18
N ALA D 756 6.96 -71.20 17.00
CA ALA D 756 6.13 -71.13 18.19
C ALA D 756 4.63 -71.39 17.96
N VAL D 757 4.05 -70.74 16.96
CA VAL D 757 2.60 -70.84 16.72
C VAL D 757 2.29 -71.23 15.30
N ASP D 758 1.03 -71.60 15.06
CA ASP D 758 0.59 -72.03 13.74
C ASP D 758 -0.21 -71.00 12.96
N LEU D 759 -0.55 -69.91 13.62
CA LEU D 759 -1.16 -68.76 12.98
C LEU D 759 -0.21 -68.23 11.90
N PRO D 760 -0.76 -67.73 10.80
CA PRO D 760 0.02 -66.93 9.87
C PRO D 760 0.43 -65.62 10.53
N ILE D 761 1.54 -65.05 10.09
CA ILE D 761 2.07 -63.84 10.73
C ILE D 761 1.93 -62.60 9.83
N HIS D 762 1.39 -61.52 10.39
CA HIS D 762 1.13 -60.29 9.65
C HIS D 762 2.01 -59.17 10.20
N LEU D 763 3.01 -58.75 9.42
CA LEU D 763 3.96 -57.76 9.92
C LEU D 763 3.62 -56.32 9.47
N HIS D 764 3.71 -55.41 10.42
CA HIS D 764 3.46 -54.01 10.17
C HIS D 764 4.58 -53.19 10.78
N THR D 765 5.24 -52.37 9.96
CA THR D 765 6.26 -51.47 10.48
C THR D 765 6.20 -50.08 9.84
N HIS D 766 7.00 -49.16 10.38
CA HIS D 766 7.16 -47.81 9.84
C HIS D 766 8.60 -47.63 9.37
N ASP D 767 8.81 -46.80 8.35
CA ASP D 767 10.12 -46.70 7.69
C ASP D 767 10.90 -45.47 8.20
N THR D 768 10.59 -45.07 9.43
CA THR D 768 11.10 -43.82 9.97
C THR D 768 12.61 -43.82 10.24
N SER D 769 13.16 -45.02 10.40
CA SER D 769 14.60 -45.20 10.56
C SER D 769 15.27 -45.29 9.21
N GLY D 770 14.46 -45.48 8.17
CA GLY D 770 14.97 -45.70 6.83
C GLY D 770 15.27 -47.15 6.50
N ASN D 771 15.13 -48.04 7.48
CA ASN D 771 15.47 -49.45 7.32
C ASN D 771 14.27 -50.37 7.08
N GLY D 772 13.12 -49.81 6.68
CA GLY D 772 11.89 -50.57 6.61
C GLY D 772 11.92 -51.73 5.61
N LEU D 773 12.32 -51.43 4.38
CA LEU D 773 12.45 -52.43 3.35
C LEU D 773 13.38 -53.56 3.77
N LEU D 774 14.50 -53.23 4.41
CA LEU D 774 15.37 -54.29 4.92
C LEU D 774 14.64 -55.18 5.92
N THR D 775 13.97 -54.56 6.88
CA THR D 775 13.17 -55.30 7.85
C THR D 775 12.18 -56.23 7.14
N TYR D 776 11.48 -55.72 6.13
CA TYR D 776 10.56 -56.55 5.37
C TYR D 776 11.27 -57.70 4.66
N LYS D 777 12.31 -57.40 3.90
CA LYS D 777 13.06 -58.41 3.18
C LYS D 777 13.52 -59.54 4.09
N GLN D 778 14.08 -59.18 5.23
CA GLN D 778 14.52 -60.16 6.23
C GLN D 778 13.36 -60.97 6.77
N ALA D 779 12.25 -60.30 7.08
CA ALA D 779 11.01 -60.96 7.54
C ALA D 779 10.49 -61.93 6.47
N ILE D 780 10.54 -61.49 5.22
CA ILE D 780 10.21 -62.35 4.10
C ILE D 780 11.10 -63.61 4.04
N ASP D 781 12.40 -63.47 4.33
CA ASP D 781 13.30 -64.64 4.38
C ASP D 781 12.91 -65.60 5.51
N ALA D 782 12.42 -65.07 6.63
CA ALA D 782 12.06 -65.90 7.77
C ALA D 782 10.67 -66.52 7.67
N GLY D 783 9.95 -66.23 6.59
CA GLY D 783 8.68 -66.87 6.30
C GLY D 783 7.42 -66.06 6.55
N VAL D 784 7.55 -64.74 6.67
CA VAL D 784 6.41 -63.87 6.98
C VAL D 784 5.30 -64.07 5.94
N ASP D 785 4.04 -63.97 6.36
CA ASP D 785 2.91 -64.28 5.48
C ASP D 785 2.39 -63.06 4.74
N ILE D 786 2.13 -61.98 5.49
CA ILE D 786 1.56 -60.75 4.95
C ILE D 786 2.37 -59.60 5.49
N ILE D 787 2.48 -58.52 4.70
CA ILE D 787 3.14 -57.30 5.15
C ILE D 787 2.32 -56.06 4.80
N ASP D 788 2.44 -55.03 5.60
CA ASP D 788 1.75 -53.78 5.35
C ASP D 788 2.62 -52.85 4.52
N THR D 789 2.16 -52.53 3.31
CA THR D 789 2.87 -51.61 2.42
C THR D 789 1.99 -50.47 1.98
N ALA D 790 2.63 -49.48 1.36
CA ALA D 790 1.97 -48.33 0.78
C ALA D 790 2.51 -48.00 -0.61
N VAL D 791 1.63 -47.46 -1.43
CA VAL D 791 1.96 -46.94 -2.75
C VAL D 791 3.15 -45.96 -2.62
N ALA D 792 4.07 -46.00 -3.59
CA ALA D 792 5.36 -45.27 -3.47
C ALA D 792 5.20 -43.83 -3.03
N SER D 793 4.29 -43.11 -3.69
CA SER D 793 4.13 -41.67 -3.48
C SER D 793 3.54 -41.32 -2.12
N MET D 794 3.08 -42.33 -1.39
CA MET D 794 2.48 -42.17 -0.09
C MET D 794 3.21 -43.03 0.93
N SER D 795 4.49 -43.32 0.70
CA SER D 795 5.22 -44.27 1.53
C SER D 795 6.47 -43.67 2.16
N GLY D 796 7.18 -44.47 2.97
CA GLY D 796 8.47 -44.08 3.50
C GLY D 796 8.44 -43.06 4.63
N LEU D 797 9.62 -42.82 5.20
CA LEU D 797 9.75 -42.07 6.46
C LEU D 797 8.77 -42.64 7.46
N THR D 798 7.91 -41.83 8.07
CA THR D 798 7.00 -42.38 9.10
C THR D 798 5.83 -43.17 8.53
N SER D 799 5.79 -43.34 7.21
CA SER D 799 4.78 -44.20 6.56
C SER D 799 5.33 -45.64 6.50
N GLN D 800 4.68 -46.53 5.74
CA GLN D 800 5.21 -47.88 5.60
C GLN D 800 6.15 -47.90 4.41
N PRO D 801 7.00 -48.93 4.31
CA PRO D 801 7.82 -49.13 3.12
C PRO D 801 7.03 -49.17 1.82
N SER D 802 7.69 -48.74 0.74
CA SER D 802 7.11 -48.69 -0.58
C SER D 802 6.86 -50.09 -1.14
N ALA D 803 5.61 -50.37 -1.49
CA ALA D 803 5.30 -51.65 -2.14
C ALA D 803 6.05 -51.76 -3.47
N ASN D 804 6.10 -50.65 -4.20
CA ASN D 804 6.81 -50.55 -5.47
C ASN D 804 8.27 -50.96 -5.30
N SER D 805 8.93 -50.43 -4.27
CA SER D 805 10.35 -50.70 -4.03
C SER D 805 10.58 -52.15 -3.65
N LEU D 806 9.75 -52.64 -2.74
CA LEU D 806 9.85 -54.02 -2.27
C LEU D 806 9.68 -55.00 -3.42
N TYR D 807 8.74 -54.71 -4.30
CA TYR D 807 8.45 -55.56 -5.43
C TYR D 807 9.74 -55.94 -6.14
N TYR D 808 10.50 -54.91 -6.50
CA TYR D 808 11.76 -55.06 -7.20
C TYR D 808 12.92 -55.52 -6.31
N ALA D 809 12.93 -55.06 -5.06
CA ALA D 809 13.94 -55.47 -4.08
C ALA D 809 14.09 -56.98 -4.01
N LEU D 810 12.99 -57.70 -4.28
CA LEU D 810 12.94 -59.14 -4.12
C LEU D 810 13.43 -59.92 -5.33
N ASN D 811 13.57 -59.26 -6.47
CA ASN D 811 14.08 -59.90 -7.69
C ASN D 811 15.34 -60.73 -7.45
N GLY D 812 15.29 -62.01 -7.82
CA GLY D 812 16.41 -62.91 -7.62
C GLY D 812 16.47 -63.53 -6.24
N PHE D 813 15.56 -63.14 -5.35
CA PHE D 813 15.40 -63.80 -4.05
C PHE D 813 14.24 -64.80 -4.14
N PRO D 814 14.19 -65.77 -3.23
CA PRO D 814 13.26 -66.89 -3.33
C PRO D 814 11.76 -66.51 -3.39
N ARG D 815 11.34 -65.49 -2.67
CA ARG D 815 9.92 -65.19 -2.60
C ARG D 815 9.54 -63.91 -3.32
N HIS D 816 8.41 -63.96 -4.01
CA HIS D 816 7.92 -62.87 -4.83
C HIS D 816 6.77 -62.14 -4.07
N LEU D 817 6.64 -60.85 -4.31
CA LEU D 817 5.51 -60.08 -3.75
C LEU D 817 4.34 -60.23 -4.70
N ARG D 818 3.24 -60.82 -4.23
CA ARG D 818 2.05 -61.02 -5.09
C ARG D 818 1.30 -59.71 -5.31
N THR D 819 1.55 -59.04 -6.43
CA THR D 819 0.88 -57.77 -6.75
C THR D 819 1.08 -57.32 -8.20
N ASP D 820 0.44 -56.23 -8.60
CA ASP D 820 0.53 -55.68 -9.94
C ASP D 820 1.41 -54.40 -9.98
N ILE D 821 2.71 -54.50 -10.29
CA ILE D 821 3.51 -53.26 -10.30
C ILE D 821 3.03 -52.21 -11.25
N GLU D 822 2.63 -52.61 -12.45
CA GLU D 822 2.17 -51.65 -13.44
C GLU D 822 1.02 -50.85 -12.86
N GLY D 823 0.09 -51.55 -12.21
CA GLY D 823 -1.01 -50.92 -11.50
C GLY D 823 -0.55 -50.07 -10.33
N MET D 824 0.58 -50.45 -9.71
CA MET D 824 1.03 -49.72 -8.54
C MET D 824 1.80 -48.47 -8.90
N GLU D 825 2.47 -48.49 -10.06
CA GLU D 825 3.08 -47.28 -10.60
C GLU D 825 1.95 -46.29 -10.90
N SER D 826 0.90 -46.81 -11.52
CA SER D 826 -0.26 -46.03 -11.89
C SER D 826 -0.97 -45.38 -10.69
N LEU D 827 -1.17 -46.13 -9.61
CA LEU D 827 -1.72 -45.57 -8.37
C LEU D 827 -0.78 -44.55 -7.78
N SER D 828 0.50 -44.87 -7.76
CA SER D 828 1.48 -43.95 -7.21
C SER D 828 1.38 -42.57 -7.86
N HIS D 829 1.37 -42.53 -9.20
CA HIS D 829 1.21 -41.27 -9.95
C HIS D 829 -0.06 -40.55 -9.51
N TYR D 830 -1.16 -41.27 -9.44
CA TYR D 830 -2.41 -40.68 -8.99
C TYR D 830 -2.21 -40.00 -7.66
N TRP D 831 -1.70 -40.74 -6.68
CA TRP D 831 -1.57 -40.21 -5.33
C TRP D 831 -0.55 -39.10 -5.25
N SER D 832 0.47 -39.19 -6.07
CA SER D 832 1.46 -38.13 -6.15
C SER D 832 0.82 -36.77 -6.39
N THR D 833 -0.14 -36.71 -7.33
CA THR D 833 -0.84 -35.47 -7.61
C THR D 833 -1.79 -35.10 -6.48
N VAL D 834 -2.56 -36.09 -6.01
CA VAL D 834 -3.57 -35.88 -4.98
C VAL D 834 -2.93 -35.37 -3.68
N ARG D 835 -1.80 -35.96 -3.32
CA ARG D 835 -1.07 -35.56 -2.12
C ARG D 835 -0.89 -34.05 -2.11
N THR D 836 -0.52 -33.52 -3.26
CA THR D 836 -0.40 -32.09 -3.49
C THR D 836 -1.56 -31.23 -2.94
N TYR D 837 -2.79 -31.76 -2.96
CA TYR D 837 -3.93 -31.04 -2.38
C TYR D 837 -3.83 -30.87 -0.85
N TYR D 838 -2.93 -31.59 -0.21
CA TYR D 838 -2.85 -31.66 1.24
C TYR D 838 -1.56 -31.08 1.80
N SER D 839 -0.89 -30.26 0.98
CA SER D 839 0.43 -29.73 1.34
C SER D 839 0.44 -28.98 2.67
N ASP D 840 -0.67 -28.36 3.04
CA ASP D 840 -0.80 -27.71 4.35
C ASP D 840 -0.65 -28.68 5.51
N PHE D 841 -0.80 -29.97 5.25
CA PHE D 841 -0.75 -30.96 6.33
C PHE D 841 0.51 -31.83 6.35
N GLU D 842 1.43 -31.60 5.41
CA GLU D 842 2.74 -32.25 5.40
C GLU D 842 3.47 -32.01 6.71
N SER D 843 4.25 -33.00 7.16
CA SER D 843 4.99 -32.88 8.40
C SER D 843 6.46 -32.56 8.15
N ASP D 844 6.99 -31.55 8.83
CA ASP D 844 8.43 -31.20 8.80
C ASP D 844 9.42 -32.36 8.50
N ILE D 845 9.14 -33.56 8.99
CA ILE D 845 9.99 -34.75 8.77
C ILE D 845 10.27 -34.99 7.28
N LYS D 846 11.55 -35.01 6.91
CA LYS D 846 11.93 -35.23 5.51
C LYS D 846 13.15 -36.15 5.32
N SER D 847 13.64 -36.72 6.42
CA SER D 847 14.83 -37.54 6.43
C SER D 847 14.68 -38.63 7.46
N PRO D 848 15.30 -39.78 7.22
CA PRO D 848 15.32 -40.87 8.22
C PRO D 848 16.01 -40.44 9.52
N ASN D 849 15.49 -40.92 10.64
CA ASN D 849 16.04 -40.58 11.93
C ASN D 849 16.33 -41.88 12.65
N THR D 850 17.60 -42.15 12.94
CA THR D 850 17.96 -43.35 13.70
C THR D 850 17.94 -43.14 15.20
N GLU D 851 17.61 -41.93 15.64
CA GLU D 851 17.57 -41.64 17.08
C GLU D 851 16.36 -42.29 17.74
N ILE D 852 15.37 -42.65 16.93
CA ILE D 852 14.24 -43.47 17.39
C ILE D 852 14.71 -44.67 18.24
N TYR D 853 15.87 -45.24 17.91
CA TYR D 853 16.39 -46.38 18.66
C TYR D 853 16.77 -45.99 20.08
N GLN D 854 16.80 -44.69 20.36
CA GLN D 854 17.07 -44.19 21.72
C GLN D 854 15.75 -43.87 22.42
N HIS D 855 14.97 -42.96 21.85
CA HIS D 855 13.74 -42.50 22.51
C HIS D 855 12.46 -43.34 22.32
N GLU D 856 12.35 -44.05 21.20
CA GLU D 856 11.20 -44.93 20.89
C GLU D 856 9.84 -44.24 20.69
N MET D 857 9.84 -43.02 20.15
CA MET D 857 8.59 -42.31 19.90
C MET D 857 7.88 -42.84 18.64
N PRO D 858 6.65 -43.32 18.79
CA PRO D 858 5.92 -43.92 17.68
C PRO D 858 5.33 -42.93 16.67
N GLY D 859 5.17 -43.37 15.43
CA GLY D 859 4.50 -42.65 14.35
C GLY D 859 4.64 -41.13 14.34
N GLY D 860 3.52 -40.44 14.56
CA GLY D 860 3.49 -38.98 14.62
C GLY D 860 4.36 -38.44 15.74
N GLN D 861 3.94 -38.74 16.97
CA GLN D 861 4.62 -38.33 18.22
C GLN D 861 5.83 -37.39 18.15
N TYR D 862 6.91 -37.78 17.48
CA TYR D 862 8.15 -37.00 17.49
C TYR D 862 8.00 -35.53 17.08
N SER D 863 7.33 -35.26 15.96
CA SER D 863 7.16 -33.87 15.53
C SER D 863 6.02 -33.18 16.29
N ASN D 864 5.00 -33.96 16.68
CA ASN D 864 3.92 -33.49 17.55
C ASN D 864 4.46 -32.98 18.89
N LEU D 865 5.44 -33.70 19.43
CA LEU D 865 6.08 -33.35 20.70
C LEU D 865 7.13 -32.25 20.50
N SER D 866 7.34 -31.87 19.25
CA SER D 866 8.18 -30.72 18.95
C SER D 866 7.32 -29.47 18.77
N GLN D 867 6.08 -29.65 18.31
CA GLN D 867 5.09 -28.57 18.26
C GLN D 867 4.71 -28.11 19.67
N GLN D 868 4.72 -29.06 20.60
CA GLN D 868 4.38 -28.82 22.00
C GLN D 868 5.51 -28.12 22.74
N ALA D 869 6.74 -28.60 22.56
CA ALA D 869 7.94 -28.07 23.23
C ALA D 869 8.21 -26.59 22.88
N LYS D 870 7.80 -26.19 21.68
CA LYS D 870 7.82 -24.79 21.27
C LYS D 870 6.59 -24.07 21.82
N SER D 871 5.41 -24.66 21.65
CA SER D 871 4.16 -24.13 22.23
C SER D 871 4.27 -23.92 23.75
N LEU D 872 5.39 -24.33 24.33
CA LEU D 872 5.76 -23.92 25.68
C LEU D 872 6.89 -22.90 25.58
N GLY D 873 8.11 -23.30 25.94
CA GLY D 873 9.28 -22.43 25.76
C GLY D 873 10.57 -23.21 25.87
N LEU D 874 10.54 -24.44 25.36
CA LEU D 874 11.60 -25.41 25.60
C LEU D 874 12.17 -25.93 24.28
N GLY D 875 11.72 -25.31 23.18
CA GLY D 875 12.11 -25.69 21.83
C GLY D 875 13.57 -25.51 21.47
N GLU D 876 14.37 -24.98 22.40
CA GLU D 876 15.81 -24.84 22.19
C GLU D 876 16.60 -25.95 22.88
N ARG D 877 15.94 -26.65 23.81
CA ARG D 877 16.55 -27.75 24.56
C ARG D 877 15.73 -29.04 24.45
N PHE D 878 15.21 -29.29 23.24
CA PHE D 878 14.52 -30.53 22.88
C PHE D 878 15.44 -31.73 23.08
N ASP D 879 16.75 -31.47 23.08
CA ASP D 879 17.79 -32.46 23.35
C ASP D 879 17.73 -33.03 24.78
N GLU D 880 17.06 -32.30 25.67
CA GLU D 880 16.83 -32.75 27.04
C GLU D 880 15.45 -33.35 27.22
N VAL D 881 14.52 -33.00 26.31
CA VAL D 881 13.20 -33.62 26.23
C VAL D 881 13.35 -35.06 25.70
N LYS D 882 14.01 -35.17 24.55
CA LYS D 882 14.40 -36.45 23.96
C LYS D 882 15.04 -37.36 24.99
N ASP D 883 15.91 -36.80 25.84
CA ASP D 883 16.56 -37.58 26.91
C ASP D 883 15.58 -37.94 28.02
N MET D 884 14.71 -36.99 28.39
CA MET D 884 13.70 -37.21 29.43
C MET D 884 12.74 -38.31 29.02
N TYR D 885 12.25 -38.24 27.77
CA TYR D 885 11.41 -39.29 27.20
C TYR D 885 12.02 -40.68 27.42
N ARG D 886 13.23 -40.89 26.87
CA ARG D 886 14.02 -42.10 27.11
C ARG D 886 14.06 -42.46 28.60
N ARG D 887 14.28 -41.46 29.45
CA ARG D 887 14.39 -41.66 30.90
C ARG D 887 13.05 -41.92 31.60
N VAL D 888 12.02 -41.17 31.22
CA VAL D 888 10.65 -41.39 31.73
C VAL D 888 10.22 -42.82 31.47
N ASN D 889 10.53 -43.33 30.27
CA ASN D 889 10.23 -44.72 29.93
C ASN D 889 10.73 -45.70 30.98
N PHE D 890 12.00 -45.57 31.36
CA PHE D 890 12.61 -46.44 32.37
C PHE D 890 12.12 -46.16 33.78
N LEU D 891 11.71 -44.91 34.01
CA LEU D 891 11.08 -44.51 35.26
C LEU D 891 9.76 -45.22 35.45
N PHE D 892 9.06 -45.44 34.33
CA PHE D 892 7.72 -46.06 34.34
C PHE D 892 7.79 -47.58 34.22
N GLY D 893 9.00 -48.12 34.29
CA GLY D 893 9.20 -49.56 34.32
C GLY D 893 9.40 -50.15 32.95
N ASP D 894 9.66 -49.29 31.97
CA ASP D 894 9.92 -49.68 30.59
C ASP D 894 8.65 -50.22 29.94
N ILE D 895 7.86 -49.34 29.35
CA ILE D 895 6.54 -49.71 28.84
C ILE D 895 6.45 -49.75 27.32
N VAL D 896 5.35 -50.30 26.83
CA VAL D 896 5.05 -50.23 25.41
C VAL D 896 4.43 -48.86 25.14
N LYS D 897 4.97 -48.17 24.14
CA LYS D 897 4.56 -46.79 23.85
C LYS D 897 3.82 -46.67 22.51
N VAL D 898 2.49 -46.60 22.61
CA VAL D 898 1.57 -46.40 21.48
C VAL D 898 0.45 -45.50 22.00
N THR D 899 -0.58 -45.29 21.19
CA THR D 899 -1.79 -44.57 21.61
C THR D 899 -2.62 -45.44 22.58
N PRO D 900 -2.91 -44.98 23.80
CA PRO D 900 -2.47 -43.70 24.35
C PRO D 900 -1.25 -43.70 25.29
N SER D 901 -0.64 -44.86 25.52
CA SER D 901 0.51 -44.93 26.42
C SER D 901 1.64 -43.95 26.08
N SER D 902 1.73 -43.54 24.82
CA SER D 902 2.79 -42.61 24.40
C SER D 902 2.49 -41.14 24.75
N LYS D 903 1.21 -40.74 24.71
CA LYS D 903 0.78 -39.43 25.22
C LYS D 903 1.36 -39.25 26.63
N VAL D 904 1.15 -40.28 27.46
CA VAL D 904 1.59 -40.28 28.86
C VAL D 904 3.10 -40.04 28.99
N VAL D 905 3.90 -40.92 28.41
CA VAL D 905 5.35 -40.78 28.47
C VAL D 905 5.76 -39.42 27.93
N GLY D 906 5.04 -38.96 26.92
CA GLY D 906 5.25 -37.64 26.33
C GLY D 906 5.04 -36.54 27.35
N ASP D 907 3.80 -36.43 27.83
CA ASP D 907 3.45 -35.46 28.87
C ASP D 907 4.43 -35.40 30.05
N MET D 908 4.84 -36.56 30.56
CA MET D 908 5.83 -36.61 31.63
C MET D 908 7.15 -35.94 31.28
N ALA D 909 7.62 -36.15 30.05
CA ALA D 909 8.90 -35.58 29.61
C ALA D 909 8.87 -34.04 29.53
N LEU D 910 7.79 -33.49 28.97
CA LEU D 910 7.56 -32.05 28.98
C LEU D 910 7.62 -31.52 30.41
N TYR D 911 6.61 -31.90 31.19
CA TYR D 911 6.44 -31.53 32.58
C TYR D 911 7.76 -31.60 33.36
N MET D 912 8.41 -32.76 33.30
CA MET D 912 9.61 -33.04 34.09
C MET D 912 10.78 -32.09 33.81
N VAL D 913 11.04 -31.81 32.52
CA VAL D 913 12.12 -30.92 32.08
C VAL D 913 11.78 -29.48 32.44
N GLN D 914 10.50 -29.13 32.29
CA GLN D 914 9.99 -27.81 32.61
C GLN D 914 10.22 -27.48 34.10
N ASN D 915 9.63 -28.29 34.98
CA ASN D 915 9.76 -28.10 36.43
C ASN D 915 11.07 -28.64 36.98
N ASP D 916 12.06 -28.84 36.11
CA ASP D 916 13.42 -29.29 36.48
C ASP D 916 13.46 -30.51 37.42
N LEU D 917 12.74 -31.57 37.06
CA LEU D 917 12.67 -32.77 37.91
C LEU D 917 13.67 -33.86 37.53
N ASP D 918 13.97 -34.71 38.51
CA ASP D 918 14.81 -35.89 38.33
C ASP D 918 13.97 -37.16 38.46
N GLU D 919 14.65 -38.31 38.44
CA GLU D 919 14.05 -39.57 38.86
C GLU D 919 13.84 -39.54 40.38
N GLN D 920 14.77 -38.90 41.08
CA GLN D 920 14.72 -38.80 42.55
C GLN D 920 13.83 -37.65 43.02
N SER D 921 13.93 -36.51 42.34
CA SER D 921 13.18 -35.30 42.69
C SER D 921 11.68 -35.41 42.43
N VAL D 922 11.28 -36.38 41.63
CA VAL D 922 9.87 -36.54 41.31
C VAL D 922 9.12 -37.31 42.43
N ILE D 923 9.86 -38.07 43.22
CA ILE D 923 9.32 -38.70 44.43
C ILE D 923 9.30 -37.70 45.59
N THR D 924 10.48 -37.16 45.91
CA THR D 924 10.67 -36.20 47.01
C THR D 924 9.69 -35.02 46.97
N ASP D 925 9.64 -34.32 45.83
CA ASP D 925 8.78 -33.14 45.69
C ASP D 925 7.36 -33.48 45.26
N GLY D 926 7.11 -34.75 44.99
CA GLY D 926 5.87 -35.20 44.34
C GLY D 926 4.56 -34.87 45.02
N TYR D 927 4.61 -34.78 46.36
CA TYR D 927 3.44 -34.51 47.19
C TYR D 927 2.78 -33.14 46.93
N LYS D 928 3.51 -32.23 46.30
CA LYS D 928 3.00 -30.88 46.00
C LYS D 928 2.95 -30.58 44.49
N LEU D 929 3.41 -31.54 43.69
CA LEU D 929 3.73 -31.27 42.28
C LEU D 929 2.56 -31.05 41.33
N ASP D 930 1.50 -31.86 41.45
CA ASP D 930 0.34 -31.79 40.54
C ASP D 930 0.68 -32.22 39.10
N PHE D 931 0.54 -33.52 38.85
CA PHE D 931 0.96 -34.14 37.61
C PHE D 931 -0.11 -33.99 36.52
N PRO D 932 0.29 -34.10 35.24
CA PRO D 932 -0.65 -34.04 34.12
C PRO D 932 -1.69 -35.13 34.21
N GLU D 933 -2.91 -34.87 33.74
CA GLU D 933 -4.00 -35.85 33.85
C GLU D 933 -3.64 -37.23 33.28
N SER D 934 -2.99 -37.25 32.12
CA SER D 934 -2.66 -38.48 31.40
C SER D 934 -1.82 -39.44 32.25
N VAL D 935 -0.87 -38.88 32.98
CA VAL D 935 0.00 -39.67 33.84
C VAL D 935 -0.77 -40.24 35.03
N VAL D 936 -1.58 -39.41 35.69
CA VAL D 936 -2.33 -39.93 36.85
C VAL D 936 -3.34 -40.97 36.37
N SER D 937 -3.90 -40.76 35.17
CA SER D 937 -4.79 -41.74 34.57
C SER D 937 -4.06 -43.06 34.31
N PHE D 938 -2.83 -42.98 33.81
CA PHE D 938 -2.01 -44.16 33.62
C PHE D 938 -1.81 -44.91 34.94
N PHE D 939 -1.37 -44.19 35.97
CA PHE D 939 -1.05 -44.81 37.25
C PHE D 939 -2.26 -45.27 38.06
N LYS D 940 -3.44 -44.82 37.63
CA LYS D 940 -4.69 -45.22 38.24
C LYS D 940 -5.19 -46.51 37.58
N GLY D 941 -4.47 -46.98 36.56
CA GLY D 941 -4.80 -48.21 35.84
C GLY D 941 -5.86 -48.02 34.75
N GLU D 942 -6.18 -46.76 34.45
CA GLU D 942 -7.25 -46.41 33.52
C GLU D 942 -6.92 -46.73 32.06
N ILE D 943 -5.66 -47.06 31.77
CA ILE D 943 -5.25 -47.43 30.43
C ILE D 943 -4.68 -48.86 30.43
N GLY D 944 -4.98 -49.60 31.51
CA GLY D 944 -4.55 -50.99 31.67
C GLY D 944 -3.31 -51.18 32.52
N GLN D 945 -2.94 -52.44 32.71
CA GLN D 945 -1.79 -52.83 33.53
C GLN D 945 -0.56 -53.03 32.65
N PRO D 946 0.54 -52.34 32.96
CA PRO D 946 1.76 -52.50 32.17
C PRO D 946 2.42 -53.84 32.48
N VAL D 947 3.18 -54.35 31.51
CA VAL D 947 3.91 -55.61 31.66
C VAL D 947 4.62 -55.68 33.02
N ASN D 948 5.37 -54.62 33.35
CA ASN D 948 6.19 -54.59 34.56
C ASN D 948 5.50 -54.03 35.80
N GLY D 949 4.22 -53.72 35.70
CA GLY D 949 3.48 -53.14 36.82
C GLY D 949 3.97 -51.73 37.12
N PHE D 950 3.46 -51.18 38.22
CA PHE D 950 3.80 -49.82 38.63
C PHE D 950 4.78 -49.82 39.77
N ASN D 951 5.65 -48.81 39.78
CA ASN D 951 6.43 -48.50 40.95
C ASN D 951 5.50 -47.97 42.04
N LYS D 952 5.47 -48.67 43.18
CA LYS D 952 4.53 -48.34 44.26
C LYS D 952 4.67 -46.90 44.76
N ASP D 953 5.90 -46.47 45.00
CA ASP D 953 6.17 -45.12 45.51
C ASP D 953 5.85 -44.04 44.48
N LEU D 954 6.23 -44.29 43.23
CA LEU D 954 5.92 -43.41 42.10
C LEU D 954 4.42 -43.24 42.00
N GLN D 955 3.72 -44.37 42.02
CA GLN D 955 2.27 -44.39 41.96
C GLN D 955 1.64 -43.64 43.13
N ALA D 956 2.16 -43.89 44.33
CA ALA D 956 1.66 -43.25 45.55
C ALA D 956 1.78 -41.73 45.47
N VAL D 957 2.95 -41.27 45.04
CA VAL D 957 3.22 -39.85 44.88
C VAL D 957 2.33 -39.19 43.81
N ILE D 958 2.04 -39.93 42.74
CA ILE D 958 1.23 -39.42 41.63
C ILE D 958 -0.30 -39.47 41.91
N LEU D 959 -0.77 -40.58 42.48
CA LEU D 959 -2.18 -40.77 42.76
C LEU D 959 -2.74 -39.89 43.89
N LYS D 960 -1.87 -39.51 44.83
CA LYS D 960 -2.22 -38.59 45.93
C LYS D 960 -3.46 -39.00 46.75
N GLY D 961 -3.65 -40.30 46.93
CA GLY D 961 -4.77 -40.83 47.70
C GLY D 961 -5.78 -41.64 46.92
N GLN D 962 -6.03 -41.25 45.67
CA GLN D 962 -6.97 -41.96 44.79
C GLN D 962 -6.59 -43.43 44.64
N GLU D 963 -7.59 -44.26 44.36
CA GLU D 963 -7.38 -45.70 44.23
C GLU D 963 -7.13 -46.11 42.79
N ALA D 964 -6.18 -47.01 42.60
CA ALA D 964 -5.95 -47.63 41.30
C ALA D 964 -6.90 -48.79 41.08
N LEU D 965 -7.31 -48.97 39.83
CA LEU D 965 -8.13 -50.10 39.44
C LEU D 965 -7.25 -51.35 39.41
N THR D 966 -7.87 -52.50 39.67
CA THR D 966 -7.20 -53.80 39.69
C THR D 966 -7.42 -54.48 38.35
N ALA D 967 -8.70 -54.62 38.01
CA ALA D 967 -9.16 -55.19 36.76
C ALA D 967 -9.04 -54.18 35.63
N ARG D 968 -9.23 -54.66 34.40
CA ARG D 968 -9.33 -53.78 33.23
C ARG D 968 -10.45 -52.77 33.40
N PRO D 969 -10.24 -51.54 32.92
CA PRO D 969 -11.18 -50.45 33.16
C PRO D 969 -12.60 -50.70 32.71
N GLY D 970 -12.78 -51.65 31.79
CA GLY D 970 -14.10 -51.95 31.23
C GLY D 970 -15.01 -52.75 32.15
N GLU D 971 -14.43 -53.35 33.20
CA GLU D 971 -15.20 -54.04 34.22
C GLU D 971 -15.85 -53.06 35.19
N TYR D 972 -15.25 -51.89 35.31
CA TYR D 972 -15.68 -50.84 36.25
C TYR D 972 -16.76 -49.95 35.64
N LEU D 973 -17.18 -50.26 34.42
CA LEU D 973 -17.98 -49.32 33.65
C LEU D 973 -19.42 -49.73 33.51
N GLU D 974 -20.30 -48.77 33.77
CA GLU D 974 -21.72 -48.96 33.61
C GLU D 974 -21.98 -49.17 32.14
N PRO D 975 -22.72 -50.23 31.78
CA PRO D 975 -23.15 -50.41 30.40
C PRO D 975 -23.94 -49.19 29.91
N VAL D 976 -23.68 -48.79 28.68
CA VAL D 976 -24.38 -47.66 28.08
C VAL D 976 -25.80 -48.07 27.67
N ASP D 977 -26.77 -47.26 28.08
CA ASP D 977 -28.15 -47.49 27.72
C ASP D 977 -28.39 -46.89 26.33
N PHE D 978 -28.34 -47.74 25.30
CA PHE D 978 -28.46 -47.24 23.93
C PHE D 978 -29.84 -46.69 23.62
N GLU D 979 -30.83 -47.07 24.43
CA GLU D 979 -32.18 -46.54 24.26
C GLU D 979 -32.23 -45.05 24.55
N LYS D 980 -31.63 -44.64 25.67
CA LYS D 980 -31.55 -43.23 26.01
C LYS D 980 -30.83 -42.46 24.91
N VAL D 981 -29.72 -43.01 24.42
CA VAL D 981 -28.99 -42.39 23.31
C VAL D 981 -29.91 -42.13 22.11
N ARG D 982 -30.67 -43.14 21.70
CA ARG D 982 -31.60 -43.00 20.58
C ARG D 982 -32.62 -41.88 20.81
N GLU D 983 -33.17 -41.82 22.02
CA GLU D 983 -34.19 -40.83 22.37
C GLU D 983 -33.65 -39.41 22.36
N LEU D 984 -32.41 -39.23 22.81
CA LEU D 984 -31.75 -37.94 22.75
C LEU D 984 -31.55 -37.50 21.31
N LEU D 985 -30.89 -38.33 20.50
CA LEU D 985 -30.61 -37.98 19.12
C LEU D 985 -31.86 -37.77 18.27
N GLU D 986 -32.90 -38.57 18.51
CA GLU D 986 -34.16 -38.49 17.77
C GLU D 986 -34.93 -37.21 18.08
N GLU D 987 -34.77 -36.72 19.32
CA GLU D 987 -35.31 -35.42 19.72
C GLU D 987 -34.58 -34.29 19.01
N GLU D 988 -33.25 -34.31 19.09
CA GLU D 988 -32.41 -33.27 18.54
C GLU D 988 -32.56 -33.14 17.02
N GLN D 989 -32.44 -34.26 16.31
CA GLN D 989 -32.61 -34.30 14.85
C GLN D 989 -34.09 -34.44 14.51
N GLN D 990 -34.42 -34.45 13.21
CA GLN D 990 -35.84 -34.58 12.80
C GLN D 990 -36.54 -35.78 13.48
N GLY D 991 -36.01 -36.98 13.26
CA GLY D 991 -36.61 -38.22 13.75
C GLY D 991 -35.71 -39.42 13.54
N PRO D 992 -35.96 -40.20 12.48
CA PRO D 992 -35.15 -41.40 12.14
C PRO D 992 -33.64 -41.24 12.37
N VAL D 993 -33.08 -42.18 13.12
CA VAL D 993 -31.68 -42.18 13.52
C VAL D 993 -31.20 -43.64 13.48
N THR D 994 -30.01 -43.86 12.94
CA THR D 994 -29.52 -45.22 12.76
C THR D 994 -28.69 -45.73 13.93
N GLU D 995 -28.39 -47.04 13.88
CA GLU D 995 -27.51 -47.68 14.86
C GLU D 995 -26.13 -47.05 14.80
N GLN D 996 -25.70 -46.68 13.59
CA GLN D 996 -24.41 -46.01 13.40
C GLN D 996 -24.33 -44.66 14.10
N ASP D 997 -25.39 -43.86 13.98
CA ASP D 997 -25.50 -42.63 14.76
C ASP D 997 -25.33 -42.92 16.25
N ILE D 998 -26.04 -43.93 16.74
CA ILE D 998 -26.06 -44.24 18.15
C ILE D 998 -24.65 -44.58 18.65
N ILE D 999 -23.93 -45.45 17.93
CA ILE D 999 -22.60 -45.82 18.39
C ILE D 999 -21.57 -44.69 18.18
N SER D 1000 -21.78 -43.85 17.16
CA SER D 1000 -20.87 -42.73 16.86
C SER D 1000 -21.00 -41.64 17.89
N TYR D 1001 -22.24 -41.40 18.34
CA TYR D 1001 -22.45 -40.46 19.42
C TYR D 1001 -21.85 -40.99 20.71
N VAL D 1002 -22.10 -42.26 21.04
CA VAL D 1002 -21.47 -42.88 22.21
C VAL D 1002 -19.93 -42.72 22.21
N LEU D 1003 -19.31 -42.96 21.06
CA LEU D 1003 -17.88 -42.88 20.97
C LEU D 1003 -17.36 -41.44 21.03
N TYR D 1004 -18.01 -40.54 20.30
CA TYR D 1004 -17.55 -39.17 20.19
C TYR D 1004 -18.71 -38.18 20.37
N PRO D 1005 -19.23 -38.07 21.59
CA PRO D 1005 -20.43 -37.26 21.84
C PRO D 1005 -20.34 -35.87 21.22
N LYS D 1006 -19.39 -35.07 21.69
CA LYS D 1006 -19.24 -33.68 21.25
C LYS D 1006 -18.99 -33.58 19.77
N VAL D 1007 -18.06 -34.38 19.26
CA VAL D 1007 -17.72 -34.32 17.85
C VAL D 1007 -18.92 -34.71 17.00
N TYR D 1008 -19.60 -35.79 17.34
CA TYR D 1008 -20.81 -36.17 16.61
C TYR D 1008 -21.82 -35.01 16.57
N GLU D 1009 -22.12 -34.41 17.72
CA GLU D 1009 -23.04 -33.27 17.78
C GLU D 1009 -22.62 -32.10 16.87
N GLN D 1010 -21.33 -31.80 16.83
CA GLN D 1010 -20.81 -30.76 15.95
C GLN D 1010 -20.90 -31.16 14.48
N TYR D 1011 -20.74 -32.45 14.20
CA TYR D 1011 -20.92 -32.97 12.84
C TYR D 1011 -22.36 -32.76 12.34
N ILE D 1012 -23.35 -33.04 13.20
CA ILE D 1012 -24.75 -32.83 12.83
C ILE D 1012 -25.04 -31.36 12.52
N GLN D 1013 -24.47 -30.45 13.32
CA GLN D 1013 -24.65 -29.01 13.08
C GLN D 1013 -24.13 -28.63 11.71
N THR D 1014 -22.95 -29.13 11.35
CA THR D 1014 -22.38 -28.84 10.02
C THR D 1014 -23.22 -29.43 8.90
N ARG D 1015 -23.64 -30.69 9.05
CA ARG D 1015 -24.52 -31.33 8.07
C ARG D 1015 -25.82 -30.52 7.90
N ASN D 1016 -26.39 -30.04 9.00
CA ASN D 1016 -27.58 -29.20 8.95
C ASN D 1016 -27.37 -27.91 8.19
N GLN D 1017 -26.19 -27.29 8.37
CA GLN D 1017 -25.87 -26.01 7.77
C GLN D 1017 -25.44 -26.12 6.30
N TYR D 1018 -24.63 -27.13 5.98
CA TYR D 1018 -23.97 -27.19 4.67
C TYR D 1018 -24.27 -28.41 3.82
N GLY D 1019 -24.91 -29.42 4.41
CA GLY D 1019 -25.20 -30.66 3.69
C GLY D 1019 -23.98 -31.56 3.57
N ASN D 1020 -23.92 -32.32 2.49
CA ASN D 1020 -22.89 -33.34 2.31
C ASN D 1020 -21.61 -32.83 1.63
N LEU D 1021 -20.67 -32.36 2.44
CA LEU D 1021 -19.45 -31.73 1.95
C LEU D 1021 -18.55 -32.73 1.26
N SER D 1022 -18.69 -34.00 1.58
CA SER D 1022 -17.75 -35.02 1.11
C SER D 1022 -17.75 -35.15 -0.41
N LEU D 1023 -18.82 -34.68 -1.05
CA LEU D 1023 -18.98 -34.73 -2.50
C LEU D 1023 -18.10 -33.72 -3.24
N LEU D 1024 -17.77 -32.61 -2.57
CA LEU D 1024 -16.90 -31.58 -3.15
C LEU D 1024 -15.51 -32.14 -3.44
N ASP D 1025 -14.88 -31.65 -4.49
CA ASP D 1025 -13.50 -32.03 -4.73
C ASP D 1025 -12.61 -31.34 -3.68
N THR D 1026 -11.48 -31.96 -3.38
CA THR D 1026 -10.65 -31.52 -2.27
C THR D 1026 -10.21 -30.05 -2.36
N PRO D 1027 -9.64 -29.59 -3.50
CA PRO D 1027 -9.25 -28.18 -3.61
C PRO D 1027 -10.41 -27.22 -3.36
N THR D 1028 -11.63 -27.56 -3.79
CA THR D 1028 -12.80 -26.72 -3.45
C THR D 1028 -13.17 -26.78 -1.96
N PHE D 1029 -13.00 -27.94 -1.35
CA PHE D 1029 -13.31 -28.11 0.07
C PHE D 1029 -12.40 -27.25 0.94
N PHE D 1030 -11.14 -27.10 0.53
CA PHE D 1030 -10.12 -26.34 1.28
C PHE D 1030 -9.96 -24.86 0.91
N PHE D 1031 -10.36 -24.47 -0.30
CA PHE D 1031 -10.09 -23.11 -0.80
C PHE D 1031 -11.26 -22.35 -1.41
N GLY D 1032 -12.38 -23.04 -1.59
CA GLY D 1032 -13.54 -22.45 -2.24
C GLY D 1032 -13.26 -22.30 -3.73
N MET D 1033 -13.53 -21.11 -4.26
CA MET D 1033 -13.38 -20.86 -5.71
C MET D 1033 -12.78 -19.48 -5.99
N ARG D 1034 -11.98 -19.39 -7.06
CA ARG D 1034 -11.53 -18.09 -7.61
C ARG D 1034 -12.57 -17.53 -8.58
N ASN D 1035 -12.59 -16.21 -8.77
CA ASN D 1035 -13.47 -15.59 -9.75
C ASN D 1035 -13.28 -16.20 -11.14
N GLY D 1036 -14.37 -16.47 -11.83
CA GLY D 1036 -14.31 -16.96 -13.18
C GLY D 1036 -14.17 -18.46 -13.27
N GLU D 1037 -14.06 -19.13 -12.12
CA GLU D 1037 -13.90 -20.58 -12.08
C GLU D 1037 -15.23 -21.30 -12.23
N THR D 1038 -15.20 -22.47 -12.88
CA THR D 1038 -16.34 -23.38 -12.93
C THR D 1038 -15.98 -24.68 -12.22
N VAL D 1039 -16.86 -25.08 -11.29
CA VAL D 1039 -16.66 -26.29 -10.50
C VAL D 1039 -17.84 -27.24 -10.71
N GLU D 1040 -17.55 -28.52 -10.90
CA GLU D 1040 -18.59 -29.53 -11.06
C GLU D 1040 -18.65 -30.46 -9.85
N ILE D 1041 -19.75 -30.40 -9.11
CA ILE D 1041 -19.97 -31.35 -8.03
C ILE D 1041 -20.65 -32.60 -8.54
N GLU D 1042 -19.96 -33.73 -8.42
CA GLU D 1042 -20.51 -35.02 -8.80
C GLU D 1042 -21.47 -35.54 -7.73
N ILE D 1043 -22.76 -35.52 -8.04
CA ILE D 1043 -23.75 -36.30 -7.31
C ILE D 1043 -24.01 -37.53 -8.17
N ASP D 1044 -24.96 -38.40 -7.81
CA ASP D 1044 -25.31 -39.58 -8.63
C ASP D 1044 -24.83 -39.47 -10.09
N LYS D 1045 -24.23 -40.54 -10.62
CA LYS D 1045 -23.73 -40.53 -12.01
C LYS D 1045 -24.76 -40.00 -13.00
N GLY D 1046 -24.29 -39.25 -13.99
CA GLY D 1046 -25.19 -38.57 -14.94
C GLY D 1046 -25.67 -37.21 -14.49
N LYS D 1047 -25.91 -37.05 -13.18
CA LYS D 1047 -26.29 -35.74 -12.61
C LYS D 1047 -25.16 -35.05 -11.82
N ARG D 1048 -24.94 -33.79 -12.14
CA ARG D 1048 -23.87 -33.00 -11.54
C ARG D 1048 -24.31 -31.56 -11.31
N LEU D 1049 -23.76 -30.95 -10.26
CA LEU D 1049 -24.04 -29.56 -9.96
C LEU D 1049 -22.97 -28.70 -10.62
N ILE D 1050 -23.38 -27.78 -11.48
CA ILE D 1050 -22.42 -26.89 -12.15
C ILE D 1050 -22.47 -25.49 -11.55
N ILE D 1051 -21.38 -25.10 -10.89
CA ILE D 1051 -21.31 -23.83 -10.17
C ILE D 1051 -20.20 -22.98 -10.72
N LYS D 1052 -20.54 -21.74 -11.06
CA LYS D 1052 -19.58 -20.76 -11.59
C LYS D 1052 -19.57 -19.58 -10.64
N LEU D 1053 -18.38 -19.09 -10.28
CA LEU D 1053 -18.26 -17.91 -9.43
C LEU D 1053 -17.86 -16.73 -10.29
N GLU D 1054 -18.74 -15.73 -10.36
CA GLU D 1054 -18.52 -14.58 -11.23
C GLU D 1054 -17.70 -13.50 -10.53
N THR D 1055 -18.27 -12.83 -9.52
CA THR D 1055 -17.51 -11.95 -8.62
C THR D 1055 -18.01 -11.98 -7.19
N ILE D 1056 -17.25 -11.31 -6.33
CA ILE D 1056 -17.57 -11.07 -4.93
C ILE D 1056 -17.55 -9.56 -4.74
N SER D 1057 -18.64 -9.00 -4.25
CA SER D 1057 -18.73 -7.56 -4.04
C SER D 1057 -17.86 -7.12 -2.86
N GLU D 1058 -17.89 -5.81 -2.60
CA GLU D 1058 -17.28 -5.26 -1.40
C GLU D 1058 -18.20 -5.57 -0.21
N PRO D 1059 -17.68 -5.47 1.02
CA PRO D 1059 -18.51 -5.61 2.21
C PRO D 1059 -19.40 -4.39 2.41
N ASP D 1060 -20.70 -4.62 2.60
CA ASP D 1060 -21.63 -3.53 2.86
C ASP D 1060 -21.59 -3.11 4.34
N GLU D 1061 -22.31 -2.04 4.65
CA GLU D 1061 -22.39 -1.47 6.01
C GLU D 1061 -22.46 -2.50 7.16
N ASN D 1062 -23.18 -3.60 6.96
CA ASN D 1062 -23.19 -4.69 7.95
C ASN D 1062 -22.29 -5.89 7.60
N GLY D 1063 -21.15 -5.59 6.98
CA GLY D 1063 -20.07 -6.56 6.76
C GLY D 1063 -20.31 -7.72 5.79
N ASN D 1064 -21.49 -7.74 5.16
CA ASN D 1064 -21.84 -8.80 4.21
C ASN D 1064 -21.34 -8.54 2.80
N ARG D 1065 -20.64 -9.52 2.23
CA ARG D 1065 -20.28 -9.45 0.81
C ARG D 1065 -21.28 -10.28 0.02
N THR D 1066 -21.50 -9.90 -1.23
CA THR D 1066 -22.38 -10.65 -2.12
C THR D 1066 -21.58 -11.41 -3.16
N ILE D 1067 -21.90 -12.69 -3.30
CA ILE D 1067 -21.28 -13.56 -4.29
C ILE D 1067 -22.25 -13.78 -5.43
N TYR D 1068 -21.78 -13.49 -6.64
CA TYR D 1068 -22.61 -13.69 -7.81
C TYR D 1068 -22.23 -15.00 -8.46
N TYR D 1069 -23.08 -15.98 -8.27
CA TYR D 1069 -22.88 -17.32 -8.81
C TYR D 1069 -23.72 -17.57 -10.07
N ALA D 1070 -23.31 -18.56 -10.85
CA ALA D 1070 -24.19 -19.20 -11.81
C ALA D 1070 -24.28 -20.68 -11.45
N MET D 1071 -25.47 -21.16 -11.14
CA MET D 1071 -25.67 -22.55 -10.76
C MET D 1071 -26.55 -23.25 -11.77
N ASN D 1072 -26.00 -24.27 -12.42
CA ASN D 1072 -26.67 -24.97 -13.53
C ASN D 1072 -27.26 -23.97 -14.54
N GLY D 1073 -26.45 -23.00 -14.93
CA GLY D 1073 -26.86 -21.95 -15.86
C GLY D 1073 -27.93 -21.01 -15.37
N GLN D 1074 -28.02 -20.80 -14.06
CA GLN D 1074 -29.03 -19.90 -13.47
C GLN D 1074 -28.34 -18.91 -12.53
N ALA D 1075 -28.42 -17.63 -12.84
CA ALA D 1075 -27.89 -16.58 -11.99
C ALA D 1075 -28.44 -16.70 -10.56
N ARG D 1076 -27.61 -16.35 -9.59
CA ARG D 1076 -27.87 -16.68 -8.19
C ARG D 1076 -27.01 -15.81 -7.28
N ARG D 1077 -27.60 -15.34 -6.19
CA ARG D 1077 -26.88 -14.50 -5.22
C ARG D 1077 -26.90 -15.06 -3.81
N ILE D 1078 -25.77 -14.93 -3.12
CA ILE D 1078 -25.63 -15.41 -1.75
C ILE D 1078 -24.95 -14.33 -0.92
N TYR D 1079 -25.31 -14.24 0.35
CA TYR D 1079 -24.70 -13.29 1.29
C TYR D 1079 -23.85 -14.01 2.31
N ILE D 1080 -22.59 -13.60 2.42
CA ILE D 1080 -21.65 -14.15 3.39
C ILE D 1080 -21.04 -13.06 4.27
N LYS D 1081 -21.01 -13.34 5.57
CA LYS D 1081 -20.34 -12.46 6.54
C LYS D 1081 -18.83 -12.57 6.34
N ASP D 1082 -18.19 -11.43 6.10
CA ASP D 1082 -16.73 -11.38 6.04
C ASP D 1082 -16.21 -11.17 7.46
N GLU D 1083 -15.33 -12.07 7.89
CA GLU D 1083 -14.97 -12.16 9.32
C GLU D 1083 -13.80 -11.28 9.77
N ASN D 1084 -13.55 -10.19 9.04
CA ASN D 1084 -12.64 -9.14 9.51
C ASN D 1084 -13.00 -7.75 8.98
N LYS D 1092 -18.91 1.42 25.76
CA LYS D 1092 -19.83 2.08 26.71
C LYS D 1092 -21.30 1.85 26.34
N PRO D 1093 -22.06 1.24 27.25
CA PRO D 1093 -23.52 1.14 27.07
C PRO D 1093 -24.17 2.51 27.25
N LYS D 1094 -25.29 2.74 26.56
CA LYS D 1094 -26.00 4.02 26.65
C LYS D 1094 -27.09 4.02 27.72
N ALA D 1095 -27.08 5.06 28.56
CA ALA D 1095 -28.06 5.22 29.64
C ALA D 1095 -29.46 5.50 29.10
N ASP D 1096 -30.48 5.03 29.81
CA ASP D 1096 -31.87 5.16 29.35
C ASP D 1096 -32.47 6.52 29.72
N LYS D 1097 -33.10 7.16 28.74
CA LYS D 1097 -33.60 8.52 28.87
C LYS D 1097 -35.13 8.57 28.75
N SER D 1098 -35.82 7.76 29.56
CA SER D 1098 -37.29 7.78 29.60
C SER D 1098 -37.84 7.45 30.98
N ASN D 1099 -37.76 6.18 31.38
CA ASN D 1099 -38.22 5.75 32.69
C ASN D 1099 -37.08 5.61 33.72
N PRO D 1100 -36.27 4.54 33.65
CA PRO D 1100 -35.31 4.23 34.72
C PRO D 1100 -34.38 5.40 34.99
N SER D 1101 -34.27 5.76 36.27
CA SER D 1101 -33.56 6.98 36.68
C SER D 1101 -32.04 6.79 36.74
N HIS D 1102 -31.43 6.69 35.56
CA HIS D 1102 -29.98 6.75 35.42
C HIS D 1102 -29.58 8.21 35.17
N ILE D 1103 -28.28 8.46 35.08
CA ILE D 1103 -27.78 9.76 34.67
C ILE D 1103 -26.98 9.63 33.36
N GLY D 1104 -27.56 10.15 32.28
CA GLY D 1104 -26.96 10.11 30.96
C GLY D 1104 -26.10 11.32 30.65
N ALA D 1105 -25.01 11.10 29.93
CA ALA D 1105 -24.11 12.19 29.54
C ALA D 1105 -24.81 13.16 28.59
N GLN D 1106 -24.65 14.46 28.85
CA GLN D 1106 -25.24 15.51 28.02
C GLN D 1106 -24.14 16.37 27.37
N MET D 1107 -22.89 15.98 27.62
CA MET D 1107 -21.72 16.56 26.97
C MET D 1107 -20.82 15.45 26.40
N PRO D 1108 -20.50 15.53 25.12
CA PRO D 1108 -19.62 14.56 24.48
C PRO D 1108 -18.13 14.92 24.60
N GLY D 1109 -17.62 14.86 25.83
CA GLY D 1109 -16.22 15.19 26.10
C GLY D 1109 -15.53 14.18 27.01
N SER D 1110 -14.74 14.69 27.95
CA SER D 1110 -13.94 13.86 28.86
C SER D 1110 -14.20 14.16 30.35
N VAL D 1111 -14.10 13.12 31.18
CA VAL D 1111 -14.26 13.24 32.64
C VAL D 1111 -12.99 13.80 33.29
N THR D 1112 -13.16 14.81 34.15
CA THR D 1112 -12.04 15.42 34.87
C THR D 1112 -11.94 14.89 36.29
N GLU D 1113 -13.06 14.86 37.01
CA GLU D 1113 -13.07 14.40 38.40
C GLU D 1113 -14.27 13.51 38.75
N VAL D 1114 -13.98 12.36 39.34
CA VAL D 1114 -15.00 11.48 39.90
C VAL D 1114 -15.09 11.71 41.42
N LYS D 1115 -16.22 12.27 41.86
CA LYS D 1115 -16.40 12.69 43.26
C LYS D 1115 -17.17 11.69 44.14
N VAL D 1116 -17.83 10.72 43.50
CA VAL D 1116 -18.63 9.72 44.22
C VAL D 1116 -18.11 8.28 44.06
N SER D 1117 -18.22 7.50 45.13
CA SER D 1117 -17.72 6.13 45.18
C SER D 1117 -18.80 5.11 44.76
N VAL D 1118 -18.37 3.85 44.59
CA VAL D 1118 -19.25 2.73 44.24
C VAL D 1118 -20.56 2.72 45.06
N GLY D 1119 -20.42 2.74 46.39
CA GLY D 1119 -21.55 2.85 47.30
C GLY D 1119 -21.41 4.03 48.24
N GLU D 1120 -22.22 5.07 48.03
CA GLU D 1120 -22.12 6.31 48.80
C GLU D 1120 -23.47 6.98 49.05
N THR D 1121 -23.62 7.59 50.22
CA THR D 1121 -24.78 8.42 50.53
C THR D 1121 -24.59 9.83 49.97
N VAL D 1122 -25.58 10.29 49.20
CA VAL D 1122 -25.53 11.58 48.52
C VAL D 1122 -26.86 12.32 48.67
N LYS D 1123 -26.77 13.59 49.08
CA LYS D 1123 -27.95 14.42 49.30
C LYS D 1123 -28.32 15.21 48.04
N ALA D 1124 -29.34 16.06 48.16
CA ALA D 1124 -29.86 16.83 47.03
C ALA D 1124 -28.84 17.77 46.41
N ASN D 1125 -28.80 17.80 45.07
CA ASN D 1125 -27.93 18.71 44.30
C ASN D 1125 -26.43 18.59 44.56
N GLN D 1126 -26.00 17.44 45.09
CA GLN D 1126 -24.59 17.19 45.37
C GLN D 1126 -23.83 16.92 44.07
N PRO D 1127 -22.78 17.70 43.82
CA PRO D 1127 -21.89 17.47 42.68
C PRO D 1127 -21.26 16.08 42.73
N LEU D 1128 -21.53 15.27 41.73
CA LEU D 1128 -21.06 13.88 41.69
C LEU D 1128 -20.09 13.59 40.54
N LEU D 1129 -20.15 14.40 39.49
CA LEU D 1129 -19.31 14.20 38.31
C LEU D 1129 -18.94 15.53 37.66
N ILE D 1130 -17.66 15.69 37.31
CA ILE D 1130 -17.17 16.90 36.64
C ILE D 1130 -16.58 16.55 35.26
N THR D 1131 -17.33 16.83 34.20
CA THR D 1131 -16.91 16.53 32.82
C THR D 1131 -16.61 17.79 32.00
N GLU D 1132 -15.64 17.69 31.10
CA GLU D 1132 -15.14 18.86 30.35
C GLU D 1132 -15.08 18.68 28.82
N ALA D 1133 -15.58 19.69 28.10
CA ALA D 1133 -15.45 19.79 26.64
C ALA D 1133 -14.40 20.85 26.25
N MET D 1134 -14.67 21.65 25.21
CA MET D 1134 -13.67 22.62 24.73
C MET D 1134 -13.61 23.90 25.58
N LYS D 1135 -14.67 24.69 25.55
CA LYS D 1135 -14.77 25.88 26.40
C LYS D 1135 -15.98 25.70 27.32
N MET D 1136 -16.31 24.44 27.55
CA MET D 1136 -17.50 24.07 28.30
C MET D 1136 -17.11 23.25 29.52
N GLU D 1137 -18.01 23.21 30.50
CA GLU D 1137 -17.83 22.43 31.73
C GLU D 1137 -19.18 22.17 32.38
N THR D 1138 -19.66 20.94 32.29
CA THR D 1138 -20.85 20.52 33.04
C THR D 1138 -20.43 19.75 34.29
N THR D 1139 -20.85 20.24 35.46
CA THR D 1139 -20.73 19.49 36.70
C THR D 1139 -22.07 18.85 37.01
N ILE D 1140 -22.10 17.52 37.02
CA ILE D 1140 -23.35 16.75 37.17
C ILE D 1140 -23.90 16.73 38.60
N GLN D 1141 -25.12 17.27 38.75
CA GLN D 1141 -25.83 17.33 40.02
C GLN D 1141 -26.62 16.04 40.24
N ALA D 1142 -27.21 15.92 41.43
CA ALA D 1142 -28.10 14.81 41.75
C ALA D 1142 -29.55 15.17 41.35
N PRO D 1143 -30.22 14.25 40.64
CA PRO D 1143 -31.60 14.49 40.19
C PRO D 1143 -32.62 14.61 41.33
N PHE D 1144 -32.43 13.81 42.39
CA PHE D 1144 -33.24 13.88 43.60
C PHE D 1144 -32.39 13.72 44.86
N ASP D 1145 -32.30 12.50 45.39
CA ASP D 1145 -31.49 12.21 46.58
C ASP D 1145 -30.82 10.83 46.44
N GLY D 1146 -31.33 9.83 47.16
CA GLY D 1146 -30.93 8.43 46.98
C GLY D 1146 -29.51 8.03 47.38
N VAL D 1147 -29.18 6.77 47.11
CA VAL D 1147 -27.85 6.20 47.38
C VAL D 1147 -27.27 5.67 46.07
N ILE D 1148 -26.09 6.19 45.69
CA ILE D 1148 -25.45 5.83 44.42
C ILE D 1148 -24.92 4.38 44.43
N LYS D 1149 -25.46 3.57 43.53
CA LYS D 1149 -25.15 2.14 43.46
C LYS D 1149 -24.05 1.79 42.45
N GLN D 1150 -23.81 2.67 41.47
CA GLN D 1150 -22.66 2.50 40.56
C GLN D 1150 -22.12 3.80 39.92
N VAL D 1151 -20.81 3.82 39.73
CA VAL D 1151 -20.11 4.84 38.98
C VAL D 1151 -19.44 4.13 37.79
N THR D 1152 -19.80 4.52 36.57
CA THR D 1152 -19.32 3.85 35.37
C THR D 1152 -18.21 4.61 34.63
N VAL D 1153 -17.61 5.59 35.32
CA VAL D 1153 -16.52 6.41 34.74
C VAL D 1153 -15.36 6.70 35.72
N ASN D 1154 -14.14 6.51 35.22
CA ASN D 1154 -12.91 6.77 35.99
C ASN D 1154 -12.35 8.19 35.82
N ASN D 1155 -11.16 8.40 36.38
CA ASN D 1155 -10.44 9.66 36.28
C ASN D 1155 -9.83 9.84 34.87
N GLY D 1156 -10.59 10.47 33.97
CA GLY D 1156 -10.10 10.80 32.64
C GLY D 1156 -10.60 9.93 31.50
N ASP D 1157 -11.92 9.70 31.44
CA ASP D 1157 -12.53 8.87 30.40
C ASP D 1157 -13.29 9.68 29.36
N THR D 1158 -13.12 9.30 28.09
CA THR D 1158 -13.91 9.90 27.00
C THR D 1158 -15.33 9.33 26.98
N ILE D 1159 -16.31 10.22 27.10
CA ILE D 1159 -17.73 9.83 27.10
C ILE D 1159 -18.49 10.45 25.91
N ALA D 1160 -19.46 9.68 25.39
CA ALA D 1160 -20.35 10.16 24.32
C ALA D 1160 -21.69 10.65 24.90
N THR D 1161 -22.49 11.29 24.05
CA THR D 1161 -23.82 11.80 24.43
C THR D 1161 -24.76 10.64 24.76
N GLY D 1162 -25.40 10.73 25.93
CA GLY D 1162 -26.33 9.71 26.40
C GLY D 1162 -25.67 8.43 26.89
N ASP D 1163 -24.56 8.58 27.61
CA ASP D 1163 -23.81 7.43 28.14
C ASP D 1163 -24.13 7.16 29.61
N LEU D 1164 -23.95 5.90 30.04
CA LEU D 1164 -24.16 5.51 31.43
C LEU D 1164 -23.01 5.96 32.34
N LEU D 1165 -23.35 6.79 33.33
CA LEU D 1165 -22.36 7.33 34.28
C LEU D 1165 -22.74 7.01 35.73
N ILE D 1166 -24.01 7.23 36.07
CA ILE D 1166 -24.55 6.94 37.40
C ILE D 1166 -25.97 6.34 37.29
N GLU D 1167 -26.36 5.55 38.29
CA GLU D 1167 -27.75 5.12 38.45
C GLU D 1167 -28.22 5.29 39.90
N ILE D 1168 -29.35 5.95 40.08
CA ILE D 1168 -29.87 6.32 41.40
C ILE D 1168 -31.33 5.92 41.55
N GLU D 1169 -31.71 5.48 42.75
CA GLU D 1169 -33.09 5.20 43.10
C GLU D 1169 -33.46 5.80 44.46
MN MN E . 26.68 -39.95 -8.39
C11 BTI F . -13.98 10.03 -19.33
O11 BTI F . -13.52 10.22 -20.44
C10 BTI F . -15.41 9.56 -19.15
C9 BTI F . -16.32 10.20 -20.18
C8 BTI F . -16.81 11.57 -19.73
C7 BTI F . -17.68 12.25 -20.78
C2 BTI F . -18.34 13.49 -20.19
S1 BTI F . -19.74 14.03 -21.14
C6 BTI F . -19.61 15.68 -20.55
C5 BTI F . -18.12 15.98 -20.34
N3 BTI F . -17.59 16.41 -21.62
C3 BTI F . -16.69 15.56 -22.08
O3 BTI F . -16.07 15.67 -23.26
N2 BTI F . -16.49 14.57 -21.25
C4 BTI F . -17.38 14.66 -20.09
C PYR G . 28.02 -36.50 -12.30
O PYR G . 28.59 -37.09 -13.34
OXT PYR G . 28.07 -35.19 -12.21
CA PYR G . 27.39 -37.26 -11.33
O3 PYR G . 27.93 -37.37 -10.13
CB PYR G . 26.11 -37.98 -11.65
PG ATP H . 53.05 33.41 -2.55
O1G ATP H . 51.91 32.57 -3.06
O2G ATP H . 52.69 34.86 -2.30
O3G ATP H . 53.85 32.77 -1.42
PB ATP H . 53.80 34.02 -5.25
O1B ATP H . 53.27 35.43 -5.15
O2B ATP H . 53.00 32.98 -6.00
O3B ATP H . 54.12 33.46 -3.76
PA ATP H . 55.87 33.19 -6.99
O1A ATP H . 56.06 34.02 -8.23
O2A ATP H . 55.04 31.92 -7.06
O3A ATP H . 55.29 34.14 -5.84
O5' ATP H . 57.31 32.80 -6.41
C5' ATP H . 57.49 31.73 -5.48
C4' ATP H . 57.78 30.42 -6.20
O4' ATP H . 57.95 30.61 -7.61
C3' ATP H . 59.07 29.81 -5.68
O3' ATP H . 58.78 28.74 -4.78
C2' ATP H . 59.79 29.32 -6.91
O2' ATP H . 59.54 27.92 -7.13
C1' ATP H . 59.22 30.13 -8.06
N9 ATP H . 60.16 31.25 -8.36
C8 ATP H . 59.92 32.57 -8.14
N7 ATP H . 60.98 33.33 -8.53
C5 ATP H . 61.92 32.51 -9.01
C6 ATP H . 63.28 32.65 -9.58
N6 ATP H . 63.85 33.86 -9.72
N1 ATP H . 63.93 31.53 -9.97
C2 ATP H . 63.38 30.31 -9.83
N3 ATP H . 62.16 30.11 -9.33
C4 ATP H . 61.38 31.14 -8.90
MN MN I . -20.99 40.94 -16.60
C11 BTI J . 20.42 -9.14 -8.09
O11 BTI J . 20.79 -9.21 -9.26
C10 BTI J . 21.36 -8.68 -7.01
C9 BTI J . 22.79 -9.05 -7.34
C8 BTI J . 23.23 -10.25 -6.51
C7 BTI J . 24.47 -10.88 -7.13
C2 BTI J . 24.68 -12.30 -6.61
S1 BTI J . 26.40 -12.68 -6.44
C6 BTI J . 26.14 -14.41 -6.56
C5 BTI J . 24.85 -14.67 -7.34
N3 BTI J . 25.26 -14.97 -8.71
C3 BTI J . 24.93 -13.99 -9.53
O3 BTI J . 25.22 -13.99 -10.83
N2 BTI J . 24.27 -13.02 -8.90
C4 BTI J . 24.05 -13.37 -7.49
C PYR K . -19.10 38.61 -21.17
O PYR K . -18.63 39.56 -21.95
OXT PYR K . -19.46 37.46 -21.70
CA PYR K . -19.23 38.81 -19.80
O3 PYR K . -20.38 38.60 -19.22
CB PYR K . -18.04 39.27 -19.00
MN MN L . -15.29 42.85 17.07
C11 BTI M . -14.77 -20.71 8.29
O11 BTI M . -15.47 -20.54 9.27
C10 BTI M . -15.38 -21.15 6.99
C9 BTI M . -16.34 -22.31 7.24
C8 BTI M . -15.71 -23.63 6.82
C7 BTI M . -16.19 -24.79 7.69
C2 BTI M . -15.37 -26.03 7.34
S1 BTI M . -16.37 -27.49 7.34
C6 BTI M . -14.97 -28.54 7.57
C5 BTI M . -13.88 -27.77 8.31
N3 BTI M . -14.02 -28.11 9.71
C3 BTI M . -14.49 -27.08 10.41
O3 BTI M . -14.74 -27.09 11.70
N2 BTI M . -14.66 -26.04 9.64
C4 BTI M . -14.19 -26.28 8.28
C PYR N . -14.70 39.78 21.61
O PYR N . -15.29 40.41 22.59
OXT PYR N . -13.72 38.95 21.86
CA PYR N . -15.12 40.01 20.29
O3 PYR N . -14.33 40.66 19.47
CB PYR N . -16.46 39.52 19.83
PG ATP O . 47.01 8.10 42.80
O1G ATP O . 45.95 9.13 43.17
O2G ATP O . 46.86 7.55 41.40
O3G ATP O . 48.42 8.53 43.15
PB ATP O . 46.62 6.86 45.41
O1B ATP O . 47.27 5.59 45.90
O2B ATP O . 45.22 7.17 45.88
O3B ATP O . 46.69 6.84 43.79
PA ATP O . 47.82 8.43 47.36
O1A ATP O . 49.27 8.78 47.52
O2A ATP O . 47.18 7.34 48.20
O3A ATP O . 47.56 8.10 45.81
O5' ATP O . 46.95 9.76 47.62
C5' ATP O . 47.09 10.86 46.74
C4' ATP O . 46.40 12.07 47.34
O4' ATP O . 45.85 11.78 48.62
C3' ATP O . 47.39 13.19 47.55
O3' ATP O . 47.45 13.99 46.36
C2' ATP O . 46.83 13.93 48.74
O2' ATP O . 45.88 14.92 48.35
C1' ATP O . 46.12 12.84 49.54
N9 ATP O . 47.00 12.38 50.64
C8 ATP O . 47.52 11.14 50.75
N7 ATP O . 48.27 11.02 51.87
C5 ATP O . 48.24 12.19 52.51
C6 ATP O . 48.82 12.75 53.76
N6 ATP O . 49.60 11.99 54.55
N1 ATP O . 48.54 14.04 54.06
C2 ATP O . 47.76 14.80 53.27
N3 ATP O . 47.20 14.36 52.13
C4 ATP O . 47.39 13.10 51.70
MN MN P . 0.73 -47.82 12.18
C11 BTI Q . -10.94 29.10 23.06
O11 BTI Q . -10.29 29.42 24.05
C10 BTI Q . -11.16 30.08 21.94
C9 BTI Q . -12.04 31.23 22.41
C8 BTI Q . -13.46 31.05 21.91
C7 BTI Q . -14.45 31.98 22.62
C2 BTI Q . -14.48 33.34 21.94
S1 BTI Q . -14.06 34.64 23.07
C6 BTI Q . -14.68 35.86 21.96
C5 BTI Q . -15.82 35.24 21.14
N3 BTI Q . -17.05 35.63 21.83
C3 BTI Q . -17.54 34.64 22.52
O3 BTI Q . -18.52 34.79 23.42
N2 BTI Q . -16.92 33.50 22.23
C4 BTI Q . -15.82 33.72 21.29
C PYR R . -1.95 -46.14 16.00
O PYR R . -1.94 -47.37 16.49
OXT PYR R . -3.09 -45.54 15.76
CA PYR R . -0.72 -45.51 15.74
O3 PYR R . -0.10 -45.77 14.62
CB PYR R . -0.11 -44.54 16.72
#